data_2K2U
#
_entry.id   2K2U
#
loop_
_entity.id
_entity.type
_entity.pdbx_description
1 polymer 'RNA polymerase II transcription factor B subunit 1'
2 polymer 'Alpha trans-inducing protein'
#
loop_
_entity_poly.entity_id
_entity_poly.type
_entity_poly.pdbx_seq_one_letter_code
_entity_poly.pdbx_strand_id
1 'polypeptide(L)'
;PSHSGAAIFEKVSGIIAINEDVSPAELTWRSTDGDKVHTVVLSTIDKLQATPASSEKMMLRLIGKVDESKKRKDNEGNEV
VPKPQRHMFSFNNRTVMDNIKMTLQQIISRYKDAD
;
A
2 'polypeptide(L)' GFTPHDSAPYGALDMADFEFEQMFTDALGIDEYGG B
#
# COMPACT_ATOMS: atom_id res chain seq x y z
N PRO A 1 -16.55 -8.22 -8.26
CA PRO A 1 -15.63 -7.78 -7.17
C PRO A 1 -14.23 -7.46 -7.71
N SER A 2 -14.18 -6.83 -8.88
CA SER A 2 -12.91 -6.47 -9.49
C SER A 2 -12.18 -5.40 -8.69
N HIS A 3 -12.93 -4.65 -7.88
CA HIS A 3 -12.34 -3.60 -7.06
C HIS A 3 -12.67 -3.80 -5.59
N SER A 4 -13.00 -5.03 -5.24
CA SER A 4 -13.33 -5.38 -3.87
C SER A 4 -12.84 -6.78 -3.55
N GLY A 5 -12.42 -6.98 -2.30
CA GLY A 5 -11.93 -8.28 -1.89
C GLY A 5 -11.68 -8.35 -0.41
N ALA A 6 -11.34 -9.53 0.09
CA ALA A 6 -11.06 -9.71 1.49
C ALA A 6 -9.57 -9.92 1.74
N ALA A 7 -9.01 -9.08 2.60
CA ALA A 7 -7.59 -9.15 2.93
C ALA A 7 -7.35 -8.82 4.39
N ILE A 8 -6.30 -9.40 4.95
CA ILE A 8 -5.95 -9.16 6.35
C ILE A 8 -5.06 -7.92 6.46
N PHE A 9 -5.48 -6.95 7.26
CA PHE A 9 -4.72 -5.73 7.44
C PHE A 9 -4.27 -5.58 8.88
N GLU A 10 -3.04 -5.12 9.08
CA GLU A 10 -2.49 -4.94 10.41
C GLU A 10 -2.55 -6.25 11.18
N LYS A 11 -2.52 -7.37 10.46
CA LYS A 11 -2.58 -8.68 11.07
C LYS A 11 -3.90 -8.87 11.81
N VAL A 12 -4.97 -8.42 11.17
CA VAL A 12 -6.30 -8.53 11.73
C VAL A 12 -7.33 -8.78 10.61
N SER A 13 -7.83 -10.01 10.55
CA SER A 13 -8.80 -10.42 9.53
C SER A 13 -9.77 -9.29 9.17
N GLY A 14 -9.85 -8.97 7.88
CA GLY A 14 -10.75 -7.92 7.44
C GLY A 14 -11.06 -7.99 5.95
N ILE A 15 -11.64 -6.91 5.43
CA ILE A 15 -12.00 -6.84 4.02
C ILE A 15 -11.57 -5.52 3.38
N ILE A 16 -11.29 -5.55 2.08
CA ILE A 16 -10.85 -4.36 1.36
C ILE A 16 -11.88 -3.90 0.32
N ALA A 17 -11.91 -2.59 0.10
CA ALA A 17 -12.81 -1.99 -0.87
C ALA A 17 -12.09 -0.87 -1.63
N ILE A 18 -12.03 -0.98 -2.96
CA ILE A 18 -11.35 0.02 -3.77
C ILE A 18 -12.32 1.09 -4.26
N ASN A 19 -11.92 2.35 -4.14
CA ASN A 19 -12.74 3.46 -4.58
C ASN A 19 -12.18 4.07 -5.86
N GLU A 20 -12.22 3.32 -6.95
CA GLU A 20 -11.72 3.78 -8.24
C GLU A 20 -12.69 4.76 -8.89
N ASP A 21 -13.88 4.89 -8.32
CA ASP A 21 -14.88 5.80 -8.85
C ASP A 21 -14.53 7.24 -8.49
N VAL A 22 -13.79 7.40 -7.40
CA VAL A 22 -13.36 8.72 -6.96
C VAL A 22 -12.14 9.18 -7.73
N SER A 23 -12.05 10.49 -7.97
CA SER A 23 -10.92 11.06 -8.71
C SER A 23 -9.58 10.56 -8.16
N PRO A 24 -9.28 10.85 -6.88
CA PRO A 24 -8.01 10.44 -6.25
C PRO A 24 -7.81 8.92 -6.26
N ALA A 25 -8.89 8.17 -6.47
CA ALA A 25 -8.84 6.71 -6.48
C ALA A 25 -8.04 6.17 -5.30
N GLU A 26 -8.74 5.62 -4.32
CA GLU A 26 -8.10 5.09 -3.13
C GLU A 26 -8.63 3.71 -2.76
N LEU A 27 -7.92 3.03 -1.88
CA LEU A 27 -8.30 1.70 -1.41
C LEU A 27 -8.65 1.77 0.07
N THR A 28 -9.88 1.40 0.41
CA THR A 28 -10.34 1.44 1.79
C THR A 28 -10.54 0.03 2.34
N TRP A 29 -9.98 -0.22 3.52
CA TRP A 29 -10.11 -1.52 4.16
C TRP A 29 -10.60 -1.40 5.60
N ARG A 30 -11.45 -2.33 6.00
CA ARG A 30 -11.98 -2.36 7.36
C ARG A 30 -11.97 -3.76 7.92
N SER A 31 -11.85 -3.88 9.23
CA SER A 31 -11.86 -5.18 9.88
C SER A 31 -13.10 -5.98 9.45
N THR A 32 -13.08 -7.28 9.68
CA THR A 32 -14.21 -8.13 9.32
C THR A 32 -15.46 -7.70 10.07
N ASP A 33 -15.24 -7.21 11.28
CA ASP A 33 -16.31 -6.74 12.13
C ASP A 33 -15.75 -6.28 13.46
N GLY A 34 -14.67 -5.51 13.40
CA GLY A 34 -14.04 -5.03 14.62
C GLY A 34 -14.08 -3.53 14.74
N ASP A 35 -15.10 -2.91 14.14
CA ASP A 35 -15.25 -1.46 14.19
C ASP A 35 -13.93 -0.76 13.89
N LYS A 36 -13.13 -1.40 13.05
CA LYS A 36 -11.83 -0.86 12.67
C LYS A 36 -11.85 -0.42 11.21
N VAL A 37 -10.92 0.44 10.84
CA VAL A 37 -10.85 0.93 9.47
C VAL A 37 -9.42 1.32 9.09
N HIS A 38 -9.14 1.24 7.80
CA HIS A 38 -7.83 1.58 7.27
C HIS A 38 -7.96 1.96 5.80
N THR A 39 -7.66 3.22 5.48
CA THR A 39 -7.77 3.70 4.12
C THR A 39 -6.47 4.34 3.65
N VAL A 40 -6.10 4.07 2.41
CA VAL A 40 -4.89 4.62 1.83
C VAL A 40 -5.17 5.27 0.48
N VAL A 41 -4.52 6.39 0.21
CA VAL A 41 -4.71 7.10 -1.05
C VAL A 41 -3.40 7.20 -1.82
N LEU A 42 -3.46 6.95 -3.12
CA LEU A 42 -2.27 7.01 -3.97
C LEU A 42 -1.51 8.31 -3.77
N SER A 43 -2.25 9.39 -3.49
CA SER A 43 -1.63 10.69 -3.27
C SER A 43 -0.44 10.59 -2.32
N THR A 44 -0.48 9.59 -1.44
CA THR A 44 0.61 9.37 -0.50
C THR A 44 1.39 8.10 -0.86
N ILE A 45 0.73 7.22 -1.61
CA ILE A 45 1.34 5.97 -2.05
C ILE A 45 1.37 5.91 -3.57
N ASP A 46 2.56 5.73 -4.14
CA ASP A 46 2.68 5.69 -5.60
C ASP A 46 3.31 4.39 -6.09
N LYS A 47 3.22 3.35 -5.28
CA LYS A 47 3.77 2.04 -5.65
C LYS A 47 3.14 0.91 -4.86
N LEU A 48 2.94 -0.23 -5.51
CA LEU A 48 2.37 -1.41 -4.87
C LEU A 48 3.25 -2.63 -5.15
N GLN A 49 3.41 -3.49 -4.16
CA GLN A 49 4.25 -4.68 -4.30
C GLN A 49 3.44 -5.94 -3.93
N ALA A 50 3.32 -6.86 -4.89
CA ALA A 50 2.58 -8.10 -4.66
C ALA A 50 3.48 -9.32 -4.84
N THR A 51 3.03 -10.46 -4.34
CA THR A 51 3.80 -11.69 -4.45
C THR A 51 3.62 -12.33 -5.83
N PRO A 52 4.47 -13.31 -6.17
CA PRO A 52 4.40 -13.99 -7.47
C PRO A 52 3.17 -14.89 -7.59
N ALA A 53 2.82 -15.25 -8.82
CA ALA A 53 1.67 -16.10 -9.07
C ALA A 53 1.92 -17.53 -8.58
N SER A 54 3.13 -18.01 -8.78
CA SER A 54 3.49 -19.36 -8.35
C SER A 54 3.37 -19.52 -6.84
N SER A 55 3.52 -18.40 -6.13
CA SER A 55 3.41 -18.41 -4.68
C SER A 55 1.97 -18.61 -4.23
N GLU A 56 1.79 -18.85 -2.94
CA GLU A 56 0.45 -19.06 -2.38
C GLU A 56 0.22 -18.21 -1.14
N LYS A 57 0.97 -17.12 -1.04
CA LYS A 57 0.86 -16.22 0.10
C LYS A 57 -0.22 -15.17 -0.13
N MET A 58 -0.47 -14.85 -1.40
CA MET A 58 -1.47 -13.85 -1.78
C MET A 58 -1.43 -12.64 -0.87
N MET A 59 -0.52 -11.71 -1.15
CA MET A 59 -0.39 -10.49 -0.35
C MET A 59 0.42 -9.42 -1.06
N LEU A 60 0.09 -8.16 -0.81
CA LEU A 60 0.81 -7.04 -1.42
C LEU A 60 0.92 -5.85 -0.46
N ARG A 61 2.03 -5.13 -0.59
CA ARG A 61 2.29 -3.96 0.24
C ARG A 61 2.38 -2.72 -0.65
N LEU A 62 1.87 -1.60 -0.16
CA LEU A 62 1.91 -0.35 -0.92
C LEU A 62 2.87 0.64 -0.30
N ILE A 63 3.64 1.27 -1.17
CA ILE A 63 4.65 2.23 -0.77
C ILE A 63 4.07 3.63 -0.64
N GLY A 64 4.58 4.39 0.32
CA GLY A 64 4.11 5.75 0.51
C GLY A 64 4.95 6.75 -0.25
N LYS A 65 5.21 6.42 -1.53
CA LYS A 65 6.01 7.24 -2.45
C LYS A 65 7.12 8.02 -1.75
N VAL A 66 8.26 8.13 -2.43
CA VAL A 66 9.39 8.84 -1.90
C VAL A 66 9.82 9.97 -2.83
N ASP A 67 10.50 10.96 -2.27
CA ASP A 67 10.97 12.10 -3.03
C ASP A 67 12.47 12.01 -3.30
N GLU A 68 12.90 10.87 -3.82
CA GLU A 68 14.30 10.67 -4.14
C GLU A 68 14.79 11.78 -5.06
N SER A 69 13.86 12.34 -5.84
CA SER A 69 14.19 13.42 -6.75
C SER A 69 13.13 14.52 -6.70
N LYS A 70 12.38 14.55 -5.61
CA LYS A 70 11.34 15.54 -5.42
C LYS A 70 11.43 16.18 -4.03
N LYS A 71 12.43 15.76 -3.25
CA LYS A 71 12.63 16.27 -1.91
C LYS A 71 12.53 17.79 -1.85
N ARG A 72 12.19 18.31 -0.66
CA ARG A 72 12.06 19.74 -0.46
C ARG A 72 13.20 20.27 0.40
N LYS A 73 13.43 21.57 0.32
CA LYS A 73 14.49 22.21 1.09
C LYS A 73 13.96 22.77 2.41
N ASP A 74 14.88 23.11 3.30
CA ASP A 74 14.50 23.67 4.60
C ASP A 74 15.40 24.85 4.96
N ASN A 75 16.71 24.68 4.78
CA ASN A 75 17.67 25.73 5.09
C ASN A 75 19.10 25.23 4.90
N GLU A 76 19.32 23.96 5.18
CA GLU A 76 20.64 23.35 5.05
C GLU A 76 21.06 23.23 3.59
N GLY A 77 20.07 23.19 2.71
CA GLY A 77 20.36 23.08 1.29
C GLY A 77 20.27 21.65 0.79
N ASN A 78 20.50 20.70 1.69
CA ASN A 78 20.46 19.28 1.34
C ASN A 78 19.08 18.91 0.77
N GLU A 79 18.06 19.64 1.21
CA GLU A 79 16.67 19.41 0.76
C GLU A 79 16.37 17.92 0.62
N VAL A 80 15.84 17.33 1.69
CA VAL A 80 15.50 15.92 1.69
C VAL A 80 14.08 15.69 2.21
N VAL A 81 13.50 14.56 1.81
CA VAL A 81 12.16 14.20 2.22
C VAL A 81 12.19 13.23 3.40
N PRO A 82 11.28 13.42 4.38
CA PRO A 82 11.21 12.55 5.56
C PRO A 82 11.17 11.07 5.18
N LYS A 83 11.30 10.19 6.18
CA LYS A 83 11.28 8.76 5.94
C LYS A 83 9.92 8.31 5.39
N PRO A 84 9.90 7.67 4.22
CA PRO A 84 8.66 7.20 3.59
C PRO A 84 7.87 6.27 4.51
N GLN A 85 6.57 6.17 4.25
CA GLN A 85 5.70 5.32 5.03
C GLN A 85 4.89 4.40 4.13
N ARG A 86 5.17 3.11 4.21
CA ARG A 86 4.47 2.11 3.40
C ARG A 86 3.65 1.17 4.27
N HIS A 87 2.65 0.52 3.66
CA HIS A 87 1.78 -0.40 4.38
C HIS A 87 1.78 -1.78 3.72
N MET A 88 1.59 -2.83 4.52
CA MET A 88 1.57 -4.19 4.00
C MET A 88 0.41 -4.99 4.57
N PHE A 89 -0.29 -5.71 3.69
CA PHE A 89 -1.42 -6.54 4.10
C PHE A 89 -1.49 -7.82 3.27
N SER A 90 -2.16 -8.84 3.79
CA SER A 90 -2.27 -10.13 3.10
C SER A 90 -3.68 -10.39 2.58
N PHE A 91 -3.75 -11.22 1.53
CA PHE A 91 -5.03 -11.58 0.92
C PHE A 91 -5.50 -12.94 1.41
N ASN A 92 -6.73 -13.29 1.04
CA ASN A 92 -7.30 -14.58 1.41
C ASN A 92 -8.13 -15.14 0.26
N ASN A 93 -7.77 -14.77 -0.97
CA ASN A 93 -8.47 -15.23 -2.16
C ASN A 93 -7.65 -14.97 -3.41
N ARG A 94 -7.76 -15.87 -4.39
CA ARG A 94 -7.02 -15.73 -5.65
C ARG A 94 -7.50 -14.53 -6.46
N THR A 95 -8.82 -14.38 -6.58
CA THR A 95 -9.39 -13.28 -7.34
C THR A 95 -9.27 -11.95 -6.59
N VAL A 96 -9.35 -12.02 -5.26
CA VAL A 96 -9.26 -10.82 -4.44
C VAL A 96 -7.96 -10.06 -4.72
N MET A 97 -6.86 -10.79 -4.79
CA MET A 97 -5.56 -10.19 -5.05
C MET A 97 -5.45 -9.66 -6.48
N ASP A 98 -5.81 -10.51 -7.44
CA ASP A 98 -5.72 -10.12 -8.84
C ASP A 98 -6.73 -9.03 -9.20
N ASN A 99 -7.93 -9.11 -8.65
CA ASN A 99 -8.95 -8.10 -8.94
C ASN A 99 -8.46 -6.71 -8.55
N ILE A 100 -7.98 -6.58 -7.32
CA ILE A 100 -7.47 -5.31 -6.84
C ILE A 100 -6.08 -5.02 -7.41
N LYS A 101 -5.21 -6.03 -7.46
CA LYS A 101 -3.86 -5.85 -7.98
C LYS A 101 -3.93 -5.28 -9.39
N MET A 102 -4.86 -5.80 -10.17
CA MET A 102 -5.07 -5.32 -11.53
C MET A 102 -5.62 -3.91 -11.49
N THR A 103 -6.31 -3.57 -10.40
CA THR A 103 -6.88 -2.26 -10.22
C THR A 103 -5.80 -1.27 -9.83
N LEU A 104 -5.06 -1.60 -8.78
CA LEU A 104 -3.98 -0.74 -8.29
C LEU A 104 -2.92 -0.56 -9.37
N GLN A 105 -2.71 -1.61 -10.14
CA GLN A 105 -1.73 -1.57 -11.21
C GLN A 105 -2.05 -0.46 -12.19
N GLN A 106 -3.33 -0.21 -12.41
CA GLN A 106 -3.77 0.83 -13.34
C GLN A 106 -3.66 2.20 -12.70
N ILE A 107 -4.20 2.32 -11.49
CA ILE A 107 -4.17 3.57 -10.76
C ILE A 107 -2.73 3.97 -10.49
N ILE A 108 -1.94 3.02 -9.98
CA ILE A 108 -0.53 3.27 -9.73
C ILE A 108 0.13 3.74 -11.00
N SER A 109 -0.26 3.08 -12.08
CA SER A 109 0.25 3.42 -13.40
C SER A 109 -0.19 4.82 -13.78
N ARG A 110 -1.41 5.19 -13.35
CA ARG A 110 -1.94 6.51 -13.64
C ARG A 110 -1.16 7.58 -12.88
N TYR A 111 -0.99 7.37 -11.58
CA TYR A 111 -0.25 8.32 -10.76
C TYR A 111 1.25 8.22 -11.03
N LYS A 112 1.65 7.09 -11.58
CA LYS A 112 3.06 6.86 -11.91
C LYS A 112 3.39 7.48 -13.28
N ASP A 113 2.38 7.53 -14.15
CA ASP A 113 2.56 8.10 -15.48
C ASP A 113 2.61 9.63 -15.42
N ALA A 114 1.79 10.20 -14.54
CA ALA A 114 1.74 11.65 -14.38
C ALA A 114 3.09 12.22 -13.98
N ASP A 115 3.68 11.64 -12.94
CA ASP A 115 4.98 12.08 -12.45
C ASP A 115 6.06 11.90 -13.52
N GLY B 1 -14.23 19.59 17.51
CA GLY B 1 -13.14 19.41 18.50
C GLY B 1 -12.79 17.96 18.72
N PHE B 2 -11.52 17.62 18.50
CA PHE B 2 -11.06 16.24 18.67
C PHE B 2 -9.54 16.17 18.64
N THR B 3 -8.93 16.12 19.82
CA THR B 3 -7.48 16.06 19.93
C THR B 3 -7.02 14.65 20.33
N PRO B 4 -5.89 14.18 19.76
CA PRO B 4 -5.37 12.84 20.06
C PRO B 4 -4.80 12.75 21.49
N HIS B 5 -5.35 11.85 22.28
CA HIS B 5 -4.89 11.67 23.65
C HIS B 5 -3.84 10.57 23.73
N ASP B 6 -4.00 9.53 22.91
CA ASP B 6 -3.05 8.42 22.88
C ASP B 6 -2.68 8.06 21.46
N SER B 7 -1.38 7.97 21.19
CA SER B 7 -0.89 7.63 19.86
C SER B 7 0.63 7.47 19.86
N ALA B 8 1.09 6.25 19.65
CA ALA B 8 2.52 5.97 19.63
C ALA B 8 2.90 5.10 18.43
N PRO B 9 3.04 5.72 17.24
CA PRO B 9 3.39 5.00 16.02
C PRO B 9 4.64 4.15 16.19
N TYR B 10 5.53 4.57 17.09
CA TYR B 10 6.76 3.84 17.34
C TYR B 10 6.63 2.97 18.59
N GLY B 11 5.41 2.49 18.84
CA GLY B 11 5.17 1.64 19.99
C GLY B 11 5.09 0.18 19.64
N ALA B 12 4.67 -0.11 18.41
CA ALA B 12 4.55 -1.49 17.94
C ALA B 12 5.74 -1.89 17.10
N LEU B 13 6.88 -2.10 17.74
CA LEU B 13 8.11 -2.49 17.04
C LEU B 13 8.07 -3.97 16.68
N ASP B 14 8.47 -4.28 15.45
CA ASP B 14 8.48 -5.66 14.98
C ASP B 14 9.49 -5.84 13.84
N MET B 15 10.30 -6.88 13.93
CA MET B 15 11.31 -7.16 12.92
C MET B 15 10.75 -8.07 11.81
N ALA B 16 9.43 -8.21 11.78
CA ALA B 16 8.78 -9.05 10.77
C ALA B 16 8.74 -8.34 9.43
N ASP B 17 8.59 -7.02 9.50
CA ASP B 17 8.53 -6.21 8.29
C ASP B 17 9.82 -6.34 7.50
N PHE B 18 10.92 -6.60 8.20
CA PHE B 18 12.21 -6.74 7.55
C PHE B 18 12.24 -8.02 6.72
N GLU B 19 11.97 -9.15 7.36
CA GLU B 19 11.94 -10.43 6.66
C GLU B 19 10.76 -10.48 5.72
N PHE B 20 9.69 -9.80 6.10
CA PHE B 20 8.48 -9.75 5.28
C PHE B 20 8.69 -8.83 4.09
N GLU B 21 9.43 -7.74 4.29
CA GLU B 21 9.69 -6.83 3.18
C GLU B 21 10.62 -7.47 2.16
N GLN B 22 11.45 -8.41 2.61
CA GLN B 22 12.36 -9.09 1.70
C GLN B 22 11.56 -9.91 0.71
N MET B 23 10.59 -10.65 1.20
CA MET B 23 9.72 -11.41 0.34
C MET B 23 8.77 -10.43 -0.34
N PHE B 24 8.88 -9.16 0.05
CA PHE B 24 8.06 -8.09 -0.46
C PHE B 24 8.87 -7.07 -1.27
N THR B 25 9.96 -7.52 -1.86
CA THR B 25 10.79 -6.61 -2.65
C THR B 25 10.86 -7.09 -4.09
N ASP B 26 10.11 -6.38 -4.95
CA ASP B 26 10.05 -6.70 -6.37
C ASP B 26 9.77 -8.18 -6.60
N ALA B 27 8.52 -8.59 -6.38
CA ALA B 27 8.13 -9.98 -6.56
C ALA B 27 7.38 -10.17 -7.87
N LEU B 28 7.70 -9.34 -8.86
CA LEU B 28 7.06 -9.42 -10.17
C LEU B 28 8.07 -9.24 -11.29
N GLY B 29 8.09 -10.19 -12.22
CA GLY B 29 9.01 -10.13 -13.34
C GLY B 29 8.36 -9.63 -14.60
N ILE B 30 7.32 -8.81 -14.46
CA ILE B 30 6.61 -8.27 -15.60
C ILE B 30 7.07 -6.85 -15.92
N ASP B 31 8.35 -6.58 -15.65
CA ASP B 31 8.92 -5.26 -15.90
C ASP B 31 9.52 -5.20 -17.31
N GLU B 32 10.14 -4.06 -17.62
CA GLU B 32 10.76 -3.87 -18.93
C GLU B 32 9.71 -3.97 -20.04
N TYR B 33 10.16 -3.81 -21.28
CA TYR B 33 9.26 -3.88 -22.44
C TYR B 33 8.17 -2.82 -22.34
N GLY B 34 8.52 -1.59 -22.71
CA GLY B 34 7.55 -0.51 -22.66
C GLY B 34 7.58 0.24 -21.33
N GLY B 35 6.41 0.42 -20.74
CA GLY B 35 6.32 1.12 -19.46
C GLY B 35 5.05 0.81 -18.71
N PRO A 1 -16.14 -8.20 -4.38
CA PRO A 1 -15.58 -6.82 -4.40
C PRO A 1 -14.30 -6.73 -5.23
N SER A 2 -14.42 -6.18 -6.44
CA SER A 2 -13.28 -6.04 -7.33
C SER A 2 -12.40 -4.86 -6.91
N HIS A 3 -13.01 -3.87 -6.27
CA HIS A 3 -12.29 -2.69 -5.82
C HIS A 3 -12.41 -2.50 -4.32
N SER A 4 -12.75 -3.57 -3.63
CA SER A 4 -12.90 -3.53 -2.19
C SER A 4 -12.25 -4.75 -1.56
N GLY A 5 -11.79 -4.60 -0.32
CA GLY A 5 -11.15 -5.69 0.37
C GLY A 5 -10.93 -5.38 1.83
N ALA A 6 -10.45 -6.36 2.58
CA ALA A 6 -10.20 -6.18 3.99
C ALA A 6 -8.70 -6.32 4.31
N ALA A 7 -8.14 -5.29 4.93
CA ALA A 7 -6.73 -5.30 5.29
C ALA A 7 -6.48 -4.52 6.57
N ILE A 8 -5.31 -4.70 7.15
CA ILE A 8 -4.96 -4.00 8.37
C ILE A 8 -4.13 -2.76 8.05
N PHE A 9 -4.59 -1.61 8.52
CA PHE A 9 -3.90 -0.35 8.29
C PHE A 9 -3.45 0.28 9.59
N GLU A 10 -2.25 0.85 9.59
CA GLU A 10 -1.70 1.48 10.78
C GLU A 10 -1.68 0.49 11.95
N LYS A 11 -1.61 -0.79 11.62
CA LYS A 11 -1.59 -1.84 12.63
C LYS A 11 -2.88 -1.85 13.42
N VAL A 12 -3.99 -1.73 12.70
CA VAL A 12 -5.31 -1.73 13.30
C VAL A 12 -6.32 -2.38 12.35
N SER A 13 -6.75 -3.60 12.69
CA SER A 13 -7.69 -4.36 11.88
C SER A 13 -8.77 -3.46 11.26
N GLY A 14 -8.87 -3.51 9.93
CA GLY A 14 -9.85 -2.70 9.23
C GLY A 14 -10.18 -3.23 7.84
N ILE A 15 -10.77 -2.36 7.02
CA ILE A 15 -11.15 -2.74 5.67
C ILE A 15 -10.74 -1.67 4.65
N ILE A 16 -10.48 -2.10 3.42
CA ILE A 16 -10.06 -1.19 2.36
C ILE A 16 -11.14 -1.03 1.28
N ALA A 17 -11.18 0.16 0.68
CA ALA A 17 -12.14 0.45 -0.37
C ALA A 17 -11.48 1.35 -1.42
N ILE A 18 -11.63 1.00 -2.69
CA ILE A 18 -11.03 1.78 -3.76
C ILE A 18 -12.04 2.79 -4.31
N ASN A 19 -11.62 4.06 -4.39
CA ASN A 19 -12.47 5.12 -4.89
C ASN A 19 -12.04 5.55 -6.30
N GLU A 20 -12.18 4.64 -7.26
CA GLU A 20 -11.82 4.95 -8.64
C GLU A 20 -12.98 5.60 -9.39
N ASP A 21 -14.04 5.93 -8.67
CA ASP A 21 -15.21 6.57 -9.28
C ASP A 21 -14.90 8.03 -9.57
N VAL A 22 -14.08 8.63 -8.72
CA VAL A 22 -13.69 10.03 -8.89
C VAL A 22 -12.95 10.21 -10.20
N SER A 23 -12.68 11.46 -10.58
CA SER A 23 -11.97 11.74 -11.83
C SER A 23 -10.74 10.83 -11.96
N PRO A 24 -9.72 11.03 -11.10
CA PRO A 24 -8.51 10.20 -11.13
C PRO A 24 -8.74 8.82 -10.51
N ALA A 25 -8.28 8.62 -9.27
CA ALA A 25 -8.45 7.34 -8.59
C ALA A 25 -7.67 7.33 -7.27
N GLU A 26 -8.25 6.72 -6.24
CA GLU A 26 -7.60 6.66 -4.94
C GLU A 26 -8.05 5.43 -4.14
N LEU A 27 -7.30 5.13 -3.08
CA LEU A 27 -7.60 4.01 -2.22
C LEU A 27 -7.98 4.50 -0.82
N THR A 28 -9.18 4.16 -0.38
CA THR A 28 -9.65 4.60 0.94
C THR A 28 -9.82 3.40 1.88
N TRP A 29 -9.29 3.54 3.09
CA TRP A 29 -9.39 2.47 4.08
C TRP A 29 -9.90 3.01 5.42
N ARG A 30 -10.73 2.21 6.08
CA ARG A 30 -11.27 2.59 7.38
C ARG A 30 -11.22 1.41 8.34
N SER A 31 -11.12 1.71 9.63
CA SER A 31 -11.08 0.66 10.64
C SER A 31 -12.29 -0.27 10.47
N THR A 32 -12.24 -1.44 11.09
CA THR A 32 -13.35 -2.39 11.00
C THR A 32 -14.60 -1.80 11.61
N ASP A 33 -14.40 -0.96 12.61
CA ASP A 33 -15.50 -0.31 13.30
C ASP A 33 -14.95 0.56 14.43
N GLY A 34 -13.92 1.32 14.12
CA GLY A 34 -13.31 2.18 15.13
C GLY A 34 -13.36 3.65 14.75
N ASP A 35 -14.41 4.04 14.04
CA ASP A 35 -14.58 5.43 13.61
C ASP A 35 -13.27 6.01 13.12
N LYS A 36 -12.45 5.15 12.52
CA LYS A 36 -11.17 5.56 11.98
C LYS A 36 -11.20 5.56 10.46
N VAL A 37 -10.31 6.32 9.85
CA VAL A 37 -10.26 6.39 8.40
C VAL A 37 -8.84 6.69 7.91
N HIS A 38 -8.55 6.24 6.70
CA HIS A 38 -7.25 6.47 6.08
C HIS A 38 -7.38 6.35 4.56
N THR A 39 -7.14 7.45 3.86
CA THR A 39 -7.25 7.46 2.41
C THR A 39 -6.00 8.07 1.78
N VAL A 40 -5.55 7.49 0.68
CA VAL A 40 -4.37 7.99 -0.02
C VAL A 40 -4.64 8.08 -1.52
N VAL A 41 -4.12 9.14 -2.14
CA VAL A 41 -4.30 9.35 -3.57
C VAL A 41 -2.96 9.24 -4.31
N LEU A 42 -2.99 8.61 -5.48
CA LEU A 42 -1.79 8.41 -6.28
C LEU A 42 -1.05 9.73 -6.48
N SER A 43 -1.80 10.82 -6.54
CA SER A 43 -1.22 12.14 -6.73
C SER A 43 -0.02 12.34 -5.80
N THR A 44 -0.03 11.64 -4.67
CA THR A 44 1.05 11.71 -3.70
C THR A 44 1.91 10.46 -3.74
N ILE A 45 1.30 9.36 -4.18
CA ILE A 45 1.98 8.07 -4.28
C ILE A 45 1.98 7.56 -5.72
N ASP A 46 3.16 7.22 -6.24
CA ASP A 46 3.27 6.73 -7.60
C ASP A 46 3.93 5.35 -7.69
N LYS A 47 3.83 4.60 -6.61
CA LYS A 47 4.40 3.25 -6.57
C LYS A 47 3.72 2.39 -5.50
N LEU A 48 3.52 1.12 -5.82
CA LEU A 48 2.88 0.18 -4.89
C LEU A 48 3.68 -1.13 -4.83
N GLN A 49 4.09 -1.51 -3.62
CA GLN A 49 4.85 -2.74 -3.43
C GLN A 49 3.98 -3.83 -2.83
N ALA A 50 3.84 -4.94 -3.54
CA ALA A 50 3.03 -6.06 -3.07
C ALA A 50 3.83 -7.35 -3.06
N THR A 51 3.41 -8.30 -2.22
CA THR A 51 4.09 -9.58 -2.12
C THR A 51 3.68 -10.52 -3.24
N PRO A 52 4.47 -11.59 -3.47
CA PRO A 52 4.19 -12.56 -4.53
C PRO A 52 3.00 -13.46 -4.19
N ALA A 53 2.45 -14.11 -5.20
CA ALA A 53 1.31 -15.00 -5.00
C ALA A 53 1.73 -16.29 -4.28
N SER A 54 2.96 -16.70 -4.49
CA SER A 54 3.48 -17.91 -3.86
C SER A 54 3.69 -17.70 -2.36
N SER A 55 3.89 -16.45 -1.97
CA SER A 55 4.10 -16.11 -0.57
C SER A 55 2.81 -16.28 0.24
N GLU A 56 2.88 -17.06 1.31
CA GLU A 56 1.73 -17.31 2.16
C GLU A 56 1.21 -16.01 2.75
N LYS A 57 2.11 -15.07 3.01
CA LYS A 57 1.75 -13.79 3.58
C LYS A 57 0.87 -13.00 2.61
N MET A 58 0.62 -11.73 2.95
CA MET A 58 -0.22 -10.88 2.10
C MET A 58 -0.23 -9.45 2.64
N MET A 59 0.59 -8.59 2.05
CA MET A 59 0.68 -7.19 2.47
C MET A 59 1.37 -6.34 1.41
N LEU A 60 1.03 -5.05 1.36
CA LEU A 60 1.64 -4.14 0.39
C LEU A 60 1.82 -2.74 0.97
N ARG A 61 2.70 -1.96 0.35
CA ARG A 61 2.96 -0.58 0.77
C ARG A 61 3.05 0.31 -0.47
N LEU A 62 2.55 1.53 -0.35
CA LEU A 62 2.57 2.47 -1.45
C LEU A 62 3.53 3.61 -1.16
N ILE A 63 4.31 3.97 -2.17
CA ILE A 63 5.31 5.01 -2.05
C ILE A 63 4.74 6.39 -2.37
N GLY A 64 4.88 7.31 -1.42
CA GLY A 64 4.44 8.67 -1.66
C GLY A 64 5.45 9.35 -2.56
N LYS A 65 5.83 8.64 -3.62
CA LYS A 65 6.82 9.09 -4.56
C LYS A 65 8.07 9.57 -3.83
N VAL A 66 8.97 10.24 -4.55
CA VAL A 66 10.21 10.70 -3.94
C VAL A 66 10.70 12.01 -4.55
N ASP A 67 11.66 12.63 -3.87
CA ASP A 67 12.25 13.89 -4.31
C ASP A 67 12.70 13.82 -5.76
N GLU A 68 11.76 13.94 -6.67
CA GLU A 68 12.08 13.91 -8.10
C GLU A 68 13.10 15.00 -8.40
N SER A 69 13.05 16.06 -7.58
CA SER A 69 13.97 17.18 -7.72
C SER A 69 14.22 17.84 -6.38
N LYS A 70 14.03 17.09 -5.30
CA LYS A 70 14.25 17.60 -3.95
C LYS A 70 13.23 18.66 -3.58
N LYS A 71 12.18 18.23 -2.87
CA LYS A 71 11.13 19.15 -2.44
C LYS A 71 10.54 19.91 -3.61
N ARG A 72 9.55 20.75 -3.34
CA ARG A 72 8.90 21.54 -4.38
C ARG A 72 9.87 22.53 -5.00
N LYS A 73 9.55 23.01 -6.19
CA LYS A 73 10.38 23.96 -6.90
C LYS A 73 9.54 24.92 -7.73
N ASP A 74 10.13 26.05 -8.10
CA ASP A 74 9.43 27.05 -8.90
C ASP A 74 10.42 27.93 -9.65
N ASN A 75 10.62 27.65 -10.93
CA ASN A 75 11.54 28.42 -11.75
C ASN A 75 11.08 28.43 -13.21
N GLU A 76 11.39 27.35 -13.91
CA GLU A 76 11.01 27.23 -15.33
C GLU A 76 9.50 27.18 -15.48
N GLY A 77 8.80 26.84 -14.40
CA GLY A 77 7.35 26.76 -14.45
C GLY A 77 6.83 25.38 -14.08
N ASN A 78 7.38 24.81 -13.01
CA ASN A 78 6.98 23.49 -12.56
C ASN A 78 7.24 23.32 -11.06
N GLU A 79 6.85 22.17 -10.53
CA GLU A 79 7.04 21.88 -9.12
C GLU A 79 7.33 20.40 -8.89
N VAL A 80 7.81 20.06 -7.70
CA VAL A 80 8.14 18.69 -7.36
C VAL A 80 7.51 18.28 -6.04
N VAL A 81 7.32 16.97 -5.86
CA VAL A 81 6.71 16.43 -4.65
C VAL A 81 7.68 16.48 -3.47
N PRO A 82 7.19 16.87 -2.27
CA PRO A 82 8.02 16.95 -1.06
C PRO A 82 8.63 15.59 -0.70
N LYS A 83 8.95 15.40 0.58
CA LYS A 83 9.54 14.14 1.02
C LYS A 83 8.58 12.99 0.81
N PRO A 84 9.09 11.77 0.63
CA PRO A 84 8.26 10.58 0.39
C PRO A 84 7.34 10.25 1.55
N GLN A 85 6.21 9.62 1.22
CA GLN A 85 5.23 9.20 2.19
C GLN A 85 4.76 7.79 1.87
N ARG A 86 5.12 6.83 2.70
CA ARG A 86 4.74 5.44 2.48
C ARG A 86 3.91 4.88 3.64
N HIS A 87 3.07 3.91 3.31
CA HIS A 87 2.22 3.25 4.29
C HIS A 87 2.10 1.77 3.98
N MET A 88 2.27 0.92 4.99
CA MET A 88 2.19 -0.53 4.81
C MET A 88 0.92 -1.10 5.43
N PHE A 89 0.23 -1.95 4.68
CA PHE A 89 -1.00 -2.58 5.15
C PHE A 89 -1.09 -4.03 4.66
N SER A 90 -1.42 -4.94 5.57
CA SER A 90 -1.52 -6.36 5.25
C SER A 90 -2.94 -6.75 4.84
N PHE A 91 -3.04 -7.74 3.96
CA PHE A 91 -4.32 -8.24 3.49
C PHE A 91 -4.74 -9.49 4.25
N ASN A 92 -5.97 -9.93 4.03
CA ASN A 92 -6.48 -11.12 4.68
C ASN A 92 -7.31 -11.95 3.70
N ASN A 93 -6.97 -11.86 2.42
CA ASN A 93 -7.67 -12.61 1.38
C ASN A 93 -6.86 -12.61 0.08
N ARG A 94 -6.92 -13.73 -0.64
CA ARG A 94 -6.20 -13.87 -1.90
C ARG A 94 -6.75 -12.93 -2.97
N THR A 95 -8.07 -12.92 -3.11
CA THR A 95 -8.72 -12.08 -4.11
C THR A 95 -8.68 -10.60 -3.70
N VAL A 96 -8.73 -10.36 -2.39
CA VAL A 96 -8.70 -9.00 -1.87
C VAL A 96 -7.45 -8.26 -2.35
N MET A 97 -6.30 -8.90 -2.22
CA MET A 97 -5.05 -8.29 -2.64
C MET A 97 -4.95 -8.18 -4.16
N ASP A 98 -5.29 -9.27 -4.85
CA ASP A 98 -5.22 -9.28 -6.31
C ASP A 98 -6.24 -8.35 -6.93
N ASN A 99 -7.44 -8.31 -6.37
CA ASN A 99 -8.49 -7.45 -6.91
C ASN A 99 -8.05 -5.99 -6.92
N ILE A 100 -7.56 -5.51 -5.78
CA ILE A 100 -7.09 -4.15 -5.67
C ILE A 100 -5.73 -3.98 -6.33
N LYS A 101 -4.84 -4.96 -6.14
CA LYS A 101 -3.50 -4.89 -6.72
C LYS A 101 -3.59 -4.67 -8.22
N MET A 102 -4.44 -5.44 -8.87
CA MET A 102 -4.66 -5.31 -10.30
C MET A 102 -5.22 -3.94 -10.61
N THR A 103 -6.05 -3.45 -9.68
CA THR A 103 -6.67 -2.15 -9.82
C THR A 103 -5.63 -1.06 -9.69
N LEU A 104 -4.88 -1.10 -8.59
CA LEU A 104 -3.84 -0.12 -8.33
C LEU A 104 -2.72 -0.25 -9.34
N GLN A 105 -2.45 -1.47 -9.76
CA GLN A 105 -1.41 -1.73 -10.73
C GLN A 105 -1.66 -0.93 -12.00
N GLN A 106 -2.94 -0.73 -12.32
CA GLN A 106 -3.30 0.03 -13.51
C GLN A 106 -3.17 1.52 -13.25
N ILE A 107 -3.70 1.96 -12.12
CA ILE A 107 -3.64 3.35 -11.75
C ILE A 107 -2.19 3.77 -11.54
N ILE A 108 -1.46 2.97 -10.77
CA ILE A 108 -0.05 3.24 -10.52
C ILE A 108 0.67 3.32 -11.84
N SER A 109 0.24 2.48 -12.78
CA SER A 109 0.79 2.47 -14.11
C SER A 109 0.41 3.75 -14.83
N ARG A 110 -0.80 4.24 -14.56
CA ARG A 110 -1.30 5.47 -15.17
C ARG A 110 -0.49 6.66 -14.68
N TYR A 111 -0.30 6.75 -13.37
CA TYR A 111 0.46 7.85 -12.79
C TYR A 111 1.94 7.73 -13.15
N LYS A 112 2.38 6.51 -13.42
CA LYS A 112 3.77 6.27 -13.78
C LYS A 112 4.00 6.55 -15.26
N ASP A 113 2.97 6.34 -16.06
CA ASP A 113 3.06 6.57 -17.50
C ASP A 113 2.88 8.04 -17.83
N ALA A 114 1.99 8.70 -17.11
CA ALA A 114 1.73 10.12 -17.32
C ALA A 114 2.99 10.95 -17.09
N ASP A 115 3.62 10.75 -15.94
CA ASP A 115 4.84 11.47 -15.60
C ASP A 115 5.96 11.17 -16.60
N GLY B 1 -11.24 -13.32 21.60
CA GLY B 1 -11.25 -13.36 20.11
C GLY B 1 -11.38 -14.78 19.57
N PHE B 2 -10.99 -14.96 18.32
CA PHE B 2 -11.07 -16.26 17.69
C PHE B 2 -9.68 -16.90 17.54
N THR B 3 -8.82 -16.61 18.51
CA THR B 3 -7.46 -17.14 18.50
C THR B 3 -7.19 -17.98 19.76
N PRO B 4 -7.53 -19.28 19.71
CA PRO B 4 -7.32 -20.18 20.85
C PRO B 4 -5.85 -20.46 21.10
N HIS B 5 -5.05 -20.39 20.04
CA HIS B 5 -3.61 -20.65 20.14
C HIS B 5 -2.95 -19.67 21.12
N ASP B 6 -2.79 -18.43 20.67
CA ASP B 6 -2.17 -17.40 21.50
C ASP B 6 -3.23 -16.43 22.05
N SER B 7 -2.82 -15.58 22.98
CA SER B 7 -3.72 -14.61 23.58
C SER B 7 -3.06 -13.24 23.68
N ALA B 8 -1.95 -13.18 24.40
CA ALA B 8 -1.22 -11.93 24.58
C ALA B 8 0.08 -11.92 23.77
N PRO B 9 0.01 -11.54 22.48
CA PRO B 9 1.18 -11.50 21.62
C PRO B 9 2.15 -10.38 21.99
N TYR B 10 1.60 -9.23 22.36
CA TYR B 10 2.41 -8.08 22.76
C TYR B 10 3.31 -7.64 21.61
N GLY B 11 4.15 -6.65 21.87
CA GLY B 11 5.05 -6.15 20.85
C GLY B 11 6.20 -5.34 21.43
N ALA B 12 7.43 -5.85 21.24
CA ALA B 12 8.61 -5.17 21.75
C ALA B 12 9.81 -5.42 20.85
N LEU B 13 9.86 -4.72 19.72
CA LEU B 13 10.96 -4.86 18.78
C LEU B 13 10.80 -3.89 17.61
N ASP B 14 9.58 -3.76 17.12
CA ASP B 14 9.29 -2.87 16.01
C ASP B 14 10.08 -3.27 14.77
N MET B 15 10.53 -4.51 14.72
CA MET B 15 11.29 -5.02 13.58
C MET B 15 10.37 -5.62 12.52
N ALA B 16 9.07 -5.39 12.66
CA ALA B 16 8.09 -5.91 11.71
C ALA B 16 7.79 -4.91 10.61
N ASP B 17 8.17 -3.65 10.82
CA ASP B 17 7.93 -2.63 9.82
C ASP B 17 9.08 -2.54 8.85
N PHE B 18 10.28 -2.77 9.36
CA PHE B 18 11.48 -2.75 8.53
C PHE B 18 11.61 -4.08 7.80
N GLU B 19 11.16 -5.15 8.45
CA GLU B 19 11.22 -6.47 7.85
C GLU B 19 10.25 -6.58 6.69
N PHE B 20 9.11 -5.91 6.78
CA PHE B 20 8.14 -5.96 5.69
C PHE B 20 8.71 -5.29 4.45
N GLU B 21 9.62 -4.35 4.66
CA GLU B 21 10.22 -3.62 3.55
C GLU B 21 11.02 -4.54 2.65
N GLN B 22 11.61 -5.59 3.21
CA GLN B 22 12.39 -6.53 2.42
C GLN B 22 11.48 -7.22 1.43
N MET B 23 10.32 -7.67 1.90
CA MET B 23 9.34 -8.29 1.04
C MET B 23 8.54 -7.21 0.34
N PHE B 24 8.85 -5.95 0.68
CA PHE B 24 8.18 -4.79 0.10
C PHE B 24 9.11 -4.00 -0.81
N THR B 25 10.20 -4.62 -1.25
CA THR B 25 11.13 -3.94 -2.13
C THR B 25 11.23 -4.67 -3.47
N ASP B 26 10.58 -4.10 -4.47
CA ASP B 26 10.55 -4.68 -5.82
C ASP B 26 10.30 -6.19 -5.77
N ALA B 27 9.04 -6.57 -5.86
CA ALA B 27 8.65 -7.97 -5.83
C ALA B 27 7.43 -8.23 -6.70
N LEU B 28 7.27 -7.44 -7.76
CA LEU B 28 6.14 -7.58 -8.66
C LEU B 28 6.54 -8.36 -9.91
N GLY B 29 7.34 -7.72 -10.77
CA GLY B 29 7.78 -8.36 -11.99
C GLY B 29 8.54 -9.65 -11.73
N ILE B 30 9.23 -10.14 -12.75
CA ILE B 30 10.00 -11.37 -12.63
C ILE B 30 11.07 -11.25 -11.54
N ASP B 31 10.77 -11.78 -10.37
CA ASP B 31 11.71 -11.73 -9.25
C ASP B 31 13.02 -12.42 -9.60
N GLU B 32 14.13 -11.72 -9.38
CA GLU B 32 15.45 -12.27 -9.68
C GLU B 32 15.71 -13.53 -8.88
N TYR B 33 16.13 -14.59 -9.56
CA TYR B 33 16.41 -15.86 -8.91
C TYR B 33 17.54 -15.72 -7.90
N GLY B 34 17.32 -16.22 -6.69
CA GLY B 34 18.33 -16.12 -5.65
C GLY B 34 18.10 -17.12 -4.53
N GLY B 35 16.96 -17.01 -3.86
CA GLY B 35 16.65 -17.91 -2.77
C GLY B 35 15.81 -17.26 -1.69
N PRO A 1 -18.12 -8.83 -6.70
CA PRO A 1 -17.10 -8.03 -5.99
C PRO A 1 -15.74 -8.07 -6.69
N SER A 2 -15.58 -7.24 -7.71
CA SER A 2 -14.33 -7.19 -8.46
C SER A 2 -13.45 -6.03 -8.00
N HIS A 3 -14.09 -4.97 -7.52
CA HIS A 3 -13.36 -3.79 -7.04
C HIS A 3 -13.60 -3.57 -5.55
N SER A 4 -14.01 -4.63 -4.88
CA SER A 4 -14.26 -4.57 -3.44
C SER A 4 -13.69 -5.79 -2.75
N GLY A 5 -13.22 -5.59 -1.52
CA GLY A 5 -12.64 -6.69 -0.77
C GLY A 5 -12.47 -6.35 0.69
N ALA A 6 -12.06 -7.32 1.49
CA ALA A 6 -11.85 -7.11 2.91
C ALA A 6 -10.37 -7.26 3.27
N ALA A 7 -9.83 -6.23 3.89
CA ALA A 7 -8.43 -6.23 4.30
C ALA A 7 -8.24 -5.42 5.56
N ILE A 8 -7.10 -5.59 6.21
CA ILE A 8 -6.81 -4.87 7.43
C ILE A 8 -5.99 -3.60 7.17
N PHE A 9 -6.52 -2.47 7.62
CA PHE A 9 -5.84 -1.18 7.44
C PHE A 9 -5.53 -0.56 8.79
N GLU A 10 -4.35 0.04 8.90
CA GLU A 10 -3.93 0.68 10.15
C GLU A 10 -3.97 -0.32 11.30
N LYS A 11 -3.85 -1.61 10.97
CA LYS A 11 -3.88 -2.67 11.96
C LYS A 11 -5.23 -2.74 12.65
N VAL A 12 -6.29 -2.66 11.84
CA VAL A 12 -7.65 -2.72 12.34
C VAL A 12 -8.54 -3.41 11.31
N SER A 13 -8.92 -4.66 11.61
CA SER A 13 -9.76 -5.46 10.72
C SER A 13 -10.90 -4.63 10.13
N GLY A 14 -10.88 -4.46 8.80
CA GLY A 14 -11.91 -3.68 8.13
C GLY A 14 -12.21 -4.19 6.74
N ILE A 15 -12.67 -3.29 5.88
CA ILE A 15 -13.02 -3.63 4.51
C ILE A 15 -12.49 -2.61 3.51
N ILE A 16 -12.20 -3.07 2.30
CA ILE A 16 -11.69 -2.20 1.25
C ILE A 16 -12.68 -2.08 0.09
N ALA A 17 -12.67 -0.93 -0.56
CA ALA A 17 -13.54 -0.66 -1.69
C ALA A 17 -12.83 0.21 -2.71
N ILE A 18 -12.86 -0.18 -3.98
CA ILE A 18 -12.20 0.59 -5.03
C ILE A 18 -13.17 1.57 -5.67
N ASN A 19 -12.86 2.85 -5.58
CA ASN A 19 -13.70 3.90 -6.14
C ASN A 19 -13.07 4.51 -7.38
N GLU A 20 -13.42 3.97 -8.54
CA GLU A 20 -12.91 4.48 -9.81
C GLU A 20 -13.87 5.48 -10.44
N ASP A 21 -14.62 6.18 -9.59
CA ASP A 21 -15.58 7.17 -10.06
C ASP A 21 -14.84 8.44 -10.50
N VAL A 22 -13.76 8.74 -9.80
CA VAL A 22 -12.95 9.91 -10.12
C VAL A 22 -12.27 9.72 -11.47
N SER A 23 -11.68 10.78 -12.02
CA SER A 23 -11.01 10.70 -13.31
C SER A 23 -10.17 9.42 -13.40
N PRO A 24 -9.04 9.35 -12.66
CA PRO A 24 -8.18 8.17 -12.68
C PRO A 24 -8.81 7.01 -11.88
N ALA A 25 -8.45 6.89 -10.60
CA ALA A 25 -8.98 5.84 -9.74
C ALA A 25 -8.37 5.91 -8.36
N GLU A 26 -9.06 5.37 -7.37
CA GLU A 26 -8.56 5.37 -6.00
C GLU A 26 -9.08 4.18 -5.20
N LEU A 27 -8.46 3.92 -4.05
CA LEU A 27 -8.86 2.83 -3.19
C LEU A 27 -9.40 3.38 -1.87
N THR A 28 -10.65 3.03 -1.56
CA THR A 28 -11.29 3.50 -0.33
C THR A 28 -11.49 2.36 0.66
N TRP A 29 -10.95 2.51 1.87
CA TRP A 29 -11.09 1.48 2.90
C TRP A 29 -11.67 2.05 4.18
N ARG A 30 -12.52 1.27 4.83
CA ARG A 30 -13.11 1.67 6.10
C ARG A 30 -13.20 0.49 7.05
N SER A 31 -13.27 0.78 8.35
CA SER A 31 -13.36 -0.26 9.36
C SER A 31 -14.57 -1.16 9.07
N THR A 32 -14.66 -2.28 9.77
CA THR A 32 -15.76 -3.21 9.58
C THR A 32 -17.07 -2.56 9.97
N ASP A 33 -16.99 -1.66 10.94
CA ASP A 33 -18.16 -0.94 11.41
C ASP A 33 -17.76 0.01 12.53
N GLY A 34 -16.68 0.75 12.30
CA GLY A 34 -16.20 1.69 13.31
C GLY A 34 -16.28 3.13 12.87
N ASP A 35 -17.23 3.42 11.97
CA ASP A 35 -17.41 4.78 11.45
C ASP A 35 -16.07 5.40 11.09
N LYS A 36 -15.15 4.57 10.65
CA LYS A 36 -13.82 5.01 10.26
C LYS A 36 -13.56 4.66 8.80
N VAL A 37 -12.96 5.60 8.09
CA VAL A 37 -12.65 5.38 6.69
C VAL A 37 -11.36 6.08 6.28
N HIS A 38 -10.71 5.55 5.26
CA HIS A 38 -9.47 6.12 4.74
C HIS A 38 -9.31 5.77 3.27
N THR A 39 -9.33 6.78 2.43
CA THR A 39 -9.18 6.59 1.00
C THR A 39 -7.87 7.18 0.48
N VAL A 40 -7.21 6.47 -0.42
CA VAL A 40 -5.96 6.93 -0.98
C VAL A 40 -6.03 6.98 -2.51
N VAL A 41 -5.42 8.02 -3.08
CA VAL A 41 -5.41 8.19 -4.52
C VAL A 41 -4.04 7.84 -5.11
N LEU A 42 -4.04 7.17 -6.25
CA LEU A 42 -2.79 6.79 -6.90
C LEU A 42 -1.85 7.98 -7.05
N SER A 43 -2.44 9.15 -7.25
CA SER A 43 -1.65 10.38 -7.39
C SER A 43 -0.60 10.47 -6.27
N THR A 44 -0.90 9.85 -5.13
CA THR A 44 0.02 9.84 -4.00
C THR A 44 0.78 8.51 -3.96
N ILE A 45 0.18 7.49 -4.55
CA ILE A 45 0.76 6.15 -4.61
C ILE A 45 0.84 5.67 -6.06
N ASP A 46 2.05 5.56 -6.59
CA ASP A 46 2.22 5.14 -7.98
C ASP A 46 2.84 3.75 -8.12
N LYS A 47 2.73 2.96 -7.07
CA LYS A 47 3.25 1.59 -7.09
C LYS A 47 2.54 0.72 -6.05
N LEU A 48 2.33 -0.55 -6.40
CA LEU A 48 1.67 -1.50 -5.51
C LEU A 48 2.45 -2.82 -5.46
N GLN A 49 2.89 -3.19 -4.26
CA GLN A 49 3.63 -4.43 -4.07
C GLN A 49 2.72 -5.48 -3.43
N ALA A 50 2.53 -6.60 -4.11
CA ALA A 50 1.69 -7.68 -3.59
C ALA A 50 2.47 -8.97 -3.44
N THR A 51 1.91 -9.92 -2.70
CA THR A 51 2.55 -11.20 -2.46
C THR A 51 2.29 -12.16 -3.63
N PRO A 52 3.25 -13.06 -3.93
CA PRO A 52 3.10 -14.01 -5.02
C PRO A 52 2.09 -15.11 -4.71
N ALA A 53 1.52 -15.70 -5.75
CA ALA A 53 0.53 -16.77 -5.58
C ALA A 53 1.10 -17.93 -4.76
N SER A 54 2.40 -18.14 -4.87
CA SER A 54 3.07 -19.22 -4.16
C SER A 54 3.24 -18.88 -2.68
N SER A 55 3.27 -17.58 -2.38
CA SER A 55 3.43 -17.12 -1.02
C SER A 55 2.18 -17.40 -0.19
N GLU A 56 2.35 -18.13 0.91
CA GLU A 56 1.24 -18.47 1.78
C GLU A 56 0.64 -17.21 2.41
N LYS A 57 1.40 -16.12 2.39
CA LYS A 57 0.95 -14.86 2.96
C LYS A 57 -0.38 -14.42 2.34
N MET A 58 -0.79 -13.19 2.64
CA MET A 58 -2.04 -12.66 2.12
C MET A 58 -2.17 -11.17 2.46
N MET A 59 -1.37 -10.35 1.79
CA MET A 59 -1.39 -8.90 2.02
C MET A 59 -0.71 -8.16 0.87
N LEU A 60 -1.06 -6.88 0.73
CA LEU A 60 -0.47 -6.04 -0.32
C LEU A 60 -0.16 -4.64 0.19
N ARG A 61 1.01 -4.12 -0.19
CA ARG A 61 1.43 -2.79 0.23
C ARG A 61 1.57 -1.86 -0.98
N LEU A 62 1.19 -0.61 -0.80
CA LEU A 62 1.26 0.38 -1.87
C LEU A 62 2.28 1.46 -1.55
N ILE A 63 3.06 1.80 -2.57
CA ILE A 63 4.10 2.79 -2.45
C ILE A 63 3.56 4.20 -2.74
N GLY A 64 3.84 5.14 -1.85
CA GLY A 64 3.39 6.50 -2.05
C GLY A 64 4.29 7.29 -2.99
N LYS A 65 4.75 6.62 -4.05
CA LYS A 65 5.64 7.21 -5.06
C LYS A 65 6.67 8.16 -4.46
N VAL A 66 7.88 8.14 -5.02
CA VAL A 66 8.95 9.00 -4.54
C VAL A 66 9.61 9.77 -5.68
N ASP A 67 10.92 9.95 -5.57
CA ASP A 67 11.67 10.69 -6.56
C ASP A 67 11.14 12.11 -6.63
N GLU A 68 10.73 12.61 -5.46
CA GLU A 68 10.19 13.96 -5.36
C GLU A 68 11.15 14.95 -6.01
N SER A 69 12.44 14.70 -5.83
CA SER A 69 13.49 15.55 -6.39
C SER A 69 14.85 15.03 -5.97
N LYS A 70 14.97 13.70 -5.93
CA LYS A 70 16.23 13.06 -5.54
C LYS A 70 16.63 13.47 -4.13
N LYS A 71 15.96 12.90 -3.14
CA LYS A 71 16.25 13.21 -1.74
C LYS A 71 15.88 14.66 -1.42
N ARG A 72 16.19 15.09 -0.20
CA ARG A 72 15.89 16.45 0.22
C ARG A 72 16.70 17.46 -0.59
N LYS A 73 16.27 18.71 -0.56
CA LYS A 73 16.94 19.78 -1.29
C LYS A 73 16.82 21.10 -0.55
N ASP A 74 17.66 22.05 -0.92
CA ASP A 74 17.66 23.37 -0.28
C ASP A 74 18.10 24.45 -1.26
N ASN A 75 17.16 24.94 -2.06
CA ASN A 75 17.46 25.98 -3.05
C ASN A 75 16.69 27.26 -2.74
N GLU A 76 15.42 27.27 -3.09
CA GLU A 76 14.57 28.43 -2.85
C GLU A 76 13.74 28.25 -1.58
N GLY A 77 13.61 27.00 -1.14
CA GLY A 77 12.84 26.73 0.06
C GLY A 77 11.69 25.76 -0.20
N ASN A 78 12.00 24.48 -0.23
CA ASN A 78 11.00 23.45 -0.47
C ASN A 78 11.34 22.15 0.26
N GLU A 79 12.59 21.73 0.14
CA GLU A 79 13.07 20.50 0.79
C GLU A 79 12.07 19.37 0.62
N VAL A 80 12.32 18.54 -0.38
CA VAL A 80 11.46 17.40 -0.68
C VAL A 80 11.72 16.24 0.29
N VAL A 81 10.71 15.40 0.48
CA VAL A 81 10.82 14.26 1.37
C VAL A 81 11.90 13.28 0.90
N PRO A 82 12.89 12.99 1.76
CA PRO A 82 13.98 12.08 1.43
C PRO A 82 13.60 10.61 1.62
N LYS A 83 13.07 10.31 2.79
CA LYS A 83 12.66 8.95 3.13
C LYS A 83 11.18 8.75 2.81
N PRO A 84 10.87 7.84 1.85
CA PRO A 84 9.48 7.55 1.47
C PRO A 84 8.68 6.92 2.58
N GLN A 85 7.36 7.05 2.49
CA GLN A 85 6.45 6.49 3.46
C GLN A 85 5.49 5.52 2.81
N ARG A 86 5.59 4.25 3.19
CA ARG A 86 4.73 3.21 2.60
C ARG A 86 3.77 2.63 3.62
N HIS A 87 2.84 1.82 3.14
CA HIS A 87 1.85 1.17 3.98
C HIS A 87 1.48 -0.19 3.43
N MET A 88 1.12 -1.12 4.31
CA MET A 88 0.75 -2.47 3.89
C MET A 88 -0.68 -2.81 4.28
N PHE A 89 -1.31 -3.64 3.46
CA PHE A 89 -2.69 -4.06 3.70
C PHE A 89 -2.78 -5.57 3.88
N SER A 90 -3.46 -6.01 4.93
CA SER A 90 -3.61 -7.43 5.19
C SER A 90 -4.90 -7.95 4.55
N PHE A 91 -4.76 -8.86 3.60
CA PHE A 91 -5.91 -9.43 2.91
C PHE A 91 -6.27 -10.79 3.47
N ASN A 92 -7.55 -11.12 3.44
CA ASN A 92 -8.03 -12.41 3.94
C ASN A 92 -8.85 -13.14 2.88
N ASN A 93 -8.35 -13.16 1.65
CA ASN A 93 -9.04 -13.82 0.56
C ASN A 93 -8.19 -13.80 -0.71
N ARG A 94 -8.15 -14.94 -1.40
CA ARG A 94 -7.37 -15.06 -2.63
C ARG A 94 -7.94 -14.19 -3.75
N THR A 95 -9.26 -14.21 -3.90
CA THR A 95 -9.91 -13.42 -4.94
C THR A 95 -9.95 -11.94 -4.59
N VAL A 96 -10.07 -11.65 -3.29
CA VAL A 96 -10.12 -10.26 -2.84
C VAL A 96 -8.86 -9.51 -3.25
N MET A 97 -7.70 -10.09 -2.96
CA MET A 97 -6.42 -9.47 -3.29
C MET A 97 -6.22 -9.43 -4.80
N ASP A 98 -6.53 -10.54 -5.47
CA ASP A 98 -6.38 -10.63 -6.91
C ASP A 98 -7.35 -9.72 -7.64
N ASN A 99 -8.60 -9.67 -7.16
CA ASN A 99 -9.61 -8.82 -7.80
C ASN A 99 -9.17 -7.37 -7.83
N ILE A 100 -8.74 -6.85 -6.69
CA ILE A 100 -8.27 -5.48 -6.62
C ILE A 100 -6.88 -5.36 -7.21
N LYS A 101 -6.03 -6.34 -6.95
CA LYS A 101 -4.66 -6.33 -7.47
C LYS A 101 -4.69 -6.16 -8.98
N MET A 102 -5.53 -6.95 -9.63
CA MET A 102 -5.68 -6.87 -11.07
C MET A 102 -6.20 -5.49 -11.45
N THR A 103 -7.03 -4.93 -10.59
CA THR A 103 -7.58 -3.60 -10.80
C THR A 103 -6.49 -2.56 -10.67
N LEU A 104 -5.79 -2.61 -9.54
CA LEU A 104 -4.71 -1.68 -9.26
C LEU A 104 -3.59 -1.82 -10.30
N GLN A 105 -3.38 -3.04 -10.76
CA GLN A 105 -2.37 -3.31 -11.75
C GLN A 105 -2.63 -2.51 -13.02
N GLN A 106 -3.91 -2.31 -13.33
CA GLN A 106 -4.29 -1.55 -14.52
C GLN A 106 -4.14 -0.06 -14.26
N ILE A 107 -4.61 0.39 -13.11
CA ILE A 107 -4.52 1.79 -12.74
C ILE A 107 -3.07 2.19 -12.57
N ILE A 108 -2.32 1.37 -11.83
CA ILE A 108 -0.90 1.63 -11.64
C ILE A 108 -0.24 1.77 -13.00
N SER A 109 -0.70 0.95 -13.92
CA SER A 109 -0.20 0.98 -15.29
C SER A 109 -0.59 2.31 -15.93
N ARG A 110 -1.77 2.80 -15.59
CA ARG A 110 -2.25 4.07 -16.13
C ARG A 110 -1.39 5.22 -15.63
N TYR A 111 -1.15 5.25 -14.33
CA TYR A 111 -0.34 6.30 -13.72
C TYR A 111 1.11 6.20 -14.19
N LYS A 112 1.55 4.98 -14.47
CA LYS A 112 2.91 4.75 -14.94
C LYS A 112 3.05 5.15 -16.41
N ASP A 113 1.97 5.00 -17.16
CA ASP A 113 1.98 5.34 -18.58
C ASP A 113 1.82 6.85 -18.78
N ALA A 114 0.99 7.47 -17.94
CA ALA A 114 0.76 8.90 -18.04
C ALA A 114 2.05 9.68 -17.84
N ASP A 115 2.85 9.26 -16.87
CA ASP A 115 4.13 9.92 -16.58
C ASP A 115 5.20 9.47 -17.56
N GLY B 1 1.42 -16.00 11.70
CA GLY B 1 0.76 -14.68 11.52
C GLY B 1 0.81 -13.83 12.78
N PHE B 2 1.64 -12.79 12.75
CA PHE B 2 1.78 -11.90 13.90
C PHE B 2 1.07 -10.58 13.67
N THR B 3 0.57 -9.97 14.74
CA THR B 3 -0.14 -8.71 14.65
C THR B 3 -0.34 -8.09 16.03
N PRO B 4 -1.10 -8.74 16.91
CA PRO B 4 -1.36 -8.24 18.27
C PRO B 4 -0.12 -8.30 19.15
N HIS B 5 0.39 -7.13 19.51
CA HIS B 5 1.58 -7.04 20.35
C HIS B 5 1.33 -6.13 21.56
N ASP B 6 1.60 -6.66 22.75
CA ASP B 6 1.40 -5.90 23.98
C ASP B 6 2.34 -4.69 24.03
N SER B 7 1.81 -3.51 23.74
CA SER B 7 2.60 -2.29 23.75
C SER B 7 2.69 -1.72 25.16
N ALA B 8 3.63 -2.24 25.95
CA ALA B 8 3.82 -1.78 27.32
C ALA B 8 4.74 -0.56 27.36
N PRO B 9 5.93 -0.65 26.75
CA PRO B 9 6.89 0.45 26.73
C PRO B 9 6.27 1.76 26.25
N TYR B 10 5.68 1.72 25.06
CA TYR B 10 5.03 2.90 24.49
C TYR B 10 4.17 2.52 23.29
N GLY B 11 4.76 1.79 22.35
CA GLY B 11 4.03 1.37 21.17
C GLY B 11 4.45 2.14 19.93
N ALA B 12 5.74 2.44 19.83
CA ALA B 12 6.27 3.18 18.68
C ALA B 12 7.23 2.31 17.89
N LEU B 13 8.31 1.87 18.53
CA LEU B 13 9.32 1.05 17.88
C LEU B 13 8.71 -0.28 17.42
N ASP B 14 8.53 -0.42 16.11
CA ASP B 14 7.96 -1.64 15.54
C ASP B 14 8.71 -2.06 14.29
N MET B 15 9.58 -3.06 14.44
CA MET B 15 10.36 -3.57 13.32
C MET B 15 9.50 -4.35 12.34
N ALA B 16 8.27 -4.64 12.74
CA ALA B 16 7.34 -5.39 11.88
C ALA B 16 6.77 -4.51 10.80
N ASP B 17 7.03 -3.21 10.87
CA ASP B 17 6.52 -2.30 9.87
C ASP B 17 7.51 -2.18 8.71
N PHE B 18 8.77 -2.01 9.05
CA PHE B 18 9.81 -1.93 8.05
C PHE B 18 10.13 -3.31 7.53
N GLU B 19 9.95 -4.31 8.40
CA GLU B 19 10.21 -5.69 8.04
C GLU B 19 9.15 -6.18 7.06
N PHE B 20 7.93 -5.67 7.18
CA PHE B 20 6.87 -6.09 6.28
C PHE B 20 7.13 -5.61 4.87
N GLU B 21 7.83 -4.49 4.73
CA GLU B 21 8.13 -3.96 3.41
C GLU B 21 9.08 -4.86 2.66
N GLN B 22 9.92 -5.59 3.41
CA GLN B 22 10.86 -6.52 2.78
C GLN B 22 10.09 -7.56 2.01
N MET B 23 9.11 -8.19 2.66
CA MET B 23 8.28 -9.16 1.98
C MET B 23 7.52 -8.43 0.88
N PHE B 24 7.39 -7.11 1.05
CA PHE B 24 6.69 -6.27 0.11
C PHE B 24 7.65 -5.56 -0.83
N THR B 25 8.78 -6.18 -1.14
CA THR B 25 9.75 -5.57 -2.03
C THR B 25 9.95 -6.44 -3.27
N ASP B 26 9.35 -6.01 -4.37
CA ASP B 26 9.43 -6.73 -5.64
C ASP B 26 9.26 -8.24 -5.44
N ALA B 27 8.15 -8.63 -4.80
CA ALA B 27 7.87 -10.03 -4.54
C ALA B 27 7.64 -10.80 -5.85
N LEU B 28 7.19 -10.08 -6.88
CA LEU B 28 6.92 -10.69 -8.17
C LEU B 28 7.72 -10.01 -9.27
N GLY B 29 8.88 -9.47 -8.91
CA GLY B 29 9.72 -8.79 -9.88
C GLY B 29 11.17 -9.25 -9.81
N ILE B 30 12.07 -8.40 -10.29
CA ILE B 30 13.50 -8.72 -10.28
C ILE B 30 14.27 -7.78 -9.37
N ASP B 31 14.97 -8.33 -8.39
CA ASP B 31 15.76 -7.53 -7.46
C ASP B 31 16.85 -6.76 -8.19
N GLU B 32 16.59 -5.49 -8.47
CA GLU B 32 17.55 -4.65 -9.16
C GLU B 32 17.69 -3.29 -8.47
N TYR B 33 18.81 -3.10 -7.78
CA TYR B 33 19.07 -1.85 -7.08
C TYR B 33 19.05 -0.66 -8.04
N GLY B 34 18.15 0.28 -7.80
CA GLY B 34 18.05 1.45 -8.65
C GLY B 34 16.94 1.33 -9.67
N GLY B 35 15.71 1.60 -9.23
CA GLY B 35 14.58 1.52 -10.12
C GLY B 35 13.62 2.68 -9.95
N PRO A 1 -14.42 -8.09 -4.27
CA PRO A 1 -14.14 -8.45 -5.69
C PRO A 1 -12.66 -8.24 -6.03
N SER A 2 -12.37 -8.16 -7.33
CA SER A 2 -11.00 -7.96 -7.78
C SER A 2 -10.42 -6.65 -7.28
N HIS A 3 -11.29 -5.74 -6.86
CA HIS A 3 -10.86 -4.43 -6.36
C HIS A 3 -11.09 -4.30 -4.86
N SER A 4 -11.21 -5.43 -4.20
CA SER A 4 -11.43 -5.46 -2.76
C SER A 4 -10.82 -6.72 -2.16
N GLY A 5 -10.34 -6.60 -0.93
CA GLY A 5 -9.74 -7.74 -0.27
C GLY A 5 -9.49 -7.47 1.21
N ALA A 6 -9.05 -8.49 1.92
CA ALA A 6 -8.78 -8.36 3.34
C ALA A 6 -7.28 -8.33 3.61
N ALA A 7 -6.82 -7.28 4.27
CA ALA A 7 -5.41 -7.14 4.59
C ALA A 7 -5.22 -6.47 5.94
N ILE A 8 -4.02 -6.60 6.50
CA ILE A 8 -3.71 -6.00 7.78
C ILE A 8 -3.00 -4.66 7.59
N PHE A 9 -3.57 -3.61 8.16
CA PHE A 9 -2.99 -2.28 8.05
C PHE A 9 -2.58 -1.76 9.42
N GLU A 10 -1.42 -1.09 9.48
CA GLU A 10 -0.92 -0.54 10.73
C GLU A 10 -0.79 -1.64 11.78
N LYS A 11 -0.61 -2.88 11.31
CA LYS A 11 -0.48 -4.02 12.19
C LYS A 11 -1.76 -4.23 13.00
N VAL A 12 -2.88 -4.12 12.29
CA VAL A 12 -4.20 -4.30 12.90
C VAL A 12 -5.15 -4.95 11.90
N SER A 13 -5.44 -6.23 12.12
CA SER A 13 -6.31 -7.00 11.24
C SER A 13 -7.50 -6.18 10.73
N GLY A 14 -7.62 -6.10 9.41
CA GLY A 14 -8.70 -5.35 8.81
C GLY A 14 -9.00 -5.77 7.39
N ILE A 15 -9.66 -4.90 6.65
CA ILE A 15 -10.03 -5.18 5.26
C ILE A 15 -9.74 -3.98 4.36
N ILE A 16 -9.44 -4.25 3.09
CA ILE A 16 -9.15 -3.19 2.13
C ILE A 16 -10.22 -3.09 1.05
N ALA A 17 -10.42 -1.88 0.56
CA ALA A 17 -11.38 -1.61 -0.50
C ALA A 17 -10.84 -0.55 -1.44
N ILE A 18 -10.83 -0.84 -2.74
CA ILE A 18 -10.32 0.10 -3.72
C ILE A 18 -11.47 0.95 -4.28
N ASN A 19 -11.40 2.25 -4.04
CA ASN A 19 -12.42 3.17 -4.51
C ASN A 19 -12.04 3.79 -5.86
N GLU A 20 -12.51 3.16 -6.93
CA GLU A 20 -12.23 3.66 -8.28
C GLU A 20 -13.40 4.48 -8.82
N ASP A 21 -14.17 5.08 -7.90
CA ASP A 21 -15.31 5.89 -8.29
C ASP A 21 -14.85 7.25 -8.76
N VAL A 22 -13.82 7.77 -8.10
CA VAL A 22 -13.25 9.06 -8.45
C VAL A 22 -12.64 9.00 -9.85
N SER A 23 -12.28 10.17 -10.41
CA SER A 23 -11.69 10.20 -11.75
C SER A 23 -10.62 9.12 -11.89
N PRO A 24 -9.47 9.25 -11.19
CA PRO A 24 -8.41 8.25 -11.26
C PRO A 24 -8.76 6.98 -10.47
N ALA A 25 -8.32 6.91 -9.22
CA ALA A 25 -8.59 5.76 -8.37
C ALA A 25 -7.91 5.91 -7.01
N GLU A 26 -8.48 5.26 -5.99
CA GLU A 26 -7.92 5.32 -4.65
C GLU A 26 -8.11 4.01 -3.91
N LEU A 27 -7.29 3.80 -2.88
CA LEU A 27 -7.35 2.59 -2.07
C LEU A 27 -7.77 2.95 -0.64
N THR A 28 -8.88 2.39 -0.18
CA THR A 28 -9.37 2.67 1.16
C THR A 28 -9.37 1.40 2.02
N TRP A 29 -8.88 1.53 3.25
CA TRP A 29 -8.82 0.39 4.17
C TRP A 29 -9.29 0.76 5.57
N ARG A 30 -9.99 -0.17 6.20
CA ARG A 30 -10.46 0.02 7.57
C ARG A 30 -10.30 -1.27 8.37
N SER A 31 -10.29 -1.15 9.68
CA SER A 31 -10.14 -2.30 10.56
C SER A 31 -11.31 -3.26 10.36
N THR A 32 -11.16 -4.49 10.85
CA THR A 32 -12.21 -5.49 10.73
C THR A 32 -13.44 -5.03 11.50
N ASP A 33 -13.21 -4.27 12.55
CA ASP A 33 -14.26 -3.74 13.38
C ASP A 33 -13.69 -2.85 14.47
N GLY A 34 -12.78 -1.96 14.08
CA GLY A 34 -12.16 -1.06 15.04
C GLY A 34 -12.62 0.37 14.87
N ASP A 35 -13.73 0.56 14.16
CA ASP A 35 -14.26 1.91 13.93
C ASP A 35 -13.17 2.86 13.48
N LYS A 36 -12.23 2.34 12.70
CA LYS A 36 -11.13 3.13 12.19
C LYS A 36 -10.88 2.82 10.72
N VAL A 37 -10.53 3.85 9.95
CA VAL A 37 -10.27 3.68 8.53
C VAL A 37 -9.13 4.57 8.07
N HIS A 38 -8.56 4.21 6.93
CA HIS A 38 -7.47 4.96 6.33
C HIS A 38 -7.53 4.83 4.82
N THR A 39 -7.75 5.95 4.15
CA THR A 39 -7.84 5.94 2.70
C THR A 39 -6.60 6.57 2.06
N VAL A 40 -6.15 5.95 0.97
CA VAL A 40 -4.98 6.44 0.26
C VAL A 40 -5.33 6.82 -1.17
N VAL A 41 -4.73 7.90 -1.63
CA VAL A 41 -4.97 8.38 -2.98
C VAL A 41 -3.68 8.38 -3.80
N LEU A 42 -3.71 7.74 -4.96
CA LEU A 42 -2.54 7.68 -5.82
C LEU A 42 -1.97 9.06 -6.07
N SER A 43 -2.84 10.06 -6.08
CA SER A 43 -2.42 11.44 -6.29
C SER A 43 -1.21 11.79 -5.42
N THR A 44 -1.08 11.08 -4.30
CA THR A 44 0.03 11.29 -3.37
C THR A 44 1.02 10.13 -3.47
N ILE A 45 0.53 9.02 -3.99
CA ILE A 45 1.32 7.81 -4.16
C ILE A 45 1.26 7.31 -5.60
N ASP A 46 2.42 7.20 -6.26
CA ASP A 46 2.45 6.74 -7.65
C ASP A 46 3.31 5.51 -7.85
N LYS A 47 3.46 4.73 -6.80
CA LYS A 47 4.25 3.49 -6.88
C LYS A 47 3.81 2.48 -5.82
N LEU A 48 3.75 1.21 -6.23
CA LEU A 48 3.36 0.13 -5.34
C LEU A 48 4.43 -0.97 -5.32
N GLN A 49 4.76 -1.46 -4.13
CA GLN A 49 5.76 -2.53 -3.99
C GLN A 49 5.12 -3.78 -3.40
N ALA A 50 5.20 -4.88 -4.15
CA ALA A 50 4.61 -6.15 -3.70
C ALA A 50 5.64 -7.27 -3.78
N THR A 51 5.34 -8.38 -3.11
CA THR A 51 6.24 -9.53 -3.11
C THR A 51 6.01 -10.41 -4.33
N PRO A 52 6.95 -11.35 -4.60
CA PRO A 52 6.85 -12.26 -5.75
C PRO A 52 5.83 -13.35 -5.52
N ALA A 53 5.41 -14.00 -6.61
CA ALA A 53 4.42 -15.07 -6.53
C ALA A 53 5.03 -16.33 -5.92
N SER A 54 6.33 -16.50 -6.10
CA SER A 54 7.03 -17.67 -5.57
C SER A 54 7.18 -17.57 -4.05
N SER A 55 7.17 -16.35 -3.54
CA SER A 55 7.30 -16.13 -2.10
C SER A 55 6.07 -16.64 -1.35
N GLU A 56 6.28 -17.02 -0.10
CA GLU A 56 5.19 -17.52 0.73
C GLU A 56 4.44 -16.38 1.41
N LYS A 57 5.16 -15.29 1.68
CA LYS A 57 4.56 -14.13 2.33
C LYS A 57 3.42 -13.57 1.48
N MET A 58 2.98 -12.36 1.82
CA MET A 58 1.90 -11.71 1.09
C MET A 58 1.65 -10.30 1.62
N MET A 59 2.36 -9.32 1.07
CA MET A 59 2.20 -7.94 1.51
C MET A 59 2.80 -6.96 0.51
N LEU A 60 2.29 -5.72 0.51
CA LEU A 60 2.81 -4.69 -0.37
C LEU A 60 2.78 -3.31 0.27
N ARG A 61 3.66 -2.43 -0.19
CA ARG A 61 3.75 -1.08 0.32
C ARG A 61 3.67 -0.08 -0.83
N LEU A 62 3.01 1.04 -0.61
CA LEU A 62 2.86 2.05 -1.66
C LEU A 62 3.68 3.29 -1.35
N ILE A 63 4.34 3.77 -2.38
CA ILE A 63 5.20 4.94 -2.27
C ILE A 63 4.43 6.24 -2.52
N GLY A 64 4.71 7.26 -1.72
CA GLY A 64 4.03 8.54 -1.88
C GLY A 64 4.75 9.40 -2.91
N LYS A 65 5.17 8.78 -4.01
CA LYS A 65 5.88 9.44 -5.10
C LYS A 65 6.91 10.46 -4.59
N VAL A 66 8.03 10.56 -5.30
CA VAL A 66 9.08 11.48 -4.92
C VAL A 66 9.32 12.54 -6.00
N ASP A 67 9.89 13.66 -5.58
CA ASP A 67 10.18 14.76 -6.49
C ASP A 67 11.67 14.88 -6.73
N GLU A 68 12.35 13.75 -6.90
CA GLU A 68 13.77 13.75 -7.17
C GLU A 68 14.08 14.66 -8.36
N SER A 69 13.09 14.78 -9.25
CA SER A 69 13.23 15.64 -10.43
C SER A 69 11.99 16.49 -10.62
N LYS A 70 11.28 16.72 -9.53
CA LYS A 70 10.06 17.53 -9.53
C LYS A 70 9.94 18.34 -8.24
N LYS A 71 11.07 18.53 -7.57
CA LYS A 71 11.10 19.28 -6.31
C LYS A 71 10.56 20.70 -6.50
N ARG A 72 10.12 21.31 -5.40
CA ARG A 72 9.59 22.66 -5.44
C ARG A 72 10.47 23.61 -4.62
N LYS A 73 10.18 24.90 -4.72
CA LYS A 73 10.95 25.91 -4.01
C LYS A 73 10.21 26.34 -2.74
N ASP A 74 10.96 26.89 -1.80
CA ASP A 74 10.39 27.36 -0.54
C ASP A 74 11.26 28.44 0.10
N ASN A 75 11.98 29.18 -0.73
CA ASN A 75 12.85 30.24 -0.25
C ASN A 75 13.90 29.69 0.71
N GLU A 76 14.26 28.43 0.54
CA GLU A 76 15.26 27.79 1.39
C GLU A 76 16.62 27.75 0.71
N GLY A 77 16.77 28.49 -0.39
CA GLY A 77 18.03 28.51 -1.09
C GLY A 77 18.02 27.60 -2.31
N ASN A 78 17.23 26.54 -2.24
CA ASN A 78 17.13 25.59 -3.35
C ASN A 78 15.80 24.86 -3.32
N GLU A 79 15.27 24.55 -4.49
CA GLU A 79 14.00 23.85 -4.60
C GLU A 79 14.18 22.34 -4.46
N VAL A 80 13.87 21.83 -3.27
CA VAL A 80 13.99 20.40 -3.00
C VAL A 80 12.72 19.86 -2.36
N VAL A 81 12.52 18.55 -2.51
CA VAL A 81 11.35 17.89 -1.95
C VAL A 81 11.69 17.17 -0.65
N PRO A 82 10.82 17.29 0.37
CA PRO A 82 11.04 16.63 1.67
C PRO A 82 11.12 15.12 1.55
N LYS A 83 11.03 14.43 2.69
CA LYS A 83 11.10 12.97 2.69
C LYS A 83 9.76 12.36 2.27
N PRO A 84 9.76 11.53 1.21
CA PRO A 84 8.54 10.88 0.71
C PRO A 84 7.83 10.07 1.79
N GLN A 85 6.53 9.85 1.59
CA GLN A 85 5.72 9.10 2.52
C GLN A 85 5.22 7.80 1.89
N ARG A 86 5.47 6.69 2.56
CA ARG A 86 5.06 5.38 2.05
C ARG A 86 4.29 4.60 3.13
N HIS A 87 3.36 3.77 2.67
CA HIS A 87 2.56 2.95 3.58
C HIS A 87 2.78 1.47 3.27
N MET A 88 2.79 0.64 4.30
CA MET A 88 3.00 -0.79 4.12
C MET A 88 1.99 -1.62 4.93
N PHE A 89 1.20 -2.42 4.22
CA PHE A 89 0.21 -3.28 4.85
C PHE A 89 0.37 -4.71 4.36
N SER A 90 0.01 -5.69 5.19
CA SER A 90 0.16 -7.09 4.82
C SER A 90 -1.16 -7.74 4.41
N PHE A 91 -1.07 -8.77 3.57
CA PHE A 91 -2.25 -9.49 3.09
C PHE A 91 -2.46 -10.77 3.88
N ASN A 92 -3.60 -11.41 3.64
CA ASN A 92 -3.94 -12.66 4.30
C ASN A 92 -4.71 -13.58 3.36
N ASN A 93 -4.50 -13.39 2.05
CA ASN A 93 -5.17 -14.19 1.04
C ASN A 93 -4.44 -14.09 -0.30
N ARG A 94 -4.44 -15.18 -1.05
CA ARG A 94 -3.78 -15.23 -2.35
C ARG A 94 -4.46 -14.31 -3.37
N THR A 95 -5.78 -14.35 -3.41
CA THR A 95 -6.54 -13.53 -4.35
C THR A 95 -6.60 -12.07 -3.90
N VAL A 96 -6.66 -11.86 -2.60
CA VAL A 96 -6.73 -10.51 -2.05
C VAL A 96 -5.56 -9.65 -2.55
N MET A 97 -4.36 -10.23 -2.52
CA MET A 97 -3.18 -9.51 -2.96
C MET A 97 -3.17 -9.30 -4.47
N ASP A 98 -3.42 -10.38 -5.21
CA ASP A 98 -3.41 -10.31 -6.67
C ASP A 98 -4.58 -9.50 -7.21
N ASN A 99 -5.73 -9.60 -6.57
CA ASN A 99 -6.91 -8.87 -7.04
C ASN A 99 -6.63 -7.37 -7.04
N ILE A 100 -6.16 -6.86 -5.92
CA ILE A 100 -5.83 -5.44 -5.82
C ILE A 100 -4.51 -5.13 -6.52
N LYS A 101 -3.51 -5.99 -6.34
CA LYS A 101 -2.21 -5.77 -6.97
C LYS A 101 -2.39 -5.59 -8.46
N MET A 102 -3.28 -6.39 -9.03
CA MET A 102 -3.58 -6.31 -10.45
C MET A 102 -4.31 -5.00 -10.74
N THR A 103 -5.00 -4.48 -9.73
CA THR A 103 -5.74 -3.24 -9.85
C THR A 103 -4.79 -2.05 -9.72
N LEU A 104 -4.03 -2.05 -8.62
CA LEU A 104 -3.09 -0.97 -8.37
C LEU A 104 -2.06 -0.89 -9.49
N GLN A 105 -1.71 -2.04 -10.02
CA GLN A 105 -0.75 -2.12 -11.10
C GLN A 105 -1.20 -1.26 -12.28
N GLN A 106 -2.50 -1.27 -12.54
CA GLN A 106 -3.07 -0.51 -13.63
C GLN A 106 -3.17 0.97 -13.28
N ILE A 107 -3.74 1.25 -12.11
CA ILE A 107 -3.89 2.63 -11.65
C ILE A 107 -2.54 3.30 -11.55
N ILE A 108 -1.58 2.63 -10.91
CA ILE A 108 -0.23 3.16 -10.79
C ILE A 108 0.29 3.51 -12.18
N SER A 109 -0.07 2.66 -13.13
CA SER A 109 0.33 2.87 -14.51
C SER A 109 -0.41 4.08 -15.07
N ARG A 110 -1.66 4.25 -14.64
CA ARG A 110 -2.48 5.37 -15.08
C ARG A 110 -1.86 6.69 -14.60
N TYR A 111 -1.43 6.70 -13.35
CA TYR A 111 -0.83 7.89 -12.76
C TYR A 111 0.55 8.15 -13.37
N LYS A 112 1.21 7.09 -13.82
CA LYS A 112 2.52 7.21 -14.43
C LYS A 112 2.42 7.59 -15.90
N ASP A 113 1.33 7.18 -16.54
CA ASP A 113 1.11 7.47 -17.95
C ASP A 113 0.56 8.89 -18.13
N ALA A 114 -0.41 9.26 -17.28
CA ALA A 114 -1.00 10.58 -17.35
C ALA A 114 0.03 11.67 -17.11
N ASP A 115 0.77 11.55 -16.02
CA ASP A 115 1.80 12.52 -15.68
C ASP A 115 2.89 12.57 -16.76
N GLY B 1 -22.22 -11.20 29.61
CA GLY B 1 -20.79 -10.82 29.84
C GLY B 1 -19.83 -11.74 29.11
N PHE B 2 -20.22 -12.19 27.92
CA PHE B 2 -19.38 -13.08 27.13
C PHE B 2 -18.74 -12.33 25.97
N THR B 3 -18.01 -13.07 25.14
CA THR B 3 -17.34 -12.46 23.98
C THR B 3 -16.34 -11.40 24.42
N PRO B 4 -15.15 -11.82 24.89
CA PRO B 4 -14.11 -10.90 25.34
C PRO B 4 -13.79 -9.82 24.30
N HIS B 5 -12.80 -8.99 24.60
CA HIS B 5 -12.40 -7.93 23.69
C HIS B 5 -10.95 -7.51 23.95
N ASP B 6 -10.14 -8.46 24.38
CA ASP B 6 -8.73 -8.19 24.67
C ASP B 6 -7.98 -7.81 23.39
N SER B 7 -7.64 -6.54 23.27
CA SER B 7 -6.91 -6.04 22.11
C SER B 7 -5.45 -6.45 22.15
N ALA B 8 -4.78 -6.38 21.01
CA ALA B 8 -3.37 -6.75 20.92
C ALA B 8 -2.49 -5.72 21.62
N PRO B 9 -1.34 -6.16 22.18
CA PRO B 9 -0.41 -5.28 22.87
C PRO B 9 0.32 -4.34 21.92
N TYR B 10 0.84 -3.25 22.46
CA TYR B 10 1.56 -2.26 21.66
C TYR B 10 3.02 -2.68 21.48
N GLY B 11 3.43 -2.85 20.22
CA GLY B 11 4.79 -3.24 19.93
C GLY B 11 5.28 -2.72 18.60
N ALA B 12 4.72 -1.59 18.17
CA ALA B 12 5.10 -0.98 16.90
C ALA B 12 6.50 -0.35 16.99
N LEU B 13 7.39 -0.77 16.11
CA LEU B 13 8.74 -0.25 16.08
C LEU B 13 9.16 0.10 14.65
N ASP B 14 9.67 1.31 14.48
CA ASP B 14 10.12 1.77 13.16
C ASP B 14 11.23 0.88 12.62
N MET B 15 11.98 0.25 13.53
CA MET B 15 13.07 -0.63 13.15
C MET B 15 12.58 -1.82 12.33
N ALA B 16 11.27 -2.09 12.40
CA ALA B 16 10.68 -3.19 11.66
C ALA B 16 10.56 -2.84 10.20
N ASP B 17 10.35 -1.56 9.92
CA ASP B 17 10.22 -1.09 8.56
C ASP B 17 11.53 -1.29 7.80
N PHE B 18 12.63 -1.25 8.54
CA PHE B 18 13.95 -1.44 7.94
C PHE B 18 14.10 -2.87 7.43
N GLU B 19 13.90 -3.84 8.31
CA GLU B 19 14.00 -5.24 7.93
C GLU B 19 12.86 -5.61 7.01
N PHE B 20 11.71 -4.97 7.21
CA PHE B 20 10.54 -5.22 6.39
C PHE B 20 10.70 -4.55 5.03
N GLU B 21 11.47 -3.48 4.97
CA GLU B 21 11.69 -2.79 3.71
C GLU B 21 12.64 -3.57 2.81
N GLN B 22 13.53 -4.36 3.41
CA GLN B 22 14.47 -5.16 2.63
C GLN B 22 13.70 -6.19 1.83
N MET B 23 12.65 -6.73 2.44
CA MET B 23 11.80 -7.67 1.74
C MET B 23 10.77 -6.86 0.96
N PHE B 24 10.96 -5.55 0.99
CA PHE B 24 10.08 -4.61 0.33
C PHE B 24 10.82 -3.66 -0.59
N THR B 25 11.94 -4.11 -1.15
CA THR B 25 12.72 -3.28 -2.05
C THR B 25 12.79 -3.93 -3.43
N ASP B 26 12.00 -3.39 -4.36
CA ASP B 26 11.93 -3.90 -5.72
C ASP B 26 11.84 -5.42 -5.75
N ALA B 27 10.62 -5.94 -5.67
CA ALA B 27 10.38 -7.38 -5.69
C ALA B 27 9.47 -7.77 -6.85
N LEU B 28 8.17 -7.56 -6.66
CA LEU B 28 7.20 -7.90 -7.69
C LEU B 28 7.31 -9.37 -8.11
N GLY B 29 6.62 -9.74 -9.18
CA GLY B 29 6.66 -11.10 -9.66
C GLY B 29 6.79 -11.19 -11.17
N ILE B 30 6.57 -12.39 -11.71
CA ILE B 30 6.65 -12.60 -13.16
C ILE B 30 5.34 -13.13 -13.71
N ASP B 31 4.83 -12.46 -14.74
CA ASP B 31 3.58 -12.86 -15.37
C ASP B 31 3.27 -11.98 -16.58
N GLU B 32 2.92 -12.62 -17.69
CA GLU B 32 2.60 -11.89 -18.92
C GLU B 32 1.46 -12.57 -19.67
N TYR B 33 1.68 -13.82 -20.08
CA TYR B 33 0.68 -14.59 -20.80
C TYR B 33 0.56 -16.00 -20.25
N GLY B 34 -0.61 -16.32 -19.71
CA GLY B 34 -0.82 -17.64 -19.15
C GLY B 34 -1.05 -18.70 -20.22
N GLY B 35 -0.19 -19.71 -20.25
CA GLY B 35 -0.31 -20.76 -21.23
C GLY B 35 -0.05 -22.14 -20.64
N PRO A 1 -15.63 -8.28 -8.45
CA PRO A 1 -14.76 -7.84 -7.33
C PRO A 1 -13.31 -7.70 -7.76
N SER A 2 -13.08 -6.93 -8.83
CA SER A 2 -11.73 -6.73 -9.34
C SER A 2 -11.12 -5.44 -8.80
N HIS A 3 -11.89 -4.69 -8.02
CA HIS A 3 -11.42 -3.44 -7.44
C HIS A 3 -11.74 -3.35 -5.95
N SER A 4 -11.98 -4.50 -5.36
CA SER A 4 -12.29 -4.58 -3.94
C SER A 4 -11.75 -5.87 -3.35
N GLY A 5 -11.33 -5.81 -2.09
CA GLY A 5 -10.79 -6.97 -1.45
C GLY A 5 -10.58 -6.78 0.03
N ALA A 6 -10.20 -7.85 0.72
CA ALA A 6 -9.97 -7.79 2.15
C ALA A 6 -8.48 -7.92 2.47
N ALA A 7 -7.95 -6.94 3.20
CA ALA A 7 -6.55 -6.94 3.58
C ALA A 7 -6.38 -6.28 4.95
N ILE A 8 -5.34 -6.70 5.66
CA ILE A 8 -5.07 -6.15 6.99
C ILE A 8 -4.23 -4.89 6.88
N PHE A 9 -4.74 -3.80 7.45
CA PHE A 9 -4.05 -2.53 7.43
C PHE A 9 -3.74 -2.06 8.85
N GLU A 10 -2.55 -1.49 9.03
CA GLU A 10 -2.13 -1.00 10.33
C GLU A 10 -2.15 -2.14 11.36
N LYS A 11 -2.02 -3.37 10.88
CA LYS A 11 -2.04 -4.54 11.74
C LYS A 11 -3.38 -4.69 12.44
N VAL A 12 -4.44 -4.50 11.66
CA VAL A 12 -5.79 -4.62 12.16
C VAL A 12 -6.71 -5.14 11.06
N SER A 13 -7.13 -6.40 11.21
CA SER A 13 -8.00 -7.05 10.22
C SER A 13 -9.07 -6.10 9.69
N GLY A 14 -9.09 -5.92 8.37
CA GLY A 14 -10.06 -5.05 7.75
C GLY A 14 -10.31 -5.39 6.29
N ILE A 15 -10.87 -4.45 5.56
CA ILE A 15 -11.19 -4.64 4.14
C ILE A 15 -10.77 -3.43 3.31
N ILE A 16 -10.43 -3.69 2.04
CA ILE A 16 -10.01 -2.63 1.14
C ILE A 16 -11.03 -2.39 0.03
N ALA A 17 -11.12 -1.14 -0.42
CA ALA A 17 -12.03 -0.77 -1.49
C ALA A 17 -11.39 0.29 -2.38
N ILE A 18 -11.36 0.04 -3.68
CA ILE A 18 -10.76 0.97 -4.62
C ILE A 18 -11.81 1.90 -5.22
N ASN A 19 -11.49 3.19 -5.26
CA ASN A 19 -12.39 4.18 -5.81
C ASN A 19 -11.89 4.68 -7.16
N GLU A 20 -12.03 3.86 -8.19
CA GLU A 20 -11.59 4.21 -9.53
C GLU A 20 -12.69 4.93 -10.31
N ASP A 21 -13.69 5.44 -9.61
CA ASP A 21 -14.78 6.16 -10.25
C ASP A 21 -14.33 7.57 -10.63
N VAL A 22 -13.37 8.09 -9.86
CA VAL A 22 -12.83 9.42 -10.12
C VAL A 22 -11.56 9.32 -10.95
N SER A 23 -11.33 10.33 -11.81
CA SER A 23 -10.16 10.35 -12.68
C SER A 23 -8.90 9.91 -11.94
N PRO A 24 -8.47 10.69 -10.92
CA PRO A 24 -7.26 10.37 -10.15
C PRO A 24 -7.32 8.98 -9.50
N ALA A 25 -8.53 8.55 -9.15
CA ALA A 25 -8.70 7.24 -8.52
C ALA A 25 -7.96 7.16 -7.20
N GLU A 26 -8.49 6.38 -6.27
CA GLU A 26 -7.87 6.22 -4.95
C GLU A 26 -8.21 4.87 -4.34
N LEU A 27 -7.48 4.51 -3.29
CA LEU A 27 -7.70 3.26 -2.58
C LEU A 27 -8.18 3.55 -1.16
N THR A 28 -9.37 3.04 -0.82
CA THR A 28 -9.94 3.27 0.50
C THR A 28 -10.07 1.97 1.29
N TRP A 29 -9.49 1.94 2.48
CA TRP A 29 -9.55 0.75 3.33
C TRP A 29 -10.08 1.10 4.72
N ARG A 30 -10.88 0.20 5.28
CA ARG A 30 -11.43 0.39 6.62
C ARG A 30 -11.43 -0.93 7.38
N SER A 31 -11.40 -0.84 8.70
CA SER A 31 -11.42 -2.04 9.54
C SER A 31 -12.61 -2.92 9.17
N THR A 32 -12.61 -4.14 9.66
CA THR A 32 -13.70 -5.07 9.37
C THR A 32 -15.01 -4.55 9.95
N ASP A 33 -14.89 -3.79 11.02
CA ASP A 33 -16.04 -3.20 11.68
C ASP A 33 -15.59 -2.43 12.90
N GLY A 34 -14.55 -1.62 12.74
CA GLY A 34 -14.03 -0.84 13.85
C GLY A 34 -14.19 0.66 13.65
N ASP A 35 -15.19 1.05 12.88
CA ASP A 35 -15.44 2.46 12.60
C ASP A 35 -14.15 3.19 12.28
N LYS A 36 -13.23 2.47 11.66
CA LYS A 36 -11.94 3.02 11.28
C LYS A 36 -11.75 2.91 9.77
N VAL A 37 -11.23 3.97 9.17
CA VAL A 37 -11.00 3.98 7.73
C VAL A 37 -9.75 4.77 7.38
N HIS A 38 -9.16 4.43 6.25
CA HIS A 38 -7.96 5.10 5.76
C HIS A 38 -7.88 5.00 4.25
N THR A 39 -7.96 6.14 3.58
CA THR A 39 -7.90 6.17 2.13
C THR A 39 -6.63 6.86 1.65
N VAL A 40 -6.03 6.30 0.60
CA VAL A 40 -4.80 6.86 0.04
C VAL A 40 -4.99 7.22 -1.44
N VAL A 41 -4.40 8.33 -1.84
CA VAL A 41 -4.50 8.79 -3.22
C VAL A 41 -3.13 8.76 -3.90
N LEU A 42 -3.11 8.32 -5.15
CA LEU A 42 -1.86 8.23 -5.90
C LEU A 42 -1.08 9.54 -5.85
N SER A 43 -1.80 10.65 -5.77
CA SER A 43 -1.18 11.97 -5.70
C SER A 43 -0.03 11.97 -4.69
N THR A 44 -0.14 11.12 -3.67
CA THR A 44 0.89 11.02 -2.65
C THR A 44 1.71 9.75 -2.84
N ILE A 45 1.11 8.77 -3.51
CA ILE A 45 1.75 7.50 -3.78
C ILE A 45 1.79 7.24 -5.29
N ASP A 46 3.00 7.29 -5.87
CA ASP A 46 3.15 7.08 -7.31
C ASP A 46 3.89 5.80 -7.64
N LYS A 47 3.85 4.84 -6.71
CA LYS A 47 4.50 3.55 -6.91
C LYS A 47 3.90 2.50 -5.99
N LEU A 48 3.84 1.26 -6.47
CA LEU A 48 3.30 0.15 -5.71
C LEU A 48 4.30 -1.01 -5.67
N GLN A 49 4.16 -1.87 -4.66
CA GLN A 49 5.05 -3.02 -4.52
C GLN A 49 4.26 -4.24 -4.06
N ALA A 50 4.30 -5.30 -4.87
CA ALA A 50 3.58 -6.53 -4.55
C ALA A 50 4.52 -7.73 -4.56
N THR A 51 4.07 -8.84 -3.97
CA THR A 51 4.87 -10.06 -3.91
C THR A 51 4.74 -10.85 -5.21
N PRO A 52 5.68 -11.79 -5.45
CA PRO A 52 5.66 -12.61 -6.66
C PRO A 52 4.59 -13.69 -6.61
N ALA A 53 4.26 -14.25 -7.77
CA ALA A 53 3.24 -15.28 -7.86
C ALA A 53 3.66 -16.54 -7.11
N SER A 54 4.95 -16.77 -7.04
CA SER A 54 5.48 -17.94 -6.33
C SER A 54 5.29 -17.82 -4.83
N SER A 55 5.17 -16.59 -4.35
CA SER A 55 4.98 -16.33 -2.93
C SER A 55 3.64 -16.87 -2.45
N GLU A 56 3.68 -17.82 -1.52
CA GLU A 56 2.46 -18.42 -0.98
C GLU A 56 1.59 -17.35 -0.32
N LYS A 57 2.23 -16.41 0.37
CA LYS A 57 1.52 -15.34 1.05
C LYS A 57 0.77 -14.48 0.05
N MET A 58 0.34 -13.29 0.48
CA MET A 58 -0.39 -12.37 -0.39
C MET A 58 -0.51 -11.00 0.26
N MET A 59 0.35 -10.07 -0.15
CA MET A 59 0.32 -8.72 0.39
C MET A 59 1.11 -7.76 -0.49
N LEU A 60 0.77 -6.47 -0.42
CA LEU A 60 1.44 -5.44 -1.21
C LEU A 60 1.52 -4.12 -0.46
N ARG A 61 2.46 -3.27 -0.88
CA ARG A 61 2.65 -1.96 -0.26
C ARG A 61 2.78 -0.87 -1.32
N LEU A 62 2.23 0.30 -1.04
CA LEU A 62 2.30 1.42 -1.97
C LEU A 62 3.26 2.48 -1.47
N ILE A 63 4.09 2.95 -2.38
CA ILE A 63 5.10 3.95 -2.09
C ILE A 63 4.56 5.36 -2.24
N GLY A 64 4.87 6.23 -1.27
CA GLY A 64 4.42 7.61 -1.34
C GLY A 64 5.29 8.47 -2.23
N LYS A 65 5.76 7.89 -3.33
CA LYS A 65 6.63 8.56 -4.30
C LYS A 65 7.66 9.47 -3.63
N VAL A 66 8.50 10.11 -4.45
CA VAL A 66 9.53 10.97 -3.94
C VAL A 66 9.84 12.11 -4.92
N ASP A 67 10.50 13.14 -4.41
CA ASP A 67 10.86 14.28 -5.23
C ASP A 67 12.37 14.46 -5.28
N GLU A 68 13.08 13.34 -5.32
CA GLU A 68 14.54 13.36 -5.41
C GLU A 68 14.96 14.07 -6.69
N SER A 69 14.12 13.96 -7.72
CA SER A 69 14.40 14.61 -8.99
C SER A 69 13.28 15.56 -9.37
N LYS A 70 12.49 15.94 -8.38
CA LYS A 70 11.38 16.86 -8.58
C LYS A 70 11.46 18.01 -7.58
N LYS A 71 11.75 17.67 -6.33
CA LYS A 71 11.88 18.64 -5.25
C LYS A 71 10.65 19.53 -5.14
N ARG A 72 10.56 20.25 -4.03
CA ARG A 72 9.45 21.15 -3.76
C ARG A 72 9.96 22.43 -3.12
N LYS A 73 9.08 23.43 -2.99
CA LYS A 73 9.46 24.70 -2.40
C LYS A 73 8.30 25.31 -1.63
N ASP A 74 8.63 26.24 -0.74
CA ASP A 74 7.63 26.92 0.07
C ASP A 74 8.08 28.33 0.43
N ASN A 75 9.04 28.42 1.35
CA ASN A 75 9.57 29.72 1.79
C ASN A 75 10.79 29.53 2.67
N GLU A 76 11.57 28.49 2.40
CA GLU A 76 12.78 28.21 3.17
C GLU A 76 14.02 28.71 2.45
N GLY A 77 13.94 28.82 1.14
CA GLY A 77 15.06 29.28 0.35
C GLY A 77 15.52 28.26 -0.67
N ASN A 78 15.52 26.99 -0.26
CA ASN A 78 15.94 25.91 -1.15
C ASN A 78 14.74 25.05 -1.54
N GLU A 79 15.00 23.99 -2.31
CA GLU A 79 13.94 23.10 -2.76
C GLU A 79 14.38 21.64 -2.67
N VAL A 80 14.03 21.00 -1.56
CA VAL A 80 14.39 19.61 -1.34
C VAL A 80 13.18 18.79 -0.91
N VAL A 81 13.24 17.48 -1.16
CA VAL A 81 12.16 16.59 -0.80
C VAL A 81 12.38 15.97 0.58
N PRO A 82 11.33 15.95 1.43
CA PRO A 82 11.42 15.37 2.78
C PRO A 82 11.60 13.86 2.71
N LYS A 83 11.12 13.14 3.72
CA LYS A 83 11.24 11.69 3.77
C LYS A 83 9.96 11.03 3.25
N PRO A 84 10.06 10.21 2.18
CA PRO A 84 8.89 9.53 1.60
C PRO A 84 8.13 8.70 2.62
N GLN A 85 6.86 8.44 2.33
CA GLN A 85 6.01 7.66 3.20
C GLN A 85 5.20 6.63 2.41
N ARG A 86 5.49 5.36 2.65
CA ARG A 86 4.78 4.28 1.96
C ARG A 86 3.87 3.53 2.93
N HIS A 87 2.91 2.80 2.38
CA HIS A 87 1.96 2.04 3.20
C HIS A 87 2.02 0.56 2.88
N MET A 88 1.97 -0.27 3.92
CA MET A 88 2.03 -1.72 3.74
C MET A 88 0.84 -2.40 4.42
N PHE A 89 0.23 -3.34 3.71
CA PHE A 89 -0.91 -4.08 4.24
C PHE A 89 -0.97 -5.48 3.63
N SER A 90 -1.31 -6.47 4.45
CA SER A 90 -1.36 -7.85 3.99
C SER A 90 -2.75 -8.24 3.50
N PHE A 91 -2.79 -9.08 2.46
CA PHE A 91 -4.06 -9.54 1.91
C PHE A 91 -4.36 -10.96 2.40
N ASN A 92 -5.57 -11.43 2.12
CA ASN A 92 -5.98 -12.76 2.54
C ASN A 92 -6.45 -13.61 1.36
N ASN A 93 -5.84 -13.36 0.20
CA ASN A 93 -6.18 -14.09 -1.02
C ASN A 93 -5.41 -13.57 -2.22
N ARG A 94 -5.07 -14.45 -3.15
CA ARG A 94 -4.32 -14.08 -4.34
C ARG A 94 -5.15 -13.16 -5.24
N THR A 95 -6.39 -13.56 -5.50
CA THR A 95 -7.28 -12.78 -6.35
C THR A 95 -7.51 -11.39 -5.77
N VAL A 96 -7.58 -11.30 -4.45
CA VAL A 96 -7.78 -10.02 -3.78
C VAL A 96 -6.65 -9.06 -4.10
N MET A 97 -5.42 -9.53 -3.96
CA MET A 97 -4.25 -8.71 -4.23
C MET A 97 -4.12 -8.46 -5.73
N ASP A 98 -4.35 -9.50 -6.53
CA ASP A 98 -4.26 -9.38 -7.98
C ASP A 98 -5.35 -8.47 -8.53
N ASN A 99 -6.56 -8.60 -7.99
CA ASN A 99 -7.68 -7.79 -8.46
C ASN A 99 -7.36 -6.31 -8.30
N ILE A 100 -6.90 -5.92 -7.11
CA ILE A 100 -6.54 -4.53 -6.87
C ILE A 100 -5.20 -4.19 -7.49
N LYS A 101 -4.25 -5.13 -7.43
CA LYS A 101 -2.93 -4.92 -7.99
C LYS A 101 -3.03 -4.49 -9.44
N MET A 102 -3.78 -5.25 -10.20
CA MET A 102 -4.00 -4.94 -11.61
C MET A 102 -4.67 -3.58 -11.74
N THR A 103 -5.52 -3.27 -10.75
CA THR A 103 -6.22 -2.00 -10.72
C THR A 103 -5.24 -0.86 -10.47
N LEU A 104 -4.46 -1.01 -9.41
CA LEU A 104 -3.46 -0.01 -9.04
C LEU A 104 -2.39 0.07 -10.10
N GLN A 105 -2.07 -1.07 -10.69
CA GLN A 105 -1.07 -1.14 -11.74
C GLN A 105 -1.43 -0.19 -12.88
N GLN A 106 -2.73 -0.04 -13.12
CA GLN A 106 -3.20 0.83 -14.18
C GLN A 106 -3.13 2.29 -13.75
N ILE A 107 -3.64 2.56 -12.55
CA ILE A 107 -3.63 3.89 -12.01
C ILE A 107 -2.21 4.37 -11.81
N ILE A 108 -1.39 3.52 -11.17
CA ILE A 108 0.01 3.83 -10.96
C ILE A 108 0.65 4.17 -12.29
N SER A 109 0.23 3.42 -13.30
CA SER A 109 0.71 3.63 -14.65
C SER A 109 0.22 4.98 -15.16
N ARG A 110 -1.00 5.34 -14.77
CA ARG A 110 -1.59 6.61 -15.17
C ARG A 110 -0.82 7.78 -14.57
N TYR A 111 -0.54 7.69 -13.27
CA TYR A 111 0.19 8.74 -12.57
C TYR A 111 1.65 8.77 -13.02
N LYS A 112 2.15 7.63 -13.47
CA LYS A 112 3.54 7.53 -13.93
C LYS A 112 3.65 7.99 -15.38
N ASP A 113 2.58 7.81 -16.14
CA ASP A 113 2.56 8.20 -17.55
C ASP A 113 2.40 9.72 -17.68
N ALA A 114 1.53 10.29 -16.85
CA ALA A 114 1.29 11.72 -16.88
C ALA A 114 2.56 12.51 -16.58
N ASP A 115 3.22 12.15 -15.48
CA ASP A 115 4.45 12.82 -15.09
C ASP A 115 5.53 12.66 -16.16
N GLY B 1 2.38 1.42 37.65
CA GLY B 1 1.47 2.56 37.36
C GLY B 1 0.35 2.18 36.40
N PHE B 2 0.72 1.57 35.28
CA PHE B 2 -0.26 1.16 34.28
C PHE B 2 -0.56 -0.33 34.39
N THR B 3 -1.74 -0.66 34.89
CA THR B 3 -2.15 -2.05 35.05
C THR B 3 -2.53 -2.67 33.71
N PRO B 4 -3.45 -2.01 32.97
CA PRO B 4 -3.90 -2.50 31.66
C PRO B 4 -2.74 -2.83 30.73
N HIS B 5 -2.41 -4.11 30.63
CA HIS B 5 -1.32 -4.55 29.77
C HIS B 5 -1.74 -5.74 28.92
N ASP B 6 -2.04 -6.86 29.57
CA ASP B 6 -2.47 -8.07 28.87
C ASP B 6 -3.97 -8.04 28.61
N SER B 7 -4.36 -7.52 27.47
CA SER B 7 -5.78 -7.44 27.10
C SER B 7 -5.97 -7.70 25.60
N ALA B 8 -5.49 -6.78 24.78
CA ALA B 8 -5.61 -6.91 23.34
C ALA B 8 -4.30 -6.54 22.64
N PRO B 9 -3.24 -7.33 22.87
CA PRO B 9 -1.93 -7.09 22.27
C PRO B 9 -1.91 -7.38 20.77
N TYR B 10 -2.72 -6.63 20.02
CA TYR B 10 -2.80 -6.81 18.58
C TYR B 10 -1.98 -5.74 17.85
N GLY B 11 -0.91 -6.18 17.19
CA GLY B 11 -0.07 -5.24 16.47
C GLY B 11 1.19 -4.89 17.22
N ALA B 12 1.65 -5.81 18.05
CA ALA B 12 2.86 -5.59 18.85
C ALA B 12 4.06 -6.28 18.22
N LEU B 13 4.60 -5.67 17.16
CA LEU B 13 5.75 -6.23 16.47
C LEU B 13 6.82 -5.16 16.24
N ASP B 14 7.91 -5.55 15.58
CA ASP B 14 8.99 -4.62 15.30
C ASP B 14 9.75 -5.03 14.04
N MET B 15 10.12 -6.31 13.98
CA MET B 15 10.85 -6.83 12.82
C MET B 15 9.90 -7.35 11.74
N ALA B 16 8.62 -7.00 11.86
CA ALA B 16 7.62 -7.44 10.90
C ALA B 16 7.38 -6.38 9.84
N ASP B 17 7.75 -5.14 10.14
CA ASP B 17 7.56 -4.06 9.19
C ASP B 17 8.75 -3.93 8.26
N PHE B 18 9.92 -4.24 8.79
CA PHE B 18 11.14 -4.19 8.01
C PHE B 18 11.31 -5.49 7.25
N GLU B 19 10.85 -6.58 7.86
CA GLU B 19 10.94 -7.89 7.24
C GLU B 19 9.98 -8.00 6.05
N PHE B 20 8.84 -7.31 6.12
CA PHE B 20 7.90 -7.35 5.02
C PHE B 20 8.48 -6.65 3.80
N GLU B 21 9.29 -5.63 4.04
CA GLU B 21 9.91 -4.87 2.96
C GLU B 21 10.77 -5.76 2.09
N GLN B 22 11.36 -6.79 2.69
CA GLN B 22 12.19 -7.71 1.92
C GLN B 22 11.36 -8.34 0.81
N MET B 23 10.19 -8.84 1.19
CA MET B 23 9.27 -9.41 0.21
C MET B 23 8.50 -8.28 -0.46
N PHE B 24 8.72 -7.05 0.04
CA PHE B 24 8.07 -5.87 -0.48
C PHE B 24 9.04 -4.93 -1.16
N THR B 25 10.20 -5.45 -1.58
CA THR B 25 11.19 -4.62 -2.25
C THR B 25 11.46 -5.18 -3.65
N ASP B 26 10.90 -4.50 -4.64
CA ASP B 26 11.04 -4.90 -6.04
C ASP B 26 10.81 -6.40 -6.22
N ALA B 27 9.55 -6.79 -6.31
CA ALA B 27 9.19 -8.19 -6.48
C ALA B 27 8.30 -8.39 -7.71
N LEU B 28 8.48 -7.53 -8.70
CA LEU B 28 7.70 -7.61 -9.93
C LEU B 28 8.59 -7.46 -11.17
N GLY B 29 8.27 -8.21 -12.22
CA GLY B 29 9.05 -8.15 -13.43
C GLY B 29 9.06 -9.46 -14.19
N ILE B 30 9.76 -9.49 -15.32
CA ILE B 30 9.85 -10.69 -16.14
C ILE B 30 8.51 -11.02 -16.79
N ASP B 31 7.53 -11.40 -15.97
CA ASP B 31 6.20 -11.73 -16.47
C ASP B 31 6.27 -12.89 -17.45
N GLU B 32 6.37 -14.11 -16.93
CA GLU B 32 6.44 -15.30 -17.76
C GLU B 32 5.10 -15.57 -18.43
N TYR B 33 4.15 -16.09 -17.64
CA TYR B 33 2.82 -16.40 -18.17
C TYR B 33 1.90 -16.90 -17.04
N GLY B 34 2.25 -18.05 -16.48
CA GLY B 34 1.44 -18.62 -15.42
C GLY B 34 2.13 -19.81 -14.76
N GLY B 35 2.27 -20.90 -15.51
CA GLY B 35 2.89 -22.09 -14.98
C GLY B 35 2.79 -23.28 -15.92
N PRO A 1 -15.21 -7.47 -10.90
CA PRO A 1 -14.14 -8.24 -10.23
C PRO A 1 -12.75 -7.81 -10.70
N SER A 2 -12.67 -7.37 -11.95
CA SER A 2 -11.41 -6.93 -12.54
C SER A 2 -10.93 -5.64 -11.88
N HIS A 3 -11.87 -4.83 -11.43
CA HIS A 3 -11.54 -3.56 -10.78
C HIS A 3 -12.22 -3.44 -9.41
N SER A 4 -12.61 -4.58 -8.88
CA SER A 4 -13.28 -4.61 -7.58
C SER A 4 -12.89 -5.88 -6.83
N GLY A 5 -12.82 -5.78 -5.51
CA GLY A 5 -12.45 -6.93 -4.71
C GLY A 5 -12.62 -6.67 -3.23
N ALA A 6 -12.44 -7.70 -2.42
CA ALA A 6 -12.56 -7.58 -0.98
C ALA A 6 -11.22 -7.66 -0.29
N ALA A 7 -10.90 -6.64 0.50
CA ALA A 7 -9.64 -6.59 1.23
C ALA A 7 -9.85 -5.94 2.59
N ILE A 8 -9.04 -6.33 3.57
CA ILE A 8 -9.15 -5.78 4.90
C ILE A 8 -8.34 -4.49 5.02
N PHE A 9 -9.01 -3.41 5.40
CA PHE A 9 -8.35 -2.12 5.55
C PHE A 9 -8.40 -1.65 6.99
N GLU A 10 -7.30 -1.07 7.46
CA GLU A 10 -7.21 -0.58 8.83
C GLU A 10 -7.51 -1.70 9.82
N LYS A 11 -7.26 -2.94 9.39
CA LYS A 11 -7.49 -4.10 10.23
C LYS A 11 -8.97 -4.23 10.56
N VAL A 12 -9.79 -4.04 9.52
CA VAL A 12 -11.23 -4.14 9.66
C VAL A 12 -11.85 -4.69 8.38
N SER A 13 -12.25 -5.96 8.42
CA SER A 13 -12.84 -6.65 7.27
C SER A 13 -13.71 -5.71 6.44
N GLY A 14 -13.40 -5.61 5.15
CA GLY A 14 -14.17 -4.75 4.26
C GLY A 14 -14.03 -5.12 2.80
N ILE A 15 -14.40 -4.20 1.93
CA ILE A 15 -14.32 -4.42 0.49
C ILE A 15 -13.72 -3.23 -0.23
N ILE A 16 -13.05 -3.49 -1.36
CA ILE A 16 -12.42 -2.43 -2.15
C ILE A 16 -13.11 -2.22 -3.50
N ALA A 17 -13.09 -0.99 -3.96
CA ALA A 17 -13.68 -0.63 -5.25
C ALA A 17 -12.80 0.38 -5.97
N ILE A 18 -12.48 0.11 -7.23
CA ILE A 18 -11.63 1.00 -8.01
C ILE A 18 -12.48 1.98 -8.83
N ASN A 19 -12.14 3.26 -8.75
CA ASN A 19 -12.85 4.29 -9.48
C ASN A 19 -12.07 4.76 -10.70
N GLU A 20 -11.89 3.87 -11.67
CA GLU A 20 -11.16 4.21 -12.88
C GLU A 20 -12.08 4.87 -13.90
N ASP A 21 -13.34 5.09 -13.54
CA ASP A 21 -14.29 5.72 -14.43
C ASP A 21 -14.10 7.23 -14.43
N VAL A 22 -13.76 7.77 -13.27
CA VAL A 22 -13.53 9.20 -13.13
C VAL A 22 -12.40 9.65 -14.06
N SER A 23 -12.23 10.97 -14.21
CA SER A 23 -11.18 11.49 -15.08
C SER A 23 -9.86 10.76 -14.84
N PRO A 24 -9.22 10.95 -13.67
CA PRO A 24 -7.97 10.28 -13.33
C PRO A 24 -8.19 8.81 -12.97
N ALA A 25 -8.11 8.47 -11.68
CA ALA A 25 -8.31 7.11 -11.21
C ALA A 25 -7.94 6.99 -9.74
N GLU A 26 -8.76 6.28 -8.97
CA GLU A 26 -8.50 6.09 -7.56
C GLU A 26 -9.11 4.80 -7.04
N LEU A 27 -8.69 4.40 -5.84
CA LEU A 27 -9.20 3.18 -5.22
C LEU A 27 -9.98 3.53 -3.96
N THR A 28 -11.25 3.14 -3.93
CA THR A 28 -12.11 3.42 -2.79
C THR A 28 -12.49 2.13 -2.06
N TRP A 29 -12.28 2.12 -0.75
CA TRP A 29 -12.59 0.95 0.07
C TRP A 29 -13.51 1.32 1.23
N ARG A 30 -14.44 0.42 1.54
CA ARG A 30 -15.36 0.61 2.66
C ARG A 30 -15.51 -0.67 3.45
N SER A 31 -15.81 -0.52 4.74
CA SER A 31 -16.01 -1.70 5.59
C SER A 31 -17.05 -2.62 4.98
N THR A 32 -17.16 -3.84 5.52
CA THR A 32 -18.13 -4.81 5.00
C THR A 32 -19.54 -4.33 5.27
N ASP A 33 -19.70 -3.61 6.37
CA ASP A 33 -21.00 -3.08 6.75
C ASP A 33 -20.88 -2.31 8.05
N GLY A 34 -19.86 -1.46 8.14
CA GLY A 34 -19.65 -0.68 9.34
C GLY A 34 -19.71 0.82 9.08
N ASP A 35 -20.41 1.20 8.02
CA ASP A 35 -20.54 2.60 7.64
C ASP A 35 -19.19 3.30 7.63
N LYS A 36 -18.14 2.51 7.39
CA LYS A 36 -16.80 3.04 7.33
C LYS A 36 -16.39 3.25 5.88
N VAL A 37 -15.35 4.04 5.66
CA VAL A 37 -14.88 4.30 4.30
C VAL A 37 -13.42 4.71 4.28
N HIS A 38 -12.77 4.43 3.16
CA HIS A 38 -11.37 4.77 2.97
C HIS A 38 -11.05 4.82 1.48
N THR A 39 -10.70 6.01 0.99
CA THR A 39 -10.39 6.17 -0.41
C THR A 39 -9.07 6.90 -0.60
N VAL A 40 -8.29 6.44 -1.58
CA VAL A 40 -6.99 7.05 -1.87
C VAL A 40 -6.84 7.32 -3.37
N VAL A 41 -6.23 8.44 -3.71
CA VAL A 41 -6.01 8.80 -5.10
C VAL A 41 -4.52 8.77 -5.44
N LEU A 42 -4.20 8.30 -6.64
CA LEU A 42 -2.82 8.21 -7.08
C LEU A 42 -2.08 9.53 -6.88
N SER A 43 -2.82 10.63 -7.01
CA SER A 43 -2.24 11.96 -6.84
C SER A 43 -1.37 12.02 -5.57
N THR A 44 -1.70 11.17 -4.60
CA THR A 44 -0.95 11.11 -3.35
C THR A 44 -0.10 9.84 -3.29
N ILE A 45 -0.52 8.84 -4.05
CA ILE A 45 0.19 7.56 -4.11
C ILE A 45 0.63 7.25 -5.55
N ASP A 46 1.94 7.08 -5.76
CA ASP A 46 2.44 6.80 -7.10
C ASP A 46 3.18 5.46 -7.18
N LYS A 47 2.87 4.58 -6.25
CA LYS A 47 3.49 3.25 -6.23
C LYS A 47 2.63 2.27 -5.43
N LEU A 48 2.63 1.02 -5.87
CA LEU A 48 1.86 -0.02 -5.21
C LEU A 48 2.72 -1.28 -4.99
N GLN A 49 2.86 -1.68 -3.73
CA GLN A 49 3.65 -2.86 -3.39
C GLN A 49 2.74 -4.03 -3.04
N ALA A 50 2.87 -5.12 -3.79
CA ALA A 50 2.06 -6.31 -3.56
C ALA A 50 2.94 -7.52 -3.26
N THR A 51 2.34 -8.58 -2.73
CA THR A 51 3.08 -9.78 -2.40
C THR A 51 3.31 -10.64 -3.64
N PRO A 52 4.21 -11.63 -3.54
CA PRO A 52 4.52 -12.53 -4.67
C PRO A 52 3.37 -13.49 -4.97
N ALA A 53 3.27 -13.90 -6.22
CA ALA A 53 2.23 -14.83 -6.65
C ALA A 53 2.46 -16.21 -6.07
N SER A 54 2.28 -16.35 -4.76
CA SER A 54 2.46 -17.62 -4.08
C SER A 54 2.38 -17.45 -2.57
N SER A 55 2.77 -16.28 -2.09
CA SER A 55 2.74 -15.98 -0.66
C SER A 55 1.34 -16.20 -0.09
N GLU A 56 1.29 -16.78 1.11
CA GLU A 56 0.03 -17.07 1.77
C GLU A 56 -0.60 -15.78 2.32
N LYS A 57 0.23 -14.76 2.54
CA LYS A 57 -0.25 -13.50 3.08
C LYS A 57 -1.35 -12.90 2.19
N MET A 58 -1.05 -12.74 0.90
CA MET A 58 -2.02 -12.19 -0.03
C MET A 58 -2.45 -10.79 0.37
N MET A 59 -1.61 -9.79 0.05
CA MET A 59 -1.90 -8.41 0.40
C MET A 59 -1.05 -7.42 -0.41
N LEU A 60 -1.54 -6.19 -0.51
CA LEU A 60 -0.82 -5.15 -1.25
C LEU A 60 -0.99 -3.78 -0.58
N ARG A 61 0.08 -3.00 -0.54
CA ARG A 61 0.05 -1.67 0.06
C ARG A 61 0.50 -0.63 -0.96
N LEU A 62 -0.13 0.54 -0.93
CA LEU A 62 0.22 1.60 -1.87
C LEU A 62 1.04 2.69 -1.19
N ILE A 63 2.06 3.13 -1.91
CA ILE A 63 2.99 4.13 -1.43
C ILE A 63 2.50 5.54 -1.77
N GLY A 64 2.55 6.45 -0.80
CA GLY A 64 2.13 7.81 -1.03
C GLY A 64 3.22 8.65 -1.69
N LYS A 65 3.94 8.02 -2.62
CA LYS A 65 5.03 8.65 -3.35
C LYS A 65 5.90 9.52 -2.44
N VAL A 66 6.93 10.13 -3.02
CA VAL A 66 7.84 10.95 -2.26
C VAL A 66 8.38 12.12 -3.09
N ASP A 67 8.91 13.11 -2.41
CA ASP A 67 9.45 14.29 -3.06
C ASP A 67 10.92 14.12 -3.39
N GLU A 68 11.26 12.99 -4.01
CA GLU A 68 12.63 12.71 -4.39
C GLU A 68 13.19 13.88 -5.21
N SER A 69 12.30 14.59 -5.90
CA SER A 69 12.69 15.74 -6.69
C SER A 69 11.68 16.88 -6.54
N LYS A 70 10.97 16.88 -5.43
CA LYS A 70 9.98 17.90 -5.14
C LYS A 70 10.14 18.42 -3.71
N LYS A 71 11.22 18.03 -3.06
CA LYS A 71 11.49 18.45 -1.68
C LYS A 71 11.27 19.94 -1.48
N ARG A 72 11.12 20.35 -0.23
CA ARG A 72 10.89 21.75 0.11
C ARG A 72 12.17 22.37 0.67
N LYS A 73 12.16 23.68 0.85
CA LYS A 73 13.32 24.39 1.37
C LYS A 73 12.90 25.63 2.15
N ASP A 74 13.80 26.10 3.02
CA ASP A 74 13.54 27.28 3.82
C ASP A 74 14.80 28.10 4.01
N ASN A 75 15.70 27.61 4.86
CA ASN A 75 16.96 28.30 5.12
C ASN A 75 17.88 27.46 6.02
N GLU A 76 17.81 26.13 5.84
CA GLU A 76 18.62 25.22 6.62
C GLU A 76 19.86 24.77 5.84
N GLY A 77 19.76 24.83 4.52
CA GLY A 77 20.86 24.42 3.67
C GLY A 77 20.50 23.25 2.78
N ASN A 78 19.73 22.31 3.31
CA ASN A 78 19.31 21.14 2.55
C ASN A 78 17.82 21.20 2.24
N GLU A 79 17.40 20.44 1.25
CA GLU A 79 16.00 20.41 0.84
C GLU A 79 15.49 18.98 0.74
N VAL A 80 14.88 18.49 1.81
CA VAL A 80 14.36 17.14 1.84
C VAL A 80 12.92 17.10 2.34
N VAL A 81 12.20 16.05 1.97
CA VAL A 81 10.82 15.89 2.37
C VAL A 81 10.69 14.88 3.52
N PRO A 82 9.80 15.15 4.49
CA PRO A 82 9.59 14.26 5.63
C PRO A 82 9.30 12.83 5.19
N LYS A 83 8.99 11.97 6.16
CA LYS A 83 8.71 10.57 5.88
C LYS A 83 7.38 10.42 5.14
N PRO A 84 7.39 9.85 3.93
CA PRO A 84 6.17 9.65 3.13
C PRO A 84 5.13 8.80 3.86
N GLN A 85 3.88 8.95 3.44
CA GLN A 85 2.78 8.21 4.04
C GLN A 85 2.18 7.23 3.04
N ARG A 86 2.31 5.94 3.35
CA ARG A 86 1.77 4.89 2.49
C ARG A 86 0.60 4.16 3.16
N HIS A 87 -0.22 3.50 2.36
CA HIS A 87 -1.38 2.76 2.88
C HIS A 87 -1.23 1.27 2.60
N MET A 88 -1.67 0.45 3.54
CA MET A 88 -1.58 -1.00 3.39
C MET A 88 -2.88 -1.70 3.78
N PHE A 89 -3.23 -2.76 3.04
CA PHE A 89 -4.43 -3.53 3.33
C PHE A 89 -4.26 -4.97 2.84
N SER A 90 -4.87 -5.91 3.57
CA SER A 90 -4.76 -7.34 3.24
C SER A 90 -5.90 -7.81 2.34
N PHE A 91 -5.59 -8.82 1.52
CA PHE A 91 -6.58 -9.39 0.60
C PHE A 91 -6.91 -10.83 0.99
N ASN A 92 -7.92 -11.39 0.35
CA ASN A 92 -8.33 -12.77 0.62
C ASN A 92 -8.71 -13.48 -0.67
N ASN A 93 -7.98 -13.20 -1.74
CA ASN A 93 -8.23 -13.81 -3.04
C ASN A 93 -7.19 -13.36 -4.06
N ARG A 94 -6.53 -14.33 -4.69
CA ARG A 94 -5.52 -14.03 -5.69
C ARG A 94 -6.06 -13.14 -6.80
N THR A 95 -7.19 -13.55 -7.37
CA THR A 95 -7.82 -12.79 -8.45
C THR A 95 -8.21 -11.39 -7.99
N VAL A 96 -8.64 -11.28 -6.73
CA VAL A 96 -9.03 -9.99 -6.19
C VAL A 96 -7.84 -9.03 -6.19
N MET A 97 -6.73 -9.48 -5.67
CA MET A 97 -5.52 -8.65 -5.61
C MET A 97 -4.95 -8.44 -7.00
N ASP A 98 -4.96 -9.50 -7.81
CA ASP A 98 -4.44 -9.43 -9.17
C ASP A 98 -5.31 -8.53 -10.05
N ASN A 99 -6.63 -8.66 -9.91
CA ASN A 99 -7.55 -7.86 -10.71
C ASN A 99 -7.29 -6.38 -10.49
N ILE A 100 -7.22 -5.95 -9.24
CA ILE A 100 -6.95 -4.56 -8.92
C ILE A 100 -5.48 -4.23 -9.14
N LYS A 101 -4.59 -5.17 -8.77
CA LYS A 101 -3.15 -4.95 -8.94
C LYS A 101 -2.86 -4.61 -10.39
N MET A 102 -3.41 -5.41 -11.29
CA MET A 102 -3.24 -5.18 -12.71
C MET A 102 -3.82 -3.83 -13.09
N THR A 103 -4.91 -3.47 -12.40
CA THR A 103 -5.58 -2.21 -12.63
C THR A 103 -4.72 -1.06 -12.16
N LEU A 104 -4.28 -1.14 -10.90
CA LEU A 104 -3.45 -0.12 -10.30
C LEU A 104 -2.11 -0.06 -10.99
N GLN A 105 -1.63 -1.21 -11.43
CA GLN A 105 -0.35 -1.30 -12.11
C GLN A 105 -0.36 -0.40 -13.35
N GLN A 106 -1.53 -0.29 -13.98
CA GLN A 106 -1.66 0.54 -15.17
C GLN A 106 -1.75 2.00 -14.81
N ILE A 107 -2.58 2.30 -13.82
CA ILE A 107 -2.76 3.66 -13.36
C ILE A 107 -1.46 4.18 -12.76
N ILE A 108 -0.86 3.38 -11.89
CA ILE A 108 0.42 3.73 -11.28
C ILE A 108 1.42 4.04 -12.39
N SER A 109 1.31 3.27 -13.46
CA SER A 109 2.16 3.45 -14.61
C SER A 109 1.82 4.77 -15.30
N ARG A 110 0.52 5.10 -15.29
CA ARG A 110 0.05 6.34 -15.90
C ARG A 110 0.59 7.54 -15.13
N TYR A 111 0.48 7.50 -13.81
CA TYR A 111 0.94 8.59 -12.96
C TYR A 111 2.46 8.69 -12.99
N LYS A 112 3.12 7.55 -13.26
CA LYS A 112 4.57 7.51 -13.32
C LYS A 112 5.07 8.02 -14.67
N ASP A 113 4.26 7.82 -15.71
CA ASP A 113 4.61 8.27 -17.06
C ASP A 113 4.35 9.76 -17.23
N ALA A 114 3.28 10.24 -16.61
CA ALA A 114 2.92 11.65 -16.70
C ALA A 114 4.01 12.54 -16.10
N ASP A 115 4.39 12.24 -14.87
CA ASP A 115 5.44 13.01 -14.19
C ASP A 115 6.77 12.86 -14.90
N GLY B 1 19.26 -10.27 40.41
CA GLY B 1 19.27 -9.47 39.15
C GLY B 1 19.09 -10.34 37.92
N PHE B 2 18.06 -11.18 37.95
CA PHE B 2 17.77 -12.08 36.83
C PHE B 2 16.55 -11.58 36.05
N THR B 3 16.80 -11.01 34.87
CA THR B 3 15.71 -10.51 34.03
C THR B 3 16.16 -10.41 32.58
N PRO B 4 15.22 -10.58 31.63
CA PRO B 4 15.53 -10.50 30.20
C PRO B 4 15.84 -9.08 29.75
N HIS B 5 16.39 -8.95 28.54
CA HIS B 5 16.74 -7.65 28.00
C HIS B 5 15.70 -7.19 26.98
N ASP B 6 14.63 -6.58 27.46
CA ASP B 6 13.57 -6.10 26.58
C ASP B 6 14.07 -5.00 25.66
N SER B 7 13.38 -4.80 24.54
CA SER B 7 13.76 -3.78 23.57
C SER B 7 12.73 -3.69 22.45
N ALA B 8 12.25 -4.84 22.00
CA ALA B 8 11.27 -4.89 20.93
C ALA B 8 9.88 -5.27 21.46
N PRO B 9 9.10 -4.28 21.90
CA PRO B 9 7.76 -4.51 22.43
C PRO B 9 6.77 -4.97 21.36
N TYR B 10 5.48 -4.97 21.70
CA TYR B 10 4.45 -5.38 20.77
C TYR B 10 3.79 -4.17 20.11
N GLY B 11 4.59 -3.15 19.84
CA GLY B 11 4.07 -1.94 19.22
C GLY B 11 3.92 -0.80 20.21
N ALA B 12 4.79 0.19 20.09
CA ALA B 12 4.75 1.35 20.99
C ALA B 12 4.17 2.56 20.27
N LEU B 13 4.70 2.88 19.10
CA LEU B 13 4.24 4.01 18.32
C LEU B 13 4.18 3.67 16.83
N ASP B 14 3.14 2.93 16.45
CA ASP B 14 2.97 2.54 15.05
C ASP B 14 4.16 1.72 14.57
N MET B 15 4.61 0.79 15.40
CA MET B 15 5.74 -0.07 15.06
C MET B 15 5.29 -1.34 14.35
N ALA B 16 4.03 -1.35 13.88
CA ALA B 16 3.51 -2.52 13.17
C ALA B 16 3.51 -2.28 11.68
N ASP B 17 3.69 -1.03 11.28
CA ASP B 17 3.71 -0.71 9.87
C ASP B 17 5.12 -0.81 9.31
N PHE B 18 6.11 -0.60 10.17
CA PHE B 18 7.49 -0.70 9.75
C PHE B 18 7.88 -2.16 9.55
N GLU B 19 7.44 -3.03 10.45
CA GLU B 19 7.72 -4.45 10.33
C GLU B 19 6.92 -5.04 9.18
N PHE B 20 5.66 -4.65 9.11
CA PHE B 20 4.76 -5.12 8.07
C PHE B 20 5.21 -4.59 6.72
N GLU B 21 5.85 -3.42 6.71
CA GLU B 21 6.34 -2.85 5.47
C GLU B 21 7.49 -3.66 4.90
N GLN B 22 8.23 -4.36 5.77
CA GLN B 22 9.34 -5.19 5.31
C GLN B 22 8.81 -6.27 4.39
N MET B 23 7.68 -6.86 4.77
CA MET B 23 7.06 -7.86 3.91
C MET B 23 6.43 -7.14 2.72
N PHE B 24 6.60 -5.81 2.69
CA PHE B 24 6.05 -4.98 1.64
C PHE B 24 7.12 -4.17 0.94
N THR B 25 8.33 -4.72 0.83
CA THR B 25 9.40 -4.00 0.17
C THR B 25 9.88 -4.79 -1.05
N ASP B 26 9.47 -4.32 -2.22
CA ASP B 26 9.81 -4.94 -3.49
C ASP B 26 9.58 -6.45 -3.44
N ALA B 27 8.34 -6.87 -3.63
CA ALA B 27 7.98 -8.28 -3.61
C ALA B 27 7.46 -8.74 -4.96
N LEU B 28 7.95 -8.11 -6.02
CA LEU B 28 7.53 -8.45 -7.38
C LEU B 28 8.66 -8.18 -8.38
N GLY B 29 9.90 -8.31 -7.93
CA GLY B 29 11.03 -8.08 -8.79
C GLY B 29 11.32 -9.26 -9.69
N ILE B 30 11.19 -10.46 -9.15
CA ILE B 30 11.44 -11.68 -9.91
C ILE B 30 10.54 -12.82 -9.45
N ASP B 31 9.26 -12.74 -9.79
CA ASP B 31 8.29 -13.76 -9.41
C ASP B 31 8.70 -15.13 -9.96
N GLU B 32 8.26 -16.18 -9.28
CA GLU B 32 8.58 -17.54 -9.70
C GLU B 32 7.38 -18.47 -9.51
N TYR B 33 7.38 -19.60 -10.21
CA TYR B 33 6.29 -20.57 -10.13
C TYR B 33 6.72 -21.92 -10.67
N GLY B 34 7.30 -22.75 -9.81
CA GLY B 34 7.74 -24.06 -10.24
C GLY B 34 8.31 -24.87 -9.09
N GLY B 35 9.27 -25.74 -9.40
CA GLY B 35 9.88 -26.58 -8.37
C GLY B 35 9.33 -27.98 -8.38
N PRO A 1 -15.69 -7.56 -8.45
CA PRO A 1 -14.49 -8.34 -8.04
C PRO A 1 -13.22 -7.82 -8.71
N SER A 2 -13.38 -7.29 -9.91
CA SER A 2 -12.25 -6.75 -10.67
C SER A 2 -11.71 -5.48 -10.00
N HIS A 3 -12.60 -4.74 -9.34
CA HIS A 3 -12.21 -3.50 -8.68
C HIS A 3 -12.59 -3.52 -7.20
N SER A 4 -12.79 -4.72 -6.68
CA SER A 4 -13.15 -4.90 -5.29
C SER A 4 -12.62 -6.22 -4.77
N GLY A 5 -12.31 -6.27 -3.48
CA GLY A 5 -11.79 -7.48 -2.90
C GLY A 5 -11.65 -7.39 -1.39
N ALA A 6 -11.31 -8.50 -0.77
CA ALA A 6 -11.14 -8.54 0.67
C ALA A 6 -9.68 -8.66 1.07
N ALA A 7 -9.21 -7.73 1.90
CA ALA A 7 -7.83 -7.72 2.36
C ALA A 7 -7.76 -7.23 3.79
N ILE A 8 -6.78 -7.71 4.54
CA ILE A 8 -6.61 -7.30 5.92
C ILE A 8 -5.76 -6.04 6.00
N PHE A 9 -6.32 -5.01 6.62
CA PHE A 9 -5.62 -3.73 6.77
C PHE A 9 -5.39 -3.41 8.23
N GLU A 10 -4.21 -2.87 8.53
CA GLU A 10 -3.85 -2.52 9.90
C GLU A 10 -3.94 -3.74 10.81
N LYS A 11 -3.79 -4.93 10.22
CA LYS A 11 -3.85 -6.17 10.97
C LYS A 11 -5.23 -6.36 11.57
N VAL A 12 -6.24 -6.09 10.76
CA VAL A 12 -7.63 -6.24 11.16
C VAL A 12 -8.49 -6.65 9.97
N SER A 13 -8.90 -7.92 9.95
CA SER A 13 -9.71 -8.47 8.87
C SER A 13 -10.73 -7.46 8.35
N GLY A 14 -10.70 -7.23 7.03
CA GLY A 14 -11.63 -6.30 6.42
C GLY A 14 -11.78 -6.52 4.93
N ILE A 15 -12.32 -5.51 4.25
CA ILE A 15 -12.54 -5.57 2.81
C ILE A 15 -12.09 -4.29 2.11
N ILE A 16 -11.67 -4.42 0.85
CA ILE A 16 -11.22 -3.28 0.07
C ILE A 16 -12.18 -2.96 -1.08
N ALA A 17 -12.26 -1.68 -1.42
CA ALA A 17 -13.11 -1.22 -2.51
C ALA A 17 -12.41 -0.12 -3.31
N ILE A 18 -12.39 -0.26 -4.63
CA ILE A 18 -11.73 0.72 -5.49
C ILE A 18 -12.72 1.76 -5.99
N ASN A 19 -12.32 3.03 -5.92
CA ASN A 19 -13.16 4.13 -6.37
C ASN A 19 -12.64 4.70 -7.68
N GLU A 20 -12.59 3.86 -8.71
CA GLU A 20 -12.11 4.27 -10.02
C GLU A 20 -13.12 5.17 -10.73
N ASP A 21 -14.32 5.28 -10.16
CA ASP A 21 -15.36 6.11 -10.75
C ASP A 21 -15.08 7.58 -10.48
N VAL A 22 -14.33 7.84 -9.40
CA VAL A 22 -13.97 9.20 -9.04
C VAL A 22 -12.76 9.68 -9.83
N SER A 23 -12.73 10.96 -10.14
CA SER A 23 -11.62 11.54 -10.91
C SER A 23 -10.26 11.13 -10.34
N PRO A 24 -9.98 11.51 -9.08
CA PRO A 24 -8.70 11.18 -8.43
C PRO A 24 -8.44 9.68 -8.34
N ALA A 25 -9.50 8.88 -8.51
CA ALA A 25 -9.38 7.42 -8.43
C ALA A 25 -8.60 6.99 -7.19
N GLU A 26 -9.31 6.45 -6.21
CA GLU A 26 -8.69 6.01 -4.97
C GLU A 26 -9.21 4.64 -4.54
N LEU A 27 -8.52 4.03 -3.58
CA LEU A 27 -8.89 2.73 -3.06
C LEU A 27 -9.32 2.88 -1.61
N THR A 28 -10.56 2.49 -1.32
CA THR A 28 -11.11 2.60 0.03
C THR A 28 -11.30 1.24 0.66
N TRP A 29 -10.79 1.08 1.88
CA TRP A 29 -10.91 -0.17 2.61
C TRP A 29 -11.55 0.04 3.97
N ARG A 30 -12.40 -0.89 4.38
CA ARG A 30 -13.06 -0.80 5.68
C ARG A 30 -13.07 -2.15 6.36
N SER A 31 -13.07 -2.13 7.69
CA SER A 31 -13.11 -3.37 8.46
C SER A 31 -14.27 -4.24 7.99
N THR A 32 -14.23 -5.52 8.32
CA THR A 32 -15.29 -6.44 7.93
C THR A 32 -16.61 -6.02 8.53
N ASP A 33 -16.53 -5.41 9.71
CA ASP A 33 -17.70 -4.94 10.42
C ASP A 33 -17.28 -4.34 11.75
N GLY A 34 -16.24 -3.51 11.71
CA GLY A 34 -15.74 -2.89 12.93
C GLY A 34 -15.83 -1.38 12.90
N ASP A 35 -16.79 -0.86 12.15
CA ASP A 35 -16.97 0.59 12.03
C ASP A 35 -15.65 1.29 11.83
N LYS A 36 -14.74 0.60 11.15
CA LYS A 36 -13.42 1.14 10.86
C LYS A 36 -13.24 1.33 9.37
N VAL A 37 -12.46 2.33 8.98
CA VAL A 37 -12.24 2.60 7.58
C VAL A 37 -10.81 3.07 7.31
N HIS A 38 -10.43 2.94 6.05
CA HIS A 38 -9.11 3.36 5.60
C HIS A 38 -9.11 3.57 4.10
N THR A 39 -8.90 4.81 3.66
CA THR A 39 -8.89 5.15 2.26
C THR A 39 -7.64 5.92 1.87
N VAL A 40 -7.07 5.60 0.71
CA VAL A 40 -5.88 6.28 0.23
C VAL A 40 -6.03 6.68 -1.23
N VAL A 41 -5.52 7.86 -1.57
CA VAL A 41 -5.60 8.37 -2.93
C VAL A 41 -4.24 8.31 -3.61
N LEU A 42 -4.22 7.95 -4.89
CA LEU A 42 -2.99 7.87 -5.65
C LEU A 42 -2.16 9.13 -5.51
N SER A 43 -2.84 10.27 -5.39
CA SER A 43 -2.16 11.56 -5.24
C SER A 43 -1.09 11.47 -4.16
N THR A 44 -1.29 10.59 -3.19
CA THR A 44 -0.33 10.40 -2.11
C THR A 44 0.52 9.16 -2.37
N ILE A 45 -0.03 8.24 -3.15
CA ILE A 45 0.66 7.00 -3.51
C ILE A 45 0.72 6.86 -5.02
N ASP A 46 1.92 6.93 -5.59
CA ASP A 46 2.09 6.82 -7.05
C ASP A 46 2.82 5.54 -7.45
N LYS A 47 2.76 4.54 -6.59
CA LYS A 47 3.40 3.26 -6.86
C LYS A 47 2.82 2.17 -5.97
N LEU A 48 2.70 0.96 -6.52
CA LEU A 48 2.16 -0.17 -5.79
C LEU A 48 3.05 -1.40 -5.96
N GLN A 49 3.54 -1.93 -4.84
CA GLN A 49 4.41 -3.11 -4.87
C GLN A 49 3.63 -4.34 -4.43
N ALA A 50 3.55 -5.33 -5.30
CA ALA A 50 2.84 -6.57 -4.99
C ALA A 50 3.76 -7.78 -5.10
N THR A 51 3.32 -8.91 -4.55
CA THR A 51 4.11 -10.13 -4.59
C THR A 51 3.94 -10.84 -5.93
N PRO A 52 4.81 -11.82 -6.23
CA PRO A 52 4.76 -12.57 -7.48
C PRO A 52 3.55 -13.50 -7.55
N ALA A 53 3.22 -13.94 -8.77
CA ALA A 53 2.09 -14.83 -8.97
C ALA A 53 2.28 -16.15 -8.22
N SER A 54 3.52 -16.55 -8.06
CA SER A 54 3.84 -17.79 -7.36
C SER A 54 3.74 -17.62 -5.85
N SER A 55 3.91 -16.38 -5.40
CA SER A 55 3.84 -16.07 -3.98
C SER A 55 2.44 -16.33 -3.43
N GLU A 56 2.30 -17.40 -2.66
CA GLU A 56 1.00 -17.74 -2.08
C GLU A 56 0.48 -16.62 -1.19
N LYS A 57 1.39 -15.92 -0.53
CA LYS A 57 1.02 -14.81 0.34
C LYS A 57 0.40 -13.66 -0.46
N MET A 58 -0.86 -13.83 -0.85
CA MET A 58 -1.56 -12.81 -1.62
C MET A 58 -1.64 -11.49 -0.84
N MET A 59 -0.72 -10.58 -1.13
CA MET A 59 -0.69 -9.28 -0.46
C MET A 59 0.18 -8.29 -1.21
N LEU A 60 -0.13 -7.00 -1.06
CA LEU A 60 0.63 -5.95 -1.74
C LEU A 60 0.75 -4.69 -0.88
N ARG A 61 1.74 -3.85 -1.21
CA ARG A 61 1.98 -2.61 -0.49
C ARG A 61 2.00 -1.43 -1.47
N LEU A 62 1.48 -0.29 -1.04
CA LEU A 62 1.47 0.90 -1.89
C LEU A 62 2.44 1.94 -1.38
N ILE A 63 3.18 2.50 -2.32
CA ILE A 63 4.19 3.50 -2.03
C ILE A 63 3.59 4.92 -2.02
N GLY A 64 3.89 5.68 -0.98
CA GLY A 64 3.40 7.04 -0.90
C GLY A 64 4.27 8.01 -1.67
N LYS A 65 4.71 7.59 -2.86
CA LYS A 65 5.58 8.36 -3.73
C LYS A 65 6.69 9.09 -2.98
N VAL A 66 7.86 9.18 -3.60
CA VAL A 66 9.00 9.84 -2.99
C VAL A 66 9.53 10.96 -3.87
N ASP A 67 10.26 11.88 -3.26
CA ASP A 67 10.83 13.02 -3.97
C ASP A 67 12.29 12.77 -4.31
N GLU A 68 12.61 11.55 -4.75
CA GLU A 68 13.97 11.20 -5.13
C GLU A 68 14.49 12.23 -6.14
N SER A 69 13.57 12.80 -6.90
CA SER A 69 13.92 13.82 -7.89
C SER A 69 12.97 15.01 -7.80
N LYS A 70 12.39 15.18 -6.62
CA LYS A 70 11.48 16.29 -6.37
C LYS A 70 11.62 16.79 -4.93
N LYS A 71 12.77 16.49 -4.32
CA LYS A 71 13.04 16.91 -2.94
C LYS A 71 13.27 18.41 -2.86
N ARG A 72 12.78 19.02 -1.79
CA ARG A 72 12.93 20.46 -1.58
C ARG A 72 13.46 20.76 -0.20
N LYS A 73 13.82 22.02 0.02
CA LYS A 73 14.35 22.45 1.31
C LYS A 73 13.65 23.71 1.81
N ASP A 74 13.86 24.03 3.08
CA ASP A 74 13.24 25.21 3.67
C ASP A 74 14.18 25.89 4.67
N ASN A 75 15.44 26.07 4.28
CA ASN A 75 16.41 26.72 5.15
C ASN A 75 17.49 27.44 4.32
N GLU A 76 18.62 26.77 4.12
CA GLU A 76 19.73 27.36 3.35
C GLU A 76 19.74 26.83 1.92
N GLY A 77 19.16 25.66 1.73
CA GLY A 77 19.13 25.05 0.41
C GLY A 77 19.78 23.69 0.38
N ASN A 78 19.63 22.94 1.47
CA ASN A 78 20.21 21.60 1.57
C ASN A 78 19.17 20.58 1.99
N GLU A 79 18.17 21.02 2.75
CA GLU A 79 17.11 20.14 3.23
C GLU A 79 16.52 19.32 2.09
N VAL A 80 16.07 18.11 2.41
CA VAL A 80 15.49 17.21 1.42
C VAL A 80 14.15 16.66 1.89
N VAL A 81 13.31 16.26 0.93
CA VAL A 81 12.00 15.70 1.23
C VAL A 81 12.04 14.75 2.43
N PRO A 82 11.02 14.82 3.29
CA PRO A 82 10.92 13.96 4.48
C PRO A 82 11.01 12.48 4.13
N LYS A 83 10.66 11.63 5.08
CA LYS A 83 10.71 10.18 4.87
C LYS A 83 9.36 9.66 4.35
N PRO A 84 9.35 9.04 3.16
CA PRO A 84 8.13 8.51 2.55
C PRO A 84 7.42 7.50 3.46
N GLN A 85 6.13 7.32 3.22
CA GLN A 85 5.33 6.39 3.99
C GLN A 85 4.56 5.44 3.08
N ARG A 86 4.79 4.14 3.26
CA ARG A 86 4.12 3.13 2.45
C ARG A 86 2.97 2.47 3.21
N HIS A 87 2.19 1.67 2.50
CA HIS A 87 1.05 0.97 3.09
C HIS A 87 1.14 -0.51 2.81
N MET A 88 0.78 -1.34 3.78
CA MET A 88 0.83 -2.78 3.62
C MET A 88 -0.44 -3.45 4.15
N PHE A 89 -1.02 -4.32 3.32
CA PHE A 89 -2.23 -5.04 3.70
C PHE A 89 -2.27 -6.38 2.95
N SER A 90 -2.68 -7.43 3.64
CA SER A 90 -2.74 -8.76 3.05
C SER A 90 -4.10 -9.07 2.44
N PHE A 91 -4.09 -9.86 1.37
CA PHE A 91 -5.32 -10.25 0.70
C PHE A 91 -5.67 -11.70 1.05
N ASN A 92 -6.86 -12.13 0.66
CA ASN A 92 -7.31 -13.49 0.95
C ASN A 92 -7.60 -14.26 -0.34
N ASN A 93 -6.93 -13.89 -1.42
CA ASN A 93 -7.11 -14.56 -2.70
C ASN A 93 -6.25 -13.92 -3.78
N ARG A 94 -5.80 -14.72 -4.74
CA ARG A 94 -4.96 -14.23 -5.82
C ARG A 94 -5.74 -13.28 -6.72
N THR A 95 -6.96 -13.68 -7.10
CA THR A 95 -7.80 -12.86 -7.97
C THR A 95 -8.12 -11.53 -7.31
N VAL A 96 -8.28 -11.54 -6.00
CA VAL A 96 -8.58 -10.32 -5.25
C VAL A 96 -7.46 -9.30 -5.43
N MET A 97 -6.23 -9.75 -5.21
CA MET A 97 -5.07 -8.88 -5.35
C MET A 97 -4.83 -8.51 -6.81
N ASP A 98 -4.96 -9.50 -7.69
CA ASP A 98 -4.76 -9.27 -9.12
C ASP A 98 -5.84 -8.38 -9.71
N ASN A 99 -7.08 -8.58 -9.26
CA ASN A 99 -8.19 -7.77 -9.76
C ASN A 99 -7.93 -6.29 -9.51
N ILE A 100 -7.59 -5.97 -8.26
CA ILE A 100 -7.30 -4.59 -7.90
C ILE A 100 -5.91 -4.18 -8.41
N LYS A 101 -4.95 -5.08 -8.28
CA LYS A 101 -3.58 -4.79 -8.74
C LYS A 101 -3.63 -4.37 -10.19
N MET A 102 -4.43 -5.08 -10.97
CA MET A 102 -4.59 -4.77 -12.37
C MET A 102 -5.29 -3.43 -12.53
N THR A 103 -6.10 -3.08 -11.53
CA THR A 103 -6.82 -1.82 -11.53
C THR A 103 -5.88 -0.68 -11.15
N LEU A 104 -5.20 -0.84 -10.03
CA LEU A 104 -4.27 0.17 -9.54
C LEU A 104 -3.11 0.32 -10.50
N GLN A 105 -2.72 -0.78 -11.10
CA GLN A 105 -1.63 -0.79 -12.06
C GLN A 105 -1.90 0.19 -13.19
N GLN A 106 -3.18 0.32 -13.56
CA GLN A 106 -3.58 1.22 -14.62
C GLN A 106 -3.61 2.66 -14.13
N ILE A 107 -4.18 2.86 -12.96
CA ILE A 107 -4.27 4.17 -12.36
C ILE A 107 -2.89 4.68 -12.01
N ILE A 108 -2.09 3.80 -11.40
CA ILE A 108 -0.72 4.14 -11.03
C ILE A 108 0.07 4.46 -12.29
N SER A 109 -0.20 3.68 -13.32
CA SER A 109 0.44 3.89 -14.61
C SER A 109 -0.10 5.18 -15.23
N ARG A 110 -1.38 5.42 -14.98
CA ARG A 110 -2.05 6.62 -15.48
C ARG A 110 -1.46 7.86 -14.83
N TYR A 111 -1.37 7.82 -13.50
CA TYR A 111 -0.81 8.95 -12.76
C TYR A 111 0.69 9.05 -12.98
N LYS A 112 1.28 7.97 -13.49
CA LYS A 112 2.70 7.94 -13.77
C LYS A 112 3.00 8.58 -15.12
N ASP A 113 2.06 8.44 -16.05
CA ASP A 113 2.22 9.00 -17.39
C ASP A 113 2.00 10.51 -17.37
N ALA A 114 0.96 10.95 -16.68
CA ALA A 114 0.65 12.37 -16.58
C ALA A 114 1.80 13.14 -15.93
N ASP A 115 2.32 12.60 -14.84
CA ASP A 115 3.42 13.24 -14.12
C ASP A 115 4.65 13.37 -15.02
N GLY B 1 7.66 9.45 41.56
CA GLY B 1 6.80 9.09 40.40
C GLY B 1 7.40 8.01 39.55
N PHE B 2 6.59 7.43 38.67
CA PHE B 2 7.05 6.36 37.79
C PHE B 2 6.14 6.22 36.57
N THR B 3 6.61 5.50 35.56
CA THR B 3 5.84 5.30 34.34
C THR B 3 5.46 3.82 34.18
N PRO B 4 4.31 3.42 34.77
CA PRO B 4 3.84 2.03 34.68
C PRO B 4 3.78 1.53 33.25
N HIS B 5 3.76 0.21 33.09
CA HIS B 5 3.70 -0.40 31.77
C HIS B 5 2.43 0.01 31.03
N ASP B 6 2.60 0.56 29.83
CA ASP B 6 1.47 0.99 29.03
C ASP B 6 1.09 -0.06 27.99
N SER B 7 0.36 -1.08 28.42
CA SER B 7 -0.06 -2.16 27.54
C SER B 7 -1.53 -2.01 27.15
N ALA B 8 -1.81 -2.06 25.86
CA ALA B 8 -3.18 -1.93 25.36
C ALA B 8 -3.22 -2.03 23.84
N PRO B 9 -2.46 -1.18 23.14
CA PRO B 9 -2.42 -1.17 21.67
C PRO B 9 -2.16 -2.57 21.10
N TYR B 10 -2.09 -2.65 19.77
CA TYR B 10 -1.84 -3.92 19.10
C TYR B 10 -1.54 -3.70 17.62
N GLY B 11 -0.88 -2.58 17.31
CA GLY B 11 -0.54 -2.28 15.94
C GLY B 11 0.82 -1.60 15.81
N ALA B 12 1.73 -1.94 16.71
CA ALA B 12 3.07 -1.37 16.70
C ALA B 12 3.97 -2.10 15.71
N LEU B 13 5.09 -1.47 15.37
CA LEU B 13 6.04 -2.07 14.44
C LEU B 13 6.57 -3.40 14.97
N ASP B 14 6.52 -4.42 14.11
CA ASP B 14 6.98 -5.75 14.50
C ASP B 14 7.79 -6.39 13.37
N MET B 15 8.37 -7.56 13.64
CA MET B 15 9.17 -8.26 12.65
C MET B 15 8.31 -8.66 11.44
N ALA B 16 7.00 -8.66 11.62
CA ALA B 16 6.08 -9.02 10.54
C ALA B 16 5.86 -7.86 9.59
N ASP B 17 6.19 -6.66 10.03
CA ASP B 17 6.02 -5.48 9.20
C ASP B 17 7.25 -5.24 8.35
N PHE B 18 8.41 -5.53 8.92
CA PHE B 18 9.66 -5.38 8.22
C PHE B 18 9.90 -6.59 7.33
N GLU B 19 9.42 -7.75 7.79
CA GLU B 19 9.57 -8.98 7.04
C GLU B 19 8.70 -8.96 5.80
N PHE B 20 7.54 -8.32 5.87
CA PHE B 20 6.67 -8.26 4.71
C PHE B 20 7.30 -7.41 3.63
N GLU B 21 8.06 -6.41 4.03
CA GLU B 21 8.73 -5.53 3.08
C GLU B 21 9.67 -6.30 2.17
N GLN B 22 10.21 -7.40 2.67
CA GLN B 22 11.10 -8.23 1.86
C GLN B 22 10.36 -8.71 0.62
N MET B 23 9.17 -9.24 0.84
CA MET B 23 8.33 -9.69 -0.27
C MET B 23 7.56 -8.49 -0.82
N PHE B 24 7.75 -7.34 -0.17
CA PHE B 24 7.09 -6.11 -0.57
C PHE B 24 8.08 -5.07 -1.08
N THR B 25 9.29 -5.51 -1.44
CA THR B 25 10.29 -4.62 -1.96
C THR B 25 10.70 -5.03 -3.36
N ASP B 26 10.20 -4.29 -4.36
CA ASP B 26 10.49 -4.56 -5.76
C ASP B 26 10.46 -6.06 -6.07
N ALA B 27 9.30 -6.67 -5.86
CA ALA B 27 9.15 -8.10 -6.11
C ALA B 27 8.94 -8.38 -7.60
N LEU B 28 8.14 -7.54 -8.24
CA LEU B 28 7.87 -7.69 -9.66
C LEU B 28 9.15 -7.61 -10.48
N GLY B 29 9.20 -8.39 -11.56
CA GLY B 29 10.39 -8.40 -12.41
C GLY B 29 11.61 -8.97 -11.71
N ILE B 30 11.73 -10.30 -11.74
CA ILE B 30 12.85 -10.98 -11.11
C ILE B 30 13.96 -11.28 -12.13
N ASP B 31 13.56 -11.50 -13.37
CA ASP B 31 14.51 -11.80 -14.43
C ASP B 31 13.95 -11.42 -15.80
N GLU B 32 12.70 -11.80 -16.05
CA GLU B 32 12.04 -11.49 -17.31
C GLU B 32 10.53 -11.60 -17.17
N TYR B 33 10.06 -12.72 -16.65
CA TYR B 33 8.63 -12.94 -16.46
C TYR B 33 7.90 -12.91 -17.80
N GLY B 34 6.62 -13.30 -17.79
CA GLY B 34 5.84 -13.31 -19.01
C GLY B 34 4.87 -14.47 -19.08
N GLY B 35 5.33 -15.60 -19.59
CA GLY B 35 4.49 -16.77 -19.70
C GLY B 35 3.55 -16.71 -20.89
N PRO A 1 -17.11 -8.31 -8.76
CA PRO A 1 -16.28 -7.94 -7.58
C PRO A 1 -14.80 -7.85 -7.93
N SER A 2 -14.51 -7.28 -9.10
CA SER A 2 -13.12 -7.14 -9.55
C SER A 2 -12.47 -5.89 -8.97
N HIS A 3 -13.26 -5.09 -8.25
CA HIS A 3 -12.75 -3.87 -7.64
C HIS A 3 -13.18 -3.74 -6.19
N SER A 4 -13.53 -4.87 -5.61
CA SER A 4 -13.96 -4.90 -4.22
C SER A 4 -13.56 -6.23 -3.57
N GLY A 5 -13.24 -6.17 -2.29
CA GLY A 5 -12.84 -7.37 -1.59
C GLY A 5 -12.68 -7.14 -0.11
N ALA A 6 -12.45 -8.22 0.63
CA ALA A 6 -12.28 -8.12 2.07
C ALA A 6 -10.83 -8.34 2.48
N ALA A 7 -10.28 -7.38 3.20
CA ALA A 7 -8.90 -7.45 3.67
C ALA A 7 -8.77 -6.82 5.05
N ILE A 8 -7.80 -7.29 5.83
CA ILE A 8 -7.59 -6.75 7.16
C ILE A 8 -6.67 -5.53 7.12
N PHE A 9 -7.16 -4.42 7.64
CA PHE A 9 -6.39 -3.18 7.66
C PHE A 9 -6.15 -2.72 9.09
N GLU A 10 -4.94 -2.23 9.35
CA GLU A 10 -4.59 -1.75 10.68
C GLU A 10 -4.76 -2.87 11.71
N LYS A 11 -4.66 -4.11 11.25
CA LYS A 11 -4.80 -5.26 12.12
C LYS A 11 -6.20 -5.32 12.72
N VAL A 12 -7.19 -5.07 11.86
CA VAL A 12 -8.58 -5.10 12.27
C VAL A 12 -9.46 -5.58 11.11
N SER A 13 -9.95 -6.81 11.23
CA SER A 13 -10.79 -7.42 10.18
C SER A 13 -11.76 -6.41 9.57
N GLY A 14 -11.69 -6.26 8.25
CA GLY A 14 -12.57 -5.34 7.56
C GLY A 14 -12.75 -5.67 6.09
N ILE A 15 -13.20 -4.69 5.33
CA ILE A 15 -13.43 -4.86 3.89
C ILE A 15 -12.88 -3.70 3.08
N ILE A 16 -12.47 -3.97 1.85
CA ILE A 16 -11.92 -2.95 0.97
C ILE A 16 -12.84 -2.67 -0.23
N ALA A 17 -12.81 -1.42 -0.69
CA ALA A 17 -13.60 -0.99 -1.84
C ALA A 17 -12.80 -0.02 -2.70
N ILE A 18 -12.72 -0.29 -4.00
CA ILE A 18 -11.97 0.56 -4.90
C ILE A 18 -12.86 1.61 -5.56
N ASN A 19 -12.38 2.85 -5.58
CA ASN A 19 -13.12 3.95 -6.17
C ASN A 19 -12.49 4.35 -7.51
N GLU A 20 -12.40 3.39 -8.43
CA GLU A 20 -11.82 3.64 -9.75
C GLU A 20 -12.74 4.52 -10.60
N ASP A 21 -13.98 4.71 -10.14
CA ASP A 21 -14.93 5.53 -10.86
C ASP A 21 -14.59 7.00 -10.71
N VAL A 22 -13.90 7.33 -9.62
CA VAL A 22 -13.51 8.70 -9.34
C VAL A 22 -12.24 9.06 -10.11
N SER A 23 -12.14 10.31 -10.55
CA SER A 23 -10.98 10.78 -11.30
C SER A 23 -9.67 10.36 -10.63
N PRO A 24 -9.42 10.83 -9.40
CA PRO A 24 -8.19 10.51 -8.66
C PRO A 24 -8.01 9.02 -8.42
N ALA A 25 -9.09 8.25 -8.57
CA ALA A 25 -9.03 6.80 -8.36
C ALA A 25 -8.35 6.46 -7.03
N GLU A 26 -9.16 6.03 -6.07
CA GLU A 26 -8.62 5.68 -4.76
C GLU A 26 -9.23 4.38 -4.23
N LEU A 27 -8.61 3.84 -3.19
CA LEU A 27 -9.07 2.62 -2.57
C LEU A 27 -9.57 2.93 -1.16
N THR A 28 -10.83 2.62 -0.91
CA THR A 28 -11.44 2.89 0.40
C THR A 28 -11.72 1.60 1.15
N TRP A 29 -11.22 1.51 2.37
CA TRP A 29 -11.43 0.35 3.21
C TRP A 29 -12.06 0.73 4.54
N ARG A 30 -12.96 -0.12 5.03
CA ARG A 30 -13.61 0.11 6.31
C ARG A 30 -13.70 -1.17 7.11
N SER A 31 -13.72 -1.04 8.43
CA SER A 31 -13.82 -2.21 9.29
C SER A 31 -15.06 -3.02 8.93
N THR A 32 -15.12 -4.26 9.39
CA THR A 32 -16.26 -5.12 9.09
C THR A 32 -17.53 -4.56 9.71
N ASP A 33 -17.35 -3.84 10.82
CA ASP A 33 -18.45 -3.23 11.52
C ASP A 33 -17.94 -2.52 12.77
N GLY A 34 -16.86 -1.77 12.61
CA GLY A 34 -16.27 -1.07 13.75
C GLY A 34 -16.28 0.43 13.57
N ASP A 35 -17.24 0.93 12.80
CA ASP A 35 -17.36 2.36 12.55
C ASP A 35 -16.01 2.97 12.25
N LYS A 36 -15.16 2.17 11.60
CA LYS A 36 -13.82 2.61 11.23
C LYS A 36 -13.72 2.75 9.72
N VAL A 37 -12.75 3.53 9.27
CA VAL A 37 -12.56 3.74 7.84
C VAL A 37 -11.11 4.05 7.51
N HIS A 38 -10.72 3.75 6.28
CA HIS A 38 -9.37 4.01 5.80
C HIS A 38 -9.37 4.08 4.29
N THR A 39 -9.05 5.25 3.74
CA THR A 39 -9.04 5.44 2.31
C THR A 39 -7.73 6.09 1.85
N VAL A 40 -7.19 5.61 0.72
CA VAL A 40 -5.95 6.16 0.19
C VAL A 40 -6.09 6.43 -1.32
N VAL A 41 -5.57 7.57 -1.75
CA VAL A 41 -5.63 7.95 -3.16
C VAL A 41 -4.26 7.84 -3.82
N LEU A 42 -4.23 7.52 -5.10
CA LEU A 42 -2.97 7.39 -5.82
C LEU A 42 -2.08 8.61 -5.65
N SER A 43 -2.70 9.78 -5.53
CA SER A 43 -1.95 11.02 -5.36
C SER A 43 -0.94 10.91 -4.22
N THR A 44 -1.26 10.06 -3.24
CA THR A 44 -0.37 9.86 -2.10
C THR A 44 0.35 8.51 -2.20
N ILE A 45 -0.25 7.61 -2.98
CA ILE A 45 0.32 6.28 -3.19
C ILE A 45 0.42 5.97 -4.69
N ASP A 46 1.64 6.00 -5.23
CA ASP A 46 1.83 5.73 -6.64
C ASP A 46 2.61 4.44 -6.89
N LYS A 47 2.52 3.53 -5.94
CA LYS A 47 3.23 2.25 -6.06
C LYS A 47 2.58 1.19 -5.16
N LEU A 48 2.52 -0.03 -5.66
CA LEU A 48 1.92 -1.14 -4.92
C LEU A 48 2.89 -2.33 -4.84
N GLN A 49 2.69 -3.18 -3.84
CA GLN A 49 3.53 -4.35 -3.65
C GLN A 49 2.67 -5.54 -3.21
N ALA A 50 2.69 -6.61 -3.99
CA ALA A 50 1.91 -7.80 -3.68
C ALA A 50 2.76 -9.06 -3.79
N THR A 51 2.24 -10.16 -3.23
CA THR A 51 2.96 -11.43 -3.26
C THR A 51 2.75 -12.13 -4.60
N PRO A 52 3.56 -13.16 -4.90
CA PRO A 52 3.46 -13.92 -6.16
C PRO A 52 2.14 -14.66 -6.28
N ALA A 53 1.72 -14.91 -7.52
CA ALA A 53 0.47 -15.61 -7.78
C ALA A 53 0.55 -17.06 -7.29
N SER A 54 1.70 -17.68 -7.50
CA SER A 54 1.90 -19.07 -7.09
C SER A 54 1.70 -19.24 -5.58
N SER A 55 1.91 -18.15 -4.85
CA SER A 55 1.74 -18.17 -3.40
C SER A 55 0.27 -18.26 -3.03
N GLU A 56 -0.12 -19.38 -2.42
CA GLU A 56 -1.49 -19.60 -2.01
C GLU A 56 -1.94 -18.51 -1.04
N LYS A 57 -0.99 -17.95 -0.29
CA LYS A 57 -1.30 -16.91 0.68
C LYS A 57 -1.93 -15.71 -0.01
N MET A 58 -1.99 -14.59 0.70
CA MET A 58 -2.58 -13.36 0.18
C MET A 58 -2.16 -12.16 1.03
N MET A 59 -1.23 -11.37 0.50
CA MET A 59 -0.73 -10.20 1.22
C MET A 59 -0.28 -9.12 0.23
N LEU A 60 -0.68 -7.87 0.48
CA LEU A 60 -0.29 -6.76 -0.39
C LEU A 60 -0.10 -5.47 0.40
N ARG A 61 0.64 -4.54 -0.19
CA ARG A 61 0.92 -3.26 0.44
C ARG A 61 1.14 -2.17 -0.60
N LEU A 62 0.68 -0.96 -0.31
CA LEU A 62 0.83 0.16 -1.23
C LEU A 62 1.76 1.21 -0.67
N ILE A 63 2.63 1.70 -1.53
CA ILE A 63 3.61 2.70 -1.18
C ILE A 63 3.05 4.11 -1.32
N GLY A 64 3.43 5.00 -0.41
CA GLY A 64 2.96 6.38 -0.46
C GLY A 64 3.87 7.25 -1.29
N LYS A 65 4.33 6.72 -2.42
CA LYS A 65 5.22 7.42 -3.36
C LYS A 65 6.26 8.30 -2.66
N VAL A 66 7.47 8.32 -3.21
CA VAL A 66 8.55 9.10 -2.66
C VAL A 66 9.18 10.02 -3.72
N ASP A 67 10.49 10.14 -3.67
CA ASP A 67 11.22 10.98 -4.60
C ASP A 67 10.80 12.43 -4.40
N GLU A 68 10.52 12.78 -3.15
CA GLU A 68 10.11 14.12 -2.80
C GLU A 68 11.16 15.13 -3.25
N SER A 69 12.42 14.71 -3.17
CA SER A 69 13.54 15.55 -3.57
C SER A 69 14.86 14.81 -3.35
N LYS A 70 14.84 13.51 -3.60
CA LYS A 70 16.03 12.68 -3.43
C LYS A 70 16.49 12.69 -1.97
N LYS A 71 15.76 11.97 -1.12
CA LYS A 71 16.08 11.90 0.30
C LYS A 71 15.99 13.27 0.95
N ARG A 72 16.49 13.39 2.17
CA ARG A 72 16.46 14.66 2.89
C ARG A 72 17.30 15.72 2.20
N LYS A 73 17.02 16.98 2.49
CA LYS A 73 17.75 18.09 1.89
C LYS A 73 17.85 19.25 2.86
N ASP A 74 18.92 20.03 2.74
CA ASP A 74 19.13 21.19 3.61
C ASP A 74 19.44 22.43 2.79
N ASN A 75 18.47 23.32 2.68
CA ASN A 75 18.64 24.56 1.92
C ASN A 75 17.75 25.66 2.47
N GLU A 76 16.49 25.62 2.09
CA GLU A 76 15.51 26.62 2.54
C GLU A 76 14.76 26.13 3.78
N GLY A 77 15.24 25.06 4.39
CA GLY A 77 14.60 24.53 5.58
C GLY A 77 13.37 23.72 5.26
N ASN A 78 13.42 22.98 4.16
CA ASN A 78 12.30 22.15 3.73
C ASN A 78 12.54 20.69 4.10
N GLU A 79 13.74 20.20 3.80
CA GLU A 79 14.13 18.82 4.09
C GLU A 79 12.98 17.83 3.84
N VAL A 80 13.02 17.20 2.68
CA VAL A 80 12.01 16.22 2.31
C VAL A 80 12.23 14.89 3.01
N VAL A 81 11.15 14.12 3.16
CA VAL A 81 11.21 12.84 3.81
C VAL A 81 12.17 11.88 3.10
N PRO A 82 13.06 11.20 3.85
CA PRO A 82 14.02 10.26 3.28
C PRO A 82 13.44 8.85 3.13
N LYS A 83 13.44 8.10 4.22
CA LYS A 83 12.93 6.73 4.21
C LYS A 83 11.43 6.71 3.90
N PRO A 84 11.03 6.03 2.81
CA PRO A 84 9.62 5.94 2.41
C PRO A 84 8.73 5.38 3.52
N GLN A 85 7.44 5.68 3.43
CA GLN A 85 6.47 5.22 4.40
C GLN A 85 5.26 4.62 3.69
N ARG A 86 5.08 3.31 3.83
CA ARG A 86 3.98 2.62 3.18
C ARG A 86 3.12 1.85 4.20
N HIS A 87 1.90 1.53 3.79
CA HIS A 87 0.98 0.79 4.63
C HIS A 87 0.62 -0.54 3.97
N MET A 88 0.32 -1.55 4.79
CA MET A 88 -0.01 -2.87 4.24
C MET A 88 -1.23 -3.47 4.92
N PHE A 89 -1.93 -4.32 4.17
CA PHE A 89 -3.12 -5.00 4.68
C PHE A 89 -3.21 -6.41 4.09
N SER A 90 -3.67 -7.35 4.91
CA SER A 90 -3.79 -8.75 4.48
C SER A 90 -5.17 -9.06 3.92
N PHE A 91 -5.22 -10.04 3.03
CA PHE A 91 -6.47 -10.44 2.39
C PHE A 91 -6.89 -11.83 2.86
N ASN A 92 -8.11 -12.22 2.49
CA ASN A 92 -8.63 -13.53 2.88
C ASN A 92 -9.11 -14.32 1.66
N ASN A 93 -8.50 -14.06 0.52
CA ASN A 93 -8.86 -14.75 -0.72
C ASN A 93 -7.96 -14.31 -1.87
N ARG A 94 -7.67 -15.24 -2.78
CA ARG A 94 -6.83 -14.94 -3.93
C ARG A 94 -7.50 -13.96 -4.88
N THR A 95 -8.74 -14.25 -5.25
CA THR A 95 -9.50 -13.39 -6.16
C THR A 95 -9.63 -11.98 -5.58
N VAL A 96 -9.79 -11.88 -4.27
CA VAL A 96 -9.92 -10.59 -3.61
C VAL A 96 -8.67 -9.73 -3.86
N MET A 97 -7.51 -10.31 -3.63
CA MET A 97 -6.25 -9.61 -3.83
C MET A 97 -5.98 -9.39 -5.31
N ASP A 98 -6.25 -10.41 -6.12
CA ASP A 98 -6.03 -10.33 -7.55
C ASP A 98 -7.00 -9.34 -8.20
N ASN A 99 -8.24 -9.33 -7.75
CA ASN A 99 -9.24 -8.43 -8.31
C ASN A 99 -8.81 -6.98 -8.14
N ILE A 100 -8.42 -6.61 -6.92
CA ILE A 100 -7.96 -5.26 -6.65
C ILE A 100 -6.53 -5.05 -7.15
N LYS A 101 -5.69 -6.08 -7.00
CA LYS A 101 -4.30 -5.97 -7.42
C LYS A 101 -4.22 -5.55 -8.87
N MET A 102 -4.96 -6.23 -9.70
CA MET A 102 -5.00 -5.91 -11.12
C MET A 102 -5.51 -4.48 -11.30
N THR A 103 -6.40 -4.07 -10.40
CA THR A 103 -6.96 -2.74 -10.42
C THR A 103 -5.92 -1.70 -10.02
N LEU A 104 -5.31 -1.92 -8.85
CA LEU A 104 -4.30 -1.00 -8.34
C LEU A 104 -3.13 -0.88 -9.29
N GLN A 105 -2.76 -1.99 -9.89
CA GLN A 105 -1.65 -2.02 -10.82
C GLN A 105 -1.98 -1.19 -12.05
N GLN A 106 -3.26 -1.12 -12.40
CA GLN A 106 -3.69 -0.35 -13.56
C GLN A 106 -3.67 1.13 -13.22
N ILE A 107 -4.28 1.47 -12.10
CA ILE A 107 -4.31 2.85 -11.65
C ILE A 107 -2.89 3.31 -11.34
N ILE A 108 -2.18 2.49 -10.59
CA ILE A 108 -0.80 2.77 -10.25
C ILE A 108 0.00 2.94 -11.53
N SER A 109 -0.35 2.14 -12.52
CA SER A 109 0.30 2.21 -13.81
C SER A 109 -0.09 3.51 -14.50
N ARG A 110 -1.35 3.92 -14.30
CA ARG A 110 -1.85 5.15 -14.90
C ARG A 110 -1.09 6.34 -14.32
N TYR A 111 -0.98 6.39 -12.99
CA TYR A 111 -0.28 7.47 -12.33
C TYR A 111 1.22 7.32 -12.51
N LYS A 112 1.63 6.15 -13.02
CA LYS A 112 3.04 5.88 -13.26
C LYS A 112 3.45 6.46 -14.62
N ASP A 113 2.51 6.44 -15.57
CA ASP A 113 2.77 6.95 -16.91
C ASP A 113 2.82 8.47 -16.90
N ALA A 114 1.98 9.09 -16.07
CA ALA A 114 1.93 10.54 -15.97
C ALA A 114 3.27 11.11 -15.53
N ASP A 115 3.87 10.47 -14.53
CA ASP A 115 5.16 10.92 -14.01
C ASP A 115 6.24 10.82 -15.08
N GLY B 1 6.01 0.97 27.72
CA GLY B 1 7.10 1.86 28.20
C GLY B 1 7.23 3.11 27.37
N PHE B 2 8.18 3.11 26.44
CA PHE B 2 8.41 4.26 25.57
C PHE B 2 7.44 4.24 24.39
N THR B 3 6.28 4.85 24.58
CA THR B 3 5.26 4.91 23.53
C THR B 3 4.82 3.51 23.12
N PRO B 4 3.92 2.89 23.91
CA PRO B 4 3.42 1.54 23.62
C PRO B 4 2.51 1.51 22.40
N HIS B 5 1.73 2.58 22.21
CA HIS B 5 0.83 2.67 21.08
C HIS B 5 0.17 4.04 21.03
N ASP B 6 0.89 5.03 20.52
CA ASP B 6 0.37 6.40 20.41
C ASP B 6 0.57 6.94 19.00
N SER B 7 1.83 7.07 18.59
CA SER B 7 2.14 7.58 17.27
C SER B 7 1.61 6.66 16.18
N ALA B 8 0.73 7.21 15.34
CA ALA B 8 0.14 6.43 14.24
C ALA B 8 1.16 6.15 13.14
N PRO B 9 1.69 7.22 12.51
CA PRO B 9 2.68 7.10 11.44
C PRO B 9 4.04 6.63 11.95
N TYR B 10 4.48 7.23 13.04
CA TYR B 10 5.78 6.88 13.63
C TYR B 10 5.59 5.99 14.86
N GLY B 11 5.12 4.77 14.63
CA GLY B 11 4.90 3.85 15.73
C GLY B 11 4.67 2.43 15.26
N ALA B 12 5.76 1.68 15.08
CA ALA B 12 5.66 0.29 14.63
C ALA B 12 7.04 -0.36 14.61
N LEU B 13 7.19 -1.44 15.38
CA LEU B 13 8.45 -2.17 15.45
C LEU B 13 8.22 -3.64 15.74
N ASP B 14 7.09 -4.17 15.27
CA ASP B 14 6.76 -5.57 15.48
C ASP B 14 7.45 -6.44 14.45
N MET B 15 7.47 -7.76 14.70
CA MET B 15 8.11 -8.70 13.78
C MET B 15 7.23 -8.95 12.57
N ALA B 16 5.93 -8.82 12.75
CA ALA B 16 4.97 -9.02 11.67
C ALA B 16 4.92 -7.80 10.76
N ASP B 17 5.46 -6.68 11.23
CA ASP B 17 5.47 -5.47 10.44
C ASP B 17 6.71 -5.42 9.56
N PHE B 18 7.82 -5.87 10.12
CA PHE B 18 9.06 -5.90 9.37
C PHE B 18 9.11 -7.14 8.50
N GLU B 19 8.48 -8.22 8.99
CA GLU B 19 8.43 -9.46 8.25
C GLU B 19 7.53 -9.32 7.03
N PHE B 20 6.50 -8.49 7.12
CA PHE B 20 5.60 -8.32 5.99
C PHE B 20 6.30 -7.58 4.86
N GLU B 21 7.24 -6.71 5.19
CA GLU B 21 7.95 -5.95 4.17
C GLU B 21 8.85 -6.84 3.35
N GLN B 22 9.31 -7.94 3.94
CA GLN B 22 10.16 -8.88 3.21
C GLN B 22 9.37 -9.48 2.07
N MET B 23 8.16 -9.92 2.37
CA MET B 23 7.28 -10.44 1.34
C MET B 23 6.69 -9.27 0.56
N PHE B 24 6.91 -8.07 1.11
CA PHE B 24 6.40 -6.85 0.51
C PHE B 24 7.52 -5.98 -0.06
N THR B 25 8.63 -6.60 -0.44
CA THR B 25 9.73 -5.85 -1.02
C THR B 25 10.01 -6.36 -2.43
N ASP B 26 9.56 -5.57 -3.41
CA ASP B 26 9.73 -5.90 -4.82
C ASP B 26 9.52 -7.40 -5.07
N ALA B 27 8.27 -7.84 -5.04
CA ALA B 27 7.94 -9.23 -5.26
C ALA B 27 7.01 -9.39 -6.46
N LEU B 28 7.27 -8.63 -7.51
CA LEU B 28 6.46 -8.68 -8.72
C LEU B 28 7.33 -8.80 -9.96
N GLY B 29 6.71 -9.01 -11.12
CA GLY B 29 7.44 -9.14 -12.36
C GLY B 29 8.26 -7.90 -12.68
N ILE B 30 9.50 -8.10 -13.11
CA ILE B 30 10.38 -6.99 -13.45
C ILE B 30 11.72 -7.50 -13.97
N ASP B 31 12.32 -6.76 -14.90
CA ASP B 31 13.59 -7.13 -15.48
C ASP B 31 14.17 -5.99 -16.31
N GLU B 32 15.31 -6.25 -16.95
CA GLU B 32 15.96 -5.25 -17.78
C GLU B 32 16.94 -5.89 -18.75
N TYR B 33 16.63 -5.82 -20.04
CA TYR B 33 17.48 -6.40 -21.07
C TYR B 33 18.32 -5.33 -21.75
N GLY B 34 18.74 -4.33 -20.97
CA GLY B 34 19.54 -3.26 -21.51
C GLY B 34 20.85 -3.75 -22.09
N GLY B 35 21.80 -2.84 -22.27
CA GLY B 35 23.10 -3.21 -22.82
C GLY B 35 23.94 -3.99 -21.83
N PRO A 1 -17.19 -6.28 -4.72
CA PRO A 1 -16.24 -7.36 -4.37
C PRO A 1 -14.94 -7.27 -5.14
N SER A 2 -15.06 -7.14 -6.44
CA SER A 2 -13.90 -7.04 -7.32
C SER A 2 -13.06 -5.82 -6.97
N HIS A 3 -13.72 -4.77 -6.49
CA HIS A 3 -13.05 -3.53 -6.12
C HIS A 3 -13.22 -3.23 -4.64
N SER A 4 -13.55 -4.25 -3.88
CA SER A 4 -13.75 -4.12 -2.45
C SER A 4 -13.27 -5.36 -1.72
N GLY A 5 -12.75 -5.16 -0.52
CA GLY A 5 -12.25 -6.28 0.25
C GLY A 5 -11.86 -5.87 1.66
N ALA A 6 -11.52 -6.85 2.48
CA ALA A 6 -11.12 -6.59 3.85
C ALA A 6 -9.62 -6.75 4.04
N ALA A 7 -8.98 -5.71 4.54
CA ALA A 7 -7.54 -5.72 4.79
C ALA A 7 -7.20 -4.94 6.05
N ILE A 8 -6.00 -5.13 6.55
CA ILE A 8 -5.57 -4.44 7.76
C ILE A 8 -4.77 -3.18 7.42
N PHE A 9 -5.22 -2.04 7.93
CA PHE A 9 -4.55 -0.77 7.70
C PHE A 9 -4.11 -0.15 9.02
N GLU A 10 -2.92 0.43 9.03
CA GLU A 10 -2.39 1.06 10.24
C GLU A 10 -2.33 0.05 11.38
N LYS A 11 -2.25 -1.24 11.03
CA LYS A 11 -2.18 -2.30 12.02
C LYS A 11 -3.48 -2.36 12.81
N VAL A 12 -4.59 -2.29 12.10
CA VAL A 12 -5.90 -2.35 12.71
C VAL A 12 -6.90 -3.02 11.77
N SER A 13 -7.28 -4.25 12.09
CA SER A 13 -8.22 -5.03 11.27
C SER A 13 -9.39 -4.17 10.79
N GLY A 14 -9.48 -4.00 9.47
CA GLY A 14 -10.55 -3.20 8.90
C GLY A 14 -10.97 -3.67 7.52
N ILE A 15 -11.53 -2.77 6.73
CA ILE A 15 -11.98 -3.09 5.38
C ILE A 15 -11.56 -2.03 4.37
N ILE A 16 -11.35 -2.46 3.13
CA ILE A 16 -10.95 -1.55 2.05
C ILE A 16 -12.04 -1.41 0.99
N ALA A 17 -12.08 -0.23 0.38
CA ALA A 17 -13.05 0.05 -0.68
C ALA A 17 -12.39 0.92 -1.76
N ILE A 18 -12.50 0.49 -3.01
CA ILE A 18 -11.91 1.23 -4.11
C ILE A 18 -12.92 2.19 -4.74
N ASN A 19 -12.52 3.45 -4.87
CA ASN A 19 -13.39 4.46 -5.44
C ASN A 19 -13.01 4.76 -6.89
N GLU A 20 -13.18 3.76 -7.75
CA GLU A 20 -12.86 3.93 -9.17
C GLU A 20 -14.02 4.56 -9.93
N ASP A 21 -15.09 4.90 -9.21
CA ASP A 21 -16.26 5.51 -9.83
C ASP A 21 -16.00 6.99 -10.09
N VAL A 22 -15.25 7.62 -9.19
CA VAL A 22 -14.91 9.03 -9.31
C VAL A 22 -14.13 9.27 -10.59
N SER A 23 -13.94 10.54 -10.95
CA SER A 23 -13.20 10.88 -12.17
C SER A 23 -11.92 10.06 -12.28
N PRO A 24 -10.94 10.31 -11.39
CA PRO A 24 -9.67 9.57 -11.40
C PRO A 24 -9.84 8.17 -10.79
N ALA A 25 -9.37 7.97 -9.56
CA ALA A 25 -9.48 6.69 -8.89
C ALA A 25 -8.69 6.70 -7.59
N GLU A 26 -9.27 6.13 -6.53
CA GLU A 26 -8.61 6.10 -5.24
C GLU A 26 -9.05 4.89 -4.42
N LEU A 27 -8.30 4.60 -3.36
CA LEU A 27 -8.60 3.49 -2.47
C LEU A 27 -8.98 4.02 -1.09
N THR A 28 -10.18 3.70 -0.64
CA THR A 28 -10.66 4.15 0.66
C THR A 28 -10.81 2.98 1.63
N TRP A 29 -10.09 3.06 2.76
CA TRP A 29 -10.15 2.01 3.77
C TRP A 29 -10.58 2.57 5.12
N ARG A 30 -11.38 1.80 5.83
CA ARG A 30 -11.85 2.21 7.16
C ARG A 30 -11.86 1.03 8.11
N SER A 31 -11.79 1.32 9.41
CA SER A 31 -11.82 0.29 10.43
C SER A 31 -13.07 -0.57 10.28
N THR A 32 -13.12 -1.69 11.00
CA THR A 32 -14.27 -2.57 10.94
C THR A 32 -15.50 -1.88 11.47
N ASP A 33 -15.30 -0.98 12.42
CA ASP A 33 -16.38 -0.23 13.02
C ASP A 33 -15.83 0.71 14.08
N GLY A 34 -14.76 1.42 13.72
CA GLY A 34 -14.15 2.35 14.66
C GLY A 34 -14.24 3.80 14.21
N ASP A 35 -15.26 4.10 13.41
CA ASP A 35 -15.47 5.45 12.91
C ASP A 35 -14.15 6.04 12.40
N LYS A 36 -13.30 5.17 11.88
CA LYS A 36 -12.01 5.57 11.36
C LYS A 36 -11.91 5.22 9.88
N VAL A 37 -11.35 6.14 9.10
CA VAL A 37 -11.19 5.91 7.67
C VAL A 37 -9.94 6.59 7.15
N HIS A 38 -9.41 6.04 6.06
CA HIS A 38 -8.22 6.58 5.42
C HIS A 38 -8.22 6.24 3.94
N THR A 39 -8.29 7.27 3.10
CA THR A 39 -8.31 7.08 1.66
C THR A 39 -7.02 7.60 1.02
N VAL A 40 -6.52 6.85 0.04
CA VAL A 40 -5.30 7.25 -0.65
C VAL A 40 -5.58 7.45 -2.14
N VAL A 41 -4.95 8.47 -2.72
CA VAL A 41 -5.13 8.78 -4.13
C VAL A 41 -3.85 8.56 -4.92
N LEU A 42 -3.97 7.93 -6.08
CA LEU A 42 -2.82 7.65 -6.93
C LEU A 42 -1.98 8.89 -7.16
N SER A 43 -2.64 10.04 -7.23
CA SER A 43 -1.96 11.31 -7.46
C SER A 43 -0.74 11.45 -6.54
N THR A 44 -0.79 10.79 -5.39
CA THR A 44 0.30 10.83 -4.43
C THR A 44 1.05 9.49 -4.42
N ILE A 45 0.36 8.45 -4.87
CA ILE A 45 0.93 7.11 -4.93
C ILE A 45 0.86 6.57 -6.35
N ASP A 46 2.01 6.27 -6.95
CA ASP A 46 2.04 5.77 -8.33
C ASP A 46 2.69 4.41 -8.44
N LYS A 47 2.67 3.66 -7.36
CA LYS A 47 3.25 2.31 -7.35
C LYS A 47 2.63 1.45 -6.25
N LEU A 48 2.43 0.18 -6.56
CA LEU A 48 1.86 -0.77 -5.61
C LEU A 48 2.66 -2.07 -5.58
N GLN A 49 3.17 -2.42 -4.42
CA GLN A 49 3.96 -3.65 -4.26
C GLN A 49 3.13 -4.73 -3.57
N ALA A 50 2.94 -5.86 -4.25
CA ALA A 50 2.16 -6.96 -3.69
C ALA A 50 3.01 -8.21 -3.55
N THR A 51 2.53 -9.17 -2.77
CA THR A 51 3.25 -10.43 -2.56
C THR A 51 3.04 -11.39 -3.73
N PRO A 52 4.00 -12.29 -3.98
CA PRO A 52 3.91 -13.26 -5.07
C PRO A 52 2.81 -14.28 -4.84
N ALA A 53 2.41 -14.97 -5.91
CA ALA A 53 1.37 -15.98 -5.83
C ALA A 53 1.80 -17.14 -4.94
N SER A 54 3.03 -17.59 -5.11
CA SER A 54 3.57 -18.69 -4.32
C SER A 54 3.55 -18.36 -2.84
N SER A 55 3.61 -17.07 -2.52
CA SER A 55 3.60 -16.62 -1.14
C SER A 55 2.23 -16.82 -0.51
N GLU A 56 2.17 -16.75 0.82
CA GLU A 56 0.92 -16.92 1.54
C GLU A 56 0.49 -15.62 2.21
N LYS A 57 1.47 -14.84 2.68
CA LYS A 57 1.18 -13.57 3.33
C LYS A 57 0.53 -12.59 2.36
N MET A 58 -0.80 -12.68 2.23
CA MET A 58 -1.54 -11.80 1.34
C MET A 58 -1.51 -10.37 1.85
N MET A 59 -0.68 -9.54 1.22
CA MET A 59 -0.55 -8.13 1.61
C MET A 59 0.13 -7.32 0.52
N LEU A 60 -0.33 -6.09 0.32
CA LEU A 60 0.24 -5.21 -0.69
C LEU A 60 0.47 -3.80 -0.14
N ARG A 61 1.60 -3.20 -0.50
CA ARG A 61 1.93 -1.85 -0.04
C ARG A 61 2.01 -0.91 -1.23
N LEU A 62 1.55 0.32 -1.04
CA LEU A 62 1.57 1.32 -2.12
C LEU A 62 2.56 2.43 -1.83
N ILE A 63 3.29 2.80 -2.87
CA ILE A 63 4.31 3.83 -2.78
C ILE A 63 3.73 5.22 -3.03
N GLY A 64 4.25 6.20 -2.31
CA GLY A 64 3.80 7.57 -2.49
C GLY A 64 4.64 8.30 -3.51
N LYS A 65 4.85 7.64 -4.66
CA LYS A 65 5.63 8.16 -5.78
C LYS A 65 6.82 9.03 -5.34
N VAL A 66 7.93 8.88 -6.04
CA VAL A 66 9.13 9.64 -5.75
C VAL A 66 9.60 10.44 -6.95
N ASP A 67 10.45 11.43 -6.70
CA ASP A 67 10.97 12.27 -7.76
C ASP A 67 12.49 12.29 -7.75
N GLU A 68 13.09 11.14 -7.50
CA GLU A 68 14.55 11.03 -7.50
C GLU A 68 15.10 11.58 -8.81
N SER A 69 14.29 11.48 -9.87
CA SER A 69 14.68 11.99 -11.17
C SER A 69 13.58 12.85 -11.77
N LYS A 70 12.76 13.40 -10.89
CA LYS A 70 11.65 14.27 -11.28
C LYS A 70 11.43 15.34 -10.22
N LYS A 71 12.50 15.71 -9.53
CA LYS A 71 12.45 16.72 -8.47
C LYS A 71 11.65 17.95 -8.91
N ARG A 72 11.15 18.69 -7.93
CA ARG A 72 10.39 19.90 -8.19
C ARG A 72 11.24 21.12 -7.97
N LYS A 73 10.73 22.29 -8.34
CA LYS A 73 11.47 23.53 -8.18
C LYS A 73 10.53 24.72 -8.00
N ASP A 74 11.05 25.78 -7.38
CA ASP A 74 10.26 26.98 -7.13
C ASP A 74 11.15 28.22 -7.18
N ASN A 75 12.18 28.17 -8.01
CA ASN A 75 13.11 29.29 -8.15
C ASN A 75 13.85 29.55 -6.84
N GLU A 76 14.22 28.48 -6.15
CA GLU A 76 14.93 28.59 -4.88
C GLU A 76 16.43 28.36 -5.08
N GLY A 77 16.79 27.70 -6.17
CA GLY A 77 18.20 27.43 -6.45
C GLY A 77 18.54 25.97 -6.33
N ASN A 78 17.53 25.11 -6.50
CA ASN A 78 17.73 23.67 -6.41
C ASN A 78 16.41 22.93 -6.66
N GLU A 79 16.51 21.70 -7.15
CA GLU A 79 15.34 20.90 -7.44
C GLU A 79 15.46 19.51 -6.82
N VAL A 80 14.87 19.35 -5.63
CA VAL A 80 14.91 18.08 -4.93
C VAL A 80 13.51 17.67 -4.45
N VAL A 81 13.33 16.37 -4.25
CA VAL A 81 12.07 15.84 -3.79
C VAL A 81 12.14 15.41 -2.33
N PRO A 82 11.07 15.65 -1.55
CA PRO A 82 11.03 15.28 -0.14
C PRO A 82 11.30 13.80 0.09
N LYS A 83 11.01 13.32 1.28
CA LYS A 83 11.23 11.91 1.62
C LYS A 83 9.95 11.09 1.41
N PRO A 84 9.96 10.14 0.46
CA PRO A 84 8.80 9.30 0.17
C PRO A 84 8.37 8.47 1.38
N GLN A 85 7.11 8.05 1.36
CA GLN A 85 6.55 7.24 2.43
C GLN A 85 5.75 6.08 1.86
N ARG A 86 5.87 4.91 2.49
CA ARG A 86 5.16 3.73 2.03
C ARG A 86 4.20 3.20 3.09
N HIS A 87 3.24 2.39 2.66
CA HIS A 87 2.26 1.80 3.55
C HIS A 87 1.86 0.42 3.04
N MET A 88 1.88 -0.57 3.92
CA MET A 88 1.53 -1.93 3.55
C MET A 88 0.15 -2.32 4.06
N PHE A 89 -0.56 -3.13 3.27
CA PHE A 89 -1.90 -3.59 3.63
C PHE A 89 -1.91 -5.11 3.80
N SER A 90 -2.44 -5.57 4.92
CA SER A 90 -2.51 -7.00 5.18
C SER A 90 -3.90 -7.54 4.86
N PHE A 91 -3.97 -8.45 3.89
CA PHE A 91 -5.24 -9.03 3.48
C PHE A 91 -5.42 -10.40 4.11
N ASN A 92 -6.68 -10.83 4.19
CA ASN A 92 -7.00 -12.13 4.77
C ASN A 92 -7.66 -13.05 3.73
N ASN A 93 -7.27 -12.86 2.48
CA ASN A 93 -7.81 -13.66 1.38
C ASN A 93 -7.07 -13.37 0.08
N ARG A 94 -6.81 -14.40 -0.70
CA ARG A 94 -6.10 -14.26 -1.96
C ARG A 94 -6.93 -13.47 -2.98
N THR A 95 -8.24 -13.63 -2.91
CA THR A 95 -9.14 -12.94 -3.83
C THR A 95 -9.28 -11.46 -3.45
N VAL A 96 -9.33 -11.19 -2.17
CA VAL A 96 -9.45 -9.81 -1.69
C VAL A 96 -8.30 -8.96 -2.20
N MET A 97 -7.09 -9.46 -2.00
CA MET A 97 -5.89 -8.74 -2.43
C MET A 97 -5.79 -8.72 -3.95
N ASP A 98 -6.09 -9.84 -4.57
CA ASP A 98 -6.03 -9.95 -6.03
C ASP A 98 -7.09 -9.10 -6.70
N ASN A 99 -8.30 -9.09 -6.15
CA ASN A 99 -9.40 -8.32 -6.72
C ASN A 99 -9.02 -6.85 -6.80
N ILE A 100 -8.55 -6.29 -5.68
CA ILE A 100 -8.14 -4.90 -5.65
C ILE A 100 -6.79 -4.72 -6.34
N LYS A 101 -5.88 -5.68 -6.14
CA LYS A 101 -4.56 -5.60 -6.76
C LYS A 101 -4.69 -5.40 -8.25
N MET A 102 -5.51 -6.25 -8.86
CA MET A 102 -5.76 -6.16 -10.29
C MET A 102 -6.35 -4.79 -10.62
N THR A 103 -7.14 -4.26 -9.69
CA THR A 103 -7.77 -2.97 -9.86
C THR A 103 -6.72 -1.86 -9.78
N LEU A 104 -5.94 -1.88 -8.71
CA LEU A 104 -4.90 -0.88 -8.50
C LEU A 104 -3.82 -0.97 -9.57
N GLN A 105 -3.55 -2.18 -10.03
CA GLN A 105 -2.55 -2.39 -11.05
C GLN A 105 -2.96 -1.70 -12.35
N GLN A 106 -4.27 -1.60 -12.58
CA GLN A 106 -4.78 -0.96 -13.78
C GLN A 106 -4.69 0.55 -13.65
N ILE A 107 -5.05 1.05 -12.47
CA ILE A 107 -4.99 2.47 -12.18
C ILE A 107 -3.53 2.89 -12.06
N ILE A 108 -2.75 2.06 -11.36
CA ILE A 108 -1.33 2.30 -11.18
C ILE A 108 -0.66 2.33 -12.54
N SER A 109 -1.14 1.47 -13.43
CA SER A 109 -0.63 1.41 -14.79
C SER A 109 -1.10 2.64 -15.55
N ARG A 110 -2.32 3.06 -15.23
CA ARG A 110 -2.93 4.24 -15.84
C ARG A 110 -2.15 5.49 -15.45
N TYR A 111 -1.89 5.65 -14.15
CA TYR A 111 -1.15 6.80 -13.65
C TYR A 111 0.31 6.75 -14.12
N LYS A 112 0.79 5.55 -14.40
CA LYS A 112 2.16 5.36 -14.87
C LYS A 112 2.28 5.67 -16.36
N ASP A 113 1.19 5.44 -17.09
CA ASP A 113 1.18 5.70 -18.52
C ASP A 113 0.81 7.15 -18.81
N ALA A 114 -0.02 7.73 -17.96
CA ALA A 114 -0.44 9.11 -18.12
C ALA A 114 0.74 10.06 -18.06
N ASP A 115 1.70 9.75 -17.20
CA ASP A 115 2.89 10.58 -17.04
C ASP A 115 3.67 10.68 -18.35
N GLY B 1 -15.59 -18.59 25.72
CA GLY B 1 -14.89 -19.87 26.05
C GLY B 1 -13.43 -19.66 26.39
N PHE B 2 -12.57 -20.49 25.83
CA PHE B 2 -11.13 -20.40 26.08
C PHE B 2 -10.60 -19.04 25.64
N THR B 3 -9.91 -18.37 26.56
CA THR B 3 -9.34 -17.05 26.27
C THR B 3 -8.26 -16.69 27.29
N PRO B 4 -6.99 -17.06 27.00
CA PRO B 4 -5.87 -16.78 27.91
C PRO B 4 -5.56 -15.28 27.97
N HIS B 5 -5.23 -14.80 29.17
CA HIS B 5 -4.91 -13.40 29.38
C HIS B 5 -3.49 -13.09 28.92
N ASP B 6 -3.08 -11.84 29.08
CA ASP B 6 -1.74 -11.42 28.68
C ASP B 6 -1.31 -10.15 29.42
N SER B 7 -0.19 -10.23 30.11
CA SER B 7 0.32 -9.09 30.87
C SER B 7 1.60 -8.56 30.25
N ALA B 8 1.66 -8.56 28.92
CA ALA B 8 2.82 -8.08 28.20
C ALA B 8 2.43 -7.42 26.88
N PRO B 9 3.21 -6.41 26.44
CA PRO B 9 2.93 -5.69 25.19
C PRO B 9 3.20 -6.55 23.95
N TYR B 10 3.23 -5.91 22.79
CA TYR B 10 3.48 -6.61 21.54
C TYR B 10 4.98 -6.77 21.29
N GLY B 11 5.67 -5.64 21.15
CA GLY B 11 7.10 -5.67 20.91
C GLY B 11 7.46 -5.38 19.47
N ALA B 12 6.57 -5.74 18.55
CA ALA B 12 6.79 -5.52 17.13
C ALA B 12 6.00 -4.30 16.64
N LEU B 13 6.70 -3.20 16.43
CA LEU B 13 6.07 -1.97 15.95
C LEU B 13 7.11 -0.94 15.55
N ASP B 14 8.23 -1.41 15.02
CA ASP B 14 9.31 -0.52 14.60
C ASP B 14 10.12 -1.16 13.47
N MET B 15 10.83 -2.24 13.79
CA MET B 15 11.65 -2.93 12.81
C MET B 15 10.78 -3.74 11.84
N ALA B 16 9.54 -3.99 12.23
CA ALA B 16 8.61 -4.75 11.39
C ALA B 16 8.05 -3.88 10.27
N ASP B 17 8.27 -2.57 10.36
CA ASP B 17 7.78 -1.67 9.33
C ASP B 17 8.79 -1.52 8.22
N PHE B 18 10.04 -1.41 8.60
CA PHE B 18 11.13 -1.29 7.64
C PHE B 18 11.46 -2.67 7.10
N GLU B 19 11.27 -3.68 7.93
CA GLU B 19 11.53 -5.05 7.54
C GLU B 19 10.51 -5.53 6.52
N PHE B 20 9.27 -5.04 6.63
CA PHE B 20 8.25 -5.46 5.69
C PHE B 20 8.58 -4.95 4.30
N GLU B 21 9.20 -3.78 4.24
CA GLU B 21 9.56 -3.19 2.95
C GLU B 21 10.49 -4.09 2.16
N GLN B 22 11.32 -4.85 2.86
CA GLN B 22 12.23 -5.78 2.19
C GLN B 22 11.42 -6.76 1.36
N MET B 23 10.43 -7.38 2.00
CA MET B 23 9.55 -8.29 1.29
C MET B 23 8.62 -7.46 0.41
N PHE B 24 8.54 -6.17 0.74
CA PHE B 24 7.70 -5.24 0.02
C PHE B 24 8.51 -4.41 -0.99
N THR B 25 9.65 -4.93 -1.42
CA THR B 25 10.47 -4.23 -2.38
C THR B 25 10.64 -5.06 -3.65
N ASP B 26 9.91 -4.66 -4.68
CA ASP B 26 9.92 -5.35 -5.97
C ASP B 26 9.93 -6.87 -5.80
N ALA B 27 8.74 -7.46 -5.72
CA ALA B 27 8.61 -8.90 -5.56
C ALA B 27 8.04 -9.54 -6.82
N LEU B 28 7.20 -8.81 -7.54
CA LEU B 28 6.59 -9.31 -8.76
C LEU B 28 7.66 -9.65 -9.80
N GLY B 29 8.51 -8.68 -10.11
CA GLY B 29 9.56 -8.90 -11.08
C GLY B 29 10.94 -8.63 -10.51
N ILE B 30 11.94 -9.36 -11.01
CA ILE B 30 13.31 -9.20 -10.54
C ILE B 30 13.80 -7.78 -10.78
N ASP B 31 14.60 -7.26 -9.84
CA ASP B 31 15.13 -5.92 -9.94
C ASP B 31 16.34 -5.74 -9.02
N GLU B 32 17.51 -6.14 -9.50
CA GLU B 32 18.73 -6.02 -8.72
C GLU B 32 19.36 -4.64 -8.88
N TYR B 33 20.17 -4.24 -7.90
CA TYR B 33 20.82 -2.94 -7.93
C TYR B 33 22.29 -3.08 -8.33
N GLY B 34 22.76 -2.12 -9.12
CA GLY B 34 24.15 -2.15 -9.56
C GLY B 34 24.47 -1.05 -10.55
N GLY B 35 23.91 -1.16 -11.74
CA GLY B 35 24.14 -0.15 -12.76
C GLY B 35 23.36 -0.41 -14.03
N PRO A 1 -17.50 -5.69 -9.77
CA PRO A 1 -16.59 -5.76 -8.59
C PRO A 1 -15.14 -6.01 -9.00
N SER A 2 -14.63 -5.15 -9.88
CA SER A 2 -13.26 -5.26 -10.35
C SER A 2 -12.34 -4.30 -9.61
N HIS A 3 -12.89 -3.15 -9.21
CA HIS A 3 -12.12 -2.15 -8.48
C HIS A 3 -12.42 -2.19 -6.99
N SER A 4 -12.93 -3.31 -6.55
CA SER A 4 -13.26 -3.52 -5.14
C SER A 4 -12.76 -4.86 -4.67
N GLY A 5 -12.35 -4.93 -3.40
CA GLY A 5 -11.85 -6.16 -2.86
C GLY A 5 -11.83 -6.16 -1.36
N ALA A 6 -11.50 -7.30 -0.76
CA ALA A 6 -11.44 -7.41 0.68
C ALA A 6 -10.03 -7.74 1.15
N ALA A 7 -9.51 -6.89 2.03
CA ALA A 7 -8.16 -7.08 2.56
C ALA A 7 -8.08 -6.56 3.99
N ILE A 8 -7.15 -7.10 4.75
CA ILE A 8 -6.95 -6.69 6.14
C ILE A 8 -6.02 -5.48 6.21
N PHE A 9 -6.49 -4.41 6.83
CA PHE A 9 -5.70 -3.20 6.96
C PHE A 9 -5.42 -2.89 8.43
N GLU A 10 -4.20 -2.45 8.72
CA GLU A 10 -3.81 -2.12 10.09
C GLU A 10 -4.01 -3.33 11.00
N LYS A 11 -3.98 -4.52 10.40
CA LYS A 11 -4.14 -5.75 11.16
C LYS A 11 -5.53 -5.82 11.77
N VAL A 12 -6.53 -5.44 10.96
CA VAL A 12 -7.91 -5.45 11.37
C VAL A 12 -8.81 -5.79 10.17
N SER A 13 -9.34 -7.01 10.16
CA SER A 13 -10.21 -7.48 9.07
C SER A 13 -11.07 -6.37 8.50
N GLY A 14 -10.99 -6.19 7.18
CA GLY A 14 -11.77 -5.16 6.53
C GLY A 14 -11.95 -5.40 5.04
N ILE A 15 -12.35 -4.34 4.33
CA ILE A 15 -12.57 -4.42 2.89
C ILE A 15 -11.96 -3.22 2.17
N ILE A 16 -11.54 -3.44 0.92
CA ILE A 16 -10.95 -2.37 0.11
C ILE A 16 -11.84 -1.97 -1.05
N ALA A 17 -11.76 -0.70 -1.43
CA ALA A 17 -12.54 -0.16 -2.54
C ALA A 17 -11.72 0.90 -3.27
N ILE A 18 -11.71 0.83 -4.60
CA ILE A 18 -10.95 1.80 -5.38
C ILE A 18 -11.85 2.95 -5.81
N ASN A 19 -11.49 4.16 -5.36
CA ASN A 19 -12.26 5.35 -5.68
C ASN A 19 -11.62 6.13 -6.82
N GLU A 20 -12.00 5.80 -8.05
CA GLU A 20 -11.46 6.48 -9.22
C GLU A 20 -12.37 7.62 -9.66
N ASP A 21 -13.09 8.21 -8.70
CA ASP A 21 -13.99 9.31 -8.99
C ASP A 21 -13.19 10.59 -9.21
N VAL A 22 -12.09 10.71 -8.48
CA VAL A 22 -11.22 11.87 -8.59
C VAL A 22 -10.55 11.87 -9.97
N SER A 23 -9.90 12.98 -10.33
CA SER A 23 -9.23 13.07 -11.63
C SER A 23 -8.43 11.80 -11.91
N PRO A 24 -7.32 11.56 -11.18
CA PRO A 24 -6.50 10.36 -11.36
C PRO A 24 -7.20 9.12 -10.80
N ALA A 25 -6.92 8.77 -9.55
CA ALA A 25 -7.51 7.62 -8.90
C ALA A 25 -6.99 7.44 -7.48
N GLU A 26 -7.74 6.72 -6.65
CA GLU A 26 -7.33 6.48 -5.28
C GLU A 26 -7.88 5.15 -4.76
N LEU A 27 -7.27 4.66 -3.69
CA LEU A 27 -7.69 3.40 -3.07
C LEU A 27 -8.23 3.67 -1.67
N THR A 28 -9.49 3.29 -1.44
CA THR A 28 -10.12 3.50 -0.14
C THR A 28 -10.46 2.18 0.53
N TRP A 29 -10.08 2.05 1.79
CA TRP A 29 -10.35 0.83 2.56
C TRP A 29 -10.99 1.15 3.90
N ARG A 30 -11.94 0.31 4.31
CA ARG A 30 -12.62 0.49 5.59
C ARG A 30 -12.75 -0.84 6.31
N SER A 31 -12.81 -0.79 7.63
CA SER A 31 -12.98 -2.01 8.42
C SER A 31 -14.20 -2.78 7.94
N THR A 32 -14.31 -4.04 8.34
CA THR A 32 -15.45 -4.86 7.94
C THR A 32 -16.74 -4.31 8.53
N ASP A 33 -16.61 -3.67 9.67
CA ASP A 33 -17.73 -3.07 10.36
C ASP A 33 -17.28 -2.47 11.68
N GLY A 34 -16.17 -1.75 11.63
CA GLY A 34 -15.64 -1.14 12.84
C GLY A 34 -15.60 0.37 12.77
N ASP A 35 -16.51 0.95 11.98
CA ASP A 35 -16.57 2.40 11.83
C ASP A 35 -15.19 2.98 11.60
N LYS A 36 -14.33 2.20 10.97
CA LYS A 36 -12.98 2.62 10.67
C LYS A 36 -12.80 2.87 9.18
N VAL A 37 -11.80 3.65 8.83
CA VAL A 37 -11.55 3.96 7.44
C VAL A 37 -10.06 4.23 7.18
N HIS A 38 -9.64 3.98 5.95
CA HIS A 38 -8.27 4.19 5.53
C HIS A 38 -8.22 4.40 4.02
N THR A 39 -7.83 5.59 3.61
CA THR A 39 -7.77 5.91 2.18
C THR A 39 -6.41 6.48 1.80
N VAL A 40 -5.91 6.06 0.64
CA VAL A 40 -4.63 6.53 0.14
C VAL A 40 -4.75 7.01 -1.31
N VAL A 41 -4.05 8.08 -1.63
CA VAL A 41 -4.09 8.64 -2.97
C VAL A 41 -2.72 8.56 -3.63
N LEU A 42 -2.69 8.08 -4.87
CA LEU A 42 -1.44 7.95 -5.61
C LEU A 42 -0.65 9.25 -5.57
N SER A 43 -1.36 10.38 -5.54
CA SER A 43 -0.74 11.69 -5.48
C SER A 43 0.37 11.73 -4.41
N THR A 44 0.23 10.87 -3.40
CA THR A 44 1.22 10.78 -2.33
C THR A 44 2.03 9.50 -2.47
N ILE A 45 1.44 8.52 -3.14
CA ILE A 45 2.07 7.23 -3.37
C ILE A 45 2.24 6.98 -4.87
N ASP A 46 3.48 6.82 -5.31
CA ASP A 46 3.75 6.60 -6.74
C ASP A 46 4.35 5.22 -7.02
N LYS A 47 4.02 4.25 -6.18
CA LYS A 47 4.52 2.89 -6.38
C LYS A 47 3.62 1.87 -5.69
N LEU A 48 3.45 0.72 -6.35
CA LEU A 48 2.62 -0.36 -5.83
C LEU A 48 3.40 -1.68 -5.84
N GLN A 49 3.62 -2.25 -4.67
CA GLN A 49 4.35 -3.51 -4.54
C GLN A 49 3.39 -4.66 -4.26
N ALA A 50 3.56 -5.77 -4.97
CA ALA A 50 2.70 -6.93 -4.79
C ALA A 50 3.53 -8.22 -4.81
N THR A 51 2.93 -9.30 -4.31
CA THR A 51 3.63 -10.59 -4.27
C THR A 51 3.56 -11.28 -5.63
N PRO A 52 4.42 -12.29 -5.86
CA PRO A 52 4.45 -13.03 -7.12
C PRO A 52 3.25 -13.95 -7.29
N ALA A 53 3.00 -14.37 -8.53
CA ALA A 53 1.89 -15.25 -8.83
C ALA A 53 2.04 -16.60 -8.14
N SER A 54 3.29 -17.02 -7.95
CA SER A 54 3.58 -18.30 -7.30
C SER A 54 3.37 -18.20 -5.79
N SER A 55 3.47 -16.99 -5.26
CA SER A 55 3.30 -16.76 -3.84
C SER A 55 1.86 -17.07 -3.40
N GLU A 56 1.68 -17.26 -2.10
CA GLU A 56 0.35 -17.55 -1.56
C GLU A 56 -0.17 -16.39 -0.73
N LYS A 57 0.75 -15.68 -0.07
CA LYS A 57 0.36 -14.54 0.76
C LYS A 57 -0.19 -13.41 -0.09
N MET A 58 -1.45 -13.55 -0.51
CA MET A 58 -2.10 -12.54 -1.32
C MET A 58 -2.14 -11.20 -0.60
N MET A 59 -1.15 -10.34 -0.89
CA MET A 59 -1.09 -9.03 -0.25
C MET A 59 -0.16 -8.09 -1.01
N LEU A 60 -0.39 -6.79 -0.88
CA LEU A 60 0.43 -5.78 -1.57
C LEU A 60 0.60 -4.53 -0.72
N ARG A 61 1.64 -3.74 -1.04
CA ARG A 61 1.92 -2.49 -0.32
C ARG A 61 2.17 -1.35 -1.29
N LEU A 62 1.70 -0.16 -0.94
CA LEU A 62 1.89 1.01 -1.80
C LEU A 62 2.82 2.01 -1.13
N ILE A 63 3.74 2.54 -1.91
CA ILE A 63 4.73 3.47 -1.43
C ILE A 63 4.25 4.91 -1.53
N GLY A 64 4.25 5.61 -0.40
CA GLY A 64 3.90 7.02 -0.40
C GLY A 64 5.09 7.80 -0.91
N LYS A 65 5.66 7.29 -2.00
CA LYS A 65 6.84 7.85 -2.61
C LYS A 65 8.00 7.90 -1.62
N VAL A 66 9.22 7.93 -2.15
CA VAL A 66 10.41 7.96 -1.33
C VAL A 66 11.17 9.27 -1.44
N ASP A 67 12.10 9.49 -0.52
CA ASP A 67 12.93 10.70 -0.50
C ASP A 67 13.59 10.95 -1.85
N GLU A 68 12.80 11.47 -2.79
CA GLU A 68 13.32 11.77 -4.11
C GLU A 68 14.50 12.74 -3.98
N SER A 69 14.47 13.54 -2.91
CA SER A 69 15.53 14.49 -2.63
C SER A 69 15.69 14.71 -1.13
N LYS A 70 15.24 13.73 -0.36
CA LYS A 70 15.34 13.78 1.11
C LYS A 70 14.27 14.67 1.72
N LYS A 71 14.11 15.88 1.18
CA LYS A 71 13.12 16.82 1.69
C LYS A 71 12.42 17.57 0.57
N ARG A 72 11.51 18.45 0.94
CA ARG A 72 10.76 19.24 -0.03
C ARG A 72 11.69 20.17 -0.80
N LYS A 73 11.14 20.81 -1.83
CA LYS A 73 11.90 21.72 -2.65
C LYS A 73 11.02 22.86 -3.17
N ASP A 74 11.65 23.98 -3.51
CA ASP A 74 10.93 25.14 -4.02
C ASP A 74 11.74 25.87 -5.08
N ASN A 75 12.59 25.13 -5.79
CA ASN A 75 13.43 25.72 -6.84
C ASN A 75 12.59 26.15 -8.02
N GLU A 76 12.21 25.19 -8.84
CA GLU A 76 11.39 25.46 -10.02
C GLU A 76 9.91 25.25 -9.74
N GLY A 77 9.61 24.49 -8.68
CA GLY A 77 8.24 24.21 -8.32
C GLY A 77 7.85 22.77 -8.55
N ASN A 78 8.24 21.89 -7.62
CA ASN A 78 7.93 20.48 -7.72
C ASN A 78 7.86 19.83 -6.35
N GLU A 79 8.85 20.13 -5.51
CA GLU A 79 8.93 19.60 -4.15
C GLU A 79 8.74 18.09 -4.11
N VAL A 80 9.44 17.43 -3.18
CA VAL A 80 9.36 16.00 -3.03
C VAL A 80 9.12 15.59 -1.58
N VAL A 81 8.55 14.40 -1.40
CA VAL A 81 8.26 13.88 -0.07
C VAL A 81 9.53 13.74 0.76
N PRO A 82 9.48 14.11 2.05
CA PRO A 82 10.65 14.02 2.95
C PRO A 82 11.18 12.60 3.07
N LYS A 83 10.60 11.82 3.97
CA LYS A 83 11.02 10.44 4.18
C LYS A 83 10.09 9.48 3.45
N PRO A 84 10.49 8.20 3.37
CA PRO A 84 9.68 7.18 2.68
C PRO A 84 8.35 6.92 3.37
N GLN A 85 7.39 6.47 2.58
CA GLN A 85 6.06 6.15 3.07
C GLN A 85 5.59 4.83 2.47
N ARG A 86 4.89 4.02 3.26
CA ARG A 86 4.39 2.75 2.77
C ARG A 86 3.23 2.24 3.61
N HIS A 87 2.36 1.46 2.96
CA HIS A 87 1.20 0.88 3.62
C HIS A 87 1.01 -0.56 3.17
N MET A 88 1.03 -1.49 4.12
CA MET A 88 0.87 -2.91 3.79
C MET A 88 -0.44 -3.46 4.33
N PHE A 89 -1.10 -4.27 3.51
CA PHE A 89 -2.36 -4.90 3.89
C PHE A 89 -2.51 -6.23 3.16
N SER A 90 -3.03 -7.24 3.86
CA SER A 90 -3.19 -8.57 3.29
C SER A 90 -4.58 -8.76 2.68
N PHE A 91 -4.61 -9.48 1.56
CA PHE A 91 -5.86 -9.77 0.87
C PHE A 91 -6.34 -11.17 1.21
N ASN A 92 -7.56 -11.49 0.79
CA ASN A 92 -8.13 -12.81 1.07
C ASN A 92 -8.55 -13.50 -0.23
N ASN A 93 -7.80 -13.24 -1.30
CA ASN A 93 -8.09 -13.84 -2.60
C ASN A 93 -7.11 -13.35 -3.66
N ARG A 94 -6.68 -14.25 -4.53
CA ARG A 94 -5.73 -13.92 -5.58
C ARG A 94 -6.35 -12.96 -6.60
N THR A 95 -7.64 -13.10 -6.85
CA THR A 95 -8.34 -12.24 -7.79
C THR A 95 -8.55 -10.84 -7.22
N VAL A 96 -8.79 -10.77 -5.92
CA VAL A 96 -9.00 -9.48 -5.27
C VAL A 96 -7.78 -8.59 -5.41
N MET A 97 -6.61 -9.14 -5.08
CA MET A 97 -5.37 -8.39 -5.17
C MET A 97 -5.02 -8.12 -6.63
N ASP A 98 -5.23 -9.12 -7.49
CA ASP A 98 -4.94 -8.99 -8.91
C ASP A 98 -5.87 -7.99 -9.57
N ASN A 99 -7.16 -8.07 -9.25
CA ASN A 99 -8.13 -7.16 -9.83
C ASN A 99 -7.73 -5.71 -9.59
N ILE A 100 -7.41 -5.37 -8.35
CA ILE A 100 -6.99 -4.02 -8.00
C ILE A 100 -5.55 -3.79 -8.46
N LYS A 101 -4.71 -4.81 -8.30
CA LYS A 101 -3.30 -4.69 -8.70
C LYS A 101 -3.22 -4.27 -10.14
N MET A 102 -3.97 -4.94 -10.98
CA MET A 102 -4.01 -4.62 -12.40
C MET A 102 -4.52 -3.20 -12.59
N THR A 103 -5.44 -2.80 -11.70
CA THR A 103 -6.01 -1.47 -11.72
C THR A 103 -4.96 -0.45 -11.33
N LEU A 104 -4.35 -0.69 -10.16
CA LEU A 104 -3.33 0.19 -9.64
C LEU A 104 -2.12 0.21 -10.57
N GLN A 105 -1.86 -0.92 -11.19
CA GLN A 105 -0.75 -1.04 -12.12
C GLN A 105 -0.88 -0.01 -13.22
N GLN A 106 -2.11 0.28 -13.63
CA GLN A 106 -2.37 1.26 -14.67
C GLN A 106 -2.24 2.67 -14.11
N ILE A 107 -2.86 2.89 -12.97
CA ILE A 107 -2.82 4.20 -12.32
C ILE A 107 -1.39 4.55 -11.95
N ILE A 108 -0.71 3.61 -11.31
CA ILE A 108 0.69 3.81 -10.93
C ILE A 108 1.48 4.20 -12.17
N SER A 109 1.10 3.58 -13.28
CA SER A 109 1.73 3.87 -14.56
C SER A 109 1.37 5.28 -14.99
N ARG A 110 0.14 5.69 -14.68
CA ARG A 110 -0.34 7.03 -15.04
C ARG A 110 0.44 8.09 -14.26
N TYR A 111 0.61 7.87 -12.96
CA TYR A 111 1.34 8.80 -12.11
C TYR A 111 2.81 8.84 -12.48
N LYS A 112 3.32 7.71 -12.97
CA LYS A 112 4.73 7.61 -13.37
C LYS A 112 4.95 8.24 -14.74
N ASP A 113 3.92 8.18 -15.59
CA ASP A 113 4.01 8.74 -16.93
C ASP A 113 3.73 10.23 -16.91
N ALA A 114 2.65 10.63 -16.23
CA ALA A 114 2.28 12.03 -16.13
C ALA A 114 3.38 12.85 -15.47
N ASP A 115 3.82 12.39 -14.29
CA ASP A 115 4.87 13.09 -13.55
C ASP A 115 6.16 13.15 -14.36
N GLY B 1 6.38 -4.70 42.73
CA GLY B 1 7.10 -5.88 42.19
C GLY B 1 6.35 -6.55 41.05
N PHE B 2 7.04 -6.79 39.94
CA PHE B 2 6.43 -7.42 38.78
C PHE B 2 5.28 -6.58 38.26
N THR B 3 5.54 -5.81 37.21
CA THR B 3 4.53 -4.96 36.61
C THR B 3 4.38 -5.25 35.12
N PRO B 4 3.53 -6.22 34.76
CA PRO B 4 3.31 -6.60 33.36
C PRO B 4 2.56 -5.52 32.58
N HIS B 5 1.66 -4.82 33.27
CA HIS B 5 0.87 -3.76 32.65
C HIS B 5 1.65 -2.45 32.61
N ASP B 6 2.47 -2.29 31.57
CA ASP B 6 3.28 -1.08 31.40
C ASP B 6 2.40 0.12 31.07
N SER B 7 1.92 0.16 29.83
CA SER B 7 1.07 1.25 29.36
C SER B 7 0.11 0.78 28.28
N ALA B 8 -0.69 1.71 27.76
CA ALA B 8 -1.64 1.38 26.71
C ALA B 8 -0.94 0.83 25.47
N PRO B 9 -0.06 1.63 24.85
CA PRO B 9 0.68 1.20 23.65
C PRO B 9 1.74 0.16 23.97
N TYR B 10 1.85 -0.84 23.11
CA TYR B 10 2.83 -1.91 23.29
C TYR B 10 4.18 -1.51 22.70
N GLY B 11 4.22 -1.35 21.38
CA GLY B 11 5.46 -0.97 20.72
C GLY B 11 5.21 -0.09 19.51
N ALA B 12 6.06 -0.24 18.50
CA ALA B 12 5.94 0.55 17.28
C ALA B 12 5.64 -0.33 16.07
N LEU B 13 6.28 -1.50 16.02
CA LEU B 13 6.10 -2.43 14.92
C LEU B 13 6.30 -3.88 15.40
N ASP B 14 6.21 -4.82 14.47
CA ASP B 14 6.39 -6.23 14.78
C ASP B 14 7.18 -6.94 13.70
N MET B 15 7.66 -8.14 14.00
CA MET B 15 8.44 -8.92 13.05
C MET B 15 7.62 -9.29 11.82
N ALA B 16 6.29 -9.18 11.95
CA ALA B 16 5.39 -9.49 10.84
C ALA B 16 5.30 -8.35 9.85
N ASP B 17 5.72 -7.16 10.28
CA ASP B 17 5.67 -6.00 9.41
C ASP B 17 6.96 -5.90 8.60
N PHE B 18 8.06 -6.29 9.22
CA PHE B 18 9.35 -6.27 8.55
C PHE B 18 9.50 -7.50 7.69
N GLU B 19 8.92 -8.60 8.15
CA GLU B 19 8.98 -9.85 7.41
C GLU B 19 8.15 -9.78 6.15
N PHE B 20 7.04 -9.04 6.17
CA PHE B 20 6.22 -8.93 4.98
C PHE B 20 6.97 -8.18 3.91
N GLU B 21 7.81 -7.23 4.32
CA GLU B 21 8.59 -6.44 3.38
C GLU B 21 9.47 -7.31 2.50
N GLN B 22 9.88 -8.47 3.02
CA GLN B 22 10.70 -9.38 2.24
C GLN B 22 9.93 -9.81 1.00
N MET B 23 8.70 -10.26 1.20
CA MET B 23 7.84 -10.64 0.10
C MET B 23 7.21 -9.38 -0.48
N PHE B 24 7.49 -8.25 0.18
CA PHE B 24 6.96 -6.95 -0.22
C PHE B 24 8.07 -6.04 -0.73
N THR B 25 9.20 -6.61 -1.14
CA THR B 25 10.30 -5.81 -1.64
C THR B 25 10.63 -6.20 -3.08
N ASP B 26 10.19 -5.36 -4.01
CA ASP B 26 10.41 -5.58 -5.44
C ASP B 26 10.10 -7.03 -5.83
N ALA B 27 8.88 -7.26 -6.31
CA ALA B 27 8.46 -8.59 -6.72
C ALA B 27 7.63 -8.54 -7.99
N LEU B 28 6.38 -8.06 -7.87
CA LEU B 28 5.48 -7.95 -9.00
C LEU B 28 5.18 -9.33 -9.60
N GLY B 29 6.10 -9.84 -10.41
CA GLY B 29 5.90 -11.14 -11.02
C GLY B 29 6.58 -12.26 -10.24
N ILE B 30 7.92 -12.25 -10.26
CA ILE B 30 8.68 -13.27 -9.55
C ILE B 30 10.19 -13.02 -9.69
N ASP B 31 10.60 -12.61 -10.88
CA ASP B 31 12.00 -12.34 -11.15
C ASP B 31 12.18 -10.98 -11.82
N GLU B 32 11.41 -10.75 -12.88
CA GLU B 32 11.48 -9.49 -13.62
C GLU B 32 10.43 -9.46 -14.73
N TYR B 33 9.89 -8.27 -14.99
CA TYR B 33 8.89 -8.09 -16.03
C TYR B 33 9.07 -6.77 -16.75
N GLY B 34 9.17 -6.82 -18.07
CA GLY B 34 9.33 -5.61 -18.85
C GLY B 34 9.82 -5.89 -20.26
N GLY B 35 11.12 -6.13 -20.40
CA GLY B 35 11.69 -6.41 -21.70
C GLY B 35 11.38 -7.81 -22.18
N PRO A 1 -15.72 -8.80 -8.58
CA PRO A 1 -14.82 -8.20 -7.55
C PRO A 1 -13.42 -7.93 -8.11
N SER A 2 -13.36 -7.44 -9.34
CA SER A 2 -12.09 -7.15 -9.98
C SER A 2 -11.49 -5.85 -9.45
N HIS A 3 -12.35 -4.96 -8.95
CA HIS A 3 -11.91 -3.69 -8.41
C HIS A 3 -12.48 -3.45 -7.02
N SER A 4 -12.87 -4.53 -6.37
CA SER A 4 -13.43 -4.46 -5.04
C SER A 4 -13.11 -5.74 -4.27
N GLY A 5 -12.95 -5.60 -2.97
CA GLY A 5 -12.62 -6.76 -2.15
C GLY A 5 -12.49 -6.41 -0.69
N ALA A 6 -12.33 -7.43 0.14
CA ALA A 6 -12.20 -7.23 1.58
C ALA A 6 -10.76 -7.41 2.03
N ALA A 7 -10.23 -6.40 2.69
CA ALA A 7 -8.87 -6.43 3.20
C ALA A 7 -8.79 -5.74 4.55
N ILE A 8 -7.70 -5.97 5.28
CA ILE A 8 -7.53 -5.39 6.59
C ILE A 8 -6.67 -4.12 6.51
N PHE A 9 -7.22 -3.01 6.99
CA PHE A 9 -6.50 -1.75 6.98
C PHE A 9 -6.33 -1.23 8.41
N GLU A 10 -5.15 -0.70 8.70
CA GLU A 10 -4.85 -0.18 10.03
C GLU A 10 -5.03 -1.28 11.08
N LYS A 11 -4.92 -2.53 10.64
CA LYS A 11 -5.07 -3.66 11.53
C LYS A 11 -6.48 -3.75 12.07
N VAL A 12 -7.45 -3.57 11.17
CA VAL A 12 -8.85 -3.63 11.52
C VAL A 12 -9.66 -4.20 10.37
N SER A 13 -10.09 -5.45 10.53
CA SER A 13 -10.87 -6.15 9.49
C SER A 13 -11.89 -5.23 8.83
N GLY A 14 -11.71 -4.98 7.54
CA GLY A 14 -12.63 -4.12 6.82
C GLY A 14 -12.80 -4.51 5.37
N ILE A 15 -13.19 -3.54 4.55
CA ILE A 15 -13.40 -3.79 3.13
C ILE A 15 -12.78 -2.70 2.26
N ILE A 16 -12.37 -3.07 1.05
CA ILE A 16 -11.77 -2.12 0.12
C ILE A 16 -12.63 -1.91 -1.11
N ALA A 17 -12.58 -0.69 -1.66
CA ALA A 17 -13.35 -0.35 -2.85
C ALA A 17 -12.53 0.54 -3.77
N ILE A 18 -12.26 0.06 -4.99
CA ILE A 18 -11.48 0.82 -5.95
C ILE A 18 -12.38 1.64 -6.86
N ASN A 19 -12.02 2.90 -7.07
CA ASN A 19 -12.79 3.78 -7.92
C ASN A 19 -12.00 4.14 -9.18
N GLU A 20 -12.05 3.26 -10.17
CA GLU A 20 -11.33 3.48 -11.43
C GLU A 20 -12.22 4.20 -12.44
N ASP A 21 -13.25 4.87 -11.96
CA ASP A 21 -14.16 5.60 -12.84
C ASP A 21 -13.54 6.93 -13.24
N VAL A 22 -12.69 7.45 -12.36
CA VAL A 22 -12.01 8.71 -12.61
C VAL A 22 -10.62 8.46 -13.19
N SER A 23 -10.18 9.35 -14.07
CA SER A 23 -8.87 9.22 -14.72
C SER A 23 -7.79 8.79 -13.72
N PRO A 24 -7.49 9.63 -12.72
CA PRO A 24 -6.47 9.33 -11.71
C PRO A 24 -6.75 8.04 -10.95
N ALA A 25 -8.02 7.74 -10.74
CA ALA A 25 -8.41 6.53 -10.03
C ALA A 25 -7.87 6.54 -8.60
N GLU A 26 -8.58 5.90 -7.68
CA GLU A 26 -8.17 5.85 -6.29
C GLU A 26 -8.72 4.61 -5.60
N LEU A 27 -8.18 4.30 -4.42
CA LEU A 27 -8.61 3.15 -3.65
C LEU A 27 -9.26 3.62 -2.34
N THR A 28 -10.52 3.24 -2.14
CA THR A 28 -11.25 3.64 -0.95
C THR A 28 -11.55 2.44 -0.06
N TRP A 29 -11.05 2.46 1.16
CA TRP A 29 -11.28 1.36 2.10
C TRP A 29 -11.92 1.86 3.39
N ARG A 30 -12.83 1.06 3.93
CA ARG A 30 -13.49 1.38 5.19
C ARG A 30 -13.69 0.12 6.03
N SER A 31 -13.91 0.31 7.32
CA SER A 31 -14.13 -0.82 8.22
C SER A 31 -15.36 -1.61 7.80
N THR A 32 -15.52 -2.80 8.34
CA THR A 32 -16.67 -3.64 8.01
C THR A 32 -17.94 -3.01 8.53
N ASP A 33 -17.81 -2.25 9.60
CA ASP A 33 -18.95 -1.57 10.20
C ASP A 33 -18.48 -0.67 11.35
N GLY A 34 -17.44 0.12 11.10
CA GLY A 34 -16.92 1.00 12.12
C GLY A 34 -17.07 2.46 11.76
N ASP A 35 -17.96 2.75 10.82
CA ASP A 35 -18.20 4.13 10.38
C ASP A 35 -16.89 4.86 10.15
N LYS A 36 -15.87 4.12 9.74
CA LYS A 36 -14.56 4.67 9.49
C LYS A 36 -14.08 4.27 8.10
N VAL A 37 -13.50 5.22 7.38
CA VAL A 37 -13.02 4.98 6.03
C VAL A 37 -11.69 5.69 5.80
N HIS A 38 -10.98 5.23 4.76
CA HIS A 38 -9.70 5.80 4.40
C HIS A 38 -9.44 5.59 2.91
N THR A 39 -9.37 6.67 2.16
CA THR A 39 -9.16 6.60 0.73
C THR A 39 -7.79 7.17 0.36
N VAL A 40 -7.10 6.52 -0.56
CA VAL A 40 -5.78 6.97 -0.99
C VAL A 40 -5.71 7.11 -2.51
N VAL A 41 -5.03 8.16 -2.97
CA VAL A 41 -4.88 8.41 -4.40
C VAL A 41 -3.44 8.15 -4.85
N LEU A 42 -3.28 7.58 -6.03
CA LEU A 42 -1.96 7.27 -6.57
C LEU A 42 -1.05 8.49 -6.52
N SER A 43 -1.62 9.68 -6.72
CA SER A 43 -0.84 10.91 -6.69
C SER A 43 0.09 10.92 -5.47
N THR A 44 -0.37 10.32 -4.38
CA THR A 44 0.39 10.23 -3.15
C THR A 44 1.17 8.93 -3.12
N ILE A 45 0.65 7.93 -3.79
CA ILE A 45 1.28 6.62 -3.86
C ILE A 45 1.52 6.21 -5.31
N ASP A 46 2.79 6.18 -5.72
CA ASP A 46 3.13 5.81 -7.09
C ASP A 46 3.81 4.46 -7.16
N LYS A 47 3.56 3.63 -6.16
CA LYS A 47 4.14 2.28 -6.12
C LYS A 47 3.34 1.37 -5.19
N LEU A 48 3.04 0.16 -5.67
CA LEU A 48 2.30 -0.82 -4.89
C LEU A 48 3.09 -2.12 -4.79
N GLN A 49 3.44 -2.53 -3.57
CA GLN A 49 4.21 -3.76 -3.36
C GLN A 49 3.30 -4.86 -2.82
N ALA A 50 3.21 -5.96 -3.55
CA ALA A 50 2.36 -7.08 -3.16
C ALA A 50 3.16 -8.38 -3.10
N THR A 51 2.60 -9.39 -2.46
CA THR A 51 3.25 -10.69 -2.33
C THR A 51 3.09 -11.51 -3.60
N PRO A 52 3.91 -12.56 -3.78
CA PRO A 52 3.86 -13.42 -4.96
C PRO A 52 2.60 -14.29 -5.00
N ALA A 53 2.28 -14.81 -6.17
CA ALA A 53 1.10 -15.66 -6.33
C ALA A 53 1.17 -16.89 -5.44
N SER A 54 2.38 -17.40 -5.24
CA SER A 54 2.59 -18.58 -4.40
C SER A 54 3.01 -18.19 -2.99
N SER A 55 2.63 -16.97 -2.58
CA SER A 55 2.97 -16.49 -1.26
C SER A 55 2.15 -17.18 -0.18
N GLU A 56 2.54 -17.02 1.08
CA GLU A 56 1.83 -17.62 2.19
C GLU A 56 1.12 -16.57 3.02
N LYS A 57 0.86 -15.40 2.42
CA LYS A 57 0.18 -14.31 3.11
C LYS A 57 -0.32 -13.28 2.11
N MET A 58 -1.62 -13.35 1.82
CA MET A 58 -2.24 -12.43 0.87
C MET A 58 -2.28 -11.01 1.44
N MET A 59 -1.37 -10.16 0.98
CA MET A 59 -1.31 -8.78 1.44
C MET A 59 -0.47 -7.92 0.51
N LEU A 60 -0.77 -6.63 0.46
CA LEU A 60 -0.04 -5.69 -0.38
C LEU A 60 0.08 -4.32 0.28
N ARG A 61 1.24 -3.71 0.16
CA ARG A 61 1.48 -2.39 0.73
C ARG A 61 1.75 -1.38 -0.37
N LEU A 62 1.26 -0.16 -0.19
CA LEU A 62 1.46 0.90 -1.17
C LEU A 62 2.41 1.95 -0.64
N ILE A 63 3.30 2.39 -1.53
CA ILE A 63 4.31 3.36 -1.19
C ILE A 63 3.80 4.79 -1.36
N GLY A 64 4.11 5.65 -0.40
CA GLY A 64 3.69 7.04 -0.49
C GLY A 64 4.68 7.87 -1.27
N LYS A 65 5.08 7.34 -2.43
CA LYS A 65 6.04 7.98 -3.33
C LYS A 65 7.15 8.71 -2.58
N VAL A 66 8.04 9.34 -3.33
CA VAL A 66 9.15 10.06 -2.73
C VAL A 66 9.57 11.25 -3.60
N ASP A 67 10.33 12.15 -3.01
CA ASP A 67 10.80 13.34 -3.72
C ASP A 67 12.32 13.34 -3.83
N GLU A 68 12.88 12.16 -4.05
CA GLU A 68 14.33 12.04 -4.21
C GLU A 68 14.82 12.99 -5.29
N SER A 69 13.93 13.29 -6.24
CA SER A 69 14.27 14.20 -7.33
C SER A 69 13.20 15.27 -7.50
N LYS A 70 12.45 15.50 -6.44
CA LYS A 70 11.39 16.50 -6.44
C LYS A 70 11.27 17.14 -5.06
N LYS A 71 12.37 17.12 -4.30
CA LYS A 71 12.40 17.68 -2.96
C LYS A 71 11.89 19.11 -2.93
N ARG A 72 11.52 19.57 -1.74
CA ARG A 72 11.03 20.91 -1.54
C ARG A 72 11.79 21.59 -0.41
N LYS A 73 11.62 22.91 -0.27
CA LYS A 73 12.29 23.66 0.77
C LYS A 73 11.67 25.03 0.96
N ASP A 74 12.02 25.68 2.07
CA ASP A 74 11.47 27.00 2.37
C ASP A 74 12.37 27.77 3.33
N ASN A 75 12.46 29.08 3.13
CA ASN A 75 13.27 29.96 3.98
C ASN A 75 14.73 29.90 3.57
N GLU A 76 15.27 28.69 3.56
CA GLU A 76 16.67 28.48 3.19
C GLU A 76 16.79 27.99 1.74
N GLY A 77 15.68 27.55 1.16
CA GLY A 77 15.70 27.07 -0.21
C GLY A 77 16.65 25.89 -0.38
N ASN A 78 16.95 25.23 0.73
CA ASN A 78 17.85 24.08 0.72
C ASN A 78 17.18 22.83 1.30
N GLU A 79 16.22 23.06 2.20
CA GLU A 79 15.49 21.97 2.86
C GLU A 79 15.26 20.79 1.93
N VAL A 80 15.15 19.59 2.51
CA VAL A 80 14.92 18.38 1.73
C VAL A 80 13.61 17.71 2.11
N VAL A 81 13.07 16.93 1.18
CA VAL A 81 11.82 16.22 1.40
C VAL A 81 11.89 15.30 2.62
N PRO A 82 10.82 15.27 3.43
CA PRO A 82 10.78 14.42 4.62
C PRO A 82 11.00 12.95 4.28
N LYS A 83 10.67 12.06 5.22
CA LYS A 83 10.84 10.63 5.02
C LYS A 83 9.54 9.98 4.55
N PRO A 84 9.59 9.21 3.45
CA PRO A 84 8.39 8.54 2.92
C PRO A 84 7.72 7.64 3.94
N GLN A 85 6.44 7.37 3.71
CA GLN A 85 5.66 6.52 4.59
C GLN A 85 4.86 5.49 3.78
N ARG A 86 4.78 4.27 4.29
CA ARG A 86 4.06 3.21 3.59
C ARG A 86 2.95 2.61 4.45
N HIS A 87 2.10 1.81 3.82
CA HIS A 87 1.00 1.16 4.50
C HIS A 87 0.72 -0.20 3.85
N MET A 88 0.51 -1.22 4.68
CA MET A 88 0.25 -2.56 4.17
C MET A 88 -1.21 -2.96 4.32
N PHE A 89 -1.68 -3.82 3.41
CA PHE A 89 -3.06 -4.29 3.45
C PHE A 89 -3.10 -5.82 3.50
N SER A 90 -3.71 -6.35 4.55
CA SER A 90 -3.81 -7.80 4.72
C SER A 90 -5.13 -8.31 4.12
N PHE A 91 -5.02 -9.16 3.11
CA PHE A 91 -6.20 -9.72 2.46
C PHE A 91 -6.49 -11.12 2.99
N ASN A 92 -7.70 -11.60 2.73
CA ASN A 92 -8.12 -12.92 3.18
C ASN A 92 -8.28 -13.88 2.00
N ASN A 93 -8.54 -13.33 0.82
CA ASN A 93 -8.70 -14.15 -0.38
C ASN A 93 -7.65 -13.82 -1.42
N ARG A 94 -7.20 -14.83 -2.15
CA ARG A 94 -6.18 -14.65 -3.18
C ARG A 94 -6.71 -13.81 -4.34
N THR A 95 -8.01 -13.93 -4.61
CA THR A 95 -8.63 -13.18 -5.70
C THR A 95 -8.83 -11.71 -5.30
N VAL A 96 -9.13 -11.48 -4.04
CA VAL A 96 -9.33 -10.12 -3.56
C VAL A 96 -8.09 -9.27 -3.77
N MET A 97 -6.95 -9.79 -3.34
CA MET A 97 -5.68 -9.09 -3.48
C MET A 97 -5.29 -8.98 -4.96
N ASP A 98 -5.45 -10.07 -5.69
CA ASP A 98 -5.11 -10.09 -7.11
C ASP A 98 -6.03 -9.19 -7.92
N ASN A 99 -7.32 -9.24 -7.63
CA ASN A 99 -8.29 -8.42 -8.36
C ASN A 99 -7.93 -6.95 -8.28
N ILE A 100 -7.68 -6.46 -7.07
CA ILE A 100 -7.30 -5.08 -6.88
C ILE A 100 -5.85 -4.85 -7.30
N LYS A 101 -4.98 -5.81 -6.99
CA LYS A 101 -3.58 -5.71 -7.34
C LYS A 101 -3.42 -5.44 -8.82
N MET A 102 -4.10 -6.25 -9.61
CA MET A 102 -4.08 -6.09 -11.06
C MET A 102 -4.62 -4.72 -11.42
N THR A 103 -5.59 -4.25 -10.64
CA THR A 103 -6.19 -2.95 -10.85
C THR A 103 -5.18 -1.86 -10.57
N LEU A 104 -4.58 -1.92 -9.38
CA LEU A 104 -3.58 -0.94 -8.97
C LEU A 104 -2.35 -1.04 -9.84
N GLN A 105 -2.03 -2.25 -10.25
CA GLN A 105 -0.88 -2.50 -11.10
C GLN A 105 -1.00 -1.73 -12.41
N GLN A 106 -2.23 -1.58 -12.89
CA GLN A 106 -2.46 -0.86 -14.15
C GLN A 106 -2.38 0.63 -13.92
N ILE A 107 -2.99 1.08 -12.83
CA ILE A 107 -2.99 2.48 -12.49
C ILE A 107 -1.58 2.91 -12.11
N ILE A 108 -0.96 2.13 -11.24
CA ILE A 108 0.41 2.39 -10.82
C ILE A 108 1.30 2.45 -12.04
N SER A 109 1.04 1.52 -12.96
CA SER A 109 1.77 1.47 -14.21
C SER A 109 1.46 2.72 -15.02
N ARG A 110 0.22 3.17 -14.91
CA ARG A 110 -0.23 4.36 -15.61
C ARG A 110 0.45 5.61 -15.05
N TYR A 111 0.35 5.78 -13.73
CA TYR A 111 0.96 6.93 -13.07
C TYR A 111 2.46 6.99 -13.36
N LYS A 112 3.05 5.84 -13.64
CA LYS A 112 4.48 5.77 -13.93
C LYS A 112 4.78 6.39 -15.30
N ASP A 113 3.85 6.23 -16.23
CA ASP A 113 4.02 6.77 -17.58
C ASP A 113 3.69 8.26 -17.61
N ALA A 114 2.75 8.67 -16.76
CA ALA A 114 2.36 10.08 -16.68
C ALA A 114 3.55 10.96 -16.32
N ASP A 115 4.35 10.50 -15.37
CA ASP A 115 5.52 11.26 -14.93
C ASP A 115 6.61 11.26 -16.00
N GLY B 1 12.13 -3.59 27.65
CA GLY B 1 10.86 -4.19 28.15
C GLY B 1 10.32 -3.46 29.37
N PHE B 2 9.75 -4.23 30.31
CA PHE B 2 9.20 -3.66 31.53
C PHE B 2 7.95 -2.82 31.22
N THR B 3 8.15 -1.70 30.55
CA THR B 3 7.05 -0.81 30.19
C THR B 3 7.52 0.28 29.24
N PRO B 4 8.44 1.15 29.68
CA PRO B 4 8.97 2.25 28.85
C PRO B 4 9.75 1.73 27.65
N HIS B 5 9.03 1.39 26.58
CA HIS B 5 9.66 0.89 25.37
C HIS B 5 8.67 0.85 24.21
N ASP B 6 7.46 0.39 24.49
CA ASP B 6 6.41 0.31 23.48
C ASP B 6 5.11 0.93 23.98
N SER B 7 4.59 0.38 25.07
CA SER B 7 3.34 0.88 25.65
C SER B 7 2.20 0.78 24.65
N ALA B 8 1.64 -0.42 24.52
CA ALA B 8 0.54 -0.67 23.61
C ALA B 8 -0.05 -2.07 23.81
N PRO B 9 -1.05 -2.19 24.69
CA PRO B 9 -1.70 -3.48 24.97
C PRO B 9 -2.51 -3.99 23.78
N TYR B 10 -2.81 -5.28 23.79
CA TYR B 10 -3.58 -5.89 22.71
C TYR B 10 -2.86 -5.75 21.38
N GLY B 11 -1.53 -5.73 21.42
CA GLY B 11 -0.75 -5.61 20.21
C GLY B 11 0.74 -5.55 20.49
N ALA B 12 1.33 -6.72 20.76
CA ALA B 12 2.76 -6.80 21.04
C ALA B 12 3.55 -7.15 19.79
N LEU B 13 2.92 -7.87 18.87
CA LEU B 13 3.56 -8.27 17.63
C LEU B 13 4.02 -7.04 16.84
N ASP B 14 5.32 -6.78 16.89
CA ASP B 14 5.90 -5.63 16.18
C ASP B 14 6.75 -6.10 15.00
N MET B 15 7.35 -7.27 15.14
CA MET B 15 8.19 -7.83 14.08
C MET B 15 7.38 -8.11 12.82
N ALA B 16 6.07 -8.17 12.96
CA ALA B 16 5.19 -8.41 11.83
C ALA B 16 5.05 -7.18 10.96
N ASP B 17 5.57 -6.05 11.43
CA ASP B 17 5.49 -4.82 10.67
C ASP B 17 6.68 -4.70 9.73
N PHE B 18 7.85 -4.98 10.26
CA PHE B 18 9.07 -4.93 9.47
C PHE B 18 9.16 -6.19 8.61
N GLU B 19 8.61 -7.28 9.12
CA GLU B 19 8.60 -8.54 8.40
C GLU B 19 7.67 -8.46 7.20
N PHE B 20 6.61 -7.68 7.32
CA PHE B 20 5.67 -7.55 6.21
C PHE B 20 6.30 -6.82 5.04
N GLU B 21 7.30 -5.98 5.33
CA GLU B 21 7.96 -5.24 4.27
C GLU B 21 8.82 -6.14 3.40
N GLN B 22 9.32 -7.23 3.96
CA GLN B 22 10.14 -8.16 3.19
C GLN B 22 9.30 -8.79 2.10
N MET B 23 8.03 -9.02 2.41
CA MET B 23 7.11 -9.56 1.41
C MET B 23 6.73 -8.43 0.46
N PHE B 24 6.99 -7.20 0.90
CA PHE B 24 6.69 -6.01 0.12
C PHE B 24 7.92 -5.40 -0.51
N THR B 25 8.92 -6.23 -0.83
CA THR B 25 10.12 -5.73 -1.47
C THR B 25 10.28 -6.40 -2.82
N ASP B 26 9.94 -5.63 -3.87
CA ASP B 26 10.01 -6.09 -5.25
C ASP B 26 9.69 -7.58 -5.37
N ALA B 27 8.42 -7.93 -5.15
CA ALA B 27 7.99 -9.32 -5.23
C ALA B 27 7.06 -9.54 -6.42
N LEU B 28 7.26 -8.75 -7.47
CA LEU B 28 6.45 -8.85 -8.68
C LEU B 28 7.32 -8.79 -9.93
N GLY B 29 6.68 -8.67 -11.09
CA GLY B 29 7.40 -8.61 -12.34
C GLY B 29 6.90 -9.61 -13.36
N ILE B 30 7.73 -9.90 -14.35
CA ILE B 30 7.37 -10.85 -15.39
C ILE B 30 8.45 -11.90 -15.60
N ASP B 31 8.22 -12.83 -16.52
CA ASP B 31 9.18 -13.88 -16.81
C ASP B 31 9.89 -13.62 -18.14
N GLU B 32 9.14 -13.08 -19.11
CA GLU B 32 9.69 -12.78 -20.42
C GLU B 32 10.56 -11.53 -20.38
N TYR B 33 11.81 -11.70 -19.93
CA TYR B 33 12.74 -10.59 -19.85
C TYR B 33 13.83 -10.70 -20.90
N GLY B 34 14.04 -9.64 -21.66
CA GLY B 34 15.06 -9.63 -22.70
C GLY B 34 14.90 -8.48 -23.67
N GLY B 35 15.00 -8.78 -24.96
CA GLY B 35 14.87 -7.75 -25.97
C GLY B 35 14.01 -8.19 -27.14
N PRO A 1 -15.50 -10.48 -6.40
CA PRO A 1 -14.96 -9.10 -6.28
C PRO A 1 -13.59 -8.97 -6.96
N SER A 2 -13.54 -8.14 -8.00
CA SER A 2 -12.30 -7.93 -8.74
C SER A 2 -11.64 -6.62 -8.31
N HIS A 3 -12.45 -5.64 -7.91
CA HIS A 3 -11.95 -4.35 -7.47
C HIS A 3 -12.28 -4.09 -6.01
N SER A 4 -12.56 -5.15 -5.29
CA SER A 4 -12.90 -5.05 -3.87
C SER A 4 -12.30 -6.21 -3.10
N GLY A 5 -11.96 -5.96 -1.84
CA GLY A 5 -11.37 -6.99 -1.02
C GLY A 5 -11.29 -6.56 0.43
N ALA A 6 -10.89 -7.49 1.29
CA ALA A 6 -10.76 -7.21 2.71
C ALA A 6 -9.30 -7.16 3.14
N ALA A 7 -8.91 -6.05 3.74
CA ALA A 7 -7.54 -5.87 4.21
C ALA A 7 -7.50 -5.07 5.50
N ILE A 8 -6.37 -5.10 6.19
CA ILE A 8 -6.23 -4.38 7.44
C ILE A 8 -5.54 -3.03 7.23
N PHE A 9 -6.17 -1.96 7.68
CA PHE A 9 -5.61 -0.62 7.55
C PHE A 9 -5.34 -0.02 8.93
N GLU A 10 -4.21 0.68 9.05
CA GLU A 10 -3.83 1.29 10.31
C GLU A 10 -3.86 0.28 11.45
N LYS A 11 -3.63 -0.99 11.10
CA LYS A 11 -3.63 -2.06 12.07
C LYS A 11 -5.01 -2.22 12.70
N VAL A 12 -6.03 -2.10 11.87
CA VAL A 12 -7.41 -2.23 12.30
C VAL A 12 -8.22 -2.99 11.25
N SER A 13 -8.55 -4.24 11.54
CA SER A 13 -9.31 -5.09 10.64
C SER A 13 -10.39 -4.30 9.89
N GLY A 14 -10.33 -4.35 8.56
CA GLY A 14 -11.32 -3.64 7.77
C GLY A 14 -11.44 -4.21 6.37
N ILE A 15 -12.03 -3.42 5.47
CA ILE A 15 -12.23 -3.85 4.09
C ILE A 15 -11.84 -2.75 3.09
N ILE A 16 -11.40 -3.17 1.91
CA ILE A 16 -10.98 -2.23 0.87
C ILE A 16 -11.91 -2.26 -0.34
N ALA A 17 -12.04 -1.10 -0.99
CA ALA A 17 -12.86 -0.96 -2.18
C ALA A 17 -12.18 -0.01 -3.16
N ILE A 18 -12.14 -0.38 -4.44
CA ILE A 18 -11.50 0.46 -5.45
C ILE A 18 -12.51 1.38 -6.13
N ASN A 19 -12.17 2.66 -6.20
CA ASN A 19 -13.04 3.65 -6.81
C ASN A 19 -12.59 3.96 -8.24
N GLU A 20 -12.57 2.93 -9.07
CA GLU A 20 -12.17 3.09 -10.47
C GLU A 20 -13.39 3.43 -11.33
N ASP A 21 -14.23 4.32 -10.84
CA ASP A 21 -15.42 4.75 -11.56
C ASP A 21 -15.34 6.24 -11.82
N VAL A 22 -14.90 6.97 -10.81
CA VAL A 22 -14.74 8.41 -10.90
C VAL A 22 -13.88 8.78 -12.11
N SER A 23 -13.59 10.07 -12.26
CA SER A 23 -12.78 10.52 -13.38
C SER A 23 -11.43 9.78 -13.40
N PRO A 24 -10.58 9.99 -12.37
CA PRO A 24 -9.29 9.31 -12.28
C PRO A 24 -9.43 7.88 -11.73
N ALA A 25 -9.03 7.68 -10.47
CA ALA A 25 -9.12 6.37 -9.83
C ALA A 25 -8.48 6.42 -8.45
N GLU A 26 -9.12 5.79 -7.48
CA GLU A 26 -8.62 5.77 -6.11
C GLU A 26 -9.03 4.51 -5.37
N LEU A 27 -8.39 4.25 -4.25
CA LEU A 27 -8.69 3.09 -3.43
C LEU A 27 -9.28 3.54 -2.10
N THR A 28 -10.50 3.10 -1.81
CA THR A 28 -11.18 3.46 -0.56
C THR A 28 -11.27 2.27 0.38
N TRP A 29 -10.98 2.50 1.66
CA TRP A 29 -11.03 1.45 2.65
C TRP A 29 -11.76 1.89 3.91
N ARG A 30 -12.52 0.98 4.48
CA ARG A 30 -13.26 1.26 5.71
C ARG A 30 -13.14 0.10 6.69
N SER A 31 -13.16 0.43 7.97
CA SER A 31 -13.09 -0.59 9.01
C SER A 31 -14.13 -1.68 8.75
N THR A 32 -14.05 -2.80 9.48
CA THR A 32 -15.00 -3.88 9.31
C THR A 32 -16.39 -3.43 9.68
N ASP A 33 -16.47 -2.55 10.66
CA ASP A 33 -17.73 -2.02 11.12
C ASP A 33 -17.50 -1.06 12.27
N GLY A 34 -16.49 -0.20 12.11
CA GLY A 34 -16.17 0.76 13.16
C GLY A 34 -16.36 2.20 12.71
N ASP A 35 -17.30 2.42 11.81
CA ASP A 35 -17.58 3.75 11.29
C ASP A 35 -16.29 4.48 10.95
N LYS A 36 -15.30 3.72 10.51
CA LYS A 36 -14.01 4.26 10.14
C LYS A 36 -13.79 4.13 8.64
N VAL A 37 -13.24 5.18 8.04
CA VAL A 37 -12.98 5.19 6.61
C VAL A 37 -11.62 5.79 6.29
N HIS A 38 -11.07 5.37 5.16
CA HIS A 38 -9.77 5.86 4.71
C HIS A 38 -9.60 5.60 3.23
N THR A 39 -9.51 6.68 2.45
CA THR A 39 -9.35 6.57 1.01
C THR A 39 -8.10 7.30 0.53
N VAL A 40 -7.40 6.69 -0.41
CA VAL A 40 -6.18 7.29 -0.96
C VAL A 40 -6.27 7.42 -2.48
N VAL A 41 -5.75 8.52 -3.01
CA VAL A 41 -5.77 8.78 -4.45
C VAL A 41 -4.37 8.65 -5.04
N LEU A 42 -4.27 8.04 -6.20
CA LEU A 42 -2.99 7.86 -6.87
C LEU A 42 -2.24 9.16 -6.98
N SER A 43 -2.98 10.26 -7.14
CA SER A 43 -2.37 11.59 -7.24
C SER A 43 -1.31 11.78 -6.15
N THR A 44 -1.48 11.08 -5.03
CA THR A 44 -0.55 11.15 -3.91
C THR A 44 0.33 9.92 -3.88
N ILE A 45 -0.19 8.83 -4.44
CA ILE A 45 0.53 7.55 -4.51
C ILE A 45 0.70 7.11 -5.96
N ASP A 46 1.94 7.10 -6.44
CA ASP A 46 2.20 6.71 -7.83
C ASP A 46 3.00 5.42 -7.93
N LYS A 47 2.91 4.60 -6.90
CA LYS A 47 3.61 3.31 -6.88
C LYS A 47 2.97 2.38 -5.86
N LEU A 48 2.90 1.10 -6.21
CA LEU A 48 2.31 0.09 -5.32
C LEU A 48 3.26 -1.10 -5.13
N GLN A 49 3.62 -1.36 -3.88
CA GLN A 49 4.51 -2.47 -3.56
C GLN A 49 3.72 -3.63 -2.95
N ALA A 50 3.77 -4.79 -3.60
CA ALA A 50 3.05 -5.96 -3.13
C ALA A 50 3.97 -7.18 -3.04
N THR A 51 3.52 -8.20 -2.33
CA THR A 51 4.30 -9.42 -2.17
C THR A 51 4.06 -10.37 -3.34
N PRO A 52 4.92 -11.41 -3.48
CA PRO A 52 4.80 -12.39 -4.56
C PRO A 52 3.55 -13.27 -4.42
N ALA A 53 3.17 -13.93 -5.51
CA ALA A 53 2.00 -14.79 -5.50
C ALA A 53 2.14 -15.91 -4.47
N SER A 54 3.36 -16.42 -4.32
CA SER A 54 3.62 -17.49 -3.36
C SER A 54 4.20 -16.92 -2.07
N SER A 55 3.81 -15.69 -1.75
CA SER A 55 4.28 -15.04 -0.53
C SER A 55 3.76 -15.74 0.71
N GLU A 56 4.30 -15.36 1.88
CA GLU A 56 3.90 -15.95 3.14
C GLU A 56 3.48 -14.87 4.13
N LYS A 57 2.68 -13.91 3.65
CA LYS A 57 2.22 -12.83 4.50
C LYS A 57 0.86 -12.32 4.03
N MET A 58 0.71 -12.15 2.71
CA MET A 58 -0.55 -11.67 2.15
C MET A 58 -0.80 -10.22 2.54
N MET A 59 0.00 -9.31 1.97
CA MET A 59 -0.14 -7.89 2.29
C MET A 59 0.60 -7.04 1.24
N LEU A 60 0.15 -5.79 1.08
CA LEU A 60 0.77 -4.87 0.12
C LEU A 60 0.76 -3.43 0.64
N ARG A 61 1.62 -2.60 0.08
CA ARG A 61 1.71 -1.18 0.47
C ARG A 61 1.82 -0.28 -0.76
N LEU A 62 1.19 0.88 -0.67
CA LEU A 62 1.24 1.85 -1.77
C LEU A 62 2.13 3.01 -1.39
N ILE A 63 2.98 3.37 -2.32
CA ILE A 63 3.93 4.46 -2.12
C ILE A 63 3.35 5.81 -2.52
N GLY A 64 3.54 6.80 -1.66
CA GLY A 64 3.03 8.14 -1.93
C GLY A 64 3.94 8.93 -2.87
N LYS A 65 4.50 8.23 -3.85
CA LYS A 65 5.41 8.82 -4.85
C LYS A 65 6.35 9.87 -4.25
N VAL A 66 7.58 9.90 -4.75
CA VAL A 66 8.57 10.83 -4.28
C VAL A 66 9.16 11.65 -5.43
N ASP A 67 10.46 11.92 -5.35
CA ASP A 67 11.13 12.72 -6.36
C ASP A 67 10.53 14.11 -6.39
N GLU A 68 10.12 14.57 -5.21
CA GLU A 68 9.52 15.88 -5.08
C GLU A 68 10.43 16.95 -5.68
N SER A 69 11.72 16.75 -5.52
CA SER A 69 12.74 17.65 -6.03
C SER A 69 14.12 17.17 -5.65
N LYS A 70 14.31 15.85 -5.68
CA LYS A 70 15.59 15.25 -5.33
C LYS A 70 15.92 15.50 -3.87
N LYS A 71 15.15 14.87 -2.97
CA LYS A 71 15.36 15.04 -1.54
C LYS A 71 15.05 16.47 -1.10
N ARG A 72 15.42 16.79 0.13
CA ARG A 72 15.19 18.13 0.67
C ARG A 72 16.00 19.17 -0.10
N LYS A 73 15.57 20.43 0.01
CA LYS A 73 16.24 21.53 -0.65
C LYS A 73 16.14 22.81 0.16
N ASP A 74 17.17 23.63 0.09
CA ASP A 74 17.20 24.89 0.83
C ASP A 74 18.22 25.85 0.25
N ASN A 75 18.50 25.71 -1.05
CA ASN A 75 19.46 26.58 -1.73
C ASN A 75 18.78 27.46 -2.76
N GLU A 76 17.76 26.91 -3.40
CA GLU A 76 16.99 27.64 -4.41
C GLU A 76 15.69 28.19 -3.83
N GLY A 77 15.25 27.60 -2.73
CA GLY A 77 14.02 28.03 -2.09
C GLY A 77 12.82 27.22 -2.53
N ASN A 78 12.93 25.90 -2.39
CA ASN A 78 11.85 25.00 -2.79
C ASN A 78 11.45 24.09 -1.63
N GLU A 79 12.44 23.55 -0.94
CA GLU A 79 12.20 22.67 0.21
C GLU A 79 11.17 21.59 -0.11
N VAL A 80 11.64 20.34 -0.19
CA VAL A 80 10.77 19.22 -0.50
C VAL A 80 10.98 18.08 0.49
N VAL A 81 9.94 17.24 0.64
CA VAL A 81 10.00 16.11 1.56
C VAL A 81 11.02 15.07 1.09
N PRO A 82 11.98 14.71 1.95
CA PRO A 82 13.01 13.73 1.62
C PRO A 82 12.55 12.29 1.84
N LYS A 83 12.02 12.05 3.03
CA LYS A 83 11.54 10.72 3.40
C LYS A 83 10.20 10.42 2.75
N PRO A 84 10.14 9.40 1.87
CA PRO A 84 8.91 9.01 1.19
C PRO A 84 7.77 8.67 2.16
N GLN A 85 6.55 8.76 1.67
CA GLN A 85 5.38 8.44 2.48
C GLN A 85 4.51 7.40 1.79
N ARG A 86 4.46 6.21 2.38
CA ARG A 86 3.67 5.12 1.82
C ARG A 86 2.72 4.54 2.87
N HIS A 87 1.83 3.65 2.43
CA HIS A 87 0.86 3.02 3.31
C HIS A 87 0.90 1.51 3.14
N MET A 88 1.01 0.80 4.24
CA MET A 88 1.08 -0.66 4.21
C MET A 88 -0.23 -1.29 4.67
N PHE A 89 -0.72 -2.23 3.86
CA PHE A 89 -1.97 -2.93 4.15
C PHE A 89 -1.71 -4.41 4.42
N SER A 90 -2.66 -5.06 5.09
CA SER A 90 -2.55 -6.48 5.38
C SER A 90 -3.74 -7.23 4.81
N PHE A 91 -3.48 -8.13 3.88
CA PHE A 91 -4.54 -8.90 3.25
C PHE A 91 -4.66 -10.29 3.86
N ASN A 92 -5.85 -10.88 3.75
CA ASN A 92 -6.10 -12.21 4.28
C ASN A 92 -6.59 -13.15 3.18
N ASN A 93 -6.20 -12.85 1.95
CA ASN A 93 -6.59 -13.66 0.80
C ASN A 93 -5.74 -13.31 -0.41
N ARG A 94 -5.31 -14.32 -1.16
CA ARG A 94 -4.49 -14.12 -2.35
C ARG A 94 -5.27 -13.38 -3.44
N THR A 95 -6.48 -13.85 -3.72
CA THR A 95 -7.31 -13.25 -4.75
C THR A 95 -7.64 -11.79 -4.42
N VAL A 96 -7.80 -11.51 -3.13
CA VAL A 96 -8.11 -10.15 -2.70
C VAL A 96 -7.00 -9.19 -3.10
N MET A 97 -5.76 -9.56 -2.77
CA MET A 97 -4.61 -8.74 -3.10
C MET A 97 -4.38 -8.70 -4.60
N ASP A 98 -4.51 -9.86 -5.24
CA ASP A 98 -4.30 -9.96 -6.69
C ASP A 98 -5.39 -9.22 -7.45
N ASN A 99 -6.64 -9.35 -6.98
CA ASN A 99 -7.76 -8.69 -7.65
C ASN A 99 -7.54 -7.18 -7.72
N ILE A 100 -7.22 -6.58 -6.57
CA ILE A 100 -6.96 -5.16 -6.53
C ILE A 100 -5.59 -4.83 -7.10
N LYS A 101 -4.60 -5.68 -6.82
CA LYS A 101 -3.25 -5.48 -7.32
C LYS A 101 -3.28 -5.31 -8.83
N MET A 102 -3.97 -6.23 -9.49
CA MET A 102 -4.11 -6.18 -10.94
C MET A 102 -4.81 -4.89 -11.33
N THR A 103 -5.74 -4.46 -10.48
CA THR A 103 -6.49 -3.25 -10.71
C THR A 103 -5.57 -2.03 -10.57
N LEU A 104 -4.90 -1.97 -9.42
CA LEU A 104 -3.99 -0.87 -9.13
C LEU A 104 -2.82 -0.88 -10.11
N GLN A 105 -2.42 -2.06 -10.50
CA GLN A 105 -1.32 -2.22 -11.44
C GLN A 105 -1.62 -1.47 -12.74
N GLN A 106 -2.89 -1.43 -13.10
CA GLN A 106 -3.31 -0.72 -14.31
C GLN A 106 -3.37 0.77 -14.07
N ILE A 107 -3.94 1.16 -12.94
CA ILE A 107 -4.05 2.55 -12.58
C ILE A 107 -2.66 3.15 -12.37
N ILE A 108 -1.84 2.45 -11.59
CA ILE A 108 -0.47 2.89 -11.35
C ILE A 108 0.22 3.10 -12.68
N SER A 109 -0.11 2.22 -13.60
CA SER A 109 0.44 2.30 -14.96
C SER A 109 -0.11 3.54 -15.65
N ARG A 110 -1.37 3.86 -15.36
CA ARG A 110 -2.01 5.04 -15.95
C ARG A 110 -1.35 6.31 -15.44
N TYR A 111 -1.15 6.39 -14.13
CA TYR A 111 -0.52 7.55 -13.51
C TYR A 111 0.95 7.65 -13.91
N LYS A 112 1.56 6.50 -14.20
CA LYS A 112 2.96 6.47 -14.59
C LYS A 112 3.12 6.77 -16.07
N ASP A 113 2.10 6.42 -16.87
CA ASP A 113 2.13 6.65 -18.30
C ASP A 113 1.71 8.09 -18.62
N ALA A 114 0.65 8.55 -17.96
CA ALA A 114 0.15 9.90 -18.18
C ALA A 114 1.21 10.94 -17.84
N ASP A 115 1.76 10.83 -16.63
CA ASP A 115 2.79 11.77 -16.18
C ASP A 115 4.00 11.74 -17.10
N GLY B 1 8.74 -14.40 18.86
CA GLY B 1 8.66 -14.55 20.33
C GLY B 1 8.25 -15.94 20.76
N PHE B 2 8.43 -16.25 22.04
CA PHE B 2 8.07 -17.56 22.57
C PHE B 2 6.77 -17.49 23.36
N THR B 3 6.55 -16.37 24.04
CA THR B 3 5.35 -16.17 24.85
C THR B 3 4.51 -15.03 24.28
N PRO B 4 3.67 -15.32 23.26
CA PRO B 4 2.82 -14.31 22.64
C PRO B 4 1.97 -13.56 23.67
N HIS B 5 1.74 -12.28 23.40
CA HIS B 5 0.95 -11.44 24.29
C HIS B 5 -0.40 -11.09 23.67
N ASP B 6 -0.37 -10.63 22.43
CA ASP B 6 -1.59 -10.26 21.72
C ASP B 6 -2.33 -9.15 22.45
N SER B 7 -2.04 -7.91 22.08
CA SER B 7 -2.68 -6.75 22.70
C SER B 7 -2.22 -5.46 22.05
N ALA B 8 -2.90 -4.36 22.37
CA ALA B 8 -2.57 -3.05 21.81
C ALA B 8 -2.37 -2.02 22.91
N PRO B 9 -1.15 -1.91 23.44
CA PRO B 9 -0.83 -0.94 24.51
C PRO B 9 -1.26 0.47 24.15
N TYR B 10 -0.69 1.01 23.07
CA TYR B 10 -1.02 2.37 22.63
C TYR B 10 -1.56 2.34 21.21
N GLY B 11 -0.68 2.17 20.24
CA GLY B 11 -1.09 2.13 18.85
C GLY B 11 -0.45 1.00 18.08
N ALA B 12 -0.15 -0.09 18.78
CA ALA B 12 0.48 -1.25 18.14
C ALA B 12 1.84 -0.89 17.55
N LEU B 13 2.50 0.08 18.16
CA LEU B 13 3.81 0.52 17.70
C LEU B 13 4.87 -0.56 17.94
N ASP B 14 5.67 -0.83 16.92
CA ASP B 14 6.72 -1.84 17.03
C ASP B 14 7.55 -1.89 15.75
N MET B 15 8.35 -2.95 15.61
CA MET B 15 9.21 -3.11 14.44
C MET B 15 8.48 -3.87 13.32
N ALA B 16 7.16 -4.00 13.45
CA ALA B 16 6.36 -4.69 12.45
C ALA B 16 6.13 -3.83 11.22
N ASP B 17 6.42 -2.54 11.33
CA ASP B 17 6.23 -1.65 10.22
C ASP B 17 7.48 -1.60 9.35
N PHE B 18 8.62 -1.65 9.99
CA PHE B 18 9.89 -1.63 9.28
C PHE B 18 10.18 -3.01 8.69
N GLU B 19 9.74 -4.05 9.40
CA GLU B 19 9.94 -5.41 8.94
C GLU B 19 9.09 -5.70 7.71
N PHE B 20 7.91 -5.10 7.64
CA PHE B 20 7.05 -5.33 6.49
C PHE B 20 7.67 -4.72 5.23
N GLU B 21 8.44 -3.66 5.41
CA GLU B 21 9.09 -2.99 4.29
C GLU B 21 10.09 -3.90 3.60
N GLN B 22 10.69 -4.82 4.35
CA GLN B 22 11.65 -5.74 3.75
C GLN B 22 10.96 -6.61 2.73
N MET B 23 9.71 -6.95 3.01
CA MET B 23 8.90 -7.72 2.10
C MET B 23 8.06 -6.77 1.26
N PHE B 24 8.17 -5.48 1.58
CA PHE B 24 7.44 -4.43 0.89
C PHE B 24 8.38 -3.51 0.12
N THR B 25 9.60 -3.96 -0.13
CA THR B 25 10.55 -3.15 -0.87
C THR B 25 10.97 -3.88 -2.14
N ASP B 26 10.42 -3.42 -3.26
CA ASP B 26 10.70 -4.00 -4.57
C ASP B 26 10.66 -5.53 -4.52
N ALA B 27 9.46 -6.10 -4.43
CA ALA B 27 9.29 -7.54 -4.37
C ALA B 27 8.68 -8.07 -5.66
N LEU B 28 7.86 -7.25 -6.31
CA LEU B 28 7.22 -7.65 -7.56
C LEU B 28 7.93 -7.03 -8.76
N GLY B 29 9.25 -6.91 -8.66
CA GLY B 29 10.03 -6.34 -9.74
C GLY B 29 10.92 -7.36 -10.42
N ILE B 30 10.86 -7.41 -11.74
CA ILE B 30 11.67 -8.36 -12.50
C ILE B 30 11.29 -9.80 -12.17
N ASP B 31 10.74 -10.50 -13.16
CA ASP B 31 10.34 -11.89 -12.97
C ASP B 31 10.15 -12.59 -14.32
N GLU B 32 11.23 -13.11 -14.87
CA GLU B 32 11.17 -13.80 -16.16
C GLU B 32 12.21 -14.92 -16.21
N TYR B 33 11.92 -15.93 -17.03
CA TYR B 33 12.82 -17.07 -17.17
C TYR B 33 13.02 -17.78 -15.84
N GLY B 34 12.38 -18.94 -15.68
CA GLY B 34 12.50 -19.70 -14.46
C GLY B 34 11.23 -20.46 -14.12
N GLY B 35 10.30 -19.79 -13.44
CA GLY B 35 9.05 -20.43 -13.07
C GLY B 35 8.18 -19.54 -12.20
N PRO A 1 -16.57 -8.48 -6.92
CA PRO A 1 -16.21 -7.13 -7.42
C PRO A 1 -14.78 -7.08 -7.96
N SER A 2 -14.56 -6.24 -8.96
CA SER A 2 -13.24 -6.10 -9.56
C SER A 2 -12.45 -4.96 -8.90
N HIS A 3 -13.18 -3.96 -8.41
CA HIS A 3 -12.54 -2.82 -7.76
C HIS A 3 -12.83 -2.81 -6.27
N SER A 4 -13.18 -3.97 -5.75
CA SER A 4 -13.48 -4.12 -4.33
C SER A 4 -13.17 -5.53 -3.86
N GLY A 5 -12.81 -5.65 -2.59
CA GLY A 5 -12.49 -6.94 -2.04
C GLY A 5 -12.22 -6.88 -0.55
N ALA A 6 -12.04 -8.05 0.05
CA ALA A 6 -11.78 -8.13 1.48
C ALA A 6 -10.32 -8.47 1.76
N ALA A 7 -9.65 -7.62 2.54
CA ALA A 7 -8.26 -7.83 2.89
C ALA A 7 -7.97 -7.36 4.31
N ILE A 8 -6.95 -7.92 4.94
CA ILE A 8 -6.59 -7.53 6.29
C ILE A 8 -5.58 -6.38 6.26
N PHE A 9 -5.96 -5.27 6.87
CA PHE A 9 -5.08 -4.09 6.91
C PHE A 9 -4.67 -3.78 8.33
N GLU A 10 -3.39 -3.44 8.50
CA GLU A 10 -2.86 -3.13 9.83
C GLU A 10 -3.09 -4.29 10.79
N LYS A 11 -3.16 -5.50 10.23
CA LYS A 11 -3.38 -6.69 11.03
C LYS A 11 -4.73 -6.65 11.71
N VAL A 12 -5.73 -6.20 10.96
CA VAL A 12 -7.10 -6.11 11.45
C VAL A 12 -8.06 -6.54 10.36
N SER A 13 -8.68 -7.71 10.53
CA SER A 13 -9.63 -8.23 9.54
C SER A 13 -10.58 -7.15 9.06
N GLY A 14 -10.58 -6.89 7.76
CA GLY A 14 -11.44 -5.86 7.21
C GLY A 14 -11.74 -6.06 5.73
N ILE A 15 -12.18 -4.98 5.10
CA ILE A 15 -12.51 -5.00 3.68
C ILE A 15 -11.93 -3.78 2.97
N ILE A 16 -11.61 -3.95 1.69
CA ILE A 16 -11.03 -2.87 0.91
C ILE A 16 -12.00 -2.35 -0.15
N ALA A 17 -11.89 -1.07 -0.46
CA ALA A 17 -12.74 -0.44 -1.46
C ALA A 17 -11.93 0.56 -2.28
N ILE A 18 -12.01 0.43 -3.61
CA ILE A 18 -11.27 1.31 -4.50
C ILE A 18 -12.14 2.48 -4.93
N ASN A 19 -11.71 3.69 -4.59
CA ASN A 19 -12.46 4.89 -4.93
C ASN A 19 -12.04 5.43 -6.30
N GLU A 20 -12.24 4.62 -7.34
CA GLU A 20 -11.88 5.02 -8.69
C GLU A 20 -13.00 5.84 -9.34
N ASP A 21 -14.08 6.09 -8.58
CA ASP A 21 -15.19 6.87 -9.09
C ASP A 21 -14.87 8.35 -9.02
N VAL A 22 -14.14 8.75 -7.98
CA VAL A 22 -13.76 10.13 -7.80
C VAL A 22 -12.94 10.61 -8.99
N SER A 23 -12.67 11.92 -9.06
CA SER A 23 -11.89 12.48 -10.16
C SER A 23 -10.63 11.64 -10.40
N PRO A 24 -9.67 11.66 -9.46
CA PRO A 24 -8.44 10.88 -9.59
C PRO A 24 -8.68 9.38 -9.33
N ALA A 25 -8.23 8.89 -8.16
CA ALA A 25 -8.41 7.49 -7.81
C ALA A 25 -7.62 7.14 -6.55
N GLU A 26 -8.25 6.39 -5.65
CA GLU A 26 -7.59 6.00 -4.41
C GLU A 26 -8.15 4.68 -3.88
N LEU A 27 -7.43 4.09 -2.92
CA LEU A 27 -7.84 2.84 -2.31
C LEU A 27 -8.16 3.06 -0.83
N THR A 28 -9.40 2.74 -0.44
CA THR A 28 -9.82 2.92 0.95
C THR A 28 -10.16 1.58 1.59
N TRP A 29 -9.64 1.35 2.79
CA TRP A 29 -9.89 0.12 3.51
C TRP A 29 -10.27 0.36 4.96
N ARG A 30 -11.21 -0.44 5.45
CA ARG A 30 -11.66 -0.34 6.84
C ARG A 30 -11.88 -1.73 7.43
N SER A 31 -11.66 -1.87 8.73
CA SER A 31 -11.86 -3.15 9.41
C SER A 31 -13.30 -3.64 9.22
N THR A 32 -13.53 -4.92 9.50
CA THR A 32 -14.86 -5.48 9.37
C THR A 32 -15.76 -4.87 10.42
N ASP A 33 -15.15 -4.48 11.53
CA ASP A 33 -15.86 -3.86 12.62
C ASP A 33 -15.92 -2.35 12.42
N GLY A 34 -14.91 -1.81 11.76
CA GLY A 34 -14.85 -0.39 11.52
C GLY A 34 -14.20 0.36 12.66
N ASP A 35 -13.57 -0.39 13.56
CA ASP A 35 -12.88 0.23 14.68
C ASP A 35 -11.55 0.81 14.23
N LYS A 36 -11.32 0.71 12.95
CA LYS A 36 -10.11 1.23 12.33
C LYS A 36 -10.36 1.50 10.85
N VAL A 37 -9.51 2.35 10.26
CA VAL A 37 -9.65 2.69 8.87
C VAL A 37 -8.29 3.02 8.25
N HIS A 38 -8.14 2.73 6.96
CA HIS A 38 -6.90 3.00 6.26
C HIS A 38 -7.19 3.35 4.80
N THR A 39 -6.87 4.58 4.42
CA THR A 39 -7.10 5.05 3.07
C THR A 39 -5.83 5.67 2.49
N VAL A 40 -5.53 5.34 1.24
CA VAL A 40 -4.34 5.87 0.58
C VAL A 40 -4.66 6.40 -0.81
N VAL A 41 -4.03 7.50 -1.17
CA VAL A 41 -4.23 8.11 -2.48
C VAL A 41 -2.95 8.04 -3.30
N LEU A 42 -3.07 7.67 -4.57
CA LEU A 42 -1.91 7.56 -5.44
C LEU A 42 -1.06 8.81 -5.41
N SER A 43 -1.70 9.95 -5.20
CA SER A 43 -1.00 11.23 -5.13
C SER A 43 0.25 11.13 -4.25
N THR A 44 0.21 10.22 -3.28
CA THR A 44 1.33 10.01 -2.37
C THR A 44 1.98 8.65 -2.64
N ILE A 45 1.21 7.76 -3.24
CA ILE A 45 1.69 6.42 -3.56
C ILE A 45 1.64 6.19 -5.07
N ASP A 46 2.79 5.87 -5.67
CA ASP A 46 2.85 5.65 -7.11
C ASP A 46 3.43 4.29 -7.45
N LYS A 47 3.29 3.34 -6.54
CA LYS A 47 3.78 1.98 -6.75
C LYS A 47 3.06 0.99 -5.86
N LEU A 48 2.82 -0.21 -6.40
CA LEU A 48 2.13 -1.26 -5.66
C LEU A 48 2.90 -2.58 -5.79
N GLN A 49 3.22 -3.20 -4.65
CA GLN A 49 3.94 -4.47 -4.64
C GLN A 49 2.99 -5.61 -4.31
N ALA A 50 2.89 -6.58 -5.23
CA ALA A 50 2.02 -7.72 -5.04
C ALA A 50 2.79 -9.03 -5.21
N THR A 51 2.20 -10.12 -4.74
CA THR A 51 2.83 -11.43 -4.84
C THR A 51 2.48 -12.11 -6.16
N PRO A 52 3.30 -13.10 -6.57
CA PRO A 52 3.08 -13.83 -7.83
C PRO A 52 1.96 -14.85 -7.71
N ALA A 53 1.44 -15.30 -8.85
CA ALA A 53 0.36 -16.28 -8.88
C ALA A 53 0.83 -17.63 -8.35
N SER A 54 2.12 -17.91 -8.52
CA SER A 54 2.69 -19.17 -8.06
C SER A 54 2.88 -19.18 -6.55
N SER A 55 3.00 -18.00 -5.97
CA SER A 55 3.18 -17.86 -4.52
C SER A 55 1.93 -18.31 -3.78
N GLU A 56 2.13 -19.11 -2.73
CA GLU A 56 1.01 -19.61 -1.93
C GLU A 56 0.35 -18.48 -1.15
N LYS A 57 1.16 -17.49 -0.76
CA LYS A 57 0.65 -16.34 0.00
C LYS A 57 -0.37 -15.56 -0.83
N MET A 58 -0.79 -14.42 -0.32
CA MET A 58 -1.77 -13.58 -1.00
C MET A 58 -1.90 -12.23 -0.31
N MET A 59 -1.03 -11.28 -0.69
CA MET A 59 -1.06 -9.95 -0.11
C MET A 59 -0.35 -8.94 -0.99
N LEU A 60 -0.70 -7.66 -0.82
CA LEU A 60 -0.05 -6.61 -1.59
C LEU A 60 0.08 -5.32 -0.78
N ARG A 61 1.15 -4.57 -1.03
CA ARG A 61 1.41 -3.33 -0.32
C ARG A 61 1.73 -2.20 -1.32
N LEU A 62 1.26 -1.00 -1.03
CA LEU A 62 1.50 0.14 -1.92
C LEU A 62 2.55 1.08 -1.36
N ILE A 63 3.43 1.52 -2.24
CA ILE A 63 4.53 2.40 -1.89
C ILE A 63 4.12 3.88 -1.97
N GLY A 64 4.67 4.67 -1.06
CA GLY A 64 4.37 6.10 -1.04
C GLY A 64 5.35 6.89 -1.89
N LYS A 65 5.65 6.36 -3.08
CA LYS A 65 6.57 6.97 -4.04
C LYS A 65 7.76 7.67 -3.36
N VAL A 66 8.61 8.26 -4.18
CA VAL A 66 9.79 8.93 -3.69
C VAL A 66 10.17 10.10 -4.59
N ASP A 67 11.02 10.99 -4.07
CA ASP A 67 11.45 12.15 -4.82
C ASP A 67 12.97 12.30 -4.79
N GLU A 68 13.67 11.18 -4.90
CA GLU A 68 15.13 11.21 -4.90
C GLU A 68 15.62 12.13 -6.02
N SER A 69 14.81 12.26 -7.06
CA SER A 69 15.14 13.11 -8.20
C SER A 69 13.99 14.06 -8.52
N LYS A 70 13.14 14.27 -7.53
CA LYS A 70 11.99 15.16 -7.66
C LYS A 70 11.71 15.84 -6.33
N LYS A 71 12.76 16.05 -5.55
CA LYS A 71 12.64 16.68 -4.24
C LYS A 71 11.99 18.06 -4.33
N ARG A 72 11.38 18.49 -3.23
CA ARG A 72 10.73 19.79 -3.17
C ARG A 72 11.78 20.89 -3.03
N LYS A 73 11.33 22.14 -3.14
CA LYS A 73 12.24 23.28 -3.03
C LYS A 73 11.53 24.49 -2.44
N ASP A 74 12.32 25.48 -2.02
CA ASP A 74 11.77 26.70 -1.44
C ASP A 74 10.85 26.38 -0.26
N ASN A 75 11.45 25.95 0.84
CA ASN A 75 10.69 25.60 2.04
C ASN A 75 11.51 25.86 3.30
N GLU A 76 12.41 24.95 3.60
CA GLU A 76 13.26 25.07 4.78
C GLU A 76 14.66 25.57 4.41
N GLY A 77 15.05 25.33 3.17
CA GLY A 77 16.35 25.76 2.69
C GLY A 77 16.89 24.89 1.58
N ASN A 78 17.02 23.61 1.85
CA ASN A 78 17.53 22.66 0.85
C ASN A 78 16.38 21.98 0.12
N GLU A 79 16.60 21.68 -1.15
CA GLU A 79 15.57 21.04 -1.97
C GLU A 79 15.63 19.53 -1.81
N VAL A 80 15.06 19.03 -0.73
CA VAL A 80 15.05 17.61 -0.45
C VAL A 80 13.65 17.12 -0.09
N VAL A 81 13.40 15.83 -0.29
CA VAL A 81 12.11 15.24 0.01
C VAL A 81 12.20 14.34 1.25
N PRO A 82 11.18 14.37 2.11
CA PRO A 82 11.14 13.56 3.33
C PRO A 82 11.32 12.07 3.01
N LYS A 83 11.11 11.23 4.02
CA LYS A 83 11.25 9.78 3.83
C LYS A 83 9.95 9.17 3.34
N PRO A 84 10.01 8.31 2.30
CA PRO A 84 8.82 7.66 1.74
C PRO A 84 8.03 6.89 2.79
N GLN A 85 6.75 6.68 2.51
CA GLN A 85 5.87 5.95 3.41
C GLN A 85 5.02 4.95 2.65
N ARG A 86 5.25 3.67 2.91
CA ARG A 86 4.50 2.60 2.24
C ARG A 86 3.64 1.85 3.24
N HIS A 87 2.50 1.35 2.76
CA HIS A 87 1.56 0.60 3.60
C HIS A 87 1.31 -0.77 3.00
N MET A 88 1.08 -1.77 3.86
CA MET A 88 0.85 -3.13 3.40
C MET A 88 -0.37 -3.75 4.09
N PHE A 89 -1.03 -4.67 3.38
CA PHE A 89 -2.19 -5.37 3.90
C PHE A 89 -2.29 -6.75 3.27
N SER A 90 -2.86 -7.70 4.01
CA SER A 90 -2.97 -9.08 3.52
C SER A 90 -4.34 -9.39 2.94
N PHE A 91 -4.40 -10.39 2.07
CA PHE A 91 -5.64 -10.80 1.43
C PHE A 91 -5.99 -12.23 1.80
N ASN A 92 -7.20 -12.66 1.43
CA ASN A 92 -7.65 -14.01 1.73
C ASN A 92 -7.95 -14.77 0.43
N ASN A 93 -8.53 -14.07 -0.54
CA ASN A 93 -8.86 -14.68 -1.82
C ASN A 93 -7.94 -14.14 -2.92
N ARG A 94 -7.59 -15.01 -3.86
CA ARG A 94 -6.71 -14.62 -4.96
C ARG A 94 -7.38 -13.59 -5.87
N THR A 95 -8.68 -13.78 -6.11
CA THR A 95 -9.43 -12.85 -6.96
C THR A 95 -9.50 -11.47 -6.34
N VAL A 96 -9.56 -11.41 -5.02
CA VAL A 96 -9.63 -10.14 -4.31
C VAL A 96 -8.39 -9.30 -4.61
N MET A 97 -7.23 -9.91 -4.45
CA MET A 97 -5.97 -9.21 -4.70
C MET A 97 -5.81 -8.91 -6.18
N ASP A 98 -6.14 -9.87 -7.02
CA ASP A 98 -6.04 -9.70 -8.47
C ASP A 98 -7.04 -8.67 -8.98
N ASN A 99 -8.26 -8.72 -8.46
CA ASN A 99 -9.30 -7.78 -8.89
C ASN A 99 -8.85 -6.34 -8.66
N ILE A 100 -8.38 -6.05 -7.46
CA ILE A 100 -7.91 -4.70 -7.15
C ILE A 100 -6.53 -4.47 -7.77
N LYS A 101 -5.69 -5.51 -7.75
CA LYS A 101 -4.34 -5.39 -8.31
C LYS A 101 -4.43 -4.92 -9.74
N MET A 102 -5.27 -5.56 -10.51
CA MET A 102 -5.48 -5.18 -11.90
C MET A 102 -5.99 -3.75 -11.97
N THR A 103 -6.78 -3.38 -10.97
CA THR A 103 -7.33 -2.04 -10.88
C THR A 103 -6.24 -1.04 -10.56
N LEU A 104 -5.50 -1.31 -9.49
CA LEU A 104 -4.42 -0.44 -9.06
C LEU A 104 -3.31 -0.41 -10.09
N GLN A 105 -3.11 -1.54 -10.74
CA GLN A 105 -2.09 -1.65 -11.76
C GLN A 105 -2.31 -0.61 -12.86
N GLN A 106 -3.58 -0.32 -13.13
CA GLN A 106 -3.94 0.66 -14.14
C GLN A 106 -3.74 2.08 -13.62
N ILE A 107 -4.23 2.31 -12.41
CA ILE A 107 -4.12 3.60 -11.78
C ILE A 107 -2.65 3.93 -11.53
N ILE A 108 -1.93 2.98 -10.95
CA ILE A 108 -0.51 3.14 -10.69
C ILE A 108 0.18 3.48 -11.99
N SER A 109 -0.29 2.85 -13.05
CA SER A 109 0.23 3.09 -14.39
C SER A 109 -0.12 4.50 -14.83
N ARG A 110 -1.32 4.95 -14.43
CA ARG A 110 -1.78 6.29 -14.77
C ARG A 110 -0.92 7.35 -14.09
N TYR A 111 -0.70 7.16 -12.79
CA TYR A 111 0.12 8.09 -12.02
C TYR A 111 1.58 8.00 -12.42
N LYS A 112 1.98 6.83 -12.93
CA LYS A 112 3.35 6.61 -13.36
C LYS A 112 3.57 7.13 -14.78
N ASP A 113 2.50 7.12 -15.57
CA ASP A 113 2.58 7.60 -16.95
C ASP A 113 2.42 9.11 -17.01
N ALA A 114 1.58 9.65 -16.14
CA ALA A 114 1.33 11.09 -16.09
C ALA A 114 2.62 11.84 -15.76
N ASP A 115 3.32 11.38 -14.73
CA ASP A 115 4.56 12.02 -14.31
C ASP A 115 5.59 11.99 -15.43
N GLY B 1 -6.88 -0.60 40.50
CA GLY B 1 -5.72 -1.41 40.05
C GLY B 1 -4.83 -0.64 39.09
N PHE B 2 -5.21 -0.63 37.81
CA PHE B 2 -4.45 0.08 36.79
C PHE B 2 -5.35 0.90 35.89
N THR B 3 -4.77 1.56 34.90
CA THR B 3 -5.53 2.39 33.96
C THR B 3 -5.14 2.07 32.52
N PRO B 4 -5.68 0.98 31.96
CA PRO B 4 -5.39 0.56 30.59
C PRO B 4 -5.62 1.69 29.59
N HIS B 5 -4.55 2.09 28.90
CA HIS B 5 -4.64 3.16 27.91
C HIS B 5 -3.37 3.25 27.08
N ASP B 6 -2.31 3.77 27.70
CA ASP B 6 -1.03 3.92 27.02
C ASP B 6 0.05 4.41 27.98
N SER B 7 -0.02 3.94 29.22
CA SER B 7 0.95 4.34 30.25
C SER B 7 2.15 3.40 30.23
N ALA B 8 1.91 2.14 29.93
CA ALA B 8 2.98 1.14 29.88
C ALA B 8 3.81 1.29 28.62
N PRO B 9 4.96 0.60 28.54
CA PRO B 9 5.84 0.65 27.37
C PRO B 9 5.11 0.38 26.07
N TYR B 10 5.66 0.87 24.97
CA TYR B 10 5.06 0.67 23.65
C TYR B 10 6.08 0.90 22.55
N GLY B 11 6.15 -0.03 21.61
CA GLY B 11 7.09 0.07 20.51
C GLY B 11 6.47 -0.30 19.18
N ALA B 12 5.77 0.64 18.57
CA ALA B 12 5.12 0.40 17.28
C ALA B 12 6.14 0.04 16.22
N LEU B 13 5.66 -0.35 15.05
CA LEU B 13 6.53 -0.72 13.94
C LEU B 13 7.42 -1.90 14.32
N ASP B 14 6.86 -3.11 14.25
CA ASP B 14 7.61 -4.31 14.60
C ASP B 14 8.59 -4.67 13.49
N MET B 15 9.28 -5.79 13.67
CA MET B 15 10.26 -6.25 12.68
C MET B 15 9.62 -7.16 11.64
N ALA B 16 8.29 -7.17 11.58
CA ALA B 16 7.57 -8.00 10.63
C ALA B 16 7.55 -7.35 9.26
N ASP B 17 7.59 -6.02 9.24
CA ASP B 17 7.58 -5.28 7.99
C ASP B 17 8.86 -5.53 7.20
N PHE B 18 9.93 -5.83 7.93
CA PHE B 18 11.22 -6.10 7.30
C PHE B 18 11.18 -7.42 6.56
N GLU B 19 10.78 -8.48 7.26
CA GLU B 19 10.68 -9.80 6.66
C GLU B 19 9.53 -9.82 5.65
N PHE B 20 8.50 -9.04 5.95
CA PHE B 20 7.33 -8.94 5.09
C PHE B 20 7.67 -8.14 3.85
N GLU B 21 8.48 -7.09 4.00
CA GLU B 21 8.87 -6.28 2.86
C GLU B 21 9.79 -7.05 1.93
N GLN B 22 10.53 -8.02 2.48
CA GLN B 22 11.42 -8.84 1.67
C GLN B 22 10.61 -9.66 0.69
N MET B 23 9.53 -10.25 1.18
CA MET B 23 8.64 -11.00 0.31
C MET B 23 7.77 -10.00 -0.44
N PHE B 24 8.05 -8.72 -0.20
CA PHE B 24 7.31 -7.63 -0.81
C PHE B 24 8.22 -6.70 -1.60
N THR B 25 9.34 -7.23 -2.11
CA THR B 25 10.26 -6.42 -2.87
C THR B 25 10.40 -6.97 -4.29
N ASP B 26 9.74 -6.28 -5.23
CA ASP B 26 9.75 -6.67 -6.63
C ASP B 26 9.47 -8.16 -6.79
N ALA B 27 8.19 -8.51 -6.84
CA ALA B 27 7.77 -9.90 -6.98
C ALA B 27 6.96 -10.10 -8.26
N LEU B 28 7.25 -9.29 -9.27
CA LEU B 28 6.55 -9.38 -10.54
C LEU B 28 7.49 -9.17 -11.72
N GLY B 29 7.02 -9.48 -12.92
CA GLY B 29 7.85 -9.32 -14.11
C GLY B 29 7.04 -8.88 -15.31
N ILE B 30 7.15 -7.59 -15.64
CA ILE B 30 6.44 -7.03 -16.78
C ILE B 30 7.05 -7.50 -18.10
N ASP B 31 8.37 -7.41 -18.19
CA ASP B 31 9.08 -7.82 -19.40
C ASP B 31 10.57 -7.95 -19.13
N GLU B 32 11.16 -6.92 -18.53
CA GLU B 32 12.58 -6.93 -18.22
C GLU B 32 13.41 -7.06 -19.48
N TYR B 33 13.57 -5.94 -20.19
CA TYR B 33 14.35 -5.92 -21.42
C TYR B 33 15.70 -5.24 -21.21
N GLY B 34 16.75 -5.84 -21.78
CA GLY B 34 18.08 -5.29 -21.63
C GLY B 34 19.15 -6.19 -22.21
N GLY B 35 18.85 -6.81 -23.35
CA GLY B 35 19.81 -7.69 -23.99
C GLY B 35 19.46 -7.95 -25.45
N PRO A 1 -16.60 -8.34 -8.52
CA PRO A 1 -15.75 -7.79 -7.43
C PRO A 1 -14.28 -7.69 -7.86
N SER A 2 -14.03 -7.04 -8.98
CA SER A 2 -12.68 -6.87 -9.49
C SER A 2 -12.06 -5.55 -9.04
N HIS A 3 -12.88 -4.69 -8.44
CA HIS A 3 -12.41 -3.39 -7.97
C HIS A 3 -12.89 -3.12 -6.55
N SER A 4 -13.24 -4.18 -5.85
CA SER A 4 -13.72 -4.08 -4.48
C SER A 4 -13.39 -5.34 -3.71
N GLY A 5 -13.11 -5.17 -2.42
CA GLY A 5 -12.78 -6.31 -1.59
C GLY A 5 -12.61 -5.93 -0.14
N ALA A 6 -12.47 -6.92 0.72
CA ALA A 6 -12.31 -6.68 2.15
C ALA A 6 -10.85 -6.81 2.57
N ALA A 7 -10.33 -5.75 3.20
CA ALA A 7 -8.95 -5.74 3.67
C ALA A 7 -8.86 -4.99 4.98
N ILE A 8 -7.74 -5.15 5.68
CA ILE A 8 -7.53 -4.50 6.96
C ILE A 8 -6.75 -3.19 6.80
N PHE A 9 -7.34 -2.10 7.29
CA PHE A 9 -6.69 -0.80 7.22
C PHE A 9 -6.47 -0.24 8.62
N GLU A 10 -5.31 0.38 8.82
CA GLU A 10 -4.97 0.96 10.12
C GLU A 10 -5.07 -0.11 11.22
N LYS A 11 -4.91 -1.37 10.83
CA LYS A 11 -4.98 -2.48 11.76
C LYS A 11 -6.38 -2.60 12.34
N VAL A 12 -7.37 -2.53 11.45
CA VAL A 12 -8.76 -2.64 11.84
C VAL A 12 -9.58 -3.30 10.74
N SER A 13 -9.96 -4.56 10.96
CA SER A 13 -10.73 -5.33 9.98
C SER A 13 -11.83 -4.49 9.34
N GLY A 14 -11.71 -4.27 8.03
CA GLY A 14 -12.70 -3.49 7.32
C GLY A 14 -12.86 -3.92 5.87
N ILE A 15 -13.31 -2.98 5.03
CA ILE A 15 -13.52 -3.27 3.62
C ILE A 15 -12.98 -2.16 2.72
N ILE A 16 -12.55 -2.53 1.51
CA ILE A 16 -12.00 -1.56 0.56
C ILE A 16 -12.90 -1.42 -0.68
N ALA A 17 -12.88 -0.21 -1.24
CA ALA A 17 -13.66 0.08 -2.45
C ALA A 17 -12.83 0.96 -3.39
N ILE A 18 -12.66 0.51 -4.63
CA ILE A 18 -11.87 1.26 -5.61
C ILE A 18 -12.76 2.17 -6.46
N ASN A 19 -12.33 3.41 -6.63
CA ASN A 19 -13.07 4.38 -7.41
C ASN A 19 -12.40 4.62 -8.77
N GLU A 20 -12.33 3.56 -9.58
CA GLU A 20 -11.72 3.65 -10.90
C GLU A 20 -12.63 4.38 -11.89
N ASP A 21 -13.86 4.68 -11.47
CA ASP A 21 -14.80 5.38 -12.31
C ASP A 21 -14.44 6.86 -12.42
N VAL A 22 -13.75 7.35 -11.39
CA VAL A 22 -13.34 8.74 -11.36
C VAL A 22 -12.02 8.93 -12.10
N SER A 23 -11.87 10.08 -12.75
CA SER A 23 -10.65 10.38 -13.50
C SER A 23 -9.39 10.13 -12.68
N PRO A 24 -9.21 10.85 -11.56
CA PRO A 24 -8.03 10.70 -10.70
C PRO A 24 -7.87 9.27 -10.14
N ALA A 25 -8.95 8.51 -10.16
CA ALA A 25 -8.94 7.13 -9.65
C ALA A 25 -8.37 7.07 -8.24
N GLU A 26 -9.09 6.44 -7.32
CA GLU A 26 -8.65 6.33 -5.95
C GLU A 26 -9.21 5.08 -5.27
N LEU A 27 -8.63 4.75 -4.12
CA LEU A 27 -9.05 3.60 -3.34
C LEU A 27 -9.66 4.07 -2.02
N THR A 28 -10.92 3.73 -1.79
CA THR A 28 -11.61 4.13 -0.57
C THR A 28 -11.88 2.94 0.33
N TRP A 29 -11.36 3.00 1.55
CA TRP A 29 -11.56 1.92 2.52
C TRP A 29 -12.22 2.44 3.79
N ARG A 30 -13.11 1.64 4.35
CA ARG A 30 -13.78 1.99 5.59
C ARG A 30 -13.93 0.76 6.49
N SER A 31 -14.15 1.03 7.76
CA SER A 31 -14.33 -0.04 8.74
C SER A 31 -15.51 -0.92 8.35
N THR A 32 -15.66 -2.05 9.02
CA THR A 32 -16.75 -2.97 8.74
C THR A 32 -18.09 -2.36 9.10
N ASP A 33 -18.06 -1.50 10.11
CA ASP A 33 -19.25 -0.82 10.58
C ASP A 33 -18.91 0.13 11.72
N GLY A 34 -17.84 0.90 11.54
CA GLY A 34 -17.43 1.83 12.57
C GLY A 34 -17.51 3.27 12.13
N ASP A 35 -18.38 3.55 11.17
CA ASP A 35 -18.56 4.90 10.65
C ASP A 35 -17.21 5.56 10.38
N LYS A 36 -16.25 4.75 9.99
CA LYS A 36 -14.90 5.22 9.70
C LYS A 36 -14.53 4.89 8.26
N VAL A 37 -13.90 5.85 7.60
CA VAL A 37 -13.47 5.66 6.22
C VAL A 37 -12.19 6.42 5.92
N HIS A 38 -11.42 5.91 4.98
CA HIS A 38 -10.17 6.53 4.59
C HIS A 38 -9.87 6.22 3.13
N THR A 39 -9.84 7.26 2.30
CA THR A 39 -9.57 7.11 0.88
C THR A 39 -8.21 7.68 0.51
N VAL A 40 -7.50 6.98 -0.36
CA VAL A 40 -6.17 7.42 -0.80
C VAL A 40 -6.17 7.61 -2.32
N VAL A 41 -5.47 8.64 -2.77
CA VAL A 41 -5.38 8.94 -4.20
C VAL A 41 -3.96 8.75 -4.71
N LEU A 42 -3.84 8.22 -5.93
CA LEU A 42 -2.54 7.98 -6.53
C LEU A 42 -1.66 9.22 -6.49
N SER A 43 -2.29 10.39 -6.60
CA SER A 43 -1.57 11.66 -6.56
C SER A 43 -0.57 11.69 -5.41
N THR A 44 -0.88 10.96 -4.34
CA THR A 44 -0.02 10.90 -3.17
C THR A 44 0.76 9.59 -3.17
N ILE A 45 0.19 8.59 -3.85
CA ILE A 45 0.81 7.28 -3.96
C ILE A 45 1.00 6.90 -5.41
N ASP A 46 2.25 6.77 -5.84
CA ASP A 46 2.54 6.41 -7.22
C ASP A 46 3.19 5.04 -7.33
N LYS A 47 2.94 4.21 -6.33
CA LYS A 47 3.47 2.85 -6.32
C LYS A 47 2.69 1.96 -5.34
N LEU A 48 2.63 0.68 -5.66
CA LEU A 48 1.93 -0.30 -4.84
C LEU A 48 2.71 -1.61 -4.80
N GLN A 49 3.16 -2.02 -3.62
CA GLN A 49 3.92 -3.26 -3.47
C GLN A 49 3.05 -4.36 -2.88
N ALA A 50 2.90 -5.45 -3.62
CA ALA A 50 2.09 -6.58 -3.17
C ALA A 50 2.95 -7.82 -2.97
N THR A 51 2.40 -8.81 -2.26
CA THR A 51 3.11 -10.05 -2.00
C THR A 51 3.01 -11.00 -3.19
N PRO A 52 3.84 -12.05 -3.21
CA PRO A 52 3.84 -13.05 -4.29
C PRO A 52 2.46 -13.66 -4.50
N ALA A 53 2.27 -14.28 -5.67
CA ALA A 53 1.01 -14.92 -5.99
C ALA A 53 0.83 -16.22 -5.21
N SER A 54 1.95 -16.82 -4.79
CA SER A 54 1.91 -18.06 -4.04
C SER A 54 1.95 -17.80 -2.54
N SER A 55 2.44 -16.63 -2.15
CA SER A 55 2.53 -16.26 -0.74
C SER A 55 1.20 -16.48 -0.03
N GLU A 56 1.25 -16.54 1.30
CA GLU A 56 0.04 -16.76 2.10
C GLU A 56 -0.29 -15.54 2.95
N LYS A 57 0.63 -14.56 2.98
CA LYS A 57 0.42 -13.35 3.76
C LYS A 57 -0.90 -12.67 3.37
N MET A 58 -1.12 -12.51 2.08
CA MET A 58 -2.34 -11.88 1.58
C MET A 58 -2.44 -10.44 2.08
N MET A 59 -1.63 -9.56 1.50
CA MET A 59 -1.63 -8.16 1.89
C MET A 59 -0.93 -7.29 0.83
N LEU A 60 -1.15 -5.98 0.89
CA LEU A 60 -0.54 -5.06 -0.06
C LEU A 60 -0.19 -3.72 0.60
N ARG A 61 0.92 -3.14 0.16
CA ARG A 61 1.37 -1.85 0.70
C ARG A 61 1.51 -0.83 -0.44
N LEU A 62 1.15 0.42 -0.14
CA LEU A 62 1.23 1.49 -1.13
C LEU A 62 2.19 2.57 -0.70
N ILE A 63 2.97 3.04 -1.65
CA ILE A 63 3.98 4.05 -1.42
C ILE A 63 3.38 5.46 -1.56
N GLY A 64 3.87 6.38 -0.74
CA GLY A 64 3.39 7.74 -0.80
C GLY A 64 4.30 8.60 -1.68
N LYS A 65 4.59 8.07 -2.87
CA LYS A 65 5.45 8.71 -3.87
C LYS A 65 6.59 9.51 -3.24
N VAL A 66 7.76 9.45 -3.87
CA VAL A 66 8.93 10.16 -3.39
C VAL A 66 9.49 11.08 -4.46
N ASP A 67 10.32 12.03 -4.03
CA ASP A 67 10.93 12.99 -4.93
C ASP A 67 12.41 13.13 -4.65
N GLU A 68 13.06 12.01 -4.34
CA GLU A 68 14.49 12.02 -4.08
C GLU A 68 15.23 12.59 -5.28
N SER A 69 14.63 12.41 -6.47
CA SER A 69 15.22 12.93 -7.69
C SER A 69 14.26 13.89 -8.39
N LYS A 70 13.29 14.36 -7.63
CA LYS A 70 12.30 15.32 -8.12
C LYS A 70 11.93 16.30 -7.02
N LYS A 71 12.87 16.54 -6.11
CA LYS A 71 12.66 17.45 -4.99
C LYS A 71 12.14 18.81 -5.45
N ARG A 72 11.31 19.43 -4.62
CA ARG A 72 10.75 20.73 -4.91
C ARG A 72 11.73 21.84 -4.55
N LYS A 73 11.42 23.07 -4.95
CA LYS A 73 12.27 24.21 -4.66
C LYS A 73 11.46 25.46 -4.39
N ASP A 74 12.11 26.46 -3.81
CA ASP A 74 11.44 27.73 -3.50
C ASP A 74 12.33 28.91 -3.84
N ASN A 75 13.44 29.03 -3.12
CA ASN A 75 14.38 30.12 -3.35
C ASN A 75 15.75 29.81 -2.73
N GLU A 76 15.97 30.30 -1.51
CA GLU A 76 17.24 30.06 -0.82
C GLU A 76 17.10 28.93 0.20
N GLY A 77 16.00 28.19 0.14
CA GLY A 77 15.78 27.10 1.06
C GLY A 77 16.12 25.75 0.46
N ASN A 78 17.04 25.75 -0.50
CA ASN A 78 17.46 24.52 -1.16
C ASN A 78 16.27 23.85 -1.85
N GLU A 79 16.52 22.71 -2.49
CA GLU A 79 15.48 21.97 -3.18
C GLU A 79 15.39 20.55 -2.67
N VAL A 80 14.57 20.34 -1.65
CA VAL A 80 14.40 19.02 -1.05
C VAL A 80 12.92 18.68 -0.89
N VAL A 81 12.65 17.37 -0.83
CA VAL A 81 11.30 16.88 -0.69
C VAL A 81 11.08 16.26 0.70
N PRO A 82 9.90 16.47 1.29
CA PRO A 82 9.58 15.92 2.62
C PRO A 82 9.81 14.41 2.69
N LYS A 83 9.42 13.81 3.81
CA LYS A 83 9.59 12.37 4.00
C LYS A 83 8.37 11.60 3.52
N PRO A 84 8.55 10.68 2.55
CA PRO A 84 7.45 9.87 2.00
C PRO A 84 6.72 9.08 3.08
N GLN A 85 5.47 8.71 2.79
CA GLN A 85 4.66 7.95 3.71
C GLN A 85 3.99 6.78 2.99
N ARG A 86 4.32 5.56 3.41
CA ARG A 86 3.76 4.36 2.81
C ARG A 86 2.56 3.85 3.60
N HIS A 87 1.87 2.87 3.02
CA HIS A 87 0.70 2.28 3.66
C HIS A 87 0.75 0.75 3.57
N MET A 88 0.17 0.08 4.56
CA MET A 88 0.15 -1.38 4.59
C MET A 88 -1.26 -1.90 4.84
N PHE A 89 -1.68 -2.85 4.02
CA PHE A 89 -3.01 -3.44 4.15
C PHE A 89 -2.91 -4.94 4.37
N SER A 90 -3.98 -5.53 4.91
CA SER A 90 -4.02 -6.97 5.16
C SER A 90 -5.28 -7.57 4.54
N PHE A 91 -5.10 -8.47 3.58
CA PHE A 91 -6.21 -9.11 2.90
C PHE A 91 -6.43 -10.52 3.42
N ASN A 92 -7.65 -11.03 3.21
CA ASN A 92 -8.00 -12.38 3.66
C ASN A 92 -8.55 -13.19 2.51
N ASN A 93 -8.14 -12.85 1.29
CA ASN A 93 -8.59 -13.56 0.10
C ASN A 93 -7.66 -13.30 -1.08
N ARG A 94 -7.34 -14.35 -1.83
CA ARG A 94 -6.46 -14.24 -2.98
C ARG A 94 -7.07 -13.38 -4.09
N THR A 95 -8.38 -13.51 -4.26
CA THR A 95 -9.09 -12.76 -5.29
C THR A 95 -9.27 -11.30 -4.89
N VAL A 96 -9.52 -11.06 -3.60
CA VAL A 96 -9.71 -9.71 -3.12
C VAL A 96 -8.47 -8.86 -3.40
N MET A 97 -7.31 -9.38 -3.01
CA MET A 97 -6.06 -8.67 -3.22
C MET A 97 -5.73 -8.57 -4.71
N ASP A 98 -5.92 -9.67 -5.42
CA ASP A 98 -5.63 -9.71 -6.85
C ASP A 98 -6.58 -8.83 -7.64
N ASN A 99 -7.86 -8.85 -7.28
CA ASN A 99 -8.86 -8.04 -7.97
C ASN A 99 -8.49 -6.57 -7.92
N ILE A 100 -8.19 -6.07 -6.73
CA ILE A 100 -7.79 -4.68 -6.58
C ILE A 100 -6.35 -4.45 -7.05
N LYS A 101 -5.48 -5.41 -6.74
CA LYS A 101 -4.07 -5.30 -7.13
C LYS A 101 -3.95 -5.04 -8.62
N MET A 102 -4.63 -5.87 -9.39
CA MET A 102 -4.63 -5.73 -10.84
C MET A 102 -5.22 -4.38 -11.21
N THR A 103 -6.19 -3.94 -10.41
CA THR A 103 -6.84 -2.66 -10.63
C THR A 103 -5.85 -1.53 -10.39
N LEU A 104 -5.22 -1.55 -9.22
CA LEU A 104 -4.24 -0.53 -8.87
C LEU A 104 -3.02 -0.62 -9.76
N GLN A 105 -2.68 -1.84 -10.13
CA GLN A 105 -1.55 -2.09 -11.00
C GLN A 105 -1.70 -1.31 -12.31
N GLN A 106 -2.95 -1.17 -12.77
CA GLN A 106 -3.22 -0.45 -13.99
C GLN A 106 -3.17 1.05 -13.76
N ILE A 107 -3.84 1.49 -12.70
CA ILE A 107 -3.88 2.90 -12.35
C ILE A 107 -2.48 3.39 -12.03
N ILE A 108 -1.78 2.62 -11.18
CA ILE A 108 -0.41 2.96 -10.82
C ILE A 108 0.42 3.01 -12.08
N SER A 109 0.16 2.05 -12.94
CA SER A 109 0.84 1.96 -14.23
C SER A 109 0.51 3.20 -15.05
N ARG A 110 -0.73 3.67 -14.92
CA ARG A 110 -1.16 4.86 -15.65
C ARG A 110 -0.43 6.11 -15.14
N TYR A 111 -0.48 6.32 -13.83
CA TYR A 111 0.18 7.47 -13.22
C TYR A 111 1.69 7.29 -13.25
N LYS A 112 2.14 6.04 -13.39
CA LYS A 112 3.56 5.74 -13.45
C LYS A 112 4.08 5.94 -14.87
N ASP A 113 3.22 5.73 -15.86
CA ASP A 113 3.60 5.89 -17.25
C ASP A 113 3.75 7.36 -17.61
N ALA A 114 2.84 8.19 -17.10
CA ALA A 114 2.88 9.63 -17.36
C ALA A 114 4.18 10.24 -16.87
N ASP A 115 4.51 9.97 -15.61
CA ASP A 115 5.74 10.49 -15.01
C ASP A 115 6.97 9.94 -15.70
N GLY B 1 8.04 -21.73 15.88
CA GLY B 1 9.32 -21.35 16.52
C GLY B 1 9.49 -19.84 16.64
N PHE B 2 8.85 -19.11 15.73
CA PHE B 2 8.92 -17.65 15.74
C PHE B 2 8.38 -17.09 17.05
N THR B 3 8.63 -15.80 17.28
CA THR B 3 8.16 -15.14 18.49
C THR B 3 7.74 -13.70 18.20
N PRO B 4 6.48 -13.49 17.79
CA PRO B 4 5.96 -12.15 17.49
C PRO B 4 5.83 -11.28 18.73
N HIS B 5 5.61 -11.92 19.87
CA HIS B 5 5.45 -11.20 21.13
C HIS B 5 6.71 -10.40 21.46
N ASP B 6 6.53 -9.09 21.62
CA ASP B 6 7.64 -8.20 21.93
C ASP B 6 7.29 -7.28 23.09
N SER B 7 6.57 -7.81 24.07
CA SER B 7 6.17 -7.03 25.24
C SER B 7 5.30 -5.85 24.83
N ALA B 8 4.52 -6.03 23.77
CA ALA B 8 3.64 -4.97 23.27
C ALA B 8 2.65 -5.52 22.26
N PRO B 9 1.51 -6.07 22.74
CA PRO B 9 0.47 -6.63 21.87
C PRO B 9 -0.26 -5.55 21.08
N TYR B 10 -0.34 -4.35 21.66
CA TYR B 10 -1.02 -3.23 21.00
C TYR B 10 -0.56 -1.90 21.59
N GLY B 11 -0.77 -0.84 20.83
CA GLY B 11 -0.37 0.49 21.29
C GLY B 11 0.38 1.27 20.23
N ALA B 12 1.66 1.55 20.49
CA ALA B 12 2.48 2.28 19.56
C ALA B 12 3.91 1.76 19.54
N LEU B 13 4.70 2.21 18.57
CA LEU B 13 6.09 1.78 18.44
C LEU B 13 6.16 0.27 18.24
N ASP B 14 6.38 -0.13 16.98
CA ASP B 14 6.48 -1.54 16.64
C ASP B 14 7.21 -1.73 15.31
N MET B 15 7.98 -2.81 15.22
CA MET B 15 8.73 -3.11 14.00
C MET B 15 7.90 -3.97 13.04
N ALA B 16 6.60 -4.06 13.28
CA ALA B 16 5.72 -4.85 12.43
C ALA B 16 5.32 -4.09 11.19
N ASP B 17 5.48 -2.78 11.22
CA ASP B 17 5.13 -1.95 10.07
C ASP B 17 6.31 -1.83 9.12
N PHE B 18 7.49 -1.77 9.70
CA PHE B 18 8.70 -1.67 8.91
C PHE B 18 9.06 -3.05 8.36
N GLU B 19 8.71 -4.08 9.12
CA GLU B 19 8.98 -5.45 8.72
C GLU B 19 8.12 -5.84 7.53
N PHE B 20 6.91 -5.28 7.43
CA PHE B 20 6.03 -5.60 6.33
C PHE B 20 6.58 -5.06 5.03
N GLU B 21 7.33 -3.96 5.11
CA GLU B 21 7.89 -3.37 3.90
C GLU B 21 8.93 -4.27 3.27
N GLN B 22 9.60 -5.07 4.10
CA GLN B 22 10.60 -6.00 3.58
C GLN B 22 9.93 -6.97 2.64
N MET B 23 8.82 -7.54 3.09
CA MET B 23 8.06 -8.43 2.24
C MET B 23 7.38 -7.58 1.16
N PHE B 24 7.21 -6.30 1.48
CA PHE B 24 6.58 -5.36 0.57
C PHE B 24 7.59 -4.52 -0.20
N THR B 25 8.78 -5.06 -0.44
CA THR B 25 9.78 -4.33 -1.20
C THR B 25 10.13 -5.08 -2.47
N ASP B 26 9.61 -4.58 -3.59
CA ASP B 26 9.83 -5.18 -4.91
C ASP B 26 9.70 -6.70 -4.85
N ALA B 27 8.48 -7.17 -4.58
CA ALA B 27 8.22 -8.60 -4.50
C ALA B 27 7.56 -9.11 -5.77
N LEU B 28 7.88 -8.48 -6.89
CA LEU B 28 7.31 -8.87 -8.18
C LEU B 28 8.29 -9.74 -8.96
N GLY B 29 9.01 -10.59 -8.24
CA GLY B 29 9.97 -11.47 -8.89
C GLY B 29 10.17 -12.76 -8.12
N ILE B 30 11.43 -13.08 -7.82
CA ILE B 30 11.76 -14.29 -7.08
C ILE B 30 13.04 -14.11 -6.26
N ASP B 31 13.08 -14.72 -5.09
CA ASP B 31 14.25 -14.63 -4.22
C ASP B 31 15.05 -15.93 -4.24
N GLU B 32 16.00 -16.02 -5.17
CA GLU B 32 16.83 -17.21 -5.30
C GLU B 32 18.23 -16.85 -5.75
N TYR B 33 18.37 -16.49 -7.02
CA TYR B 33 19.66 -16.12 -7.58
C TYR B 33 19.49 -15.36 -8.90
N GLY B 34 19.42 -14.04 -8.80
CA GLY B 34 19.26 -13.23 -9.99
C GLY B 34 18.38 -12.02 -9.75
N GLY B 35 17.23 -11.97 -10.42
CA GLY B 35 16.31 -10.86 -10.26
C GLY B 35 14.86 -11.32 -10.18
N PRO A 1 -16.36 -9.46 -8.08
CA PRO A 1 -15.65 -8.33 -7.42
C PRO A 1 -14.16 -8.30 -7.79
N SER A 2 -13.84 -7.65 -8.88
CA SER A 2 -12.45 -7.55 -9.34
C SER A 2 -11.81 -6.23 -8.90
N HIS A 3 -12.59 -5.37 -8.24
CA HIS A 3 -12.09 -4.09 -7.78
C HIS A 3 -12.47 -3.83 -6.33
N SER A 4 -12.77 -4.90 -5.63
CA SER A 4 -13.15 -4.82 -4.22
C SER A 4 -12.61 -6.04 -3.47
N GLY A 5 -12.26 -5.84 -2.20
CA GLY A 5 -11.73 -6.93 -1.42
C GLY A 5 -11.63 -6.58 0.04
N ALA A 6 -11.26 -7.56 0.86
CA ALA A 6 -11.12 -7.35 2.29
C ALA A 6 -9.66 -7.45 2.71
N ALA A 7 -9.17 -6.40 3.36
CA ALA A 7 -7.79 -6.36 3.82
C ALA A 7 -7.69 -5.59 5.14
N ILE A 8 -6.70 -5.95 5.95
CA ILE A 8 -6.50 -5.29 7.23
C ILE A 8 -5.65 -4.04 7.05
N PHE A 9 -6.17 -2.90 7.49
CA PHE A 9 -5.46 -1.63 7.38
C PHE A 9 -5.17 -1.05 8.74
N GLU A 10 -3.98 -0.48 8.91
CA GLU A 10 -3.58 0.12 10.17
C GLU A 10 -3.66 -0.92 11.30
N LYS A 11 -3.54 -2.19 10.93
CA LYS A 11 -3.60 -3.27 11.90
C LYS A 11 -4.97 -3.32 12.56
N VAL A 12 -5.99 -3.15 11.74
CA VAL A 12 -7.37 -3.18 12.21
C VAL A 12 -8.28 -3.77 11.13
N SER A 13 -8.74 -5.00 11.36
CA SER A 13 -9.61 -5.72 10.42
C SER A 13 -10.55 -4.77 9.69
N GLY A 14 -10.52 -4.83 8.35
CA GLY A 14 -11.39 -3.98 7.55
C GLY A 14 -11.58 -4.50 6.15
N ILE A 15 -12.10 -3.64 5.28
CA ILE A 15 -12.35 -4.00 3.89
C ILE A 15 -11.88 -2.92 2.94
N ILE A 16 -11.49 -3.31 1.72
CA ILE A 16 -11.02 -2.36 0.72
C ILE A 16 -12.00 -2.22 -0.42
N ALA A 17 -12.05 -1.03 -1.00
CA ALA A 17 -12.92 -0.73 -2.13
C ALA A 17 -12.21 0.20 -3.10
N ILE A 18 -12.15 -0.18 -4.37
CA ILE A 18 -11.48 0.63 -5.37
C ILE A 18 -12.45 1.56 -6.09
N ASN A 19 -12.13 2.85 -6.07
CA ASN A 19 -12.96 3.85 -6.72
C ASN A 19 -12.31 4.27 -8.04
N GLU A 20 -12.07 3.29 -8.89
CA GLU A 20 -11.43 3.54 -10.19
C GLU A 20 -12.46 3.95 -11.25
N ASP A 21 -13.68 4.27 -10.83
CA ASP A 21 -14.71 4.70 -11.75
C ASP A 21 -14.36 6.07 -12.31
N VAL A 22 -13.50 6.78 -11.58
CA VAL A 22 -13.05 8.10 -11.99
C VAL A 22 -11.73 8.00 -12.76
N SER A 23 -11.53 8.92 -13.70
CA SER A 23 -10.31 8.93 -14.52
C SER A 23 -9.06 8.58 -13.71
N PRO A 24 -8.70 9.43 -12.73
CA PRO A 24 -7.51 9.21 -11.90
C PRO A 24 -7.60 7.92 -11.08
N ALA A 25 -8.82 7.48 -10.77
CA ALA A 25 -9.02 6.26 -10.01
C ALA A 25 -8.37 6.36 -8.63
N GLU A 26 -8.96 5.68 -7.64
CA GLU A 26 -8.42 5.71 -6.29
C GLU A 26 -8.79 4.43 -5.53
N LEU A 27 -8.12 4.22 -4.40
CA LEU A 27 -8.38 3.07 -3.55
C LEU A 27 -8.93 3.53 -2.21
N THR A 28 -10.13 3.06 -1.87
CA THR A 28 -10.77 3.45 -0.62
C THR A 28 -10.96 2.25 0.32
N TRP A 29 -10.42 2.36 1.52
CA TRP A 29 -10.54 1.29 2.51
C TRP A 29 -11.09 1.80 3.83
N ARG A 30 -11.92 1.00 4.47
CA ARG A 30 -12.48 1.34 5.78
C ARG A 30 -12.54 0.11 6.68
N SER A 31 -12.64 0.34 7.97
CA SER A 31 -12.71 -0.75 8.94
C SER A 31 -13.92 -1.63 8.65
N THR A 32 -13.98 -2.80 9.29
CA THR A 32 -15.09 -3.71 9.10
C THR A 32 -16.37 -3.12 9.67
N ASP A 33 -16.20 -2.28 10.67
CA ASP A 33 -17.33 -1.61 11.31
C ASP A 33 -16.83 -0.66 12.39
N GLY A 34 -15.82 0.14 12.05
CA GLY A 34 -15.28 1.09 13.01
C GLY A 34 -15.53 2.53 12.61
N ASP A 35 -16.51 2.73 11.73
CA ASP A 35 -16.86 4.07 11.27
C ASP A 35 -15.61 4.86 10.89
N LYS A 36 -14.59 4.14 10.43
CA LYS A 36 -13.34 4.76 10.04
C LYS A 36 -12.96 4.32 8.63
N VAL A 37 -12.49 5.26 7.82
CA VAL A 37 -12.11 4.98 6.45
C VAL A 37 -10.84 5.73 6.07
N HIS A 38 -10.20 5.26 5.02
CA HIS A 38 -8.98 5.87 4.52
C HIS A 38 -8.84 5.60 3.02
N THR A 39 -8.89 6.67 2.23
CA THR A 39 -8.78 6.55 0.79
C THR A 39 -7.51 7.22 0.28
N VAL A 40 -6.85 6.58 -0.68
CA VAL A 40 -5.63 7.12 -1.24
C VAL A 40 -5.71 7.22 -2.76
N VAL A 41 -5.15 8.29 -3.31
CA VAL A 41 -5.15 8.52 -4.75
C VAL A 41 -3.76 8.32 -5.32
N LEU A 42 -3.66 7.74 -6.52
CA LEU A 42 -2.38 7.50 -7.15
C LEU A 42 -1.53 8.77 -7.18
N SER A 43 -2.18 9.92 -7.32
CA SER A 43 -1.48 11.19 -7.35
C SER A 43 -0.49 11.29 -6.19
N THR A 44 -0.79 10.58 -5.10
CA THR A 44 0.08 10.56 -3.93
C THR A 44 0.90 9.27 -3.90
N ILE A 45 0.37 8.24 -4.53
CA ILE A 45 1.03 6.94 -4.61
C ILE A 45 1.26 6.55 -6.06
N ASP A 46 2.53 6.49 -6.49
CA ASP A 46 2.84 6.15 -7.87
C ASP A 46 3.51 4.78 -8.00
N LYS A 47 3.31 3.94 -7.01
CA LYS A 47 3.87 2.59 -7.03
C LYS A 47 3.17 1.69 -6.01
N LEU A 48 3.12 0.40 -6.32
CA LEU A 48 2.48 -0.58 -5.44
C LEU A 48 3.35 -1.83 -5.32
N GLN A 49 3.65 -2.22 -4.08
CA GLN A 49 4.46 -3.41 -3.83
C GLN A 49 3.61 -4.54 -3.27
N ALA A 50 3.58 -5.66 -3.97
CA ALA A 50 2.79 -6.81 -3.55
C ALA A 50 3.65 -8.07 -3.50
N THR A 51 3.20 -9.07 -2.74
CA THR A 51 3.93 -10.32 -2.60
C THR A 51 3.68 -11.23 -3.80
N PRO A 52 4.50 -12.28 -3.98
CA PRO A 52 4.37 -13.22 -5.08
C PRO A 52 3.17 -14.16 -4.91
N ALA A 53 2.76 -14.78 -6.00
CA ALA A 53 1.63 -15.70 -5.97
C ALA A 53 1.89 -16.87 -5.03
N SER A 54 3.16 -17.26 -4.91
CA SER A 54 3.55 -18.36 -4.04
C SER A 54 3.56 -17.92 -2.57
N SER A 55 3.60 -16.61 -2.34
CA SER A 55 3.62 -16.08 -0.99
C SER A 55 2.41 -16.56 -0.19
N GLU A 56 2.57 -16.62 1.13
CA GLU A 56 1.49 -17.07 2.00
C GLU A 56 0.95 -15.91 2.84
N LYS A 57 1.78 -14.90 3.05
CA LYS A 57 1.38 -13.74 3.85
C LYS A 57 0.13 -13.09 3.26
N MET A 58 0.08 -12.99 1.93
CA MET A 58 -1.06 -12.38 1.26
C MET A 58 -1.26 -10.94 1.70
N MET A 59 -0.38 -10.06 1.24
CA MET A 59 -0.45 -8.64 1.60
C MET A 59 0.39 -7.78 0.66
N LEU A 60 -0.02 -6.52 0.50
CA LEU A 60 0.70 -5.58 -0.37
C LEU A 60 0.67 -4.16 0.20
N ARG A 61 1.60 -3.33 -0.26
CA ARG A 61 1.68 -1.94 0.19
C ARG A 61 1.90 -1.00 -0.99
N LEU A 62 1.29 0.18 -0.92
CA LEU A 62 1.43 1.17 -1.98
C LEU A 62 2.37 2.27 -1.56
N ILE A 63 3.24 2.64 -2.47
CA ILE A 63 4.25 3.66 -2.24
C ILE A 63 3.72 5.06 -2.56
N GLY A 64 3.97 6.02 -1.67
CA GLY A 64 3.54 7.38 -1.89
C GLY A 64 4.52 8.16 -2.75
N LYS A 65 5.06 7.49 -3.77
CA LYS A 65 6.03 8.08 -4.70
C LYS A 65 7.05 8.96 -3.98
N VAL A 66 7.94 9.57 -4.74
CA VAL A 66 8.97 10.41 -4.19
C VAL A 66 9.33 11.56 -5.14
N ASP A 67 9.99 12.57 -4.59
CA ASP A 67 10.40 13.72 -5.38
C ASP A 67 11.90 13.75 -5.58
N GLU A 68 12.48 12.58 -5.84
CA GLU A 68 13.92 12.49 -6.08
C GLU A 68 14.32 13.47 -7.18
N SER A 69 13.36 13.74 -8.08
CA SER A 69 13.59 14.67 -9.18
C SER A 69 12.45 15.67 -9.27
N LYS A 70 11.77 15.87 -8.16
CA LYS A 70 10.65 16.80 -8.07
C LYS A 70 10.63 17.48 -6.71
N LYS A 71 11.81 17.62 -6.11
CA LYS A 71 11.94 18.24 -4.79
C LYS A 71 11.29 19.62 -4.75
N ARG A 72 10.81 19.99 -3.57
CA ARG A 72 10.17 21.28 -3.37
C ARG A 72 11.18 22.31 -2.88
N LYS A 73 10.77 23.57 -2.83
CA LYS A 73 11.65 24.63 -2.38
C LYS A 73 10.85 25.78 -1.76
N ASP A 74 11.55 26.66 -1.05
CA ASP A 74 10.93 27.81 -0.41
C ASP A 74 11.90 28.98 -0.32
N ASN A 75 12.91 28.84 0.54
CA ASN A 75 13.91 29.88 0.72
C ASN A 75 14.94 29.48 1.76
N GLU A 76 15.31 28.20 1.76
CA GLU A 76 16.29 27.68 2.71
C GLU A 76 17.66 27.55 2.07
N GLY A 77 17.69 27.41 0.75
CA GLY A 77 18.93 27.28 0.02
C GLY A 77 18.97 26.03 -0.83
N ASN A 78 18.50 24.92 -0.27
CA ASN A 78 18.49 23.66 -0.99
C ASN A 78 17.06 23.21 -1.26
N GLU A 79 16.85 22.54 -2.39
CA GLU A 79 15.53 22.07 -2.76
C GLU A 79 15.43 20.56 -2.67
N VAL A 80 14.95 20.08 -1.53
CA VAL A 80 14.80 18.65 -1.29
C VAL A 80 13.42 18.32 -0.77
N VAL A 81 12.98 17.08 -0.99
CA VAL A 81 11.67 16.64 -0.54
C VAL A 81 11.79 15.76 0.71
N PRO A 82 10.85 15.90 1.66
CA PRO A 82 10.85 15.12 2.89
C PRO A 82 10.90 13.61 2.61
N LYS A 83 10.74 12.82 3.65
CA LYS A 83 10.77 11.36 3.52
C LYS A 83 9.45 10.84 2.95
N PRO A 84 9.51 9.94 1.94
CA PRO A 84 8.32 9.37 1.32
C PRO A 84 7.41 8.68 2.32
N GLN A 85 6.14 8.55 1.96
CA GLN A 85 5.16 7.93 2.83
C GLN A 85 4.33 6.90 2.07
N ARG A 86 4.50 5.63 2.42
CA ARG A 86 3.78 4.54 1.78
C ARG A 86 2.79 3.90 2.76
N HIS A 87 1.83 3.15 2.22
CA HIS A 87 0.82 2.50 3.05
C HIS A 87 0.88 0.98 2.89
N MET A 88 0.87 0.27 4.01
CA MET A 88 0.92 -1.18 4.01
C MET A 88 -0.29 -1.78 4.72
N PHE A 89 -0.93 -2.75 4.06
CA PHE A 89 -2.09 -3.43 4.63
C PHE A 89 -2.10 -4.90 4.21
N SER A 90 -2.59 -5.76 5.09
CA SER A 90 -2.63 -7.20 4.83
C SER A 90 -3.94 -7.64 4.18
N PHE A 91 -3.83 -8.63 3.30
CA PHE A 91 -5.00 -9.16 2.60
C PHE A 91 -5.40 -10.52 3.17
N ASN A 92 -6.55 -11.03 2.74
CA ASN A 92 -7.04 -12.32 3.21
C ASN A 92 -7.74 -13.08 2.09
N ASN A 93 -7.15 -13.06 0.90
CA ASN A 93 -7.71 -13.75 -0.25
C ASN A 93 -6.80 -13.62 -1.47
N ARG A 94 -6.63 -14.73 -2.20
CA ARG A 94 -5.78 -14.75 -3.38
C ARG A 94 -6.35 -13.86 -4.49
N THR A 95 -7.66 -13.98 -4.72
CA THR A 95 -8.32 -13.20 -5.76
C THR A 95 -8.49 -11.75 -5.33
N VAL A 96 -8.70 -11.53 -4.03
CA VAL A 96 -8.87 -10.19 -3.50
C VAL A 96 -7.66 -9.32 -3.80
N MET A 97 -6.48 -9.82 -3.48
CA MET A 97 -5.25 -9.08 -3.71
C MET A 97 -4.95 -8.96 -5.20
N ASP A 98 -5.14 -10.06 -5.93
CA ASP A 98 -4.89 -10.07 -7.36
C ASP A 98 -5.89 -9.19 -8.11
N ASN A 99 -7.15 -9.25 -7.72
CA ASN A 99 -8.19 -8.46 -8.37
C ASN A 99 -7.85 -6.97 -8.30
N ILE A 100 -7.53 -6.50 -7.11
CA ILE A 100 -7.16 -5.10 -6.93
C ILE A 100 -5.75 -4.84 -7.45
N LYS A 101 -4.85 -5.78 -7.20
CA LYS A 101 -3.46 -5.63 -7.65
C LYS A 101 -3.44 -5.36 -9.14
N MET A 102 -4.14 -6.19 -9.88
CA MET A 102 -4.24 -6.04 -11.33
C MET A 102 -4.85 -4.68 -11.66
N THR A 103 -5.76 -4.25 -10.81
CA THR A 103 -6.43 -2.97 -10.98
C THR A 103 -5.44 -1.83 -10.76
N LEU A 104 -4.76 -1.87 -9.62
CA LEU A 104 -3.78 -0.85 -9.27
C LEU A 104 -2.60 -0.88 -10.23
N GLN A 105 -2.25 -2.07 -10.68
CA GLN A 105 -1.15 -2.24 -11.60
C GLN A 105 -1.43 -1.52 -12.93
N GLN A 106 -2.70 -1.45 -13.31
CA GLN A 106 -3.08 -0.78 -14.54
C GLN A 106 -3.07 0.72 -14.35
N ILE A 107 -3.57 1.16 -13.22
CA ILE A 107 -3.62 2.58 -12.89
C ILE A 107 -2.21 3.08 -12.63
N ILE A 108 -1.47 2.32 -11.81
CA ILE A 108 -0.09 2.67 -11.52
C ILE A 108 0.70 2.75 -12.81
N SER A 109 0.40 1.79 -13.68
CA SER A 109 1.03 1.75 -14.99
C SER A 109 0.61 2.98 -15.79
N ARG A 110 -0.64 3.38 -15.59
CA ARG A 110 -1.19 4.55 -16.26
C ARG A 110 -0.53 5.83 -15.75
N TYR A 111 -0.57 6.02 -14.44
CA TYR A 111 0.04 7.20 -13.83
C TYR A 111 1.51 7.33 -14.20
N LYS A 112 2.13 6.20 -14.54
CA LYS A 112 3.53 6.19 -14.93
C LYS A 112 3.73 6.81 -16.30
N ASP A 113 2.75 6.61 -17.18
CA ASP A 113 2.82 7.16 -18.54
C ASP A 113 2.54 8.65 -18.53
N ALA A 114 1.67 9.09 -17.63
CA ALA A 114 1.33 10.50 -17.52
C ALA A 114 2.56 11.35 -17.20
N ASP A 115 3.30 10.95 -16.17
CA ASP A 115 4.50 11.67 -15.78
C ASP A 115 5.58 11.57 -16.85
N GLY B 1 5.65 -12.78 35.43
CA GLY B 1 4.79 -12.59 36.63
C GLY B 1 3.62 -11.66 36.38
N PHE B 2 3.93 -10.43 35.99
CA PHE B 2 2.89 -9.43 35.70
C PHE B 2 2.30 -9.64 34.32
N THR B 3 3.13 -10.13 33.39
CA THR B 3 2.70 -10.37 32.02
C THR B 3 1.84 -9.23 31.48
N PRO B 4 2.46 -8.06 31.25
CA PRO B 4 1.74 -6.88 30.75
C PRO B 4 0.95 -7.19 29.47
N HIS B 5 -0.30 -7.59 29.65
CA HIS B 5 -1.17 -7.91 28.52
C HIS B 5 -2.64 -7.69 28.88
N ASP B 6 -3.11 -6.47 28.69
CA ASP B 6 -4.50 -6.13 28.98
C ASP B 6 -5.20 -5.56 27.76
N SER B 7 -4.72 -4.41 27.28
CA SER B 7 -5.30 -3.77 26.11
C SER B 7 -4.72 -4.35 24.83
N ALA B 8 -3.41 -4.26 24.68
CA ALA B 8 -2.74 -4.78 23.49
C ALA B 8 -1.22 -4.77 23.67
N PRO B 9 -0.51 -5.70 23.02
CA PRO B 9 0.95 -5.80 23.11
C PRO B 9 1.64 -4.65 22.40
N TYR B 10 1.75 -3.50 23.07
CA TYR B 10 2.39 -2.34 22.48
C TYR B 10 3.36 -1.71 23.47
N GLY B 11 4.53 -2.33 23.63
CA GLY B 11 5.52 -1.83 24.55
C GLY B 11 6.94 -2.12 24.09
N ALA B 12 7.12 -2.24 22.78
CA ALA B 12 8.44 -2.54 22.22
C ALA B 12 8.53 -2.07 20.77
N LEU B 13 9.59 -2.47 20.09
CA LEU B 13 9.80 -2.10 18.70
C LEU B 13 9.16 -3.12 17.76
N ASP B 14 7.94 -2.82 17.30
CA ASP B 14 7.21 -3.71 16.41
C ASP B 14 8.00 -3.92 15.11
N MET B 15 8.54 -5.12 14.94
CA MET B 15 9.32 -5.44 13.75
C MET B 15 8.43 -6.01 12.64
N ALA B 16 7.12 -5.89 12.81
CA ALA B 16 6.18 -6.40 11.82
C ALA B 16 6.01 -5.42 10.67
N ASP B 17 6.38 -4.17 10.90
CA ASP B 17 6.25 -3.17 9.85
C ASP B 17 7.51 -3.13 9.00
N PHE B 18 8.64 -3.37 9.64
CA PHE B 18 9.90 -3.39 8.93
C PHE B 18 10.12 -4.76 8.29
N GLU B 19 9.59 -5.79 8.95
CA GLU B 19 9.72 -7.14 8.43
C GLU B 19 8.86 -7.33 7.19
N PHE B 20 7.72 -6.63 7.13
CA PHE B 20 6.86 -6.76 5.96
C PHE B 20 7.54 -6.16 4.75
N GLU B 21 8.36 -5.13 4.97
CA GLU B 21 9.06 -4.47 3.89
C GLU B 21 9.95 -5.44 3.13
N GLN B 22 10.50 -6.43 3.82
CA GLN B 22 11.34 -7.42 3.16
C GLN B 22 10.55 -8.12 2.08
N MET B 23 9.36 -8.57 2.42
CA MET B 23 8.48 -9.20 1.46
C MET B 23 7.72 -8.12 0.70
N PHE B 24 7.96 -6.87 1.09
CA PHE B 24 7.32 -5.71 0.47
C PHE B 24 8.31 -4.86 -0.30
N THR B 25 9.49 -5.42 -0.61
CA THR B 25 10.49 -4.68 -1.35
C THR B 25 10.81 -5.40 -2.65
N ASP B 26 10.27 -4.87 -3.74
CA ASP B 26 10.47 -5.43 -5.07
C ASP B 26 10.29 -6.95 -5.06
N ALA B 27 9.05 -7.40 -5.01
CA ALA B 27 8.75 -8.83 -4.98
C ALA B 27 8.06 -9.26 -6.28
N LEU B 28 7.22 -8.38 -6.82
CA LEU B 28 6.50 -8.67 -8.05
C LEU B 28 7.47 -8.91 -9.21
N GLY B 29 8.15 -7.85 -9.62
CA GLY B 29 9.10 -7.97 -10.72
C GLY B 29 8.55 -7.43 -12.02
N ILE B 30 9.41 -6.80 -12.82
CA ILE B 30 8.99 -6.24 -14.10
C ILE B 30 9.61 -7.03 -15.25
N ASP B 31 8.88 -7.11 -16.36
CA ASP B 31 9.35 -7.83 -17.53
C ASP B 31 9.61 -9.30 -17.21
N GLU B 32 8.78 -10.17 -17.75
CA GLU B 32 8.91 -11.61 -17.52
C GLU B 32 9.18 -12.34 -18.84
N TYR B 33 8.46 -11.97 -19.88
CA TYR B 33 8.62 -12.59 -21.19
C TYR B 33 9.83 -12.03 -21.92
N GLY B 34 10.73 -12.91 -22.33
CA GLY B 34 11.93 -12.48 -23.03
C GLY B 34 13.13 -12.38 -22.12
N GLY B 35 12.96 -11.70 -20.98
CA GLY B 35 14.06 -11.55 -20.05
C GLY B 35 13.62 -11.77 -18.61
N PRO A 1 -16.76 -7.94 -10.96
CA PRO A 1 -16.06 -6.98 -10.05
C PRO A 1 -14.56 -6.92 -10.36
N SER A 2 -14.20 -6.11 -11.34
CA SER A 2 -12.80 -5.95 -11.72
C SER A 2 -12.12 -4.86 -10.90
N HIS A 3 -12.90 -3.87 -10.48
CA HIS A 3 -12.38 -2.76 -9.69
C HIS A 3 -12.99 -2.75 -8.30
N SER A 4 -13.52 -3.89 -7.89
CA SER A 4 -14.14 -4.02 -6.58
C SER A 4 -13.83 -5.39 -5.99
N GLY A 5 -13.77 -5.45 -4.67
CA GLY A 5 -13.47 -6.70 -4.02
C GLY A 5 -13.64 -6.63 -2.52
N ALA A 6 -13.50 -7.77 -1.86
CA ALA A 6 -13.64 -7.85 -0.41
C ALA A 6 -12.30 -8.15 0.25
N ALA A 7 -11.91 -7.28 1.17
CA ALA A 7 -10.66 -7.45 1.89
C ALA A 7 -10.75 -6.87 3.30
N ILE A 8 -9.98 -7.43 4.22
CA ILE A 8 -9.99 -6.97 5.59
C ILE A 8 -9.03 -5.79 5.78
N PHE A 9 -9.56 -4.68 6.27
CA PHE A 9 -8.74 -3.49 6.50
C PHE A 9 -8.71 -3.13 7.98
N GLU A 10 -7.53 -2.72 8.45
CA GLU A 10 -7.37 -2.35 9.85
C GLU A 10 -7.74 -3.52 10.76
N LYS A 11 -7.65 -4.74 10.21
CA LYS A 11 -7.98 -5.94 10.97
C LYS A 11 -9.44 -5.95 11.35
N VAL A 12 -10.28 -5.58 10.37
CA VAL A 12 -11.71 -5.54 10.56
C VAL A 12 -12.43 -5.90 9.25
N SER A 13 -12.98 -7.11 9.20
CA SER A 13 -13.68 -7.60 8.00
C SER A 13 -14.45 -6.50 7.28
N GLY A 14 -14.17 -6.33 6.00
CA GLY A 14 -14.85 -5.32 5.22
C GLY A 14 -14.80 -5.57 3.72
N ILE A 15 -15.05 -4.51 2.96
CA ILE A 15 -15.04 -4.59 1.50
C ILE A 15 -14.28 -3.42 0.87
N ILE A 16 -13.69 -3.66 -0.30
CA ILE A 16 -12.93 -2.63 -1.00
C ILE A 16 -13.61 -2.22 -2.30
N ALA A 17 -13.42 -0.95 -2.67
CA ALA A 17 -13.98 -0.40 -3.90
C ALA A 17 -13.01 0.61 -4.50
N ILE A 18 -12.75 0.49 -5.81
CA ILE A 18 -11.83 1.39 -6.47
C ILE A 18 -12.59 2.55 -7.11
N ASN A 19 -12.21 3.78 -6.74
CA ASN A 19 -12.86 4.97 -7.26
C ASN A 19 -12.15 5.47 -8.52
N GLU A 20 -12.06 4.61 -9.53
CA GLU A 20 -11.41 4.96 -10.79
C GLU A 20 -12.37 5.73 -11.69
N ASP A 21 -13.59 5.98 -11.23
CA ASP A 21 -14.57 6.71 -12.00
C ASP A 21 -14.26 8.20 -11.97
N VAL A 22 -13.73 8.66 -10.85
CA VAL A 22 -13.37 10.07 -10.69
C VAL A 22 -12.30 10.46 -11.70
N SER A 23 -12.01 11.75 -11.81
CA SER A 23 -11.00 12.23 -12.75
C SER A 23 -9.73 11.38 -12.65
N PRO A 24 -9.00 11.47 -11.52
CA PRO A 24 -7.77 10.70 -11.32
C PRO A 24 -8.09 9.22 -11.01
N ALA A 25 -7.98 8.83 -9.75
CA ALA A 25 -8.25 7.46 -9.34
C ALA A 25 -7.86 7.24 -7.87
N GLU A 26 -8.67 6.48 -7.15
CA GLU A 26 -8.40 6.20 -5.75
C GLU A 26 -8.99 4.87 -5.32
N LEU A 27 -8.56 4.39 -4.15
CA LEU A 27 -9.06 3.14 -3.60
C LEU A 27 -9.84 3.41 -2.32
N THR A 28 -11.11 3.01 -2.31
CA THR A 28 -11.96 3.24 -1.14
C THR A 28 -12.42 1.93 -0.54
N TRP A 29 -12.27 1.80 0.78
CA TRP A 29 -12.68 0.59 1.48
C TRP A 29 -13.53 0.94 2.70
N ARG A 30 -14.54 0.11 2.96
CA ARG A 30 -15.41 0.31 4.11
C ARG A 30 -15.68 -1.01 4.81
N SER A 31 -15.98 -0.94 6.10
CA SER A 31 -16.28 -2.14 6.87
C SER A 31 -17.42 -2.90 6.22
N THR A 32 -17.62 -4.16 6.60
CA THR A 32 -18.69 -4.97 6.03
C THR A 32 -20.04 -4.36 6.38
N ASP A 33 -20.09 -3.72 7.53
CA ASP A 33 -21.31 -3.08 8.01
C ASP A 33 -21.07 -2.48 9.38
N GLY A 34 -19.94 -1.79 9.51
CA GLY A 34 -19.60 -1.17 10.79
C GLY A 34 -19.52 0.33 10.71
N ASP A 35 -20.29 0.92 9.79
CA ASP A 35 -20.30 2.37 9.62
C ASP A 35 -18.88 2.92 9.62
N LYS A 36 -17.95 2.12 9.11
CA LYS A 36 -16.56 2.51 9.04
C LYS A 36 -16.15 2.74 7.59
N VAL A 37 -15.09 3.51 7.39
CA VAL A 37 -14.61 3.80 6.05
C VAL A 37 -13.12 4.07 6.03
N HIS A 38 -12.50 3.79 4.90
CA HIS A 38 -11.08 4.02 4.70
C HIS A 38 -10.79 4.18 3.22
N THR A 39 -10.34 5.36 2.83
CA THR A 39 -10.05 5.65 1.44
C THR A 39 -8.69 6.31 1.27
N VAL A 40 -7.95 5.90 0.24
CA VAL A 40 -6.64 6.47 -0.04
C VAL A 40 -6.53 6.91 -1.50
N VAL A 41 -5.86 8.03 -1.71
CA VAL A 41 -5.69 8.57 -3.06
C VAL A 41 -4.23 8.47 -3.50
N LEU A 42 -4.02 8.04 -4.74
CA LEU A 42 -2.67 7.89 -5.27
C LEU A 42 -1.85 9.17 -5.07
N SER A 43 -2.53 10.30 -5.12
CA SER A 43 -1.86 11.59 -4.94
C SER A 43 -0.91 11.55 -3.75
N THR A 44 -1.20 10.69 -2.78
CA THR A 44 -0.36 10.54 -1.60
C THR A 44 0.37 9.20 -1.64
N ILE A 45 -0.19 8.26 -2.39
CA ILE A 45 0.38 6.94 -2.54
C ILE A 45 0.76 6.66 -4.00
N ASP A 46 2.03 6.39 -4.26
CA ASP A 46 2.49 6.14 -5.62
C ASP A 46 3.12 4.77 -5.78
N LYS A 47 2.75 3.84 -4.91
CA LYS A 47 3.27 2.48 -4.97
C LYS A 47 2.33 1.50 -4.29
N LEU A 48 2.31 0.27 -4.79
CA LEU A 48 1.47 -0.78 -4.23
C LEU A 48 2.23 -2.11 -4.19
N GLN A 49 2.20 -2.78 -3.04
CA GLN A 49 2.89 -4.05 -2.86
C GLN A 49 1.88 -5.20 -2.87
N ALA A 50 2.27 -6.31 -3.50
CA ALA A 50 1.39 -7.47 -3.58
C ALA A 50 2.20 -8.77 -3.44
N THR A 51 1.50 -9.87 -3.17
CA THR A 51 2.15 -11.17 -3.01
C THR A 51 2.47 -11.79 -4.37
N PRO A 52 3.32 -12.83 -4.39
CA PRO A 52 3.69 -13.51 -5.62
C PRO A 52 2.55 -14.30 -6.25
N ALA A 53 2.55 -14.39 -7.57
CA ALA A 53 1.51 -15.11 -8.28
C ALA A 53 1.60 -16.61 -8.03
N SER A 54 1.24 -17.02 -6.81
CA SER A 54 1.29 -18.44 -6.43
C SER A 54 1.02 -18.60 -4.95
N SER A 55 1.42 -17.60 -4.17
CA SER A 55 1.23 -17.64 -2.72
C SER A 55 -0.26 -17.72 -2.37
N GLU A 56 -0.55 -17.97 -1.10
CA GLU A 56 -1.93 -18.07 -0.65
C GLU A 56 -2.35 -16.82 0.10
N LYS A 57 -1.39 -16.15 0.73
CA LYS A 57 -1.68 -14.93 1.48
C LYS A 57 -2.13 -13.81 0.55
N MET A 58 -3.36 -13.89 0.09
CA MET A 58 -3.91 -12.87 -0.80
C MET A 58 -4.06 -11.54 -0.08
N MET A 59 -3.06 -10.67 -0.21
CA MET A 59 -3.11 -9.36 0.44
C MET A 59 -2.09 -8.40 -0.15
N LEU A 60 -2.38 -7.10 -0.08
CA LEU A 60 -1.48 -6.08 -0.62
C LEU A 60 -1.51 -4.80 0.22
N ARG A 61 -0.47 -3.99 0.07
CA ARG A 61 -0.36 -2.73 0.79
C ARG A 61 0.13 -1.62 -0.14
N LEU A 62 -0.38 -0.41 0.05
CA LEU A 62 0.01 0.72 -0.78
C LEU A 62 0.86 1.71 0.00
N ILE A 63 1.91 2.18 -0.66
CA ILE A 63 2.85 3.10 -0.06
C ILE A 63 2.41 4.56 -0.24
N GLY A 64 2.69 5.38 0.76
CA GLY A 64 2.34 6.79 0.69
C GLY A 64 3.50 7.60 0.15
N LYS A 65 4.04 7.13 -0.98
CA LYS A 65 5.18 7.74 -1.67
C LYS A 65 6.19 8.38 -0.72
N VAL A 66 7.47 8.25 -1.07
CA VAL A 66 8.54 8.79 -0.26
C VAL A 66 9.46 9.69 -1.08
N ASP A 67 10.21 10.53 -0.39
CA ASP A 67 11.15 11.44 -1.05
C ASP A 67 12.58 11.13 -0.61
N GLU A 68 12.91 9.85 -0.53
CA GLU A 68 14.25 9.43 -0.17
C GLU A 68 15.25 10.00 -1.18
N SER A 69 14.77 10.20 -2.41
CA SER A 69 15.60 10.75 -3.47
C SER A 69 15.01 12.05 -4.00
N LYS A 70 14.09 12.61 -3.24
CA LYS A 70 13.46 13.87 -3.59
C LYS A 70 13.66 14.88 -2.46
N LYS A 71 13.43 14.43 -1.24
CA LYS A 71 13.61 15.24 -0.04
C LYS A 71 12.93 16.61 -0.16
N ARG A 72 13.00 17.38 0.92
CA ARG A 72 12.44 18.70 0.99
C ARG A 72 13.33 19.60 1.83
N LYS A 73 13.06 20.89 1.86
CA LYS A 73 13.87 21.81 2.64
C LYS A 73 13.06 23.00 3.16
N ASP A 74 13.49 23.52 4.30
CA ASP A 74 12.83 24.65 4.93
C ASP A 74 13.75 25.30 5.96
N ASN A 75 15.01 25.50 5.56
CA ASN A 75 16.02 26.10 6.43
C ASN A 75 16.39 25.15 7.56
N GLU A 76 16.41 23.86 7.26
CA GLU A 76 16.75 22.84 8.25
C GLU A 76 18.19 22.38 8.09
N GLY A 77 18.70 22.46 6.87
CA GLY A 77 20.07 22.06 6.60
C GLY A 77 20.25 20.55 6.60
N ASN A 78 19.15 19.82 6.71
CA ASN A 78 19.20 18.35 6.73
C ASN A 78 18.53 17.77 5.49
N GLU A 79 17.53 18.48 4.97
CA GLU A 79 16.79 18.06 3.79
C GLU A 79 16.38 16.60 3.89
N VAL A 80 15.32 16.34 4.65
CA VAL A 80 14.81 15.00 4.85
C VAL A 80 13.31 14.94 4.63
N VAL A 81 12.81 13.76 4.30
CA VAL A 81 11.39 13.55 4.07
C VAL A 81 10.71 12.92 5.29
N PRO A 82 9.52 13.40 5.66
CA PRO A 82 8.77 12.88 6.81
C PRO A 82 8.53 11.37 6.69
N LYS A 83 7.61 10.86 7.51
CA LYS A 83 7.28 9.44 7.50
C LYS A 83 6.13 9.14 6.53
N PRO A 84 6.39 8.35 5.48
CA PRO A 84 5.37 7.99 4.49
C PRO A 84 4.17 7.27 5.12
N GLN A 85 3.04 7.32 4.44
CA GLN A 85 1.83 6.69 4.91
C GLN A 85 1.46 5.48 4.05
N ARG A 86 1.53 4.30 4.64
CA ARG A 86 1.20 3.08 3.92
C ARG A 86 0.05 2.34 4.61
N HIS A 87 -0.76 1.65 3.81
CA HIS A 87 -1.90 0.92 4.34
C HIS A 87 -1.85 -0.55 3.92
N MET A 88 -2.19 -1.45 4.84
CA MET A 88 -2.17 -2.88 4.57
C MET A 88 -3.52 -3.51 4.89
N PHE A 89 -3.98 -4.36 3.98
CA PHE A 89 -5.26 -5.05 4.16
C PHE A 89 -5.22 -6.41 3.46
N SER A 90 -5.81 -7.41 4.09
CA SER A 90 -5.82 -8.77 3.54
C SER A 90 -7.06 -9.04 2.70
N PHE A 91 -6.87 -9.79 1.62
CA PHE A 91 -7.98 -10.13 0.73
C PHE A 91 -8.49 -11.54 1.03
N ASN A 92 -9.61 -11.90 0.42
CA ASN A 92 -10.19 -13.22 0.63
C ASN A 92 -10.42 -13.95 -0.69
N ASN A 93 -9.54 -13.68 -1.66
CA ASN A 93 -9.64 -14.31 -2.98
C ASN A 93 -8.52 -13.83 -3.88
N ARG A 94 -7.99 -14.75 -4.70
CA ARG A 94 -6.91 -14.42 -5.63
C ARG A 94 -7.38 -13.44 -6.70
N THR A 95 -8.64 -13.58 -7.10
CA THR A 95 -9.21 -12.72 -8.13
C THR A 95 -9.47 -11.32 -7.58
N VAL A 96 -9.89 -11.24 -6.32
CA VAL A 96 -10.17 -9.96 -5.69
C VAL A 96 -8.93 -9.09 -5.67
N MET A 97 -7.82 -9.65 -5.19
CA MET A 97 -6.57 -8.92 -5.12
C MET A 97 -6.02 -8.66 -6.52
N ASP A 98 -6.12 -9.66 -7.39
CA ASP A 98 -5.63 -9.53 -8.76
C ASP A 98 -6.45 -8.52 -9.54
N ASN A 99 -7.77 -8.56 -9.38
CA ASN A 99 -8.65 -7.65 -10.09
C ASN A 99 -8.28 -6.20 -9.79
N ILE A 100 -8.15 -5.88 -8.50
CA ILE A 100 -7.77 -4.54 -8.10
C ILE A 100 -6.29 -4.29 -8.33
N LYS A 101 -5.47 -5.32 -8.06
CA LYS A 101 -4.03 -5.19 -8.25
C LYS A 101 -3.73 -4.74 -9.66
N MET A 102 -4.33 -5.43 -10.62
CA MET A 102 -4.16 -5.09 -12.03
C MET A 102 -4.65 -3.66 -12.27
N THR A 103 -5.69 -3.28 -11.52
CA THR A 103 -6.26 -1.95 -11.62
C THR A 103 -5.29 -0.91 -11.05
N LEU A 104 -4.86 -1.16 -9.82
CA LEU A 104 -3.94 -0.27 -9.13
C LEU A 104 -2.60 -0.19 -9.85
N GLN A 105 -2.20 -1.30 -10.43
CA GLN A 105 -0.95 -1.36 -11.16
C GLN A 105 -0.96 -0.38 -12.33
N GLN A 106 -2.15 -0.17 -12.90
CA GLN A 106 -2.29 0.75 -14.01
C GLN A 106 -2.28 2.19 -13.54
N ILE A 107 -3.01 2.44 -12.46
CA ILE A 107 -3.08 3.77 -11.89
C ILE A 107 -1.72 4.14 -11.33
N ILE A 108 -1.14 3.23 -10.54
CA ILE A 108 0.18 3.46 -9.97
C ILE A 108 1.14 3.81 -11.09
N SER A 109 0.93 3.15 -12.22
CA SER A 109 1.75 3.37 -13.40
C SER A 109 1.46 4.76 -13.95
N ARG A 110 0.19 5.17 -13.86
CA ARG A 110 -0.23 6.49 -14.32
C ARG A 110 0.42 7.59 -13.49
N TYR A 111 0.37 7.43 -12.17
CA TYR A 111 0.95 8.40 -11.27
C TYR A 111 2.48 8.39 -11.35
N LYS A 112 3.03 7.24 -11.74
CA LYS A 112 4.47 7.09 -11.87
C LYS A 112 4.95 7.63 -13.22
N ASP A 113 4.09 7.55 -14.22
CA ASP A 113 4.43 8.02 -15.56
C ASP A 113 4.36 9.53 -15.64
N ALA A 114 3.34 10.10 -14.99
CA ALA A 114 3.16 11.55 -14.99
C ALA A 114 4.35 12.25 -14.35
N ASP A 115 4.72 11.82 -13.15
CA ASP A 115 5.84 12.40 -12.42
C ASP A 115 7.15 12.18 -13.18
N GLY B 1 23.14 4.53 16.58
CA GLY B 1 24.31 4.65 17.49
C GLY B 1 23.91 5.09 18.89
N PHE B 2 23.18 6.20 18.99
CA PHE B 2 22.74 6.72 20.27
C PHE B 2 21.25 6.47 20.47
N THR B 3 20.45 6.89 19.49
CA THR B 3 19.00 6.72 19.56
C THR B 3 18.64 5.23 19.61
N PRO B 4 17.54 4.88 20.31
CA PRO B 4 17.08 3.49 20.42
C PRO B 4 16.48 2.96 19.12
N HIS B 5 17.28 2.95 18.06
CA HIS B 5 16.82 2.48 16.76
C HIS B 5 15.57 3.23 16.31
N ASP B 6 15.77 4.21 15.42
CA ASP B 6 14.67 5.01 14.90
C ASP B 6 14.07 5.89 16.00
N SER B 7 13.42 5.26 16.97
CA SER B 7 12.81 6.00 18.07
C SER B 7 11.69 6.90 17.56
N ALA B 8 10.48 6.37 17.50
CA ALA B 8 9.32 7.13 17.03
C ALA B 8 8.04 6.34 17.20
N PRO B 9 7.40 6.42 18.38
CA PRO B 9 6.15 5.70 18.67
C PRO B 9 5.10 5.94 17.60
N TYR B 10 5.06 5.06 16.60
CA TYR B 10 4.10 5.18 15.51
C TYR B 10 3.67 3.80 15.02
N GLY B 11 4.65 2.94 14.76
CA GLY B 11 4.35 1.60 14.29
C GLY B 11 3.60 0.77 15.32
N ALA B 12 2.86 -0.22 14.85
CA ALA B 12 2.10 -1.09 15.75
C ALA B 12 3.02 -1.95 16.60
N LEU B 13 2.44 -2.66 17.56
CA LEU B 13 3.21 -3.52 18.45
C LEU B 13 3.17 -4.97 17.98
N ASP B 14 2.03 -5.37 17.41
CA ASP B 14 1.86 -6.73 16.91
C ASP B 14 2.88 -7.05 15.84
N MET B 15 3.31 -8.31 15.78
CA MET B 15 4.29 -8.75 14.79
C MET B 15 3.61 -9.21 13.50
N ALA B 16 2.30 -8.99 13.40
CA ALA B 16 1.55 -9.37 12.21
C ALA B 16 1.58 -8.28 11.15
N ASP B 17 1.86 -7.07 11.58
CA ASP B 17 1.93 -5.95 10.66
C ASP B 17 3.32 -5.81 10.09
N PHE B 18 4.31 -6.22 10.87
CA PHE B 18 5.70 -6.17 10.43
C PHE B 18 6.02 -7.40 9.61
N GLU B 19 5.40 -8.52 9.97
CA GLU B 19 5.62 -9.77 9.27
C GLU B 19 5.02 -9.71 7.87
N PHE B 20 3.91 -9.00 7.71
CA PHE B 20 3.29 -8.91 6.40
C PHE B 20 4.17 -8.12 5.46
N GLU B 21 4.97 -7.20 6.02
CA GLU B 21 5.86 -6.37 5.22
C GLU B 21 6.92 -7.22 4.52
N GLN B 22 7.29 -8.33 5.12
CA GLN B 22 8.29 -9.21 4.52
C GLN B 22 7.76 -9.76 3.21
N MET B 23 6.46 -10.04 3.18
CA MET B 23 5.81 -10.52 1.98
C MET B 23 5.20 -9.32 1.25
N PHE B 24 5.38 -8.14 1.84
CA PHE B 24 4.87 -6.90 1.29
C PHE B 24 6.00 -5.96 0.89
N THR B 25 7.22 -6.48 0.77
CA THR B 25 8.34 -5.65 0.38
C THR B 25 8.94 -6.16 -0.93
N ASP B 26 8.63 -5.45 -2.00
CA ASP B 26 9.11 -5.81 -3.34
C ASP B 26 8.92 -7.29 -3.62
N ALA B 27 7.70 -7.67 -4.01
CA ALA B 27 7.40 -9.06 -4.31
C ALA B 27 6.68 -9.18 -5.65
N LEU B 28 6.96 -8.27 -6.56
CA LEU B 28 6.34 -8.28 -7.88
C LEU B 28 7.39 -8.35 -8.98
N GLY B 29 8.48 -7.59 -8.80
CA GLY B 29 9.55 -7.58 -9.79
C GLY B 29 10.13 -8.95 -10.03
N ILE B 30 10.12 -9.39 -11.28
CA ILE B 30 10.66 -10.69 -11.64
C ILE B 30 12.18 -10.72 -11.51
N ASP B 31 12.66 -10.88 -10.29
CA ASP B 31 14.10 -10.91 -10.03
C ASP B 31 14.68 -12.27 -10.39
N GLU B 32 15.66 -12.28 -11.29
CA GLU B 32 16.31 -13.51 -11.72
C GLU B 32 17.22 -14.06 -10.62
N TYR B 33 17.50 -15.36 -10.70
CA TYR B 33 18.35 -16.01 -9.70
C TYR B 33 19.47 -16.79 -10.38
N GLY B 34 20.59 -16.11 -10.63
CA GLY B 34 21.72 -16.76 -11.27
C GLY B 34 21.89 -16.34 -12.72
N GLY B 35 22.71 -17.08 -13.46
CA GLY B 35 22.93 -16.75 -14.87
C GLY B 35 23.38 -17.96 -15.67
N PRO A 1 -16.89 -8.20 -7.19
CA PRO A 1 -16.00 -7.72 -6.11
C PRO A 1 -14.54 -7.64 -6.58
N SER A 2 -14.34 -7.18 -7.81
CA SER A 2 -13.01 -7.06 -8.38
C SER A 2 -12.32 -5.77 -7.94
N HIS A 3 -13.04 -4.95 -7.18
CA HIS A 3 -12.49 -3.69 -6.69
C HIS A 3 -12.75 -3.50 -5.20
N SER A 4 -13.00 -4.61 -4.53
CA SER A 4 -13.25 -4.59 -3.10
C SER A 4 -12.58 -5.78 -2.43
N GLY A 5 -12.14 -5.58 -1.19
CA GLY A 5 -11.48 -6.64 -0.48
C GLY A 5 -11.22 -6.29 0.97
N ALA A 6 -10.74 -7.25 1.74
CA ALA A 6 -10.46 -7.03 3.15
C ALA A 6 -8.96 -7.07 3.43
N ALA A 7 -8.46 -6.00 4.02
CA ALA A 7 -7.03 -5.91 4.35
C ALA A 7 -6.84 -5.21 5.69
N ILE A 8 -5.65 -5.33 6.25
CA ILE A 8 -5.34 -4.70 7.52
C ILE A 8 -4.54 -3.42 7.31
N PHE A 9 -5.07 -2.31 7.78
CA PHE A 9 -4.40 -1.02 7.64
C PHE A 9 -4.03 -0.45 9.00
N GLU A 10 -2.84 0.15 9.07
CA GLU A 10 -2.36 0.72 10.32
C GLU A 10 -2.29 -0.33 11.41
N LYS A 11 -2.15 -1.60 10.99
CA LYS A 11 -2.08 -2.71 11.92
C LYS A 11 -3.37 -2.84 12.71
N VAL A 12 -4.48 -2.64 12.00
CA VAL A 12 -5.80 -2.74 12.59
C VAL A 12 -6.77 -3.37 11.58
N SER A 13 -7.17 -4.61 11.84
CA SER A 13 -8.08 -5.35 10.97
C SER A 13 -9.17 -4.45 10.38
N GLY A 14 -9.26 -4.44 9.06
CA GLY A 14 -10.25 -3.63 8.38
C GLY A 14 -10.59 -4.14 6.99
N ILE A 15 -11.23 -3.30 6.20
CA ILE A 15 -11.62 -3.67 4.85
C ILE A 15 -11.29 -2.57 3.84
N ILE A 16 -11.04 -2.96 2.59
CA ILE A 16 -10.71 -2.00 1.54
C ILE A 16 -11.81 -1.92 0.48
N ALA A 17 -11.96 -0.74 -0.10
CA ALA A 17 -12.94 -0.51 -1.14
C ALA A 17 -12.36 0.44 -2.20
N ILE A 18 -12.33 -0.01 -3.44
CA ILE A 18 -11.78 0.80 -4.52
C ILE A 18 -12.88 1.59 -5.23
N ASN A 19 -12.62 2.87 -5.47
CA ASN A 19 -13.56 3.73 -6.14
C ASN A 19 -13.04 4.13 -7.52
N GLU A 20 -13.16 3.23 -8.48
CA GLU A 20 -12.71 3.48 -9.84
C GLU A 20 -13.81 4.08 -10.70
N ASP A 21 -14.80 4.69 -10.06
CA ASP A 21 -15.91 5.31 -10.79
C ASP A 21 -15.45 6.64 -11.36
N VAL A 22 -14.45 7.24 -10.71
CA VAL A 22 -13.91 8.51 -11.14
C VAL A 22 -12.65 8.29 -11.98
N SER A 23 -12.43 9.16 -12.97
CA SER A 23 -11.27 9.05 -13.86
C SER A 23 -10.00 8.72 -13.08
N PRO A 24 -9.54 9.62 -12.19
CA PRO A 24 -8.33 9.40 -11.40
C PRO A 24 -8.39 8.12 -10.57
N ALA A 25 -9.59 7.75 -10.13
CA ALA A 25 -9.77 6.54 -9.34
C ALA A 25 -8.99 6.63 -8.03
N GLU A 26 -9.51 5.97 -6.99
CA GLU A 26 -8.85 5.98 -5.69
C GLU A 26 -9.19 4.72 -4.89
N LEU A 27 -8.42 4.49 -3.83
CA LEU A 27 -8.62 3.34 -2.97
C LEU A 27 -9.06 3.80 -1.57
N THR A 28 -10.23 3.35 -1.14
CA THR A 28 -10.75 3.74 0.17
C THR A 28 -10.79 2.55 1.13
N TRP A 29 -10.16 2.71 2.29
CA TRP A 29 -10.14 1.65 3.29
C TRP A 29 -10.59 2.16 4.66
N ARG A 30 -11.33 1.32 5.37
CA ARG A 30 -11.80 1.66 6.72
C ARG A 30 -11.73 0.43 7.62
N SER A 31 -11.65 0.67 8.92
CA SER A 31 -11.59 -0.41 9.89
C SER A 31 -12.78 -1.35 9.69
N THR A 32 -12.74 -2.52 10.33
CA THR A 32 -13.82 -3.47 10.21
C THR A 32 -15.10 -2.91 10.80
N ASP A 33 -14.94 -2.04 11.77
CA ASP A 33 -16.06 -1.39 12.43
C ASP A 33 -15.56 -0.48 13.53
N GLY A 34 -14.55 0.33 13.21
CA GLY A 34 -13.99 1.23 14.19
C GLY A 34 -14.19 2.69 13.83
N ASP A 35 -15.24 2.97 13.08
CA ASP A 35 -15.54 4.34 12.66
C ASP A 35 -14.28 5.05 12.18
N LYS A 36 -13.39 4.27 11.59
CA LYS A 36 -12.14 4.79 11.07
C LYS A 36 -12.02 4.52 9.58
N VAL A 37 -11.56 5.51 8.83
CA VAL A 37 -11.40 5.35 7.39
C VAL A 37 -10.20 6.11 6.88
N HIS A 38 -9.66 5.65 5.76
CA HIS A 38 -8.51 6.27 5.13
C HIS A 38 -8.50 5.99 3.64
N THR A 39 -8.64 7.05 2.85
CA THR A 39 -8.66 6.92 1.40
C THR A 39 -7.44 7.59 0.78
N VAL A 40 -6.86 6.94 -0.23
CA VAL A 40 -5.69 7.48 -0.90
C VAL A 40 -5.92 7.57 -2.41
N VAL A 41 -5.42 8.65 -3.01
CA VAL A 41 -5.56 8.86 -4.44
C VAL A 41 -4.21 8.76 -5.14
N LEU A 42 -4.19 8.12 -6.31
CA LEU A 42 -2.97 7.96 -7.07
C LEU A 42 -2.26 9.29 -7.25
N SER A 43 -3.04 10.36 -7.34
CA SER A 43 -2.49 11.70 -7.51
C SER A 43 -1.36 11.95 -6.50
N THR A 44 -1.43 11.26 -5.36
CA THR A 44 -0.42 11.40 -4.33
C THR A 44 0.48 10.16 -4.31
N ILE A 45 -0.04 9.07 -4.85
CA ILE A 45 0.67 7.80 -4.92
C ILE A 45 0.77 7.31 -6.36
N ASP A 46 1.99 7.12 -6.87
CA ASP A 46 2.18 6.67 -8.24
C ASP A 46 2.88 5.32 -8.33
N LYS A 47 2.77 4.54 -7.28
CA LYS A 47 3.38 3.20 -7.25
C LYS A 47 2.72 2.31 -6.20
N LEU A 48 2.69 1.01 -6.47
CA LEU A 48 2.09 0.04 -5.56
C LEU A 48 2.96 -1.22 -5.46
N GLN A 49 3.45 -1.50 -4.25
CA GLN A 49 4.30 -2.68 -4.02
C GLN A 49 3.52 -3.79 -3.32
N ALA A 50 3.42 -4.94 -3.96
CA ALA A 50 2.71 -6.08 -3.39
C ALA A 50 3.63 -7.29 -3.27
N THR A 51 3.21 -8.28 -2.48
CA THR A 51 4.01 -9.48 -2.28
C THR A 51 3.84 -10.44 -3.46
N PRO A 52 4.75 -11.41 -3.60
CA PRO A 52 4.70 -12.39 -4.70
C PRO A 52 3.59 -13.43 -4.50
N ALA A 53 3.22 -14.10 -5.57
CA ALA A 53 2.18 -15.12 -5.52
C ALA A 53 2.66 -16.36 -4.77
N SER A 54 3.94 -16.66 -4.90
CA SER A 54 4.53 -17.82 -4.24
C SER A 54 4.57 -17.62 -2.73
N SER A 55 4.57 -16.35 -2.31
CA SER A 55 4.60 -16.02 -0.89
C SER A 55 3.35 -16.54 -0.18
N GLU A 56 3.36 -16.49 1.15
CA GLU A 56 2.23 -16.96 1.94
C GLU A 56 1.69 -15.84 2.83
N LYS A 57 1.66 -14.62 2.30
CA LYS A 57 1.17 -13.47 3.04
C LYS A 57 0.78 -12.33 2.10
N MET A 58 -0.51 -12.22 1.84
CA MET A 58 -1.03 -11.17 0.96
C MET A 58 -0.90 -9.80 1.63
N MET A 59 -0.04 -8.94 1.08
CA MET A 59 0.17 -7.61 1.64
C MET A 59 0.87 -6.70 0.64
N LEU A 60 0.43 -5.44 0.56
CA LEU A 60 1.05 -4.49 -0.36
C LEU A 60 1.07 -3.07 0.21
N ARG A 61 2.03 -2.28 -0.26
CA ARG A 61 2.19 -0.90 0.18
C ARG A 61 2.23 0.03 -1.03
N LEU A 62 1.65 1.21 -0.90
CA LEU A 62 1.62 2.17 -1.99
C LEU A 62 2.53 3.36 -1.69
N ILE A 63 3.28 3.74 -2.72
CA ILE A 63 4.22 4.84 -2.61
C ILE A 63 3.56 6.18 -2.95
N GLY A 64 3.94 7.23 -2.23
CA GLY A 64 3.37 8.54 -2.48
C GLY A 64 4.18 9.30 -3.52
N LYS A 65 4.61 8.59 -4.56
CA LYS A 65 5.41 9.15 -5.65
C LYS A 65 6.49 10.10 -5.13
N VAL A 66 7.21 10.73 -6.04
CA VAL A 66 8.27 11.63 -5.65
C VAL A 66 8.40 12.79 -6.63
N ASP A 67 9.08 13.85 -6.19
CA ASP A 67 9.27 15.03 -7.00
C ASP A 67 10.70 15.10 -7.53
N GLU A 68 11.22 13.95 -7.96
CA GLU A 68 12.57 13.90 -8.51
C GLU A 68 12.71 14.89 -9.66
N SER A 69 11.58 15.14 -10.34
CA SER A 69 11.54 16.08 -11.44
C SER A 69 10.40 17.06 -11.28
N LYS A 70 9.97 17.23 -10.04
CA LYS A 70 8.88 18.15 -9.70
C LYS A 70 9.11 18.76 -8.32
N LYS A 71 10.37 18.78 -7.90
CA LYS A 71 10.74 19.34 -6.60
C LYS A 71 10.34 20.81 -6.48
N ARG A 72 10.07 21.23 -5.25
CA ARG A 72 9.68 22.60 -4.98
C ARG A 72 10.87 23.55 -5.15
N LYS A 73 10.61 24.84 -5.11
CA LYS A 73 11.66 25.84 -5.25
C LYS A 73 11.41 27.05 -4.35
N ASP A 74 12.44 27.88 -4.18
CA ASP A 74 12.33 29.06 -3.34
C ASP A 74 11.80 28.71 -1.96
N ASN A 75 12.71 28.33 -1.07
CA ASN A 75 12.33 27.96 0.30
C ASN A 75 13.54 28.03 1.23
N GLU A 76 14.35 26.98 1.19
CA GLU A 76 15.55 26.90 2.02
C GLU A 76 16.80 27.27 1.23
N GLY A 77 16.71 27.14 -0.08
CA GLY A 77 17.84 27.45 -0.93
C GLY A 77 17.83 26.68 -2.24
N ASN A 78 17.82 25.35 -2.13
CA ASN A 78 17.81 24.50 -3.31
C ASN A 78 16.40 24.01 -3.61
N GLU A 79 16.09 23.85 -4.89
CA GLU A 79 14.76 23.39 -5.31
C GLU A 79 14.67 21.87 -5.21
N VAL A 80 14.41 21.38 -4.01
CA VAL A 80 14.31 19.95 -3.76
C VAL A 80 13.04 19.62 -2.97
N VAL A 81 12.60 18.38 -3.11
CA VAL A 81 11.41 17.91 -2.42
C VAL A 81 11.78 17.05 -1.21
N PRO A 82 11.03 17.16 -0.10
CA PRO A 82 11.30 16.38 1.12
C PRO A 82 11.27 14.88 0.86
N LYS A 83 11.07 14.10 1.91
CA LYS A 83 11.02 12.65 1.79
C LYS A 83 9.60 12.19 1.43
N PRO A 84 9.47 11.30 0.42
CA PRO A 84 8.17 10.79 -0.01
C PRO A 84 7.44 10.04 1.10
N GLN A 85 6.12 9.95 0.96
CA GLN A 85 5.29 9.26 1.93
C GLN A 85 4.67 8.01 1.32
N ARG A 86 4.78 6.90 2.04
CA ARG A 86 4.24 5.63 1.55
C ARG A 86 3.39 4.95 2.62
N HIS A 87 2.39 4.20 2.18
CA HIS A 87 1.51 3.47 3.07
C HIS A 87 1.62 1.97 2.84
N MET A 88 1.74 1.20 3.91
CA MET A 88 1.86 -0.25 3.79
C MET A 88 0.78 -0.97 4.61
N PHE A 89 -0.01 -1.79 3.92
CA PHE A 89 -1.07 -2.55 4.58
C PHE A 89 -1.14 -3.97 4.01
N SER A 90 -1.52 -4.92 4.86
CA SER A 90 -1.62 -6.32 4.48
C SER A 90 -3.03 -6.71 4.04
N PHE A 91 -3.12 -7.75 3.21
CA PHE A 91 -4.39 -8.24 2.71
C PHE A 91 -4.85 -9.45 3.53
N ASN A 92 -6.07 -9.89 3.30
CA ASN A 92 -6.61 -11.04 4.01
C ASN A 92 -7.44 -11.93 3.08
N ASN A 93 -6.92 -12.16 1.87
CA ASN A 93 -7.61 -12.99 0.90
C ASN A 93 -6.83 -13.03 -0.42
N ARG A 94 -6.89 -14.17 -1.10
CA ARG A 94 -6.18 -14.35 -2.36
C ARG A 94 -6.76 -13.45 -3.45
N THR A 95 -8.06 -13.57 -3.69
CA THR A 95 -8.73 -12.77 -4.69
C THR A 95 -8.77 -11.30 -4.29
N VAL A 96 -8.83 -11.05 -2.99
CA VAL A 96 -8.87 -9.69 -2.48
C VAL A 96 -7.66 -8.89 -2.95
N MET A 97 -6.48 -9.45 -2.78
CA MET A 97 -5.25 -8.79 -3.18
C MET A 97 -5.13 -8.69 -4.70
N ASP A 98 -5.44 -9.79 -5.39
CA ASP A 98 -5.35 -9.82 -6.83
C ASP A 98 -6.40 -8.93 -7.49
N ASN A 99 -7.63 -8.96 -6.97
CA ASN A 99 -8.70 -8.15 -7.52
C ASN A 99 -8.32 -6.67 -7.52
N ILE A 100 -7.86 -6.18 -6.38
CA ILE A 100 -7.44 -4.79 -6.27
C ILE A 100 -6.08 -4.57 -6.93
N LYS A 101 -5.14 -5.50 -6.72
CA LYS A 101 -3.82 -5.37 -7.31
C LYS A 101 -3.93 -5.17 -8.81
N MET A 102 -4.74 -6.00 -9.43
CA MET A 102 -4.96 -5.92 -10.87
C MET A 102 -5.62 -4.58 -11.20
N THR A 103 -6.47 -4.13 -10.28
CA THR A 103 -7.17 -2.87 -10.45
C THR A 103 -6.17 -1.72 -10.35
N LEU A 104 -5.40 -1.70 -9.27
CA LEU A 104 -4.41 -0.67 -9.04
C LEU A 104 -3.33 -0.73 -10.11
N GLN A 105 -3.03 -1.94 -10.54
CA GLN A 105 -2.02 -2.15 -11.57
C GLN A 105 -2.38 -1.37 -12.83
N GLN A 106 -3.67 -1.25 -13.10
CA GLN A 106 -4.14 -0.53 -14.28
C GLN A 106 -4.08 0.97 -14.04
N ILE A 107 -4.59 1.39 -12.90
CA ILE A 107 -4.61 2.79 -12.54
C ILE A 107 -3.19 3.30 -12.41
N ILE A 108 -2.36 2.55 -11.67
CA ILE A 108 -0.96 2.92 -11.49
C ILE A 108 -0.33 3.09 -12.86
N SER A 109 -0.74 2.22 -13.77
CA SER A 109 -0.26 2.27 -15.14
C SER A 109 -0.77 3.52 -15.82
N ARG A 110 -2.00 3.92 -15.48
CA ARG A 110 -2.61 5.11 -16.04
C ARG A 110 -1.88 6.36 -15.58
N TYR A 111 -1.58 6.42 -14.29
CA TYR A 111 -0.88 7.57 -13.72
C TYR A 111 0.58 7.60 -14.18
N LYS A 112 1.09 6.44 -14.59
CA LYS A 112 2.47 6.35 -15.06
C LYS A 112 2.57 6.76 -16.53
N ASP A 113 1.48 6.53 -17.28
CA ASP A 113 1.45 6.88 -18.70
C ASP A 113 1.34 8.38 -18.88
N ALA A 114 0.60 9.03 -17.99
CA ALA A 114 0.42 10.47 -18.06
C ALA A 114 1.75 11.21 -17.93
N ASP A 115 2.50 10.88 -16.89
CA ASP A 115 3.80 11.50 -16.65
C ASP A 115 4.77 11.18 -17.78
N GLY B 1 -9.30 -22.78 23.99
CA GLY B 1 -8.40 -21.59 23.93
C GLY B 1 -6.94 -21.95 24.16
N PHE B 2 -6.15 -21.90 23.09
CA PHE B 2 -4.74 -22.22 23.17
C PHE B 2 -3.89 -20.97 23.38
N THR B 3 -4.20 -19.93 22.63
CA THR B 3 -3.48 -18.67 22.73
C THR B 3 -4.44 -17.49 22.82
N PRO B 4 -4.89 -17.15 24.04
CA PRO B 4 -5.82 -16.04 24.24
C PRO B 4 -5.33 -14.74 23.61
N HIS B 5 -4.09 -14.38 23.88
CA HIS B 5 -3.49 -13.17 23.33
C HIS B 5 -1.99 -13.33 23.15
N ASP B 6 -1.39 -12.44 22.37
CA ASP B 6 0.04 -12.49 22.11
C ASP B 6 0.77 -11.39 22.88
N SER B 7 0.58 -10.14 22.46
CA SER B 7 1.21 -9.01 23.12
C SER B 7 0.23 -7.88 23.35
N ALA B 8 -0.35 -7.83 24.54
CA ALA B 8 -1.32 -6.81 24.88
C ALA B 8 -0.67 -5.43 24.96
N PRO B 9 0.31 -5.26 25.88
CA PRO B 9 1.02 -4.00 26.05
C PRO B 9 1.97 -3.70 24.91
N TYR B 10 1.99 -2.44 24.47
CA TYR B 10 2.86 -2.03 23.37
C TYR B 10 4.28 -1.79 23.87
N GLY B 11 5.25 -1.90 22.96
CA GLY B 11 6.64 -1.69 23.32
C GLY B 11 7.34 -0.72 22.40
N ALA B 12 7.58 -1.16 21.16
CA ALA B 12 8.25 -0.32 20.18
C ALA B 12 8.30 -1.01 18.81
N LEU B 13 7.18 -1.05 18.12
CA LEU B 13 7.10 -1.67 16.81
C LEU B 13 7.47 -0.68 15.71
N ASP B 14 8.73 -0.27 15.69
CA ASP B 14 9.21 0.67 14.69
C ASP B 14 10.15 0.00 13.70
N MET B 15 10.75 -1.11 14.11
CA MET B 15 11.66 -1.85 13.25
C MET B 15 10.93 -2.91 12.42
N ALA B 16 9.61 -2.82 12.38
CA ALA B 16 8.81 -3.76 11.61
C ALA B 16 8.82 -3.42 10.15
N ASP B 17 8.85 -2.13 9.85
CA ASP B 17 8.87 -1.66 8.48
C ASP B 17 10.12 -2.16 7.77
N PHE B 18 11.18 -2.35 8.53
CA PHE B 18 12.44 -2.84 7.96
C PHE B 18 12.28 -4.28 7.47
N GLU B 19 11.86 -5.16 8.36
CA GLU B 19 11.65 -6.55 7.99
C GLU B 19 10.45 -6.66 7.06
N PHE B 20 9.49 -5.77 7.26
CA PHE B 20 8.29 -5.73 6.46
C PHE B 20 8.60 -5.21 5.06
N GLU B 21 9.59 -4.32 4.96
CA GLU B 21 9.96 -3.78 3.66
C GLU B 21 10.65 -4.84 2.81
N GLN B 22 11.29 -5.81 3.46
CA GLN B 22 11.96 -6.89 2.74
C GLN B 22 10.93 -7.68 1.95
N MET B 23 9.81 -7.98 2.60
CA MET B 23 8.74 -8.68 1.92
C MET B 23 7.97 -7.66 1.07
N PHE B 24 8.47 -6.42 1.08
CA PHE B 24 7.88 -5.32 0.36
C PHE B 24 8.86 -4.64 -0.58
N THR B 25 9.84 -5.39 -1.08
CA THR B 25 10.81 -4.83 -1.98
C THR B 25 10.75 -5.56 -3.32
N ASP B 26 10.14 -4.90 -4.30
CA ASP B 26 9.99 -5.45 -5.65
C ASP B 26 9.54 -6.91 -5.59
N ALA B 27 8.22 -7.13 -5.67
CA ALA B 27 7.66 -8.47 -5.63
C ALA B 27 6.65 -8.68 -6.74
N LEU B 28 6.86 -7.99 -7.86
CA LEU B 28 5.96 -8.10 -9.01
C LEU B 28 6.64 -8.81 -10.17
N GLY B 29 7.82 -8.34 -10.54
CA GLY B 29 8.57 -8.95 -11.63
C GLY B 29 8.94 -10.38 -11.34
N ILE B 30 9.31 -10.66 -10.10
CA ILE B 30 9.69 -12.02 -9.70
C ILE B 30 10.89 -12.50 -10.49
N ASP B 31 12.08 -12.09 -10.06
CA ASP B 31 13.32 -12.49 -10.73
C ASP B 31 14.52 -12.32 -9.80
N GLU B 32 15.64 -12.94 -10.18
CA GLU B 32 16.85 -12.86 -9.38
C GLU B 32 16.62 -13.43 -7.97
N TYR B 33 17.05 -14.66 -7.77
CA TYR B 33 16.90 -15.33 -6.47
C TYR B 33 15.42 -15.45 -6.10
N GLY B 34 15.15 -16.22 -5.05
CA GLY B 34 13.78 -16.40 -4.62
C GLY B 34 12.94 -17.19 -5.61
N GLY B 35 13.50 -18.30 -6.09
CA GLY B 35 12.79 -19.12 -7.05
C GLY B 35 11.69 -19.95 -6.41
N PRO A 1 -15.37 -9.57 -10.26
CA PRO A 1 -14.67 -8.59 -9.37
C PRO A 1 -13.18 -8.54 -9.64
N SER A 2 -12.78 -7.77 -10.66
CA SER A 2 -11.38 -7.65 -11.02
C SER A 2 -10.79 -6.36 -10.46
N HIS A 3 -11.60 -5.31 -10.42
CA HIS A 3 -11.17 -4.01 -9.91
C HIS A 3 -11.85 -3.68 -8.59
N SER A 4 -12.35 -4.70 -7.93
CA SER A 4 -13.03 -4.54 -6.65
C SER A 4 -12.61 -5.64 -5.69
N GLY A 5 -12.64 -5.34 -4.40
CA GLY A 5 -12.24 -6.31 -3.43
C GLY A 5 -12.60 -5.91 -2.02
N ALA A 6 -12.37 -6.81 -1.07
CA ALA A 6 -12.68 -6.53 0.33
C ALA A 6 -11.41 -6.56 1.17
N ALA A 7 -11.15 -5.47 1.87
CA ALA A 7 -9.98 -5.36 2.72
C ALA A 7 -10.24 -4.47 3.92
N ILE A 8 -9.47 -4.67 4.98
CA ILE A 8 -9.63 -3.87 6.18
C ILE A 8 -8.80 -2.60 6.11
N PHE A 9 -9.45 -1.45 6.27
CA PHE A 9 -8.76 -0.16 6.21
C PHE A 9 -8.88 0.57 7.54
N GLU A 10 -7.78 1.20 7.94
CA GLU A 10 -7.76 1.94 9.20
C GLU A 10 -8.11 1.02 10.37
N LYS A 11 -7.86 -0.27 10.20
CA LYS A 11 -8.16 -1.26 11.21
C LYS A 11 -9.65 -1.33 11.49
N VAL A 12 -10.42 -1.30 10.40
CA VAL A 12 -11.86 -1.36 10.47
C VAL A 12 -12.41 -2.11 9.26
N SER A 13 -12.89 -3.34 9.49
CA SER A 13 -13.43 -4.19 8.43
C SER A 13 -14.21 -3.39 7.39
N GLY A 14 -13.84 -3.56 6.13
CA GLY A 14 -14.52 -2.85 5.06
C GLY A 14 -14.30 -3.48 3.70
N ILE A 15 -14.58 -2.72 2.65
CA ILE A 15 -14.42 -3.19 1.28
C ILE A 15 -13.71 -2.17 0.40
N ILE A 16 -12.99 -2.65 -0.62
CA ILE A 16 -12.27 -1.78 -1.52
C ILE A 16 -12.87 -1.80 -2.92
N ALA A 17 -12.75 -0.67 -3.62
CA ALA A 17 -13.24 -0.52 -4.97
C ALA A 17 -12.32 0.40 -5.77
N ILE A 18 -11.94 -0.02 -6.96
CA ILE A 18 -11.05 0.78 -7.80
C ILE A 18 -11.85 1.64 -8.77
N ASN A 19 -11.59 2.94 -8.75
CA ASN A 19 -12.29 3.88 -9.62
C ASN A 19 -11.39 4.37 -10.74
N GLU A 20 -11.51 3.75 -11.91
CA GLU A 20 -10.70 4.14 -13.06
C GLU A 20 -11.48 5.06 -13.98
N ASP A 21 -12.42 5.82 -13.41
CA ASP A 21 -13.23 6.75 -14.18
C ASP A 21 -12.41 7.97 -14.54
N VAL A 22 -11.48 8.33 -13.66
CA VAL A 22 -10.62 9.47 -13.88
C VAL A 22 -9.61 9.17 -15.00
N SER A 23 -8.94 10.20 -15.50
CA SER A 23 -7.95 10.01 -16.56
C SER A 23 -7.08 8.79 -16.31
N PRO A 24 -6.32 8.76 -15.20
CA PRO A 24 -5.46 7.64 -14.86
C PRO A 24 -6.22 6.53 -14.13
N ALA A 25 -6.44 6.70 -12.83
CA ALA A 25 -7.15 5.71 -12.02
C ALA A 25 -7.05 6.05 -10.54
N GLU A 26 -7.90 5.42 -9.73
CA GLU A 26 -7.89 5.66 -8.29
C GLU A 26 -8.40 4.45 -7.52
N LEU A 27 -8.04 4.39 -6.24
CA LEU A 27 -8.47 3.31 -5.37
C LEU A 27 -9.38 3.86 -4.27
N THR A 28 -10.61 3.37 -4.20
CA THR A 28 -11.56 3.84 -3.20
C THR A 28 -12.00 2.71 -2.28
N TRP A 29 -12.04 2.99 -0.98
CA TRP A 29 -12.45 2.00 0.01
C TRP A 29 -13.42 2.59 1.02
N ARG A 30 -14.40 1.78 1.41
CA ARG A 30 -15.37 2.22 2.41
C ARG A 30 -15.59 1.13 3.46
N SER A 31 -16.03 1.55 4.65
CA SER A 31 -16.30 0.59 5.72
C SER A 31 -17.39 -0.39 5.29
N THR A 32 -17.41 -1.57 5.89
CA THR A 32 -18.42 -2.57 5.56
C THR A 32 -19.81 -2.01 5.85
N ASP A 33 -19.86 -1.12 6.82
CA ASP A 33 -21.11 -0.50 7.21
C ASP A 33 -20.85 0.54 8.31
N GLY A 34 -19.82 1.36 8.11
CA GLY A 34 -19.48 2.37 9.09
C GLY A 34 -19.75 3.77 8.60
N ASP A 35 -20.60 3.89 7.58
CA ASP A 35 -20.94 5.18 7.00
C ASP A 35 -19.71 6.05 6.82
N LYS A 36 -18.59 5.42 6.46
CA LYS A 36 -17.35 6.14 6.26
C LYS A 36 -16.75 5.80 4.90
N VAL A 37 -15.71 6.51 4.51
CA VAL A 37 -15.06 6.27 3.23
C VAL A 37 -13.59 6.65 3.27
N HIS A 38 -12.83 6.03 2.37
CA HIS A 38 -11.40 6.29 2.26
C HIS A 38 -10.96 6.08 0.82
N THR A 39 -10.53 7.16 0.16
CA THR A 39 -10.11 7.09 -1.22
C THR A 39 -8.66 7.51 -1.40
N VAL A 40 -7.95 6.80 -2.26
CA VAL A 40 -6.56 7.09 -2.53
C VAL A 40 -6.29 7.12 -4.04
N VAL A 41 -5.45 8.04 -4.46
CA VAL A 41 -5.12 8.16 -5.88
C VAL A 41 -3.62 8.10 -6.11
N LEU A 42 -3.21 7.28 -7.07
CA LEU A 42 -1.80 7.12 -7.41
C LEU A 42 -1.13 8.48 -7.62
N SER A 43 -1.93 9.45 -8.04
CA SER A 43 -1.46 10.81 -8.28
C SER A 43 -0.68 11.36 -7.09
N THR A 44 -0.86 10.77 -5.91
CA THR A 44 -0.15 11.20 -4.72
C THR A 44 0.73 10.08 -4.23
N ILE A 45 0.28 8.87 -4.52
CA ILE A 45 0.96 7.66 -4.16
C ILE A 45 1.50 6.99 -5.43
N ASP A 46 2.78 7.20 -5.73
CA ASP A 46 3.36 6.65 -6.94
C ASP A 46 3.97 5.26 -6.74
N LYS A 47 3.39 4.47 -5.86
CA LYS A 47 3.88 3.12 -5.62
C LYS A 47 2.91 2.29 -4.79
N LEU A 48 2.97 0.97 -4.99
CA LEU A 48 2.13 0.04 -4.27
C LEU A 48 2.96 -1.16 -3.80
N GLN A 49 2.90 -1.45 -2.50
CA GLN A 49 3.65 -2.55 -1.93
C GLN A 49 2.72 -3.69 -1.53
N ALA A 50 2.94 -4.87 -2.12
CA ALA A 50 2.12 -6.04 -1.81
C ALA A 50 2.98 -7.20 -1.33
N THR A 51 2.33 -8.19 -0.73
CA THR A 51 3.03 -9.36 -0.21
C THR A 51 3.35 -10.35 -1.33
N PRO A 52 4.31 -11.25 -1.10
CA PRO A 52 4.71 -12.26 -2.09
C PRO A 52 3.65 -13.33 -2.29
N ALA A 53 3.73 -14.06 -3.39
CA ALA A 53 2.78 -15.12 -3.69
C ALA A 53 2.89 -16.25 -2.68
N SER A 54 4.09 -16.47 -2.16
CA SER A 54 4.32 -17.53 -1.19
C SER A 54 3.70 -17.17 0.17
N SER A 55 3.53 -15.89 0.41
CA SER A 55 2.95 -15.41 1.66
C SER A 55 1.50 -15.87 1.79
N GLU A 56 1.25 -16.70 2.81
CA GLU A 56 -0.10 -17.22 3.05
C GLU A 56 -1.08 -16.08 3.29
N LYS A 57 -0.59 -14.99 3.89
CA LYS A 57 -1.43 -13.84 4.19
C LYS A 57 -1.99 -13.23 2.90
N MET A 58 -2.49 -12.00 3.01
CA MET A 58 -3.06 -11.30 1.85
C MET A 58 -3.34 -9.85 2.18
N MET A 59 -2.37 -8.99 1.92
CA MET A 59 -2.54 -7.56 2.20
C MET A 59 -1.49 -6.72 1.48
N LEU A 60 -1.83 -5.47 1.16
CA LEU A 60 -0.91 -4.57 0.46
C LEU A 60 -1.09 -3.13 0.92
N ARG A 61 -0.06 -2.31 0.68
CA ARG A 61 -0.09 -0.90 1.05
C ARG A 61 0.44 -0.04 -0.09
N LEU A 62 -0.15 1.13 -0.28
CA LEU A 62 0.30 2.05 -1.33
C LEU A 62 1.19 3.13 -0.75
N ILE A 63 2.27 3.40 -1.47
CA ILE A 63 3.25 4.37 -1.05
C ILE A 63 2.92 5.78 -1.54
N GLY A 64 3.16 6.77 -0.70
CA GLY A 64 2.90 8.15 -1.06
C GLY A 64 4.09 8.80 -1.73
N LYS A 65 4.71 8.06 -2.65
CA LYS A 65 5.89 8.50 -3.41
C LYS A 65 6.84 9.35 -2.57
N VAL A 66 7.94 9.78 -3.20
CA VAL A 66 8.93 10.57 -2.52
C VAL A 66 9.63 11.51 -3.50
N ASP A 67 10.33 12.51 -2.97
CA ASP A 67 11.04 13.47 -3.79
C ASP A 67 12.50 13.60 -3.35
N GLU A 68 13.17 12.47 -3.22
CA GLU A 68 14.58 12.47 -2.83
C GLU A 68 15.37 13.26 -3.87
N SER A 69 14.89 13.24 -5.11
CA SER A 69 15.54 13.97 -6.20
C SER A 69 14.53 14.84 -6.93
N LYS A 70 13.44 15.15 -6.25
CA LYS A 70 12.38 16.00 -6.80
C LYS A 70 11.86 16.93 -5.71
N LYS A 71 12.76 17.35 -4.83
CA LYS A 71 12.41 18.24 -3.72
C LYS A 71 11.88 19.57 -4.23
N ARG A 72 11.45 20.42 -3.29
CA ARG A 72 10.92 21.73 -3.63
C ARG A 72 11.64 22.82 -2.85
N LYS A 73 11.41 24.07 -3.23
CA LYS A 73 12.04 25.20 -2.56
C LYS A 73 11.08 26.37 -2.42
N ASP A 74 11.44 27.33 -1.59
CA ASP A 74 10.61 28.51 -1.36
C ASP A 74 11.48 29.74 -1.13
N ASN A 75 12.63 29.78 -1.80
CA ASN A 75 13.55 30.90 -1.67
C ASN A 75 14.08 31.02 -0.24
N GLU A 76 14.20 29.88 0.44
CA GLU A 76 14.69 29.84 1.81
C GLU A 76 16.16 29.46 1.86
N GLY A 77 16.61 28.74 0.84
CA GLY A 77 18.00 28.31 0.77
C GLY A 77 18.14 26.82 0.51
N ASN A 78 17.34 26.02 1.21
CA ASN A 78 17.38 24.57 1.05
C ASN A 78 16.18 24.10 0.22
N GLU A 79 16.27 22.87 -0.29
CA GLU A 79 15.20 22.31 -1.10
C GLU A 79 14.92 20.86 -0.70
N VAL A 80 13.92 20.68 0.16
CA VAL A 80 13.54 19.36 0.63
C VAL A 80 12.04 19.12 0.50
N VAL A 81 11.66 17.85 0.42
CA VAL A 81 10.27 17.47 0.29
C VAL A 81 9.75 16.86 1.59
N PRO A 82 8.51 17.18 1.98
CA PRO A 82 7.90 16.65 3.21
C PRO A 82 8.01 15.13 3.28
N LYS A 83 7.86 14.57 4.47
CA LYS A 83 7.95 13.13 4.65
C LYS A 83 6.83 12.41 3.90
N PRO A 84 7.16 11.29 3.21
CA PRO A 84 6.17 10.53 2.45
C PRO A 84 5.04 10.01 3.32
N GLN A 85 3.90 9.72 2.69
CA GLN A 85 2.75 9.21 3.38
C GLN A 85 2.13 8.03 2.63
N ARG A 86 2.25 6.84 3.22
CA ARG A 86 1.70 5.63 2.61
C ARG A 86 0.54 5.09 3.45
N HIS A 87 -0.29 4.25 2.83
CA HIS A 87 -1.43 3.67 3.51
C HIS A 87 -1.43 2.15 3.39
N MET A 88 -1.67 1.48 4.50
CA MET A 88 -1.67 0.02 4.52
C MET A 88 -3.05 -0.53 4.91
N PHE A 89 -3.45 -1.61 4.24
CA PHE A 89 -4.73 -2.25 4.52
C PHE A 89 -4.64 -3.74 4.20
N SER A 90 -5.24 -4.56 5.06
CA SER A 90 -5.20 -6.02 4.88
C SER A 90 -6.40 -6.53 4.09
N PHE A 91 -6.15 -7.53 3.24
CA PHE A 91 -7.21 -8.13 2.43
C PHE A 91 -7.69 -9.42 3.06
N ASN A 92 -8.78 -9.97 2.53
CA ASN A 92 -9.33 -11.22 3.04
C ASN A 92 -9.40 -12.28 1.95
N ASN A 93 -8.47 -12.21 1.00
CA ASN A 93 -8.42 -13.17 -0.09
C ASN A 93 -7.26 -12.84 -1.03
N ARG A 94 -6.59 -13.87 -1.54
CA ARG A 94 -5.46 -13.70 -2.44
C ARG A 94 -5.90 -13.10 -3.77
N THR A 95 -7.00 -13.61 -4.31
CA THR A 95 -7.52 -13.12 -5.58
C THR A 95 -7.91 -11.65 -5.49
N VAL A 96 -8.40 -11.24 -4.34
CA VAL A 96 -8.79 -9.86 -4.13
C VAL A 96 -7.59 -8.93 -4.28
N MET A 97 -6.51 -9.26 -3.59
CA MET A 97 -5.30 -8.46 -3.64
C MET A 97 -4.67 -8.55 -5.02
N ASP A 98 -4.68 -9.76 -5.59
CA ASP A 98 -4.12 -9.98 -6.91
C ASP A 98 -4.94 -9.27 -7.98
N ASN A 99 -6.26 -9.38 -7.88
CA ASN A 99 -7.15 -8.74 -8.86
C ASN A 99 -6.84 -7.25 -8.97
N ILE A 100 -6.77 -6.57 -7.83
CA ILE A 100 -6.45 -5.15 -7.81
C ILE A 100 -4.97 -4.92 -8.04
N LYS A 101 -4.13 -5.79 -7.46
CA LYS A 101 -2.69 -5.67 -7.61
C LYS A 101 -2.31 -5.61 -9.08
N MET A 102 -2.83 -6.54 -9.84
CA MET A 102 -2.58 -6.58 -11.27
C MET A 102 -3.12 -5.30 -11.91
N THR A 103 -4.21 -4.79 -11.36
CA THR A 103 -4.83 -3.57 -11.84
C THR A 103 -3.90 -2.40 -11.54
N LEU A 104 -3.52 -2.29 -10.27
CA LEU A 104 -2.64 -1.23 -9.82
C LEU A 104 -1.29 -1.33 -10.51
N GLN A 105 -0.87 -2.56 -10.77
CA GLN A 105 0.40 -2.80 -11.44
C GLN A 105 0.44 -2.09 -12.78
N GLN A 106 -0.72 -2.02 -13.44
CA GLN A 106 -0.82 -1.34 -14.72
C GLN A 106 -0.85 0.16 -14.54
N ILE A 107 -1.62 0.61 -13.54
CA ILE A 107 -1.74 2.03 -13.25
C ILE A 107 -0.41 2.58 -12.80
N ILE A 108 0.22 1.89 -11.84
CA ILE A 108 1.53 2.30 -11.35
C ILE A 108 2.48 2.42 -12.52
N SER A 109 2.32 1.51 -13.47
CA SER A 109 3.11 1.51 -14.68
C SER A 109 2.76 2.74 -15.52
N ARG A 110 1.48 3.11 -15.49
CA ARG A 110 1.01 4.27 -16.25
C ARG A 110 1.63 5.55 -15.69
N TYR A 111 1.59 5.69 -14.36
CA TYR A 111 2.15 6.85 -13.69
C TYR A 111 3.65 6.89 -13.84
N LYS A 112 4.27 5.72 -13.95
CA LYS A 112 5.72 5.62 -14.10
C LYS A 112 6.14 5.88 -15.54
N ASP A 113 5.26 5.53 -16.48
CA ASP A 113 5.54 5.73 -17.89
C ASP A 113 5.15 7.14 -18.34
N ALA A 114 3.99 7.60 -17.89
CA ALA A 114 3.50 8.93 -18.24
C ALA A 114 4.45 10.01 -17.75
N ASP A 115 4.78 9.95 -16.46
CA ASP A 115 5.69 10.92 -15.85
C ASP A 115 7.06 10.86 -16.50
N GLY B 1 19.99 -15.64 16.63
CA GLY B 1 18.96 -15.86 17.69
C GLY B 1 19.54 -15.72 19.08
N PHE B 2 19.72 -14.48 19.53
CA PHE B 2 20.26 -14.22 20.86
C PHE B 2 19.45 -13.15 21.58
N THR B 3 18.96 -13.50 22.77
CA THR B 3 18.17 -12.56 23.56
C THR B 3 18.24 -12.91 25.05
N PRO B 4 19.25 -12.38 25.75
CA PRO B 4 19.43 -12.64 27.19
C PRO B 4 18.35 -11.97 28.03
N HIS B 5 17.82 -10.86 27.54
CA HIS B 5 16.78 -10.13 28.25
C HIS B 5 15.53 -9.99 27.38
N ASP B 6 14.58 -10.91 27.59
CA ASP B 6 13.34 -10.89 26.82
C ASP B 6 12.18 -10.39 27.69
N SER B 7 11.18 -9.78 27.04
CA SER B 7 10.02 -9.25 27.75
C SER B 7 8.78 -9.31 26.87
N ALA B 8 8.21 -10.50 26.72
CA ALA B 8 7.02 -10.68 25.90
C ALA B 8 5.75 -10.43 26.72
N PRO B 9 5.61 -11.12 27.87
CA PRO B 9 4.44 -10.98 28.73
C PRO B 9 4.13 -9.52 29.07
N TYR B 10 5.20 -8.72 29.21
CA TYR B 10 5.04 -7.31 29.53
C TYR B 10 5.31 -6.45 28.30
N GLY B 11 4.28 -5.73 27.85
CA GLY B 11 4.43 -4.87 26.69
C GLY B 11 3.10 -4.44 26.11
N ALA B 12 3.07 -3.27 25.48
CA ALA B 12 1.85 -2.76 24.88
C ALA B 12 2.15 -1.62 23.90
N LEU B 13 1.89 -1.86 22.63
CA LEU B 13 2.13 -0.85 21.60
C LEU B 13 1.68 -1.34 20.24
N ASP B 14 1.27 -0.41 19.37
CA ASP B 14 0.81 -0.76 18.03
C ASP B 14 1.96 -1.28 17.18
N MET B 15 2.36 -2.52 17.44
CA MET B 15 3.45 -3.15 16.69
C MET B 15 2.93 -3.88 15.45
N ALA B 16 1.68 -3.62 15.09
CA ALA B 16 1.08 -4.26 13.92
C ALA B 16 1.23 -3.40 12.68
N ASP B 17 1.55 -2.13 12.86
CA ASP B 17 1.73 -1.24 11.73
C ASP B 17 3.17 -1.28 11.23
N PHE B 18 4.08 -1.46 12.15
CA PHE B 18 5.49 -1.54 11.81
C PHE B 18 5.83 -2.95 11.36
N GLU B 19 5.15 -3.93 11.96
CA GLU B 19 5.38 -5.32 11.62
C GLU B 19 4.85 -5.64 10.23
N PHE B 20 3.77 -4.97 9.82
CA PHE B 20 3.23 -5.21 8.49
C PHE B 20 4.19 -4.71 7.43
N GLU B 21 4.92 -3.65 7.76
CA GLU B 21 5.88 -3.07 6.81
C GLU B 21 6.95 -4.08 6.42
N GLN B 22 7.25 -5.02 7.32
CA GLN B 22 8.25 -6.04 7.01
C GLN B 22 7.77 -6.85 5.82
N MET B 23 6.52 -7.29 5.88
CA MET B 23 5.94 -8.02 4.78
C MET B 23 5.47 -7.03 3.72
N PHE B 24 5.56 -5.74 4.07
CA PHE B 24 5.14 -4.66 3.19
C PHE B 24 6.34 -3.85 2.70
N THR B 25 7.53 -4.43 2.76
CA THR B 25 8.72 -3.73 2.31
C THR B 25 9.38 -4.48 1.16
N ASP B 26 9.18 -3.96 -0.05
CA ASP B 26 9.74 -4.57 -1.25
C ASP B 26 9.50 -6.08 -1.27
N ALA B 27 8.34 -6.49 -1.76
CA ALA B 27 7.99 -7.90 -1.83
C ALA B 27 7.46 -8.27 -3.21
N LEU B 28 7.94 -7.56 -4.23
CA LEU B 28 7.50 -7.81 -5.60
C LEU B 28 8.53 -8.65 -6.35
N GLY B 29 8.04 -9.50 -7.26
CA GLY B 29 8.94 -10.35 -8.02
C GLY B 29 9.86 -9.55 -8.92
N ILE B 30 10.14 -10.08 -10.11
CA ILE B 30 11.01 -9.42 -11.06
C ILE B 30 10.49 -9.58 -12.49
N ASP B 31 10.12 -10.79 -12.85
CA ASP B 31 9.61 -11.08 -14.18
C ASP B 31 9.06 -12.49 -14.27
N GLU B 32 9.80 -13.44 -13.68
CA GLU B 32 9.40 -14.84 -13.69
C GLU B 32 9.30 -15.37 -15.12
N TYR B 33 9.44 -16.68 -15.27
CA TYR B 33 9.37 -17.32 -16.58
C TYR B 33 8.80 -18.73 -16.47
N GLY B 34 9.45 -19.56 -15.67
CA GLY B 34 8.99 -20.93 -15.50
C GLY B 34 9.83 -21.70 -14.50
N GLY B 35 11.15 -21.65 -14.67
CA GLY B 35 12.05 -22.34 -13.78
C GLY B 35 13.32 -21.57 -13.51
N PRO A 1 -16.03 -8.07 -11.10
CA PRO A 1 -15.27 -7.20 -10.16
C PRO A 1 -13.87 -6.87 -10.70
N SER A 2 -13.82 -6.35 -11.92
CA SER A 2 -12.56 -5.99 -12.55
C SER A 2 -11.88 -4.85 -11.79
N HIS A 3 -12.69 -3.99 -11.18
CA HIS A 3 -12.15 -2.86 -10.42
C HIS A 3 -12.72 -2.83 -9.01
N SER A 4 -13.20 -3.98 -8.57
CA SER A 4 -13.76 -4.10 -7.23
C SER A 4 -13.46 -5.47 -6.65
N GLY A 5 -13.30 -5.53 -5.34
CA GLY A 5 -12.99 -6.79 -4.69
C GLY A 5 -13.14 -6.72 -3.19
N ALA A 6 -13.00 -7.86 -2.54
CA ALA A 6 -13.12 -7.93 -1.09
C ALA A 6 -11.77 -8.21 -0.45
N ALA A 7 -11.37 -7.33 0.46
CA ALA A 7 -10.09 -7.48 1.15
C ALA A 7 -10.17 -6.91 2.56
N ILE A 8 -9.19 -7.26 3.39
CA ILE A 8 -9.14 -6.78 4.76
C ILE A 8 -8.26 -5.54 4.88
N PHE A 9 -8.82 -4.48 5.43
CA PHE A 9 -8.08 -3.23 5.61
C PHE A 9 -7.99 -2.87 7.09
N GLU A 10 -6.83 -2.37 7.51
CA GLU A 10 -6.63 -2.00 8.90
C GLU A 10 -6.94 -3.16 9.82
N LYS A 11 -6.79 -4.38 9.30
CA LYS A 11 -7.05 -5.59 10.06
C LYS A 11 -8.52 -5.66 10.46
N VAL A 12 -9.38 -5.38 9.49
CA VAL A 12 -10.82 -5.42 9.70
C VAL A 12 -11.52 -5.86 8.42
N SER A 13 -12.00 -7.11 8.42
CA SER A 13 -12.69 -7.68 7.27
C SER A 13 -13.62 -6.68 6.59
N GLY A 14 -13.35 -6.41 5.31
CA GLY A 14 -14.18 -5.47 4.58
C GLY A 14 -14.14 -5.71 3.08
N ILE A 15 -14.44 -4.66 2.31
CA ILE A 15 -14.45 -4.75 0.86
C ILE A 15 -13.75 -3.56 0.22
N ILE A 16 -13.17 -3.77 -0.95
CA ILE A 16 -12.46 -2.72 -1.67
C ILE A 16 -13.17 -2.34 -2.96
N ALA A 17 -13.04 -1.07 -3.35
CA ALA A 17 -13.63 -0.55 -4.56
C ALA A 17 -12.71 0.48 -5.21
N ILE A 18 -12.47 0.35 -6.50
CA ILE A 18 -11.59 1.27 -7.20
C ILE A 18 -12.40 2.41 -7.83
N ASN A 19 -12.12 3.63 -7.39
CA ASN A 19 -12.82 4.80 -7.90
C ASN A 19 -11.97 5.56 -8.92
N GLU A 20 -12.15 5.22 -10.20
CA GLU A 20 -11.41 5.87 -11.27
C GLU A 20 -12.24 6.97 -11.90
N ASP A 21 -13.12 7.59 -11.11
CA ASP A 21 -13.98 8.67 -11.60
C ASP A 21 -13.18 9.96 -11.69
N VAL A 22 -12.29 10.14 -10.73
CA VAL A 22 -11.44 11.33 -10.69
C VAL A 22 -10.49 11.35 -11.89
N SER A 23 -9.81 12.47 -12.12
CA SER A 23 -8.89 12.58 -13.24
C SER A 23 -8.03 11.32 -13.36
N PRO A 24 -7.09 11.09 -12.41
CA PRO A 24 -6.23 9.91 -12.44
C PRO A 24 -7.01 8.65 -12.03
N ALA A 25 -6.95 8.28 -10.75
CA ALA A 25 -7.65 7.11 -10.25
C ALA A 25 -7.31 6.88 -8.78
N GLU A 26 -8.24 6.28 -8.04
CA GLU A 26 -8.04 6.02 -6.63
C GLU A 26 -8.68 4.70 -6.20
N LEU A 27 -8.23 4.19 -5.05
CA LEU A 27 -8.76 2.96 -4.49
C LEU A 27 -9.47 3.25 -3.17
N THR A 28 -10.75 2.90 -3.10
CA THR A 28 -11.54 3.14 -1.90
C THR A 28 -11.95 1.84 -1.25
N TRP A 29 -11.83 1.77 0.07
CA TRP A 29 -12.19 0.56 0.81
C TRP A 29 -12.99 0.89 2.07
N ARG A 30 -13.97 0.04 2.37
CA ARG A 30 -14.79 0.20 3.56
C ARG A 30 -15.06 -1.15 4.21
N SER A 31 -15.43 -1.12 5.48
CA SER A 31 -15.72 -2.35 6.22
C SER A 31 -16.88 -3.10 5.57
N THR A 32 -17.11 -4.34 6.01
CA THR A 32 -18.18 -5.14 5.46
C THR A 32 -19.53 -4.54 5.81
N ASP A 33 -19.58 -3.87 6.94
CA ASP A 33 -20.79 -3.23 7.42
C ASP A 33 -20.53 -2.48 8.71
N GLY A 34 -19.42 -1.74 8.75
CA GLY A 34 -19.08 -0.99 9.95
C GLY A 34 -19.18 0.50 9.74
N ASP A 35 -19.94 0.92 8.73
CA ASP A 35 -20.11 2.34 8.43
C ASP A 35 -18.78 3.07 8.47
N LYS A 36 -17.72 2.36 8.11
CA LYS A 36 -16.39 2.92 8.09
C LYS A 36 -15.74 2.69 6.74
N VAL A 37 -15.07 3.72 6.23
CA VAL A 37 -14.41 3.64 4.94
C VAL A 37 -13.08 4.39 4.96
N HIS A 38 -12.23 4.05 3.99
CA HIS A 38 -10.93 4.68 3.85
C HIS A 38 -10.52 4.67 2.38
N THR A 39 -10.41 5.86 1.80
CA THR A 39 -10.04 5.98 0.41
C THR A 39 -8.56 6.31 0.23
N VAL A 40 -7.94 5.67 -0.76
CA VAL A 40 -6.53 5.89 -1.04
C VAL A 40 -6.34 6.32 -2.48
N VAL A 41 -5.41 7.26 -2.69
CA VAL A 41 -5.14 7.75 -4.03
C VAL A 41 -3.64 7.65 -4.36
N LEU A 42 -3.33 7.24 -5.57
CA LEU A 42 -1.94 7.10 -6.00
C LEU A 42 -1.15 8.37 -5.72
N SER A 43 -1.81 9.51 -5.79
CA SER A 43 -1.16 10.79 -5.53
C SER A 43 -0.30 10.71 -4.26
N THR A 44 -0.70 9.82 -3.35
CA THR A 44 0.03 9.62 -2.11
C THR A 44 0.85 8.33 -2.17
N ILE A 45 0.39 7.41 -3.01
CA ILE A 45 1.06 6.13 -3.20
C ILE A 45 1.47 5.94 -4.65
N ASP A 46 2.77 5.83 -4.89
CA ASP A 46 3.27 5.66 -6.25
C ASP A 46 3.87 4.27 -6.47
N LYS A 47 3.43 3.32 -5.67
CA LYS A 47 3.90 1.94 -5.77
C LYS A 47 2.90 0.96 -5.15
N LEU A 48 2.80 -0.22 -5.73
CA LEU A 48 1.90 -1.26 -5.24
C LEU A 48 2.61 -2.61 -5.24
N GLN A 49 2.76 -3.22 -4.06
CA GLN A 49 3.42 -4.51 -3.94
C GLN A 49 2.39 -5.61 -3.72
N ALA A 50 2.36 -6.58 -4.62
CA ALA A 50 1.41 -7.69 -4.51
C ALA A 50 2.14 -9.03 -4.51
N THR A 51 1.43 -10.07 -4.06
CA THR A 51 2.00 -11.41 -4.00
C THR A 51 1.76 -12.16 -5.31
N PRO A 52 2.46 -13.30 -5.51
CA PRO A 52 2.32 -14.11 -6.73
C PRO A 52 0.97 -14.82 -6.79
N ALA A 53 0.59 -15.24 -7.99
CA ALA A 53 -0.68 -15.92 -8.19
C ALA A 53 -0.75 -17.20 -7.37
N SER A 54 0.33 -17.96 -7.38
CA SER A 54 0.40 -19.22 -6.62
C SER A 54 0.16 -18.98 -5.13
N SER A 55 0.39 -17.75 -4.69
CA SER A 55 0.21 -17.39 -3.29
C SER A 55 -1.25 -17.57 -2.87
N GLU A 56 -1.45 -18.24 -1.74
CA GLU A 56 -2.79 -18.49 -1.22
C GLU A 56 -3.25 -17.33 -0.33
N LYS A 57 -2.28 -16.68 0.31
CA LYS A 57 -2.58 -15.56 1.20
C LYS A 57 -3.26 -14.42 0.44
N MET A 58 -2.98 -14.34 -0.87
CA MET A 58 -3.53 -13.31 -1.74
C MET A 58 -3.73 -11.98 -1.01
N MET A 59 -2.73 -11.10 -1.12
CA MET A 59 -2.78 -9.80 -0.48
C MET A 59 -1.74 -8.86 -1.10
N LEU A 60 -1.93 -7.55 -0.96
CA LEU A 60 -1.00 -6.58 -1.52
C LEU A 60 -0.86 -5.35 -0.63
N ARG A 61 0.29 -4.68 -0.74
CA ARG A 61 0.56 -3.47 0.04
C ARG A 61 0.93 -2.31 -0.88
N LEU A 62 0.50 -1.11 -0.52
CA LEU A 62 0.79 0.08 -1.30
C LEU A 62 1.72 1.02 -0.53
N ILE A 63 2.69 1.57 -1.24
CA ILE A 63 3.69 2.45 -0.64
C ILE A 63 3.22 3.91 -0.64
N GLY A 64 3.59 4.63 0.41
CA GLY A 64 3.23 6.04 0.50
C GLY A 64 4.29 6.92 -0.14
N LYS A 65 4.69 6.54 -1.35
CA LYS A 65 5.71 7.25 -2.14
C LYS A 65 6.83 7.84 -1.28
N VAL A 66 8.05 7.77 -1.80
CA VAL A 66 9.21 8.30 -1.10
C VAL A 66 9.98 9.28 -1.97
N ASP A 67 10.82 10.10 -1.34
CA ASP A 67 11.62 11.09 -2.04
C ASP A 67 13.07 11.02 -1.61
N GLU A 68 13.60 9.80 -1.48
CA GLU A 68 14.99 9.62 -1.09
C GLU A 68 15.89 10.39 -2.05
N SER A 69 15.43 10.52 -3.29
CA SER A 69 16.17 11.25 -4.31
C SER A 69 15.29 12.30 -4.98
N LYS A 70 14.24 12.68 -4.27
CA LYS A 70 13.30 13.69 -4.76
C LYS A 70 12.79 14.54 -3.61
N LYS A 71 13.62 14.67 -2.57
CA LYS A 71 13.27 15.44 -1.37
C LYS A 71 12.69 16.81 -1.74
N ARG A 72 11.80 17.31 -0.88
CA ARG A 72 11.17 18.59 -1.08
C ARG A 72 11.91 19.69 -0.33
N LYS A 73 11.53 20.94 -0.59
CA LYS A 73 12.16 22.08 0.07
C LYS A 73 11.12 23.09 0.54
N ASP A 74 11.43 23.76 1.64
CA ASP A 74 10.53 24.76 2.21
C ASP A 74 11.23 26.12 2.34
N ASN A 75 12.27 26.32 1.54
CA ASN A 75 13.02 27.57 1.57
C ASN A 75 13.70 27.76 2.93
N GLU A 76 14.02 26.66 3.59
CA GLU A 76 14.67 26.72 4.90
C GLU A 76 16.17 26.48 4.77
N GLY A 77 16.56 25.76 3.73
CA GLY A 77 17.96 25.47 3.51
C GLY A 77 18.20 24.03 3.10
N ASN A 78 17.62 23.10 3.84
CA ASN A 78 17.76 21.68 3.55
C ASN A 78 16.54 21.16 2.79
N GLU A 79 16.71 20.02 2.12
CA GLU A 79 15.63 19.43 1.35
C GLU A 79 15.55 17.93 1.61
N VAL A 80 14.67 17.54 2.52
CA VAL A 80 14.49 16.14 2.87
C VAL A 80 13.01 15.76 2.87
N VAL A 81 12.74 14.47 2.67
CA VAL A 81 11.38 13.97 2.64
C VAL A 81 11.04 13.24 3.93
N PRO A 82 9.82 13.44 4.45
CA PRO A 82 9.37 12.78 5.69
C PRO A 82 9.47 11.26 5.60
N LYS A 83 8.82 10.57 6.53
CA LYS A 83 8.84 9.11 6.55
C LYS A 83 7.68 8.53 5.73
N PRO A 84 8.00 7.68 4.74
CA PRO A 84 6.97 7.06 3.88
C PRO A 84 5.93 6.29 4.69
N GLN A 85 4.76 6.11 4.09
CA GLN A 85 3.67 5.39 4.73
C GLN A 85 3.14 4.28 3.85
N ARG A 86 3.33 3.04 4.29
CA ARG A 86 2.86 1.88 3.53
C ARG A 86 1.64 1.26 4.21
N HIS A 87 0.84 0.54 3.43
CA HIS A 87 -0.35 -0.12 3.93
C HIS A 87 -0.45 -1.52 3.35
N MET A 88 -0.77 -2.49 4.20
CA MET A 88 -0.87 -3.87 3.76
C MET A 88 -2.34 -4.31 3.65
N PHE A 89 -2.74 -4.63 2.43
CA PHE A 89 -4.11 -5.07 2.15
C PHE A 89 -4.16 -6.58 1.94
N SER A 90 -4.95 -7.27 2.76
CA SER A 90 -5.10 -8.71 2.66
C SER A 90 -6.32 -9.06 1.82
N PHE A 91 -6.10 -9.76 0.72
CA PHE A 91 -7.19 -10.15 -0.17
C PHE A 91 -7.61 -11.60 0.10
N ASN A 92 -8.79 -11.96 -0.41
CA ASN A 92 -9.30 -13.31 -0.23
C ASN A 92 -9.88 -13.85 -1.53
N ASN A 93 -9.23 -13.54 -2.64
CA ASN A 93 -9.68 -13.99 -3.96
C ASN A 93 -8.61 -13.73 -5.01
N ARG A 94 -8.42 -14.69 -5.91
CA ARG A 94 -7.42 -14.57 -6.97
C ARG A 94 -7.82 -13.47 -7.95
N THR A 95 -9.02 -13.58 -8.51
CA THR A 95 -9.51 -12.60 -9.47
C THR A 95 -9.65 -11.22 -8.81
N VAL A 96 -9.98 -11.21 -7.53
CA VAL A 96 -10.13 -9.96 -6.79
C VAL A 96 -8.82 -9.17 -6.80
N MET A 97 -7.73 -9.85 -6.44
CA MET A 97 -6.42 -9.21 -6.40
C MET A 97 -5.93 -8.89 -7.81
N ASP A 98 -6.13 -9.84 -8.73
CA ASP A 98 -5.69 -9.66 -10.11
C ASP A 98 -6.50 -8.58 -10.80
N ASN A 99 -7.81 -8.54 -10.54
CA ASN A 99 -8.67 -7.55 -11.16
C ASN A 99 -8.20 -6.14 -10.81
N ILE A 100 -7.99 -5.88 -9.53
CA ILE A 100 -7.51 -4.58 -9.09
C ILE A 100 -6.03 -4.41 -9.37
N LYS A 101 -5.25 -5.48 -9.17
CA LYS A 101 -3.81 -5.42 -9.40
C LYS A 101 -3.52 -4.92 -10.81
N MET A 102 -4.17 -5.53 -11.77
CA MET A 102 -4.00 -5.13 -13.17
C MET A 102 -4.47 -3.69 -13.34
N THR A 103 -5.49 -3.32 -12.56
CA THR A 103 -6.03 -1.98 -12.60
C THR A 103 -5.01 -1.00 -12.04
N LEU A 104 -4.54 -1.30 -10.83
CA LEU A 104 -3.55 -0.47 -10.15
C LEU A 104 -2.24 -0.47 -10.91
N GLN A 105 -1.93 -1.61 -11.52
CA GLN A 105 -0.71 -1.75 -12.28
C GLN A 105 -0.66 -0.71 -13.39
N GLN A 106 -1.81 -0.37 -13.94
CA GLN A 106 -1.89 0.62 -15.00
C GLN A 106 -1.80 2.02 -14.44
N ILE A 107 -2.52 2.26 -13.35
CA ILE A 107 -2.52 3.55 -12.70
C ILE A 107 -1.12 3.85 -12.15
N ILE A 108 -0.57 2.87 -11.43
CA ILE A 108 0.76 3.01 -10.88
C ILE A 108 1.72 3.37 -11.99
N SER A 109 1.48 2.78 -13.15
CA SER A 109 2.28 3.04 -14.34
C SER A 109 2.03 4.47 -14.80
N ARG A 110 0.79 4.93 -14.66
CA ARG A 110 0.43 6.29 -15.06
C ARG A 110 1.14 7.30 -14.18
N TYR A 111 1.13 7.06 -12.87
CA TYR A 111 1.77 7.96 -11.92
C TYR A 111 3.30 7.90 -12.07
N LYS A 112 3.79 6.81 -12.62
CA LYS A 112 5.22 6.63 -12.82
C LYS A 112 5.69 7.34 -14.09
N ASP A 113 4.79 7.41 -15.08
CA ASP A 113 5.11 8.07 -16.34
C ASP A 113 5.12 9.58 -16.19
N ALA A 114 4.11 10.10 -15.49
CA ALA A 114 4.00 11.54 -15.25
C ALA A 114 5.20 12.07 -14.49
N ASP A 115 5.51 11.43 -13.37
CA ASP A 115 6.64 11.83 -12.55
C ASP A 115 7.96 11.67 -13.30
N GLY B 1 16.96 6.85 43.72
CA GLY B 1 15.62 7.36 43.34
C GLY B 1 15.47 7.56 41.84
N PHE B 2 15.82 6.53 41.08
CA PHE B 2 15.73 6.58 39.63
C PHE B 2 15.18 5.28 39.05
N THR B 3 14.64 5.35 37.84
CA THR B 3 14.09 4.17 37.19
C THR B 3 15.03 3.67 36.08
N PRO B 4 15.16 2.34 35.94
CA PRO B 4 16.02 1.75 34.92
C PRO B 4 15.44 1.88 33.51
N HIS B 5 16.29 1.66 32.51
CA HIS B 5 15.85 1.76 31.11
C HIS B 5 15.35 3.16 30.79
N ASP B 6 16.06 3.86 29.90
CA ASP B 6 15.69 5.21 29.51
C ASP B 6 14.94 5.19 28.18
N SER B 7 14.19 4.13 27.95
CA SER B 7 13.41 3.99 26.71
C SER B 7 11.94 3.75 27.02
N ALA B 8 11.17 3.40 25.99
CA ALA B 8 9.75 3.14 26.15
C ALA B 8 9.51 1.91 27.02
N PRO B 9 8.39 1.88 27.76
CA PRO B 9 8.04 0.75 28.63
C PRO B 9 7.66 -0.50 27.84
N TYR B 10 6.83 -0.32 26.82
CA TYR B 10 6.38 -1.43 25.98
C TYR B 10 6.85 -1.24 24.54
N GLY B 11 6.47 -2.17 23.67
CA GLY B 11 6.86 -2.09 22.28
C GLY B 11 5.75 -2.56 21.34
N ALA B 12 4.82 -1.66 21.06
CA ALA B 12 3.71 -1.97 20.17
C ALA B 12 4.20 -2.26 18.75
N LEU B 13 4.68 -3.48 18.53
CA LEU B 13 5.18 -3.88 17.23
C LEU B 13 4.80 -5.33 16.92
N ASP B 14 3.69 -5.50 16.21
CA ASP B 14 3.22 -6.83 15.85
C ASP B 14 4.14 -7.48 14.82
N MET B 15 4.36 -8.78 14.98
CA MET B 15 5.23 -9.51 14.06
C MET B 15 4.44 -10.09 12.88
N ALA B 16 3.21 -9.61 12.70
CA ALA B 16 2.37 -10.08 11.61
C ALA B 16 2.41 -9.11 10.44
N ASP B 17 2.83 -7.88 10.71
CA ASP B 17 2.91 -6.88 9.67
C ASP B 17 4.26 -6.92 8.98
N PHE B 18 5.28 -7.24 9.76
CA PHE B 18 6.63 -7.32 9.23
C PHE B 18 6.79 -8.61 8.43
N GLU B 19 6.04 -9.65 8.82
CA GLU B 19 6.10 -10.92 8.13
C GLU B 19 5.48 -10.83 6.75
N PHE B 20 4.38 -10.07 6.64
CA PHE B 20 3.72 -9.92 5.35
C PHE B 20 4.66 -9.23 4.37
N GLU B 21 5.54 -8.38 4.89
CA GLU B 21 6.48 -7.66 4.04
C GLU B 21 7.36 -8.61 3.26
N GLN B 22 7.68 -9.76 3.84
CA GLN B 22 8.50 -10.74 3.14
C GLN B 22 7.81 -11.14 1.84
N MET B 23 6.53 -11.49 1.95
CA MET B 23 5.76 -11.84 0.77
C MET B 23 5.29 -10.55 0.10
N PHE B 24 5.60 -9.42 0.74
CA PHE B 24 5.23 -8.11 0.25
C PHE B 24 6.45 -7.30 -0.18
N THR B 25 7.57 -7.96 -0.44
CA THR B 25 8.77 -7.27 -0.86
C THR B 25 9.19 -7.76 -2.25
N ASP B 26 8.91 -6.93 -3.25
CA ASP B 26 9.23 -7.23 -4.64
C ASP B 26 8.87 -8.68 -4.99
N ALA B 27 7.61 -8.89 -5.36
CA ALA B 27 7.13 -10.22 -5.72
C ALA B 27 6.65 -10.25 -7.16
N LEU B 28 5.94 -9.20 -7.57
CA LEU B 28 5.43 -9.12 -8.94
C LEU B 28 6.50 -8.62 -9.90
N GLY B 29 6.17 -8.58 -11.19
CA GLY B 29 7.11 -8.13 -12.19
C GLY B 29 6.88 -8.78 -13.53
N ILE B 30 7.97 -9.18 -14.19
CA ILE B 30 7.88 -9.82 -15.50
C ILE B 30 7.32 -8.85 -16.54
N ASP B 31 7.88 -7.65 -16.58
CA ASP B 31 7.44 -6.64 -17.53
C ASP B 31 8.44 -5.49 -17.61
N GLU B 32 9.72 -5.81 -17.44
CA GLU B 32 10.77 -4.81 -17.49
C GLU B 32 12.15 -5.46 -17.45
N TYR B 33 13.14 -4.78 -18.02
CA TYR B 33 14.50 -5.29 -18.04
C TYR B 33 15.38 -4.55 -17.04
N GLY B 34 16.27 -5.28 -16.38
CA GLY B 34 17.16 -4.67 -15.41
C GLY B 34 17.29 -5.49 -14.15
N GLY B 35 18.42 -5.36 -13.46
CA GLY B 35 18.64 -6.09 -12.23
C GLY B 35 19.39 -7.39 -12.47
N PRO A 1 -15.33 -9.84 -5.43
CA PRO A 1 -14.24 -9.40 -4.53
C PRO A 1 -12.94 -9.12 -5.28
N SER A 2 -13.07 -8.50 -6.45
CA SER A 2 -11.91 -8.18 -7.28
C SER A 2 -11.35 -6.80 -6.92
N HIS A 3 -12.24 -5.91 -6.48
CA HIS A 3 -11.85 -4.56 -6.12
C HIS A 3 -12.07 -4.29 -4.64
N SER A 4 -12.16 -5.36 -3.89
CA SER A 4 -12.38 -5.28 -2.44
C SER A 4 -11.71 -6.45 -1.74
N GLY A 5 -11.23 -6.21 -0.53
CA GLY A 5 -10.56 -7.26 0.21
C GLY A 5 -10.35 -6.89 1.66
N ALA A 6 -9.85 -7.85 2.44
CA ALA A 6 -9.60 -7.62 3.85
C ALA A 6 -8.10 -7.56 4.13
N ALA A 7 -7.67 -6.46 4.74
CA ALA A 7 -6.27 -6.26 5.07
C ALA A 7 -6.11 -5.42 6.32
N ILE A 8 -4.92 -5.44 6.91
CA ILE A 8 -4.64 -4.68 8.11
C ILE A 8 -4.00 -3.33 7.78
N PHE A 9 -4.59 -2.25 8.26
CA PHE A 9 -4.06 -0.91 8.02
C PHE A 9 -3.80 -0.20 9.34
N GLU A 10 -2.70 0.53 9.40
CA GLU A 10 -2.33 1.25 10.61
C GLU A 10 -2.14 0.28 11.78
N LYS A 11 -1.88 -0.98 11.45
CA LYS A 11 -1.67 -2.01 12.46
C LYS A 11 -2.96 -2.26 13.24
N VAL A 12 -4.06 -2.33 12.51
CA VAL A 12 -5.36 -2.58 13.11
C VAL A 12 -6.24 -3.37 12.15
N SER A 13 -6.44 -4.65 12.46
CA SER A 13 -7.25 -5.55 11.63
C SER A 13 -8.48 -4.84 11.06
N GLY A 14 -8.60 -4.87 9.74
CA GLY A 14 -9.74 -4.23 9.09
C GLY A 14 -9.99 -4.77 7.69
N ILE A 15 -10.69 -3.98 6.89
CA ILE A 15 -11.01 -4.37 5.52
C ILE A 15 -10.75 -3.25 4.52
N ILE A 16 -10.41 -3.61 3.29
CA ILE A 16 -10.13 -2.64 2.25
C ILE A 16 -11.17 -2.68 1.13
N ALA A 17 -11.40 -1.52 0.52
CA ALA A 17 -12.34 -1.39 -0.57
C ALA A 17 -11.82 -0.37 -1.58
N ILE A 18 -11.87 -0.72 -2.86
CA ILE A 18 -11.38 0.17 -3.90
C ILE A 18 -12.53 1.02 -4.46
N ASN A 19 -12.43 2.33 -4.28
CA ASN A 19 -13.46 3.25 -4.74
C ASN A 19 -13.06 3.90 -6.05
N GLU A 20 -13.46 3.30 -7.17
CA GLU A 20 -13.15 3.84 -8.49
C GLU A 20 -14.34 4.62 -9.03
N ASP A 21 -15.11 5.23 -8.14
CA ASP A 21 -16.28 6.02 -8.54
C ASP A 21 -15.83 7.40 -8.97
N VAL A 22 -14.86 7.95 -8.25
CA VAL A 22 -14.33 9.27 -8.57
C VAL A 22 -13.71 9.27 -9.96
N SER A 23 -13.37 10.45 -10.49
CA SER A 23 -12.77 10.54 -11.82
C SER A 23 -11.68 9.47 -12.00
N PRO A 24 -10.54 9.60 -11.30
CA PRO A 24 -9.46 8.62 -11.39
C PRO A 24 -9.79 7.34 -10.62
N ALA A 25 -9.30 7.21 -9.39
CA ALA A 25 -9.55 6.04 -8.56
C ALA A 25 -8.80 6.14 -7.23
N GLU A 26 -9.36 5.53 -6.19
CA GLU A 26 -8.75 5.56 -4.88
C GLU A 26 -9.01 4.26 -4.11
N LEU A 27 -8.26 4.06 -3.03
CA LEU A 27 -8.41 2.88 -2.19
C LEU A 27 -8.90 3.29 -0.80
N THR A 28 -10.05 2.75 -0.41
CA THR A 28 -10.62 3.08 0.89
C THR A 28 -10.59 1.86 1.82
N TRP A 29 -10.21 2.08 3.07
CA TRP A 29 -10.13 1.00 4.05
C TRP A 29 -10.74 1.42 5.38
N ARG A 30 -11.43 0.49 6.01
CA ARG A 30 -12.06 0.75 7.31
C ARG A 30 -11.79 -0.39 8.28
N SER A 31 -11.78 -0.08 9.58
CA SER A 31 -11.56 -1.11 10.59
C SER A 31 -12.60 -2.21 10.45
N THR A 32 -12.29 -3.40 10.98
CA THR A 32 -13.22 -4.51 10.91
C THR A 32 -14.49 -4.19 11.67
N ASP A 33 -14.36 -3.33 12.66
CA ASP A 33 -15.48 -2.92 13.47
C ASP A 33 -15.03 -1.89 14.51
N GLY A 34 -14.27 -0.91 14.06
CA GLY A 34 -13.78 0.11 14.97
C GLY A 34 -14.37 1.47 14.67
N ASP A 35 -15.45 1.50 13.90
CA ASP A 35 -16.12 2.75 13.55
C ASP A 35 -15.11 3.80 13.08
N LYS A 36 -14.10 3.34 12.34
CA LYS A 36 -13.07 4.22 11.83
C LYS A 36 -12.83 3.94 10.35
N VAL A 37 -12.21 4.88 9.67
CA VAL A 37 -11.94 4.71 8.25
C VAL A 37 -10.59 5.31 7.86
N HIS A 38 -10.10 4.85 6.72
CA HIS A 38 -8.84 5.31 6.17
C HIS A 38 -8.85 5.15 4.65
N THR A 39 -8.79 6.26 3.94
CA THR A 39 -8.80 6.24 2.48
C THR A 39 -7.65 7.02 1.90
N VAL A 40 -7.04 6.49 0.84
CA VAL A 40 -5.93 7.16 0.19
C VAL A 40 -6.19 7.29 -1.32
N VAL A 41 -5.79 8.42 -1.89
CA VAL A 41 -5.98 8.67 -3.31
C VAL A 41 -4.66 8.55 -4.06
N LEU A 42 -4.69 7.90 -5.22
CA LEU A 42 -3.49 7.74 -6.03
C LEU A 42 -2.79 9.08 -6.25
N SER A 43 -3.59 10.14 -6.31
CA SER A 43 -3.06 11.49 -6.50
C SER A 43 -1.87 11.74 -5.57
N THR A 44 -1.87 11.06 -4.42
CA THR A 44 -0.79 11.19 -3.44
C THR A 44 0.15 9.99 -3.54
N ILE A 45 -0.37 8.89 -4.09
CA ILE A 45 0.39 7.66 -4.27
C ILE A 45 0.31 7.20 -5.71
N ASP A 46 1.43 7.24 -6.43
CA ASP A 46 1.45 6.84 -7.83
C ASP A 46 2.27 5.57 -8.07
N LYS A 47 2.40 4.77 -7.03
CA LYS A 47 3.14 3.50 -7.11
C LYS A 47 2.74 2.56 -5.98
N LEU A 48 2.57 1.29 -6.32
CA LEU A 48 2.18 0.28 -5.35
C LEU A 48 3.12 -0.92 -5.40
N GLN A 49 3.76 -1.22 -4.28
CA GLN A 49 4.68 -2.35 -4.21
C GLN A 49 4.03 -3.53 -3.48
N ALA A 50 3.92 -4.66 -4.16
CA ALA A 50 3.32 -5.86 -3.58
C ALA A 50 4.28 -7.05 -3.65
N THR A 51 3.97 -8.08 -2.88
CA THR A 51 4.81 -9.28 -2.86
C THR A 51 4.50 -10.18 -4.05
N PRO A 52 5.38 -11.17 -4.31
CA PRO A 52 5.20 -12.11 -5.43
C PRO A 52 4.14 -13.16 -5.14
N ALA A 53 3.66 -13.82 -6.19
CA ALA A 53 2.64 -14.85 -6.05
C ALA A 53 3.21 -16.08 -5.34
N SER A 54 4.50 -16.32 -5.51
CA SER A 54 5.16 -17.46 -4.90
C SER A 54 5.40 -17.22 -3.41
N SER A 55 5.41 -15.96 -3.00
CA SER A 55 5.63 -15.60 -1.61
C SER A 55 4.56 -16.19 -0.71
N GLU A 56 4.94 -16.61 0.49
CA GLU A 56 4.00 -17.19 1.44
C GLU A 56 3.11 -16.12 2.05
N LYS A 57 3.74 -15.03 2.49
CA LYS A 57 3.01 -13.91 3.10
C LYS A 57 1.99 -13.34 2.13
N MET A 58 1.46 -12.17 2.47
CA MET A 58 0.46 -11.51 1.62
C MET A 58 0.19 -10.09 2.11
N MET A 59 0.84 -9.12 1.48
CA MET A 59 0.67 -7.72 1.84
C MET A 59 1.15 -6.81 0.73
N LEU A 60 0.72 -5.55 0.75
CA LEU A 60 1.14 -4.60 -0.26
C LEU A 60 1.29 -3.19 0.31
N ARG A 61 2.34 -2.49 -0.12
CA ARG A 61 2.59 -1.13 0.33
C ARG A 61 2.51 -0.16 -0.86
N LEU A 62 1.97 1.03 -0.62
CA LEU A 62 1.83 2.02 -1.68
C LEU A 62 2.74 3.21 -1.44
N ILE A 63 3.37 3.64 -2.52
CA ILE A 63 4.31 4.74 -2.51
C ILE A 63 3.58 6.08 -2.72
N GLY A 64 3.86 7.05 -1.84
CA GLY A 64 3.25 8.36 -1.98
C GLY A 64 3.99 9.22 -2.98
N LYS A 65 4.37 8.60 -4.11
CA LYS A 65 5.11 9.25 -5.18
C LYS A 65 6.19 10.18 -4.65
N VAL A 66 6.91 10.84 -5.55
CA VAL A 66 7.98 11.72 -5.16
C VAL A 66 8.14 12.87 -6.15
N ASP A 67 8.85 13.91 -5.72
CA ASP A 67 9.08 15.08 -6.55
C ASP A 67 10.41 14.99 -7.27
N GLU A 68 10.73 13.80 -7.78
CA GLU A 68 11.96 13.60 -8.52
C GLU A 68 12.05 14.62 -9.65
N SER A 69 10.89 15.01 -10.16
CA SER A 69 10.81 16.00 -11.24
C SER A 69 9.80 17.08 -10.90
N LYS A 70 9.57 17.25 -9.61
CA LYS A 70 8.63 18.26 -9.12
C LYS A 70 9.13 18.85 -7.80
N LYS A 71 10.45 18.80 -7.60
CA LYS A 71 11.08 19.31 -6.39
C LYS A 71 10.61 20.72 -6.08
N ARG A 72 10.86 21.16 -4.84
CA ARG A 72 10.47 22.49 -4.40
C ARG A 72 11.70 23.36 -4.19
N LYS A 73 11.47 24.66 -3.96
CA LYS A 73 12.56 25.59 -3.76
C LYS A 73 12.13 26.75 -2.85
N ASP A 74 13.10 27.39 -2.23
CA ASP A 74 12.82 28.52 -1.35
C ASP A 74 13.95 29.54 -1.39
N ASN A 75 15.11 29.17 -0.89
CA ASN A 75 16.27 30.06 -0.88
C ASN A 75 17.51 29.32 -0.37
N GLU A 76 17.62 28.05 -0.72
CA GLU A 76 18.77 27.24 -0.30
C GLU A 76 19.80 27.12 -1.41
N GLY A 77 19.36 27.35 -2.65
CA GLY A 77 20.26 27.26 -3.79
C GLY A 77 19.83 26.19 -4.78
N ASN A 78 19.36 25.06 -4.26
CA ASN A 78 18.92 23.96 -5.11
C ASN A 78 17.43 23.68 -4.91
N GLU A 79 16.92 22.70 -5.65
CA GLU A 79 15.51 22.34 -5.55
C GLU A 79 15.35 20.83 -5.44
N VAL A 80 15.21 20.33 -4.21
CA VAL A 80 15.06 18.91 -3.98
C VAL A 80 13.89 18.62 -3.05
N VAL A 81 13.35 17.42 -3.14
CA VAL A 81 12.23 17.00 -2.33
C VAL A 81 12.69 16.12 -1.17
N PRO A 82 12.13 16.32 0.03
CA PRO A 82 12.50 15.53 1.22
C PRO A 82 12.32 14.04 0.99
N LYS A 83 12.38 13.26 2.07
CA LYS A 83 12.22 11.82 1.98
C LYS A 83 10.75 11.42 1.93
N PRO A 84 10.31 10.79 0.83
CA PRO A 84 8.92 10.35 0.66
C PRO A 84 8.46 9.41 1.77
N GLN A 85 7.15 9.34 1.97
CA GLN A 85 6.57 8.48 2.98
C GLN A 85 5.74 7.37 2.34
N ARG A 86 5.82 6.18 2.92
CA ARG A 86 5.08 5.04 2.40
C ARG A 86 4.30 4.33 3.50
N HIS A 87 3.45 3.39 3.09
CA HIS A 87 2.64 2.63 4.03
C HIS A 87 2.41 1.21 3.50
N MET A 88 2.38 0.24 4.38
CA MET A 88 2.18 -1.15 3.98
C MET A 88 0.85 -1.70 4.46
N PHE A 89 0.25 -2.54 3.63
CA PHE A 89 -1.04 -3.16 3.94
C PHE A 89 -0.88 -4.67 4.06
N SER A 90 -1.34 -5.23 5.18
CA SER A 90 -1.24 -6.66 5.40
C SER A 90 -2.52 -7.36 4.93
N PHE A 91 -2.38 -8.24 3.94
CA PHE A 91 -3.52 -8.96 3.40
C PHE A 91 -3.60 -10.36 4.00
N ASN A 92 -4.82 -10.84 4.23
CA ASN A 92 -5.03 -12.16 4.80
C ASN A 92 -5.58 -13.13 3.75
N ASN A 93 -5.09 -12.99 2.51
CA ASN A 93 -5.53 -13.84 1.42
C ASN A 93 -4.79 -13.51 0.13
N ARG A 94 -4.50 -14.54 -0.67
CA ARG A 94 -3.79 -14.35 -1.92
C ARG A 94 -4.62 -13.58 -2.93
N THR A 95 -5.83 -14.06 -3.20
CA THR A 95 -6.72 -13.42 -4.16
C THR A 95 -7.05 -11.99 -3.74
N VAL A 96 -7.15 -11.77 -2.44
CA VAL A 96 -7.46 -10.44 -1.93
C VAL A 96 -6.39 -9.44 -2.35
N MET A 97 -5.12 -9.83 -2.18
CA MET A 97 -4.01 -8.95 -2.54
C MET A 97 -3.90 -8.83 -4.06
N ASP A 98 -3.99 -9.95 -4.75
CA ASP A 98 -3.89 -9.95 -6.21
C ASP A 98 -5.09 -9.26 -6.84
N ASN A 99 -6.27 -9.43 -6.23
CA ASN A 99 -7.47 -8.82 -6.77
C ASN A 99 -7.31 -7.31 -6.86
N ILE A 100 -6.89 -6.69 -5.75
CA ILE A 100 -6.67 -5.25 -5.73
C ILE A 100 -5.39 -4.87 -6.46
N LYS A 101 -4.31 -5.64 -6.25
CA LYS A 101 -3.05 -5.35 -6.91
C LYS A 101 -3.27 -5.26 -8.40
N MET A 102 -4.07 -6.18 -8.91
CA MET A 102 -4.41 -6.20 -10.32
C MET A 102 -5.22 -4.95 -10.67
N THR A 103 -5.95 -4.44 -9.69
CA THR A 103 -6.76 -3.25 -9.86
C THR A 103 -5.87 -2.01 -9.80
N LEU A 104 -5.11 -1.90 -8.71
CA LEU A 104 -4.22 -0.78 -8.51
C LEU A 104 -3.18 -0.71 -9.62
N GLN A 105 -2.78 -1.87 -10.10
CA GLN A 105 -1.82 -1.96 -11.18
C GLN A 105 -2.31 -1.18 -12.39
N GLN A 106 -3.62 -1.21 -12.62
CA GLN A 106 -4.21 -0.50 -13.75
C GLN A 106 -4.31 0.98 -13.44
N ILE A 107 -4.84 1.29 -12.27
CA ILE A 107 -5.00 2.68 -11.85
C ILE A 107 -3.65 3.37 -11.80
N ILE A 108 -2.68 2.72 -11.16
CA ILE A 108 -1.33 3.26 -11.08
C ILE A 108 -0.83 3.56 -12.48
N SER A 109 -1.22 2.70 -13.41
CA SER A 109 -0.86 2.85 -14.81
C SER A 109 -1.61 4.05 -15.39
N ARG A 110 -2.85 4.22 -14.93
CA ARG A 110 -3.68 5.34 -15.39
C ARG A 110 -3.06 6.66 -14.97
N TYR A 111 -2.61 6.73 -13.72
CA TYR A 111 -1.99 7.93 -13.19
C TYR A 111 -0.66 8.21 -13.88
N LYS A 112 0.00 7.15 -14.33
CA LYS A 112 1.28 7.28 -15.00
C LYS A 112 1.09 7.73 -16.45
N ASP A 113 -0.03 7.34 -17.04
CA ASP A 113 -0.33 7.72 -18.41
C ASP A 113 -0.70 9.19 -18.51
N ALA A 114 -1.47 9.67 -17.55
CA ALA A 114 -1.89 11.07 -17.53
C ALA A 114 -0.69 12.00 -17.45
N ASP A 115 0.19 11.75 -16.48
CA ASP A 115 1.38 12.57 -16.30
C ASP A 115 2.37 12.34 -17.43
N GLY B 1 -19.76 -8.16 23.38
CA GLY B 1 -19.44 -8.88 24.64
C GLY B 1 -17.98 -8.75 25.03
N PHE B 2 -17.08 -9.05 24.09
CA PHE B 2 -15.65 -8.96 24.34
C PHE B 2 -14.86 -9.02 23.04
N THR B 3 -14.25 -7.90 22.67
CA THR B 3 -13.45 -7.83 21.45
C THR B 3 -11.97 -7.78 21.76
N PRO B 4 -11.36 -8.95 22.05
CA PRO B 4 -9.92 -9.04 22.36
C PRO B 4 -9.04 -8.77 21.15
N HIS B 5 -9.41 -9.37 20.02
CA HIS B 5 -8.65 -9.19 18.79
C HIS B 5 -7.21 -9.68 18.95
N ASP B 6 -7.02 -10.99 18.89
CA ASP B 6 -5.70 -11.58 19.04
C ASP B 6 -5.10 -11.24 20.40
N SER B 7 -3.93 -11.79 20.69
CA SER B 7 -3.25 -11.54 21.95
C SER B 7 -1.84 -11.01 21.72
N ALA B 8 -1.28 -10.35 22.72
CA ALA B 8 0.06 -9.80 22.63
C ALA B 8 1.04 -10.60 23.49
N PRO B 9 1.45 -11.79 23.01
CA PRO B 9 2.39 -12.65 23.74
C PRO B 9 3.81 -12.07 23.75
N TYR B 10 3.96 -10.90 24.37
CA TYR B 10 5.26 -10.25 24.46
C TYR B 10 5.80 -9.94 23.07
N GLY B 11 7.03 -9.43 23.02
CA GLY B 11 7.65 -9.10 21.76
C GLY B 11 7.79 -7.60 21.55
N ALA B 12 8.67 -7.21 20.63
CA ALA B 12 8.90 -5.80 20.34
C ALA B 12 9.67 -5.62 19.04
N LEU B 13 9.02 -5.00 18.05
CA LEU B 13 9.66 -4.76 16.77
C LEU B 13 9.66 -3.28 16.41
N ASP B 14 10.84 -2.72 16.22
CA ASP B 14 10.98 -1.30 15.89
C ASP B 14 11.39 -1.13 14.43
N MET B 15 12.24 -2.03 13.95
CA MET B 15 12.72 -1.97 12.57
C MET B 15 11.80 -2.76 11.63
N ALA B 16 10.61 -3.11 12.11
CA ALA B 16 9.65 -3.86 11.32
C ALA B 16 8.91 -2.96 10.34
N ASP B 17 9.07 -1.64 10.49
CA ASP B 17 8.42 -0.71 9.59
C ASP B 17 9.30 -0.43 8.39
N PHE B 18 10.57 -0.22 8.65
CA PHE B 18 11.53 0.02 7.59
C PHE B 18 11.89 -1.29 6.91
N GLU B 19 11.85 -2.37 7.69
CA GLU B 19 12.15 -3.69 7.17
C GLU B 19 11.05 -4.16 6.24
N PHE B 20 9.81 -3.74 6.49
CA PHE B 20 8.70 -4.15 5.64
C PHE B 20 8.81 -3.53 4.27
N GLU B 21 9.40 -2.33 4.20
CA GLU B 21 9.54 -1.67 2.92
C GLU B 21 10.53 -2.39 2.02
N GLN B 22 11.46 -3.13 2.63
CA GLN B 22 12.44 -3.89 1.86
C GLN B 22 11.70 -4.92 1.01
N MET B 23 10.78 -5.64 1.62
CA MET B 23 9.98 -6.60 0.90
C MET B 23 9.07 -5.84 -0.06
N PHE B 24 8.88 -4.56 0.22
CA PHE B 24 8.06 -3.69 -0.60
C PHE B 24 8.89 -2.76 -1.47
N THR B 25 10.06 -3.21 -1.89
CA THR B 25 10.90 -2.41 -2.74
C THR B 25 11.16 -3.13 -4.06
N ASP B 26 10.46 -2.68 -5.10
CA ASP B 26 10.56 -3.25 -6.44
C ASP B 26 10.63 -4.78 -6.38
N ALA B 27 9.52 -5.40 -5.99
CA ALA B 27 9.46 -6.86 -5.88
C ALA B 27 8.71 -7.45 -7.07
N LEU B 28 8.86 -6.83 -8.23
CA LEU B 28 8.20 -7.31 -9.44
C LEU B 28 9.21 -7.57 -10.55
N GLY B 29 8.72 -7.96 -11.72
CA GLY B 29 9.59 -8.24 -12.84
C GLY B 29 8.99 -9.23 -13.83
N ILE B 30 9.83 -10.01 -14.48
CA ILE B 30 9.38 -11.00 -15.44
C ILE B 30 10.56 -11.80 -16.00
N ASP B 31 11.67 -11.11 -16.26
CA ASP B 31 12.86 -11.76 -16.80
C ASP B 31 13.40 -12.80 -15.82
N GLU B 32 13.44 -12.45 -14.54
CA GLU B 32 13.94 -13.35 -13.52
C GLU B 32 12.78 -13.92 -12.69
N TYR B 33 12.50 -15.20 -12.91
CA TYR B 33 11.41 -15.88 -12.20
C TYR B 33 11.60 -17.39 -12.22
N GLY B 34 11.25 -18.04 -11.12
CA GLY B 34 11.38 -19.48 -11.03
C GLY B 34 12.55 -19.91 -10.17
N GLY B 35 12.82 -21.20 -10.13
CA GLY B 35 13.92 -21.72 -9.33
C GLY B 35 14.40 -23.07 -9.81
#